data_2MC9
#
_entry.id   2MC9
#
_entity_poly.entity_id   1
_entity_poly.type   'polypeptide(L)'
_entity_poly.pdbx_seq_one_letter_code
;GSFTGSMPNPRVFFDMSVGGQPAGRIVMELFADTTPRTAENFRALCTGEKGTGRSGKPLHYKDSSFHRVIPGFMCQGGDF
TAGNGTGGESIYGAKFADENFIKKHTGPGILSMANAGPNTNGSQFFICTAKTEWLDGKHVVFGQVVEGMDVVKAIEKVGS
SSGRTAKKVVVEDCGQLS
;
_entity_poly.pdbx_strand_id   A
#
# COMPACT_ATOMS: atom_id res chain seq x y z
N GLY A 1 28.66 15.19 -13.46
CA GLY A 1 28.56 13.69 -13.75
C GLY A 1 28.67 12.73 -12.62
N SER A 2 29.08 13.18 -11.47
CA SER A 2 29.20 12.27 -10.30
C SER A 2 27.83 11.68 -9.96
N PHE A 3 26.78 12.41 -10.27
CA PHE A 3 25.42 11.91 -9.97
C PHE A 3 24.71 11.60 -11.29
N THR A 4 24.24 10.39 -11.43
CA THR A 4 23.54 10.01 -12.69
C THR A 4 22.23 10.79 -12.80
N GLY A 5 21.66 11.19 -11.70
CA GLY A 5 20.39 11.95 -11.75
C GLY A 5 19.21 10.99 -11.90
N SER A 6 19.42 9.73 -11.58
CA SER A 6 18.33 8.73 -11.70
C SER A 6 18.02 8.15 -10.33
N MET A 7 16.78 7.81 -10.08
CA MET A 7 16.40 7.24 -8.74
C MET A 7 15.73 5.87 -8.95
N PRO A 8 16.49 4.89 -9.38
CA PRO A 8 15.97 3.52 -9.61
C PRO A 8 15.57 2.80 -8.31
N ASN A 9 15.91 3.37 -7.19
CA ASN A 9 15.57 2.72 -5.89
C ASN A 9 14.74 3.69 -5.03
N PRO A 10 13.52 3.96 -5.42
CA PRO A 10 12.62 4.88 -4.66
C PRO A 10 12.14 4.25 -3.34
N ARG A 11 11.99 5.04 -2.32
CA ARG A 11 11.53 4.49 -1.01
C ARG A 11 10.30 5.27 -0.53
N VAL A 12 9.36 4.60 0.07
CA VAL A 12 8.14 5.29 0.57
C VAL A 12 7.81 4.79 1.99
N PHE A 13 7.33 5.66 2.84
CA PHE A 13 7.00 5.22 4.23
C PHE A 13 5.70 5.89 4.68
N PHE A 14 4.98 5.26 5.57
CA PHE A 14 3.70 5.84 6.06
C PHE A 14 3.75 5.96 7.59
N ASP A 15 3.36 7.09 8.12
CA ASP A 15 3.37 7.26 9.61
C ASP A 15 2.00 6.84 10.15
N MET A 16 1.94 5.76 10.89
CA MET A 16 0.62 5.30 11.42
C MET A 16 0.54 5.57 12.92
N SER A 17 -0.60 6.02 13.38
CA SER A 17 -0.79 6.30 14.83
C SER A 17 -2.09 5.66 15.29
N VAL A 18 -2.21 5.37 16.55
CA VAL A 18 -3.47 4.73 17.05
C VAL A 18 -4.14 5.64 18.08
N GLY A 19 -5.44 5.67 18.11
CA GLY A 19 -6.16 6.53 19.08
C GLY A 19 -5.71 7.98 18.90
N GLY A 20 -4.96 8.50 19.83
CA GLY A 20 -4.48 9.91 19.72
C GLY A 20 -3.01 9.98 20.11
N GLN A 21 -2.28 8.92 19.90
CA GLN A 21 -0.83 8.91 20.24
C GLN A 21 -0.04 8.24 19.11
N PRO A 22 1.21 8.60 18.95
CA PRO A 22 2.08 8.01 17.89
C PRO A 22 2.31 6.50 18.10
N ALA A 23 2.30 5.73 17.06
CA ALA A 23 2.52 4.26 17.19
C ALA A 23 3.94 3.92 16.75
N GLY A 24 4.27 4.20 15.52
CA GLY A 24 5.64 3.89 15.03
C GLY A 24 5.75 4.30 13.55
N ARG A 25 6.84 3.94 12.91
CA ARG A 25 7.01 4.31 11.47
C ARG A 25 7.08 3.04 10.62
N ILE A 26 6.52 3.08 9.44
CA ILE A 26 6.57 1.90 8.54
C ILE A 26 7.25 2.30 7.24
N VAL A 27 8.32 1.62 6.89
CA VAL A 27 9.03 1.96 5.63
C VAL A 27 8.95 0.78 4.68
N MET A 28 8.61 1.02 3.44
CA MET A 28 8.50 -0.09 2.45
C MET A 28 9.39 0.21 1.25
N GLU A 29 9.86 -0.80 0.58
CA GLU A 29 10.74 -0.57 -0.61
C GLU A 29 9.97 -0.87 -1.90
N LEU A 30 10.05 0.02 -2.85
CA LEU A 30 9.33 -0.20 -4.14
C LEU A 30 10.33 -0.68 -5.19
N PHE A 31 9.90 -1.53 -6.09
CA PHE A 31 10.81 -2.02 -7.15
C PHE A 31 10.64 -1.15 -8.39
N ALA A 32 11.69 -0.55 -8.88
CA ALA A 32 11.57 0.32 -10.08
C ALA A 32 11.99 -0.46 -11.33
N ASP A 33 11.96 -1.76 -11.27
CA ASP A 33 12.38 -2.58 -12.46
C ASP A 33 11.22 -3.48 -12.91
N THR A 34 10.94 -4.52 -12.18
CA THR A 34 9.83 -5.44 -12.58
C THR A 34 8.50 -4.68 -12.63
N THR A 35 8.23 -3.86 -11.65
CA THR A 35 6.94 -3.11 -11.65
C THR A 35 7.17 -1.67 -11.17
N PRO A 36 7.67 -0.83 -12.04
CA PRO A 36 7.94 0.59 -11.69
C PRO A 36 6.68 1.46 -11.74
N ARG A 37 5.80 1.20 -12.67
CA ARG A 37 4.55 2.00 -12.78
C ARG A 37 3.76 1.89 -11.47
N THR A 38 3.72 0.73 -10.88
CA THR A 38 2.96 0.57 -9.61
C THR A 38 3.60 1.43 -8.52
N ALA A 39 4.91 1.46 -8.45
CA ALA A 39 5.57 2.29 -7.40
C ALA A 39 5.17 3.75 -7.60
N GLU A 40 4.95 4.15 -8.82
CA GLU A 40 4.56 5.56 -9.08
C GLU A 40 3.15 5.82 -8.56
N ASN A 41 2.29 4.84 -8.64
CA ASN A 41 0.90 5.03 -8.16
C ASN A 41 0.92 5.43 -6.69
N PHE A 42 1.76 4.84 -5.90
CA PHE A 42 1.82 5.21 -4.45
C PHE A 42 2.68 6.47 -4.28
N ARG A 43 3.81 6.50 -4.90
CA ARG A 43 4.71 7.69 -4.76
C ARG A 43 3.99 8.97 -5.22
N ALA A 44 3.25 8.90 -6.29
CA ALA A 44 2.54 10.12 -6.80
C ALA A 44 1.42 10.51 -5.83
N LEU A 45 0.55 9.59 -5.50
CA LEU A 45 -0.56 9.93 -4.57
C LEU A 45 0.00 10.31 -3.20
N CYS A 46 1.01 9.62 -2.74
CA CYS A 46 1.60 9.95 -1.42
C CYS A 46 2.19 11.35 -1.46
N THR A 47 3.17 11.57 -2.28
CA THR A 47 3.79 12.92 -2.38
C THR A 47 2.77 13.90 -2.97
N GLY A 48 1.96 13.43 -3.90
CA GLY A 48 0.93 14.33 -4.50
C GLY A 48 1.57 15.18 -5.61
N GLU A 49 2.46 14.63 -6.37
CA GLU A 49 3.12 15.42 -7.46
C GLU A 49 2.05 15.87 -8.46
N LYS A 50 1.07 15.05 -8.70
CA LYS A 50 0.01 15.43 -9.68
C LYS A 50 -0.70 16.70 -9.19
N GLY A 51 -0.84 16.86 -7.91
CA GLY A 51 -1.52 18.08 -7.37
C GLY A 51 -2.99 17.77 -7.16
N THR A 52 -3.71 18.65 -6.49
CA THR A 52 -5.15 18.40 -6.25
C THR A 52 -5.95 18.76 -7.50
N GLY A 53 -6.96 17.98 -7.81
CA GLY A 53 -7.78 18.28 -9.01
C GLY A 53 -8.52 19.61 -8.81
N ARG A 54 -8.61 20.41 -9.83
CA ARG A 54 -9.30 21.73 -9.71
C ARG A 54 -10.76 21.52 -9.27
N SER A 55 -11.37 20.45 -9.70
CA SER A 55 -12.79 20.20 -9.33
C SER A 55 -12.92 20.09 -7.80
N GLY A 56 -11.86 19.76 -7.13
CA GLY A 56 -11.93 19.63 -5.64
C GLY A 56 -11.82 18.14 -5.27
N LYS A 57 -10.64 17.60 -5.32
CA LYS A 57 -10.45 16.17 -4.98
C LYS A 57 -8.97 15.95 -4.67
N PRO A 58 -8.54 16.36 -3.51
CA PRO A 58 -7.12 16.25 -3.08
C PRO A 58 -6.54 14.85 -3.33
N LEU A 59 -5.40 14.79 -3.96
CA LEU A 59 -4.76 13.49 -4.26
C LEU A 59 -3.70 13.18 -3.19
N HIS A 60 -4.13 12.88 -1.99
CA HIS A 60 -3.15 12.57 -0.91
C HIS A 60 -3.66 11.39 -0.08
N TYR A 61 -2.78 10.57 0.42
CA TYR A 61 -3.21 9.41 1.26
C TYR A 61 -3.09 9.81 2.74
N LYS A 62 -2.99 11.09 3.00
CA LYS A 62 -2.85 11.55 4.41
C LYS A 62 -4.21 11.47 5.10
N ASP A 63 -4.20 11.31 6.40
CA ASP A 63 -5.49 11.22 7.15
C ASP A 63 -6.36 10.12 6.56
N SER A 64 -5.78 8.96 6.32
CA SER A 64 -6.58 7.82 5.76
C SER A 64 -6.68 6.72 6.82
N SER A 65 -7.73 5.95 6.78
CA SER A 65 -7.90 4.86 7.78
C SER A 65 -8.03 3.52 7.05
N PHE A 66 -7.55 2.46 7.66
CA PHE A 66 -7.63 1.13 7.00
C PHE A 66 -9.10 0.70 6.94
N HIS A 67 -9.55 0.24 5.80
CA HIS A 67 -10.97 -0.18 5.66
C HIS A 67 -11.26 -1.37 6.57
N ARG A 68 -10.43 -2.38 6.54
CA ARG A 68 -10.68 -3.57 7.40
C ARG A 68 -9.34 -4.24 7.74
N VAL A 69 -9.27 -4.94 8.84
CA VAL A 69 -8.00 -5.62 9.23
C VAL A 69 -8.28 -7.07 9.63
N ILE A 70 -7.33 -7.95 9.42
CA ILE A 70 -7.53 -9.37 9.81
C ILE A 70 -6.16 -9.97 10.21
N PRO A 71 -6.06 -10.53 11.38
CA PRO A 71 -4.78 -11.12 11.87
C PRO A 71 -4.41 -12.42 11.15
N GLY A 72 -3.15 -12.65 10.92
CA GLY A 72 -2.73 -13.89 10.23
C GLY A 72 -3.04 -13.80 8.73
N PHE A 73 -4.27 -13.50 8.39
CA PHE A 73 -4.63 -13.41 6.95
C PHE A 73 -3.93 -12.20 6.30
N MET A 74 -4.49 -11.03 6.44
CA MET A 74 -3.84 -9.84 5.82
C MET A 74 -4.68 -8.58 6.13
N CYS A 75 -4.08 -7.44 6.06
CA CYS A 75 -4.83 -6.17 6.33
C CYS A 75 -5.23 -5.54 5.00
N GLN A 76 -6.50 -5.27 4.80
CA GLN A 76 -6.94 -4.65 3.52
C GLN A 76 -7.09 -3.14 3.69
N GLY A 77 -6.37 -2.38 2.90
CA GLY A 77 -6.47 -0.89 3.02
C GLY A 77 -7.62 -0.41 2.13
N GLY A 78 -7.81 0.89 2.04
CA GLY A 78 -8.90 1.42 1.18
C GLY A 78 -8.45 2.71 0.51
N ASP A 79 -9.13 3.11 -0.53
CA ASP A 79 -8.74 4.36 -1.24
C ASP A 79 -9.15 5.59 -0.40
N PHE A 80 -8.39 6.64 -0.47
CA PHE A 80 -8.74 7.86 0.32
C PHE A 80 -10.02 8.48 -0.22
N THR A 81 -10.40 8.15 -1.43
CA THR A 81 -11.64 8.73 -2.01
C THR A 81 -12.86 8.21 -1.23
N ALA A 82 -12.76 7.02 -0.70
CA ALA A 82 -13.91 6.46 0.08
C ALA A 82 -13.52 5.10 0.65
N GLY A 83 -13.12 4.19 -0.20
CA GLY A 83 -12.73 2.84 0.29
C GLY A 83 -13.92 1.89 0.20
N ASN A 84 -15.07 2.40 -0.18
CA ASN A 84 -16.27 1.52 -0.30
C ASN A 84 -16.32 0.91 -1.69
N GLY A 85 -15.31 1.13 -2.48
CA GLY A 85 -15.29 0.56 -3.86
C GLY A 85 -15.79 1.62 -4.85
N THR A 86 -16.79 2.37 -4.47
CA THR A 86 -17.32 3.42 -5.39
C THR A 86 -16.21 4.42 -5.72
N GLY A 87 -15.40 4.75 -4.76
CA GLY A 87 -14.29 5.71 -5.01
C GLY A 87 -13.07 4.96 -5.53
N GLY A 88 -11.93 5.60 -5.58
CA GLY A 88 -10.70 4.92 -6.08
C GLY A 88 -10.33 5.46 -7.45
N GLU A 89 -9.82 6.67 -7.51
CA GLU A 89 -9.42 7.26 -8.82
C GLU A 89 -7.93 7.00 -9.06
N SER A 90 -7.57 6.60 -10.25
CA SER A 90 -6.14 6.33 -10.56
C SER A 90 -5.69 7.20 -11.73
N ILE A 91 -4.45 7.60 -11.75
CA ILE A 91 -3.94 8.44 -12.86
C ILE A 91 -3.93 7.62 -14.16
N TYR A 92 -3.80 6.34 -14.06
CA TYR A 92 -3.78 5.49 -15.29
C TYR A 92 -5.13 5.56 -15.99
N GLY A 93 -6.19 5.75 -15.24
CA GLY A 93 -7.54 5.83 -15.88
C GLY A 93 -7.91 4.45 -16.44
N ALA A 94 -7.89 4.29 -17.73
CA ALA A 94 -8.24 2.98 -18.32
C ALA A 94 -7.34 1.90 -17.72
N LYS A 95 -7.86 0.71 -17.59
CA LYS A 95 -7.04 -0.40 -17.01
C LYS A 95 -6.04 -0.90 -18.04
N PHE A 96 -4.96 -1.49 -17.60
CA PHE A 96 -3.93 -2.01 -18.55
C PHE A 96 -3.54 -3.43 -18.15
N ALA A 97 -2.95 -4.17 -19.05
CA ALA A 97 -2.56 -5.57 -18.71
C ALA A 97 -1.59 -5.58 -17.53
N ASP A 98 -1.73 -6.51 -16.64
CA ASP A 98 -0.82 -6.57 -15.46
C ASP A 98 0.54 -7.15 -15.88
N GLU A 99 1.61 -6.55 -15.45
CA GLU A 99 2.95 -7.06 -15.81
C GLU A 99 3.15 -8.45 -15.20
N ASN A 100 3.89 -9.28 -15.85
CA ASN A 100 4.12 -10.66 -15.31
C ASN A 100 4.70 -10.56 -13.90
N PHE A 101 4.34 -11.48 -13.04
CA PHE A 101 4.86 -11.45 -11.63
C PHE A 101 5.84 -12.60 -11.43
N ILE A 102 7.00 -12.52 -12.04
CA ILE A 102 7.99 -13.61 -11.87
C ILE A 102 8.35 -13.77 -10.40
N LYS A 103 8.39 -12.68 -9.67
CA LYS A 103 8.74 -12.77 -8.22
C LYS A 103 7.48 -13.10 -7.41
N LYS A 104 7.64 -13.78 -6.30
CA LYS A 104 6.47 -14.14 -5.46
C LYS A 104 6.76 -13.79 -4.00
N HIS A 105 5.84 -14.05 -3.12
CA HIS A 105 6.06 -13.72 -1.68
C HIS A 105 6.75 -14.90 -0.99
N THR A 106 8.04 -14.84 -0.83
CA THR A 106 8.76 -15.96 -0.16
C THR A 106 8.56 -15.87 1.35
N GLY A 107 8.23 -14.71 1.86
CA GLY A 107 8.03 -14.55 3.32
C GLY A 107 7.00 -13.45 3.58
N PRO A 108 6.70 -13.19 4.83
CA PRO A 108 5.72 -12.15 5.24
C PRO A 108 6.26 -10.73 5.01
N GLY A 109 5.40 -9.75 4.95
CA GLY A 109 5.87 -8.36 4.73
C GLY A 109 6.03 -8.08 3.24
N ILE A 110 5.16 -8.62 2.42
CA ILE A 110 5.26 -8.40 0.95
C ILE A 110 4.03 -7.60 0.48
N LEU A 111 4.23 -6.61 -0.35
CA LEU A 111 3.08 -5.81 -0.84
C LEU A 111 2.56 -6.41 -2.15
N SER A 112 1.26 -6.51 -2.28
CA SER A 112 0.69 -7.09 -3.53
C SER A 112 -0.61 -6.35 -3.87
N MET A 113 -0.83 -6.07 -5.12
CA MET A 113 -2.08 -5.35 -5.51
C MET A 113 -3.22 -6.36 -5.68
N ALA A 114 -4.35 -6.11 -5.08
CA ALA A 114 -5.49 -7.06 -5.20
C ALA A 114 -6.02 -7.04 -6.63
N ASN A 115 -6.39 -8.17 -7.17
CA ASN A 115 -6.93 -8.21 -8.55
C ASN A 115 -7.99 -9.29 -8.65
N ALA A 116 -9.21 -8.90 -8.84
CA ALA A 116 -10.30 -9.91 -8.95
C ALA A 116 -10.14 -10.70 -10.25
N GLY A 117 -9.61 -10.07 -11.26
CA GLY A 117 -9.41 -10.76 -12.56
C GLY A 117 -8.07 -10.32 -13.16
N PRO A 118 -7.62 -11.00 -14.17
CA PRO A 118 -6.33 -10.69 -14.86
C PRO A 118 -6.39 -9.34 -15.57
N ASN A 119 -5.25 -8.74 -15.81
CA ASN A 119 -5.23 -7.43 -16.51
C ASN A 119 -6.10 -6.42 -15.75
N THR A 120 -5.87 -6.28 -14.47
CA THR A 120 -6.66 -5.33 -13.66
C THR A 120 -5.69 -4.50 -12.83
N ASN A 121 -5.79 -3.21 -12.91
CA ASN A 121 -4.87 -2.35 -12.13
C ASN A 121 -4.89 -2.75 -10.65
N GLY A 122 -6.03 -3.11 -10.14
CA GLY A 122 -6.11 -3.52 -8.70
C GLY A 122 -6.07 -2.28 -7.81
N SER A 123 -7.05 -1.42 -7.91
CA SER A 123 -7.06 -0.20 -7.06
C SER A 123 -6.94 -0.59 -5.59
N GLN A 124 -7.49 -1.70 -5.21
CA GLN A 124 -7.39 -2.12 -3.78
C GLN A 124 -6.16 -3.01 -3.59
N PHE A 125 -5.55 -2.95 -2.43
CA PHE A 125 -4.34 -3.79 -2.18
C PHE A 125 -4.39 -4.35 -0.75
N PHE A 126 -3.62 -5.37 -0.48
CA PHE A 126 -3.62 -5.98 0.88
C PHE A 126 -2.18 -6.32 1.28
N ILE A 127 -1.93 -6.49 2.56
CA ILE A 127 -0.56 -6.82 3.02
C ILE A 127 -0.58 -8.19 3.72
N CYS A 128 0.34 -9.06 3.38
CA CYS A 128 0.39 -10.40 4.02
C CYS A 128 1.49 -10.42 5.08
N THR A 129 1.13 -10.38 6.34
CA THR A 129 2.16 -10.41 7.42
C THR A 129 2.47 -11.85 7.80
N ALA A 130 1.81 -12.80 7.18
CA ALA A 130 2.08 -14.23 7.51
C ALA A 130 2.02 -15.07 6.23
N LYS A 131 2.72 -16.17 6.21
CA LYS A 131 2.71 -17.03 5.00
C LYS A 131 1.42 -17.85 4.97
N THR A 132 0.73 -17.85 3.84
CA THR A 132 -0.55 -18.62 3.74
C THR A 132 -0.46 -19.58 2.56
N GLU A 133 -1.23 -20.64 2.58
CA GLU A 133 -1.20 -21.62 1.46
C GLU A 133 -2.53 -21.57 0.69
N TRP A 134 -3.62 -21.36 1.38
CA TRP A 134 -4.93 -21.31 0.69
C TRP A 134 -5.00 -20.07 -0.21
N LEU A 135 -4.09 -19.14 -0.03
CA LEU A 135 -4.09 -17.91 -0.87
C LEU A 135 -3.22 -18.16 -2.12
N ASP A 136 -2.84 -19.38 -2.34
CA ASP A 136 -2.00 -19.67 -3.54
C ASP A 136 -2.82 -19.50 -4.81
N GLY A 137 -2.43 -18.58 -5.65
CA GLY A 137 -3.19 -18.34 -6.91
C GLY A 137 -2.47 -17.26 -7.72
N LYS A 138 -3.17 -16.56 -8.55
CA LYS A 138 -2.53 -15.49 -9.36
C LYS A 138 -2.39 -14.23 -8.51
N HIS A 139 -1.19 -13.84 -8.20
CA HIS A 139 -0.97 -12.62 -7.36
C HIS A 139 0.18 -11.80 -7.94
N VAL A 140 0.19 -10.52 -7.69
CA VAL A 140 1.28 -9.65 -8.23
C VAL A 140 1.99 -8.94 -7.08
N VAL A 141 3.29 -8.92 -7.09
CA VAL A 141 4.06 -8.23 -5.99
C VAL A 141 4.73 -6.99 -6.57
N PHE A 142 4.59 -5.86 -5.94
CA PHE A 142 5.22 -4.61 -6.48
C PHE A 142 6.14 -3.98 -5.43
N GLY A 143 6.17 -4.50 -4.23
CA GLY A 143 7.06 -3.90 -3.20
C GLY A 143 7.30 -4.88 -2.05
N GLN A 144 8.14 -4.52 -1.12
CA GLN A 144 8.43 -5.41 0.04
C GLN A 144 8.54 -4.56 1.31
N VAL A 145 8.38 -5.15 2.47
CA VAL A 145 8.47 -4.39 3.73
C VAL A 145 9.88 -4.52 4.32
N VAL A 146 10.49 -3.43 4.65
CA VAL A 146 11.87 -3.47 5.24
C VAL A 146 11.79 -3.17 6.74
N GLU A 147 10.85 -2.35 7.15
CA GLU A 147 10.72 -2.01 8.60
C GLU A 147 9.24 -1.81 8.94
N GLY A 148 8.94 -1.64 10.20
CA GLY A 148 7.52 -1.43 10.61
C GLY A 148 6.91 -2.75 11.09
N MET A 149 7.69 -3.79 11.13
CA MET A 149 7.17 -5.11 11.59
C MET A 149 6.70 -4.99 13.05
N ASP A 150 7.34 -4.16 13.83
CA ASP A 150 6.92 -4.02 15.25
C ASP A 150 5.52 -3.40 15.34
N VAL A 151 5.22 -2.45 14.50
CA VAL A 151 3.88 -1.80 14.55
C VAL A 151 2.88 -2.62 13.74
N VAL A 152 3.30 -3.23 12.67
CA VAL A 152 2.33 -4.02 11.85
C VAL A 152 1.59 -5.01 12.76
N LYS A 153 2.31 -5.62 13.67
CA LYS A 153 1.65 -6.58 14.61
C LYS A 153 0.65 -5.82 15.49
N ALA A 154 0.97 -4.60 15.83
CA ALA A 154 0.05 -3.81 16.69
C ALA A 154 -1.29 -3.62 15.99
N ILE A 155 -1.28 -3.47 14.70
CA ILE A 155 -2.56 -3.28 13.97
C ILE A 155 -3.37 -4.60 13.95
N GLU A 156 -2.69 -5.71 13.86
CA GLU A 156 -3.41 -7.02 13.82
C GLU A 156 -3.91 -7.43 15.22
N LYS A 157 -3.13 -7.23 16.24
CA LYS A 157 -3.59 -7.65 17.60
C LYS A 157 -4.86 -6.89 17.95
N VAL A 158 -4.96 -5.64 17.54
CA VAL A 158 -6.20 -4.87 17.83
C VAL A 158 -7.27 -5.25 16.79
N GLY A 159 -6.86 -5.93 15.75
CA GLY A 159 -7.84 -6.32 14.70
C GLY A 159 -8.62 -7.54 15.16
N SER A 160 -9.58 -7.98 14.38
CA SER A 160 -10.38 -9.16 14.77
C SER A 160 -11.02 -9.78 13.53
N SER A 161 -11.53 -10.97 13.64
CA SER A 161 -12.17 -11.61 12.45
C SER A 161 -13.29 -10.71 11.93
N SER A 162 -13.85 -9.90 12.79
CA SER A 162 -14.94 -8.98 12.36
C SER A 162 -14.43 -8.09 11.23
N GLY A 163 -13.15 -7.79 11.21
CA GLY A 163 -12.60 -6.93 10.14
C GLY A 163 -12.56 -5.47 10.62
N ARG A 164 -12.69 -5.24 11.89
CA ARG A 164 -12.66 -3.85 12.43
C ARG A 164 -11.55 -3.72 13.47
N THR A 165 -10.86 -2.61 13.50
CA THR A 165 -9.77 -2.44 14.50
C THR A 165 -10.37 -2.02 15.84
N ALA A 166 -9.80 -2.49 16.92
CA ALA A 166 -10.33 -2.11 18.26
C ALA A 166 -10.05 -0.62 18.52
N LYS A 167 -8.90 -0.16 18.10
CA LYS A 167 -8.54 1.27 18.30
C LYS A 167 -8.60 2.00 16.96
N LYS A 168 -8.72 3.30 17.00
CA LYS A 168 -8.79 4.07 15.72
C LYS A 168 -7.40 4.11 15.08
N VAL A 169 -7.31 3.80 13.81
CA VAL A 169 -5.98 3.83 13.12
C VAL A 169 -6.02 4.81 11.96
N VAL A 170 -5.11 5.75 11.94
CA VAL A 170 -5.09 6.75 10.83
C VAL A 170 -3.65 7.16 10.55
N VAL A 171 -3.34 7.52 9.34
CA VAL A 171 -1.94 7.91 9.01
C VAL A 171 -1.76 9.40 9.29
N GLU A 172 -0.85 9.73 10.15
CA GLU A 172 -0.60 11.16 10.45
C GLU A 172 -0.05 11.86 9.21
N ASP A 173 0.60 11.13 8.33
CA ASP A 173 1.16 11.77 7.11
C ASP A 173 1.76 10.71 6.19
N CYS A 174 2.10 11.10 4.98
CA CYS A 174 2.70 10.13 4.02
C CYS A 174 3.64 10.91 3.07
N GLY A 175 4.66 10.26 2.57
CA GLY A 175 5.59 10.98 1.64
C GLY A 175 6.64 10.00 1.11
N GLN A 176 7.58 10.48 0.34
CA GLN A 176 8.65 9.59 -0.21
C GLN A 176 9.95 9.81 0.54
N LEU A 177 10.47 8.80 1.18
CA LEU A 177 11.75 8.95 1.92
C LEU A 177 12.86 9.32 0.93
N SER A 178 12.84 8.75 -0.24
CA SER A 178 13.89 9.06 -1.25
C SER A 178 13.52 8.42 -2.59
N GLY A 1 30.48 9.39 -17.88
CA GLY A 1 30.47 7.92 -18.30
C GLY A 1 30.68 6.86 -17.27
N SER A 2 31.45 7.15 -16.25
CA SER A 2 31.70 6.14 -15.20
C SER A 2 30.38 5.80 -14.49
N PHE A 3 29.42 6.69 -14.55
CA PHE A 3 28.11 6.42 -13.91
C PHE A 3 26.99 6.79 -14.87
N THR A 4 26.00 5.97 -14.97
CA THR A 4 24.86 6.26 -15.89
C THR A 4 24.16 7.55 -15.47
N GLY A 5 23.99 7.76 -14.19
CA GLY A 5 23.32 9.00 -13.73
C GLY A 5 21.81 8.75 -13.61
N SER A 6 21.39 7.53 -13.77
CA SER A 6 19.94 7.22 -13.68
C SER A 6 19.44 7.56 -12.27
N MET A 7 18.17 7.83 -12.13
CA MET A 7 17.63 8.16 -10.78
C MET A 7 17.77 6.94 -9.86
N PRO A 8 17.92 7.17 -8.58
CA PRO A 8 18.07 6.06 -7.57
C PRO A 8 16.76 5.30 -7.37
N ASN A 9 16.80 4.19 -6.70
CA ASN A 9 15.57 3.40 -6.47
C ASN A 9 14.60 4.22 -5.62
N PRO A 10 13.33 4.19 -5.92
CA PRO A 10 12.30 4.97 -5.17
C PRO A 10 12.04 4.39 -3.77
N ARG A 11 11.89 5.24 -2.79
CA ARG A 11 11.62 4.74 -1.41
C ARG A 11 10.44 5.53 -0.83
N VAL A 12 9.51 4.84 -0.22
CA VAL A 12 8.33 5.55 0.37
C VAL A 12 8.04 4.96 1.75
N PHE A 13 7.60 5.79 2.67
CA PHE A 13 7.29 5.29 4.04
C PHE A 13 5.96 5.88 4.51
N PHE A 14 5.26 5.18 5.36
CA PHE A 14 3.95 5.70 5.86
C PHE A 14 3.99 5.87 7.38
N ASP A 15 3.64 7.04 7.87
CA ASP A 15 3.64 7.27 9.34
C ASP A 15 2.24 6.96 9.87
N MET A 16 2.12 6.01 10.78
CA MET A 16 0.77 5.67 11.31
C MET A 16 0.72 5.85 12.83
N SER A 17 -0.44 6.15 13.34
CA SER A 17 -0.59 6.34 14.81
C SER A 17 -1.97 5.82 15.24
N VAL A 18 -2.15 5.54 16.50
CA VAL A 18 -3.47 5.04 16.96
C VAL A 18 -3.95 5.87 18.15
N GLY A 19 -5.23 6.13 18.24
CA GLY A 19 -5.75 6.93 19.38
C GLY A 19 -4.82 8.11 19.65
N GLY A 20 -4.03 8.03 20.69
CA GLY A 20 -3.09 9.14 21.01
C GLY A 20 -1.71 8.55 21.35
N GLN A 21 -1.44 7.35 20.90
CA GLN A 21 -0.12 6.71 21.19
C GLN A 21 0.51 6.25 19.88
N PRO A 22 1.27 7.10 19.24
CA PRO A 22 1.94 6.77 17.95
C PRO A 22 2.67 5.43 18.01
N ALA A 23 2.49 4.61 17.01
CA ALA A 23 3.17 3.28 17.00
C ALA A 23 4.59 3.44 16.47
N GLY A 24 4.76 3.83 15.23
CA GLY A 24 6.12 4.00 14.68
C GLY A 24 6.04 4.34 13.20
N ARG A 25 7.14 4.28 12.49
CA ARG A 25 7.14 4.59 11.04
C ARG A 25 7.27 3.30 10.24
N ILE A 26 6.72 3.27 9.06
CA ILE A 26 6.82 2.05 8.22
C ILE A 26 7.54 2.41 6.92
N VAL A 27 8.64 1.76 6.65
CA VAL A 27 9.39 2.06 5.41
C VAL A 27 9.33 0.85 4.49
N MET A 28 9.03 1.05 3.23
CA MET A 28 8.94 -0.09 2.28
C MET A 28 9.81 0.18 1.05
N GLU A 29 10.22 -0.85 0.37
CA GLU A 29 11.07 -0.65 -0.84
C GLU A 29 10.21 -0.74 -2.10
N LEU A 30 10.41 0.16 -3.03
CA LEU A 30 9.62 0.14 -4.30
C LEU A 30 10.55 -0.28 -5.44
N PHE A 31 10.16 -1.26 -6.21
CA PHE A 31 11.02 -1.69 -7.35
C PHE A 31 10.57 -0.99 -8.62
N ALA A 32 11.43 -0.21 -9.21
CA ALA A 32 11.05 0.51 -10.45
C ALA A 32 11.16 -0.42 -11.65
N ASP A 33 12.21 -1.21 -11.71
CA ASP A 33 12.39 -2.14 -12.86
C ASP A 33 11.29 -3.19 -12.86
N THR A 34 11.01 -3.79 -11.73
CA THR A 34 9.94 -4.84 -11.69
C THR A 34 8.58 -4.22 -11.98
N THR A 35 8.29 -3.10 -11.37
CA THR A 35 6.97 -2.45 -11.61
C THR A 35 7.14 -0.93 -11.56
N PRO A 36 7.57 -0.33 -12.63
CA PRO A 36 7.79 1.15 -12.68
C PRO A 36 6.47 1.93 -12.67
N ARG A 37 5.53 1.54 -13.47
CA ARG A 37 4.23 2.26 -13.50
C ARG A 37 3.54 2.13 -12.13
N THR A 38 3.62 0.98 -11.52
CA THR A 38 2.97 0.79 -10.19
C THR A 38 3.64 1.69 -9.15
N ALA A 39 4.94 1.79 -9.19
CA ALA A 39 5.65 2.64 -8.19
C ALA A 39 5.18 4.09 -8.33
N GLU A 40 4.82 4.49 -9.53
CA GLU A 40 4.35 5.88 -9.73
C GLU A 40 3.01 6.09 -9.02
N ASN A 41 2.15 5.10 -9.06
CA ASN A 41 0.83 5.24 -8.39
C ASN A 41 1.02 5.55 -6.91
N PHE A 42 1.94 4.88 -6.26
CA PHE A 42 2.16 5.13 -4.81
C PHE A 42 3.08 6.34 -4.63
N ARG A 43 4.14 6.41 -5.37
CA ARG A 43 5.08 7.55 -5.25
C ARG A 43 4.35 8.88 -5.52
N ALA A 44 3.50 8.92 -6.50
CA ALA A 44 2.79 10.19 -6.82
C ALA A 44 1.75 10.51 -5.73
N LEU A 45 0.87 9.60 -5.44
CA LEU A 45 -0.16 9.86 -4.39
C LEU A 45 0.52 10.08 -3.04
N CYS A 46 1.54 9.33 -2.74
CA CYS A 46 2.23 9.50 -1.44
C CYS A 46 2.90 10.87 -1.41
N THR A 47 3.73 11.16 -2.36
CA THR A 47 4.41 12.49 -2.39
C THR A 47 3.36 13.58 -2.64
N GLY A 48 2.38 13.29 -3.45
CA GLY A 48 1.32 14.31 -3.72
C GLY A 48 1.75 15.24 -4.86
N GLU A 49 2.56 14.77 -5.77
CA GLU A 49 3.01 15.65 -6.89
C GLU A 49 1.79 16.09 -7.70
N LYS A 50 0.85 15.21 -7.90
CA LYS A 50 -0.37 15.57 -8.69
C LYS A 50 -1.13 16.69 -7.97
N GLY A 51 -1.06 16.73 -6.67
CA GLY A 51 -1.80 17.79 -5.92
C GLY A 51 -3.29 17.46 -5.94
N THR A 52 -4.07 18.27 -6.60
CA THR A 52 -5.54 18.01 -6.65
C THR A 52 -6.01 18.03 -8.11
N GLY A 53 -6.94 17.18 -8.46
CA GLY A 53 -7.44 17.15 -9.86
C GLY A 53 -8.14 18.47 -10.17
N ARG A 54 -7.90 19.03 -11.32
CA ARG A 54 -8.56 20.33 -11.67
C ARG A 54 -10.08 20.17 -11.63
N SER A 55 -10.58 19.03 -12.01
CA SER A 55 -12.06 18.83 -12.00
C SER A 55 -12.59 18.96 -10.57
N GLY A 56 -11.75 18.74 -9.59
CA GLY A 56 -12.21 18.84 -8.17
C GLY A 56 -12.19 17.45 -7.53
N LYS A 57 -11.08 17.08 -6.96
CA LYS A 57 -10.98 15.74 -6.31
C LYS A 57 -9.62 15.66 -5.61
N PRO A 58 -9.51 16.24 -4.45
CA PRO A 58 -8.24 16.26 -3.66
C PRO A 58 -7.61 14.88 -3.50
N LEU A 59 -6.33 14.79 -3.76
CA LEU A 59 -5.62 13.48 -3.62
C LEU A 59 -4.77 13.52 -2.34
N HIS A 60 -4.99 12.61 -1.44
CA HIS A 60 -4.20 12.61 -0.18
C HIS A 60 -4.43 11.32 0.61
N TYR A 61 -3.59 10.33 0.42
CA TYR A 61 -3.76 9.06 1.17
C TYR A 61 -3.56 9.33 2.66
N LYS A 62 -2.75 10.31 2.99
CA LYS A 62 -2.51 10.63 4.42
C LYS A 62 -3.84 10.90 5.12
N ASP A 63 -3.86 10.80 6.43
CA ASP A 63 -5.13 11.04 7.18
C ASP A 63 -6.22 10.13 6.62
N SER A 64 -5.94 8.87 6.46
CA SER A 64 -6.97 7.92 5.93
C SER A 64 -7.11 6.74 6.89
N SER A 65 -8.24 6.10 6.89
CA SER A 65 -8.44 4.94 7.81
C SER A 65 -8.40 3.65 6.98
N PHE A 66 -7.83 2.61 7.52
CA PHE A 66 -7.76 1.34 6.76
C PHE A 66 -9.16 0.74 6.68
N HIS A 67 -9.50 0.12 5.57
CA HIS A 67 -10.86 -0.46 5.41
C HIS A 67 -11.15 -1.46 6.53
N ARG A 68 -10.27 -2.40 6.76
CA ARG A 68 -10.52 -3.39 7.85
C ARG A 68 -9.27 -4.24 8.05
N VAL A 69 -9.19 -4.93 9.17
CA VAL A 69 -8.00 -5.79 9.44
C VAL A 69 -8.47 -7.13 10.00
N ILE A 70 -8.00 -8.21 9.45
CA ILE A 70 -8.41 -9.56 9.95
C ILE A 70 -7.18 -10.42 10.21
N PRO A 71 -6.85 -10.68 11.45
CA PRO A 71 -5.67 -11.50 11.82
C PRO A 71 -5.64 -12.85 11.10
N GLY A 72 -4.47 -13.35 10.80
CA GLY A 72 -4.37 -14.67 10.12
C GLY A 72 -4.44 -14.48 8.60
N PHE A 73 -5.51 -13.91 8.11
CA PHE A 73 -5.64 -13.72 6.64
C PHE A 73 -4.67 -12.63 6.16
N MET A 74 -4.95 -11.39 6.46
CA MET A 74 -4.04 -10.30 6.03
C MET A 74 -4.61 -8.94 6.46
N CYS A 75 -4.10 -7.87 5.91
CA CYS A 75 -4.60 -6.51 6.27
C CYS A 75 -5.10 -5.82 5.00
N GLN A 76 -6.34 -5.38 4.98
CA GLN A 76 -6.88 -4.71 3.77
C GLN A 76 -6.91 -3.19 3.99
N GLY A 77 -6.29 -2.45 3.12
CA GLY A 77 -6.29 -0.97 3.26
C GLY A 77 -7.54 -0.39 2.61
N GLY A 78 -7.65 0.91 2.52
CA GLY A 78 -8.86 1.53 1.89
C GLY A 78 -8.43 2.67 0.98
N ASP A 79 -9.22 2.99 -0.01
CA ASP A 79 -8.87 4.11 -0.94
C ASP A 79 -9.32 5.43 -0.33
N PHE A 80 -8.55 6.47 -0.54
CA PHE A 80 -8.93 7.80 0.04
C PHE A 80 -10.23 8.29 -0.63
N THR A 81 -10.52 7.82 -1.80
CA THR A 81 -11.77 8.27 -2.49
C THR A 81 -12.99 7.81 -1.68
N ALA A 82 -12.87 6.70 -1.01
CA ALA A 82 -14.03 6.21 -0.20
C ALA A 82 -13.67 4.87 0.44
N GLY A 83 -13.24 3.92 -0.34
CA GLY A 83 -12.87 2.59 0.21
C GLY A 83 -14.05 1.63 0.07
N ASN A 84 -15.20 2.13 -0.26
CA ASN A 84 -16.39 1.24 -0.41
C ASN A 84 -16.46 0.73 -1.85
N GLY A 85 -15.50 1.07 -2.65
CA GLY A 85 -15.50 0.60 -4.07
C GLY A 85 -16.16 1.66 -4.96
N THR A 86 -16.69 2.70 -4.35
CA THR A 86 -17.35 3.76 -5.15
C THR A 86 -16.30 4.61 -5.85
N GLY A 87 -15.08 4.56 -5.38
CA GLY A 87 -13.99 5.36 -6.01
C GLY A 87 -12.77 4.48 -6.24
N GLY A 88 -11.60 4.93 -5.88
CA GLY A 88 -10.38 4.10 -6.08
C GLY A 88 -10.00 4.12 -7.56
N GLU A 89 -9.99 5.28 -8.17
CA GLU A 89 -9.64 5.35 -9.62
C GLU A 89 -8.14 5.62 -9.78
N SER A 90 -7.50 4.91 -10.67
CA SER A 90 -6.04 5.12 -10.88
C SER A 90 -5.81 6.47 -11.56
N ILE A 91 -4.62 7.02 -11.43
CA ILE A 91 -4.34 8.33 -12.08
C ILE A 91 -4.39 8.19 -13.60
N TYR A 92 -4.04 7.04 -14.11
CA TYR A 92 -4.06 6.85 -15.58
C TYR A 92 -5.50 6.96 -16.10
N GLY A 93 -6.45 6.49 -15.34
CA GLY A 93 -7.87 6.57 -15.78
C GLY A 93 -8.17 5.41 -16.73
N ALA A 94 -7.27 4.46 -16.82
CA ALA A 94 -7.51 3.29 -17.72
C ALA A 94 -6.84 2.06 -17.13
N LYS A 95 -7.29 0.89 -17.51
CA LYS A 95 -6.68 -0.36 -16.97
C LYS A 95 -5.48 -0.75 -17.84
N PHE A 96 -4.53 -1.44 -17.27
CA PHE A 96 -3.33 -1.86 -18.05
C PHE A 96 -3.09 -3.36 -17.87
N ALA A 97 -2.40 -3.99 -18.77
CA ALA A 97 -2.16 -5.46 -18.66
C ALA A 97 -1.28 -5.75 -17.44
N ASP A 98 -1.53 -6.84 -16.77
CA ASP A 98 -0.72 -7.19 -15.58
C ASP A 98 0.71 -7.50 -16.00
N GLU A 99 1.67 -7.20 -15.16
CA GLU A 99 3.10 -7.48 -15.52
C GLU A 99 3.54 -8.78 -14.82
N ASN A 100 4.60 -9.37 -15.29
CA ASN A 100 5.08 -10.63 -14.65
C ASN A 100 5.47 -10.36 -13.20
N PHE A 101 5.58 -11.40 -12.41
CA PHE A 101 5.95 -11.21 -10.98
C PHE A 101 7.11 -12.15 -10.62
N ILE A 102 8.32 -11.78 -10.98
CA ILE A 102 9.48 -12.65 -10.66
C ILE A 102 9.57 -12.85 -9.16
N LYS A 103 9.20 -11.86 -8.39
CA LYS A 103 9.27 -11.99 -6.91
C LYS A 103 8.00 -12.70 -6.41
N LYS A 104 8.14 -13.52 -5.41
CA LYS A 104 6.95 -14.26 -4.86
C LYS A 104 6.88 -14.04 -3.35
N HIS A 105 5.72 -14.21 -2.77
CA HIS A 105 5.59 -14.01 -1.30
C HIS A 105 6.51 -15.01 -0.57
N THR A 106 7.78 -14.74 -0.55
CA THR A 106 8.71 -15.68 0.14
C THR A 106 8.57 -15.55 1.66
N GLY A 107 8.15 -14.40 2.12
CA GLY A 107 8.00 -14.21 3.59
C GLY A 107 6.94 -13.14 3.86
N PRO A 108 6.65 -12.89 5.10
CA PRO A 108 5.64 -11.87 5.52
C PRO A 108 6.15 -10.44 5.27
N GLY A 109 5.24 -9.50 5.13
CA GLY A 109 5.68 -8.08 4.90
C GLY A 109 5.89 -7.85 3.41
N ILE A 110 5.00 -8.33 2.58
CA ILE A 110 5.14 -8.12 1.10
C ILE A 110 3.97 -7.29 0.59
N LEU A 111 4.23 -6.33 -0.25
CA LEU A 111 3.12 -5.49 -0.79
C LEU A 111 2.56 -6.14 -2.06
N SER A 112 1.26 -6.16 -2.21
CA SER A 112 0.65 -6.78 -3.42
C SER A 112 -0.61 -6.01 -3.80
N MET A 113 -0.85 -5.83 -5.07
CA MET A 113 -2.08 -5.09 -5.50
C MET A 113 -3.23 -6.09 -5.67
N ALA A 114 -4.40 -5.75 -5.18
CA ALA A 114 -5.55 -6.68 -5.31
C ALA A 114 -6.05 -6.67 -6.75
N ASN A 115 -6.37 -7.82 -7.29
CA ASN A 115 -6.88 -7.89 -8.68
C ASN A 115 -7.89 -9.03 -8.79
N ALA A 116 -9.12 -8.70 -9.05
CA ALA A 116 -10.16 -9.76 -9.16
C ALA A 116 -9.92 -10.58 -10.43
N GLY A 117 -9.39 -9.97 -11.44
CA GLY A 117 -9.11 -10.70 -12.72
C GLY A 117 -7.77 -10.26 -13.29
N PRO A 118 -7.26 -10.98 -14.25
CA PRO A 118 -5.95 -10.66 -14.90
C PRO A 118 -6.03 -9.37 -15.73
N ASN A 119 -4.91 -8.71 -15.90
CA ASN A 119 -4.91 -7.45 -16.69
C ASN A 119 -5.95 -6.49 -16.13
N THR A 120 -6.03 -6.39 -14.84
CA THR A 120 -7.02 -5.48 -14.20
C THR A 120 -6.33 -4.71 -13.07
N ASN A 121 -6.45 -3.42 -13.07
CA ASN A 121 -5.81 -2.61 -11.99
C ASN A 121 -6.70 -2.64 -10.75
N GLY A 122 -6.20 -2.18 -9.64
CA GLY A 122 -7.02 -2.18 -8.38
C GLY A 122 -6.44 -1.18 -7.39
N SER A 123 -7.08 -0.06 -7.21
CA SER A 123 -6.57 0.96 -6.25
C SER A 123 -6.47 0.33 -4.86
N GLN A 124 -7.37 -0.57 -4.54
CA GLN A 124 -7.34 -1.21 -3.19
C GLN A 124 -6.14 -2.16 -3.10
N PHE A 125 -5.52 -2.22 -1.96
CA PHE A 125 -4.34 -3.12 -1.79
C PHE A 125 -4.39 -3.77 -0.41
N PHE A 126 -3.66 -4.84 -0.21
CA PHE A 126 -3.69 -5.53 1.11
C PHE A 126 -2.26 -5.94 1.50
N ILE A 127 -2.02 -6.15 2.76
CA ILE A 127 -0.65 -6.57 3.21
C ILE A 127 -0.74 -7.92 3.92
N CYS A 128 0.12 -8.85 3.58
CA CYS A 128 0.07 -10.18 4.24
C CYS A 128 1.17 -10.26 5.30
N THR A 129 0.79 -10.40 6.54
CA THR A 129 1.80 -10.49 7.63
C THR A 129 2.19 -11.95 7.88
N ALA A 130 1.62 -12.86 7.13
CA ALA A 130 1.94 -14.30 7.33
C ALA A 130 1.77 -15.04 6.00
N LYS A 131 2.45 -16.15 5.85
CA LYS A 131 2.33 -16.93 4.59
C LYS A 131 0.93 -17.55 4.51
N THR A 132 0.34 -17.56 3.34
CA THR A 132 -1.02 -18.15 3.19
C THR A 132 -0.95 -19.40 2.32
N GLU A 133 -1.93 -20.26 2.42
CA GLU A 133 -1.91 -21.51 1.60
C GLU A 133 -3.35 -21.99 1.39
N TRP A 134 -4.11 -22.09 2.45
CA TRP A 134 -5.52 -22.56 2.32
C TRP A 134 -6.26 -21.64 1.33
N LEU A 135 -5.98 -20.36 1.39
CA LEU A 135 -6.66 -19.42 0.47
C LEU A 135 -6.36 -19.80 -0.99
N ASP A 136 -5.16 -20.25 -1.24
CA ASP A 136 -4.80 -20.65 -2.63
C ASP A 136 -5.24 -19.55 -3.61
N GLY A 137 -4.48 -18.49 -3.70
CA GLY A 137 -4.85 -17.38 -4.64
C GLY A 137 -3.58 -16.78 -5.22
N LYS A 138 -3.55 -16.56 -6.51
CA LYS A 138 -2.34 -15.96 -7.14
C LYS A 138 -2.36 -14.45 -6.97
N HIS A 139 -1.25 -13.88 -6.60
CA HIS A 139 -1.20 -12.40 -6.41
C HIS A 139 0.10 -11.86 -7.04
N VAL A 140 0.27 -10.55 -7.05
CA VAL A 140 1.50 -9.96 -7.64
C VAL A 140 2.19 -9.08 -6.59
N VAL A 141 3.48 -8.91 -6.69
CA VAL A 141 4.20 -8.07 -5.68
C VAL A 141 4.84 -6.87 -6.38
N PHE A 142 4.59 -5.68 -5.87
CA PHE A 142 5.21 -4.46 -6.48
C PHE A 142 6.13 -3.78 -5.47
N GLY A 143 6.26 -4.35 -4.30
CA GLY A 143 7.17 -3.73 -3.28
C GLY A 143 7.38 -4.71 -2.11
N GLN A 144 8.18 -4.33 -1.15
CA GLN A 144 8.43 -5.23 0.01
C GLN A 144 8.58 -4.40 1.29
N VAL A 145 8.44 -5.02 2.44
CA VAL A 145 8.57 -4.30 3.72
C VAL A 145 9.96 -4.53 4.31
N VAL A 146 10.59 -3.50 4.80
CA VAL A 146 11.95 -3.66 5.39
C VAL A 146 11.91 -3.24 6.87
N GLU A 147 11.11 -2.27 7.21
CA GLU A 147 11.02 -1.81 8.62
C GLU A 147 9.57 -1.56 9.01
N GLY A 148 9.29 -1.43 10.28
CA GLY A 148 7.89 -1.17 10.72
C GLY A 148 7.21 -2.49 11.08
N MET A 149 7.96 -3.56 11.14
CA MET A 149 7.34 -4.87 11.48
C MET A 149 6.68 -4.80 12.87
N ASP A 150 7.24 -4.05 13.76
CA ASP A 150 6.64 -3.94 15.13
C ASP A 150 5.26 -3.28 15.03
N VAL A 151 5.12 -2.29 14.21
CA VAL A 151 3.80 -1.60 14.08
C VAL A 151 2.90 -2.34 13.08
N VAL A 152 3.47 -2.92 12.06
CA VAL A 152 2.62 -3.64 11.06
C VAL A 152 1.76 -4.68 11.79
N LYS A 153 2.31 -5.35 12.76
CA LYS A 153 1.51 -6.37 13.51
C LYS A 153 0.63 -5.68 14.54
N ALA A 154 0.98 -4.47 14.93
CA ALA A 154 0.17 -3.74 15.93
C ALA A 154 -1.23 -3.47 15.37
N ILE A 155 -1.31 -3.11 14.11
CA ILE A 155 -2.63 -2.83 13.49
C ILE A 155 -3.40 -4.15 13.31
N GLU A 156 -2.71 -5.21 12.99
CA GLU A 156 -3.40 -6.51 12.76
C GLU A 156 -3.81 -7.16 14.09
N LYS A 157 -2.97 -7.13 15.09
CA LYS A 157 -3.33 -7.79 16.37
C LYS A 157 -4.58 -7.13 16.97
N VAL A 158 -4.75 -5.86 16.78
CA VAL A 158 -5.94 -5.17 17.34
C VAL A 158 -7.17 -5.49 16.49
N GLY A 159 -6.96 -5.96 15.29
CA GLY A 159 -8.12 -6.29 14.39
C GLY A 159 -8.80 -7.56 14.89
N SER A 160 -9.92 -7.89 14.30
CA SER A 160 -10.65 -9.13 14.73
C SER A 160 -11.42 -9.70 13.54
N SER A 161 -11.95 -10.88 13.67
CA SER A 161 -12.71 -11.48 12.54
C SER A 161 -13.82 -10.52 12.12
N SER A 162 -14.39 -9.81 13.06
CA SER A 162 -15.47 -8.85 12.71
C SER A 162 -14.90 -7.77 11.78
N GLY A 163 -13.63 -7.51 11.87
CA GLY A 163 -13.01 -6.47 10.99
C GLY A 163 -12.90 -5.16 11.76
N ARG A 164 -13.27 -5.15 13.02
CA ARG A 164 -13.19 -3.90 13.82
C ARG A 164 -11.92 -3.95 14.69
N THR A 165 -11.29 -2.83 14.90
CA THR A 165 -10.05 -2.82 15.73
C THR A 165 -10.37 -2.22 17.10
N ALA A 166 -9.63 -2.61 18.12
CA ALA A 166 -9.88 -2.08 19.47
C ALA A 166 -9.50 -0.59 19.52
N LYS A 167 -8.45 -0.22 18.83
CA LYS A 167 -8.02 1.20 18.83
C LYS A 167 -8.22 1.81 17.44
N LYS A 168 -8.32 3.10 17.36
CA LYS A 168 -8.52 3.75 16.03
C LYS A 168 -7.19 3.76 15.26
N VAL A 169 -7.25 3.64 13.96
CA VAL A 169 -5.99 3.64 13.15
C VAL A 169 -6.11 4.67 12.02
N VAL A 170 -5.18 5.57 11.93
CA VAL A 170 -5.23 6.59 10.85
C VAL A 170 -3.80 6.92 10.40
N VAL A 171 -3.57 7.06 9.13
CA VAL A 171 -2.20 7.38 8.66
C VAL A 171 -1.96 8.89 8.82
N GLU A 172 -0.98 9.27 9.60
CA GLU A 172 -0.71 10.71 9.83
C GLU A 172 -0.13 11.37 8.57
N ASP A 173 0.82 10.75 7.93
CA ASP A 173 1.41 11.38 6.71
C ASP A 173 2.32 10.38 5.98
N CYS A 174 2.65 10.68 4.76
CA CYS A 174 3.54 9.78 3.97
C CYS A 174 4.31 10.62 2.95
N GLY A 175 5.48 10.18 2.56
CA GLY A 175 6.29 10.96 1.58
C GLY A 175 7.34 10.05 0.94
N GLN A 176 8.11 10.57 0.03
CA GLN A 176 9.16 9.74 -0.62
C GLN A 176 10.52 10.01 0.02
N LEU A 177 11.08 9.02 0.68
CA LEU A 177 12.41 9.23 1.32
C LEU A 177 13.45 9.51 0.23
N SER A 178 13.32 8.86 -0.90
CA SER A 178 14.31 9.08 -1.99
C SER A 178 14.05 10.45 -2.63
N GLY A 1 30.18 7.40 -3.23
CA GLY A 1 30.97 7.64 -4.51
C GLY A 1 31.17 9.03 -5.00
N SER A 2 32.27 9.30 -5.65
CA SER A 2 32.52 10.68 -6.17
C SER A 2 31.43 11.05 -7.17
N PHE A 3 30.84 10.08 -7.82
CA PHE A 3 29.78 10.38 -8.81
C PHE A 3 28.43 9.95 -8.22
N THR A 4 27.53 10.87 -8.09
CA THR A 4 26.19 10.55 -7.52
C THR A 4 25.10 10.98 -8.51
N GLY A 5 23.91 10.47 -8.35
CA GLY A 5 22.81 10.83 -9.29
C GLY A 5 21.50 10.16 -8.84
N SER A 6 20.46 10.31 -9.60
CA SER A 6 19.17 9.67 -9.21
C SER A 6 19.29 8.15 -9.34
N MET A 7 18.44 7.42 -8.68
CA MET A 7 18.51 5.93 -8.78
C MET A 7 17.10 5.34 -8.64
N PRO A 8 16.87 4.18 -9.21
CA PRO A 8 15.55 3.49 -9.15
C PRO A 8 15.20 3.04 -7.72
N ASN A 9 14.07 2.42 -7.55
CA ASN A 9 13.67 1.95 -6.20
C ASN A 9 13.23 3.15 -5.34
N PRO A 10 12.04 3.63 -5.56
CA PRO A 10 11.47 4.79 -4.82
C PRO A 10 10.90 4.38 -3.46
N ARG A 11 11.71 4.40 -2.44
CA ARG A 11 11.21 4.01 -1.09
C ARG A 11 10.08 4.94 -0.65
N VAL A 12 9.05 4.40 -0.07
CA VAL A 12 7.91 5.23 0.39
C VAL A 12 7.45 4.72 1.76
N PHE A 13 7.06 5.60 2.64
CA PHE A 13 6.61 5.16 3.99
C PHE A 13 5.42 5.99 4.46
N PHE A 14 4.60 5.43 5.31
CA PHE A 14 3.42 6.17 5.83
C PHE A 14 3.49 6.20 7.37
N ASP A 15 3.14 7.31 7.97
CA ASP A 15 3.18 7.39 9.46
C ASP A 15 1.87 6.88 10.03
N MET A 16 1.90 5.80 10.78
CA MET A 16 0.65 5.25 11.36
C MET A 16 0.56 5.60 12.85
N SER A 17 -0.63 5.80 13.34
CA SER A 17 -0.82 6.12 14.78
C SER A 17 -2.10 5.46 15.27
N VAL A 18 -2.29 5.35 16.56
CA VAL A 18 -3.53 4.71 17.08
C VAL A 18 -4.19 5.63 18.10
N GLY A 19 -5.50 5.73 18.06
CA GLY A 19 -6.22 6.60 19.03
C GLY A 19 -5.68 8.03 18.90
N GLY A 20 -4.93 8.47 19.86
CA GLY A 20 -4.37 9.86 19.81
C GLY A 20 -2.90 9.84 20.23
N GLN A 21 -2.18 8.82 19.85
CA GLN A 21 -0.73 8.75 20.22
C GLN A 21 0.04 8.01 19.11
N PRO A 22 1.10 8.60 18.61
CA PRO A 22 1.92 7.98 17.53
C PRO A 22 2.26 6.52 17.84
N ALA A 23 2.21 5.66 16.85
CA ALA A 23 2.53 4.23 17.08
C ALA A 23 3.96 3.94 16.60
N GLY A 24 4.22 4.13 15.33
CA GLY A 24 5.58 3.86 14.79
C GLY A 24 5.62 4.20 13.30
N ARG A 25 6.68 3.86 12.63
CA ARG A 25 6.77 4.16 11.17
C ARG A 25 6.87 2.86 10.37
N ILE A 26 6.25 2.82 9.22
CA ILE A 26 6.32 1.60 8.37
C ILE A 26 6.92 1.99 7.02
N VAL A 27 8.00 1.36 6.63
CA VAL A 27 8.65 1.70 5.34
C VAL A 27 8.44 0.56 4.35
N MET A 28 8.03 0.86 3.15
CA MET A 28 7.79 -0.20 2.13
C MET A 28 8.79 -0.02 0.99
N GLU A 29 9.18 -1.10 0.36
CA GLU A 29 10.15 -1.00 -0.77
C GLU A 29 9.42 -1.09 -2.11
N LEU A 30 9.68 -0.17 -2.99
CA LEU A 30 9.02 -0.17 -4.32
C LEU A 30 10.04 -0.57 -5.39
N PHE A 31 9.69 -1.48 -6.25
CA PHE A 31 10.65 -1.88 -7.32
C PHE A 31 10.34 -1.09 -8.60
N ALA A 32 11.23 -0.24 -9.01
CA ALA A 32 10.97 0.57 -10.23
C ALA A 32 11.17 -0.30 -11.47
N ASP A 33 12.19 -1.11 -11.49
CA ASP A 33 12.44 -1.97 -12.69
C ASP A 33 11.33 -3.01 -12.83
N THR A 34 11.12 -3.82 -11.82
CA THR A 34 10.06 -4.86 -11.91
C THR A 34 8.69 -4.18 -11.93
N THR A 35 8.50 -3.16 -11.14
CA THR A 35 7.18 -2.46 -11.11
C THR A 35 7.41 -0.95 -11.26
N PRO A 36 7.66 -0.50 -12.46
CA PRO A 36 7.92 0.94 -12.75
C PRO A 36 6.64 1.81 -12.66
N ARG A 37 5.79 1.70 -13.64
CA ARG A 37 4.54 2.51 -13.66
C ARG A 37 3.69 2.25 -12.42
N THR A 38 3.61 1.02 -11.97
CA THR A 38 2.78 0.74 -10.78
C THR A 38 3.34 1.50 -9.57
N ALA A 39 4.64 1.51 -9.42
CA ALA A 39 5.25 2.25 -8.29
C ALA A 39 4.94 3.73 -8.45
N GLU A 40 4.83 4.19 -9.67
CA GLU A 40 4.53 5.63 -9.90
C GLU A 40 3.13 5.95 -9.38
N ASN A 41 2.21 5.04 -9.54
CA ASN A 41 0.82 5.29 -9.07
C ASN A 41 0.84 5.61 -7.56
N PHE A 42 1.63 4.89 -6.81
CA PHE A 42 1.69 5.15 -5.35
C PHE A 42 2.65 6.30 -5.06
N ARG A 43 3.80 6.30 -5.69
CA ARG A 43 4.79 7.38 -5.45
C ARG A 43 4.20 8.74 -5.81
N ALA A 44 3.50 8.84 -6.92
CA ALA A 44 2.93 10.16 -7.32
C ALA A 44 1.81 10.58 -6.36
N LEU A 45 0.94 9.68 -5.98
CA LEU A 45 -0.15 10.06 -5.04
C LEU A 45 0.45 10.52 -3.71
N CYS A 46 1.48 9.86 -3.25
CA CYS A 46 2.09 10.27 -1.96
C CYS A 46 2.74 11.66 -2.11
N THR A 47 3.51 11.84 -3.14
CA THR A 47 4.17 13.16 -3.36
C THR A 47 3.14 14.17 -3.85
N GLY A 48 2.18 13.74 -4.62
CA GLY A 48 1.13 14.68 -5.12
C GLY A 48 1.71 15.56 -6.23
N GLU A 49 2.61 15.03 -7.01
CA GLU A 49 3.20 15.86 -8.12
C GLU A 49 2.11 16.27 -9.10
N LYS A 50 1.17 15.40 -9.35
CA LYS A 50 0.08 15.75 -10.31
C LYS A 50 -0.71 16.95 -9.77
N GLY A 51 -0.87 17.04 -8.48
CA GLY A 51 -1.63 18.19 -7.90
C GLY A 51 -3.09 17.81 -7.78
N THR A 52 -3.88 18.63 -7.14
CA THR A 52 -5.32 18.32 -6.98
C THR A 52 -6.05 18.58 -8.30
N GLY A 53 -6.98 17.73 -8.65
CA GLY A 53 -7.73 17.94 -9.92
C GLY A 53 -8.53 19.23 -9.82
N ARG A 54 -8.57 20.00 -10.88
CA ARG A 54 -9.32 21.29 -10.85
C ARG A 54 -10.80 21.02 -10.55
N SER A 55 -11.31 19.91 -11.00
CA SER A 55 -12.75 19.60 -10.75
C SER A 55 -13.01 19.50 -9.24
N GLY A 56 -11.99 19.24 -8.46
CA GLY A 56 -12.17 19.13 -6.99
C GLY A 56 -11.99 17.67 -6.57
N LYS A 57 -10.77 17.22 -6.50
CA LYS A 57 -10.50 15.81 -6.11
C LYS A 57 -9.04 15.72 -5.65
N PRO A 58 -8.79 16.18 -4.46
CA PRO A 58 -7.41 16.18 -3.88
C PRO A 58 -6.70 14.82 -4.02
N LEU A 59 -5.50 14.84 -4.51
CA LEU A 59 -4.73 13.58 -4.70
C LEU A 59 -3.75 13.40 -3.53
N HIS A 60 -4.21 12.85 -2.45
CA HIS A 60 -3.30 12.64 -1.28
C HIS A 60 -3.67 11.36 -0.55
N TYR A 61 -2.70 10.63 -0.06
CA TYR A 61 -2.98 9.37 0.68
C TYR A 61 -2.84 9.64 2.18
N LYS A 62 -2.87 10.88 2.57
CA LYS A 62 -2.74 11.23 4.02
C LYS A 62 -4.08 11.06 4.72
N ASP A 63 -4.07 10.90 6.01
CA ASP A 63 -5.33 10.74 6.78
C ASP A 63 -6.13 9.56 6.22
N SER A 64 -5.51 8.44 5.98
CA SER A 64 -6.26 7.26 5.46
C SER A 64 -6.56 6.33 6.62
N SER A 65 -7.61 5.56 6.53
CA SER A 65 -7.97 4.63 7.65
C SER A 65 -8.01 3.19 7.13
N PHE A 66 -7.62 2.24 7.93
CA PHE A 66 -7.64 0.83 7.48
C PHE A 66 -9.09 0.34 7.43
N HIS A 67 -9.50 -0.23 6.33
CA HIS A 67 -10.91 -0.70 6.20
C HIS A 67 -11.18 -1.79 7.24
N ARG A 68 -10.34 -2.78 7.33
CA ARG A 68 -10.57 -3.87 8.33
C ARG A 68 -9.27 -4.61 8.59
N VAL A 69 -9.19 -5.33 9.69
CA VAL A 69 -7.96 -6.08 10.02
C VAL A 69 -8.35 -7.51 10.44
N ILE A 70 -7.54 -8.48 10.11
CA ILE A 70 -7.87 -9.89 10.50
C ILE A 70 -6.57 -10.66 10.75
N PRO A 71 -6.47 -11.35 11.87
CA PRO A 71 -5.24 -12.13 12.21
C PRO A 71 -5.13 -13.40 11.37
N GLY A 72 -3.93 -13.80 11.03
CA GLY A 72 -3.75 -15.03 10.22
C GLY A 72 -3.96 -14.73 8.73
N PHE A 73 -5.10 -14.18 8.39
CA PHE A 73 -5.36 -13.86 6.96
C PHE A 73 -4.52 -12.65 6.53
N MET A 74 -5.02 -11.46 6.75
CA MET A 74 -4.23 -10.26 6.35
C MET A 74 -5.01 -8.99 6.72
N CYS A 75 -4.57 -7.85 6.23
CA CYS A 75 -5.28 -6.57 6.54
C CYS A 75 -5.60 -5.86 5.22
N GLN A 76 -6.82 -5.42 5.06
CA GLN A 76 -7.19 -4.72 3.79
C GLN A 76 -7.26 -3.21 4.02
N GLY A 77 -6.54 -2.45 3.22
CA GLY A 77 -6.56 -0.97 3.38
C GLY A 77 -7.75 -0.40 2.60
N GLY A 78 -7.85 0.91 2.53
CA GLY A 78 -8.98 1.54 1.78
C GLY A 78 -8.48 2.72 0.97
N ASP A 79 -9.16 3.06 -0.09
CA ASP A 79 -8.73 4.21 -0.93
C ASP A 79 -9.04 5.52 -0.19
N PHE A 80 -8.26 6.54 -0.42
CA PHE A 80 -8.51 7.83 0.27
C PHE A 80 -9.85 8.41 -0.20
N THR A 81 -10.28 8.06 -1.38
CA THR A 81 -11.57 8.59 -1.89
C THR A 81 -12.72 7.97 -1.09
N ALA A 82 -12.53 6.78 -0.59
CA ALA A 82 -13.61 6.13 0.21
C ALA A 82 -13.18 4.70 0.56
N GLY A 83 -12.84 3.91 -0.43
CA GLY A 83 -12.40 2.51 -0.16
C GLY A 83 -13.60 1.56 -0.33
N ASN A 84 -14.77 2.10 -0.54
CA ASN A 84 -15.97 1.22 -0.73
C ASN A 84 -16.10 0.85 -2.21
N GLY A 85 -15.17 1.29 -3.01
CA GLY A 85 -15.24 0.97 -4.48
C GLY A 85 -15.93 2.11 -5.22
N THR A 86 -16.45 3.07 -4.48
CA THR A 86 -17.14 4.22 -5.14
C THR A 86 -16.11 5.16 -5.75
N GLY A 87 -14.88 5.06 -5.32
CA GLY A 87 -13.82 5.95 -5.86
C GLY A 87 -12.59 5.11 -6.22
N GLY A 88 -11.43 5.51 -5.74
CA GLY A 88 -10.20 4.74 -6.07
C GLY A 88 -9.68 5.15 -7.44
N GLU A 89 -10.05 6.33 -7.89
CA GLU A 89 -9.60 6.79 -9.23
C GLU A 89 -8.06 6.81 -9.27
N SER A 90 -7.49 6.51 -10.41
CA SER A 90 -6.00 6.51 -10.52
C SER A 90 -5.57 7.66 -11.44
N ILE A 91 -4.37 8.16 -11.26
CA ILE A 91 -3.89 9.28 -12.11
C ILE A 91 -3.80 8.82 -13.57
N TYR A 92 -3.35 7.61 -13.81
CA TYR A 92 -3.25 7.13 -15.22
C TYR A 92 -4.66 7.06 -15.83
N GLY A 93 -5.63 6.65 -15.07
CA GLY A 93 -7.01 6.56 -15.61
C GLY A 93 -7.13 5.31 -16.49
N ALA A 94 -6.23 4.38 -16.33
CA ALA A 94 -6.28 3.14 -17.16
C ALA A 94 -5.80 1.95 -16.33
N LYS A 95 -6.16 0.76 -16.71
CA LYS A 95 -5.73 -0.44 -15.94
C LYS A 95 -4.34 -0.88 -16.41
N PHE A 96 -3.60 -1.53 -15.56
CA PHE A 96 -2.23 -1.99 -15.94
C PHE A 96 -2.29 -3.48 -16.29
N ALA A 97 -1.69 -3.87 -17.38
CA ALA A 97 -1.72 -5.31 -17.76
C ALA A 97 -0.60 -6.05 -17.03
N ASP A 98 -0.95 -7.04 -16.24
CA ASP A 98 0.09 -7.81 -15.50
C ASP A 98 0.78 -8.77 -16.48
N GLU A 99 2.06 -8.97 -16.32
CA GLU A 99 2.79 -9.89 -17.25
C GLU A 99 4.01 -10.49 -16.54
N ASN A 100 4.61 -9.75 -15.64
CA ASN A 100 5.82 -10.28 -14.93
C ASN A 100 5.42 -10.86 -13.57
N PHE A 101 5.87 -12.04 -13.27
CA PHE A 101 5.53 -12.67 -11.97
C PHE A 101 6.81 -13.29 -11.38
N ILE A 102 7.94 -12.80 -11.79
CA ILE A 102 9.23 -13.35 -11.27
C ILE A 102 9.26 -13.23 -9.74
N LYS A 103 8.74 -12.16 -9.20
CA LYS A 103 8.75 -12.00 -7.71
C LYS A 103 7.57 -12.76 -7.10
N LYS A 104 7.82 -13.43 -6.00
CA LYS A 104 6.73 -14.20 -5.32
C LYS A 104 6.78 -13.94 -3.82
N HIS A 105 5.68 -14.13 -3.14
CA HIS A 105 5.67 -13.89 -1.67
C HIS A 105 6.56 -14.92 -0.98
N THR A 106 7.85 -14.70 -0.93
CA THR A 106 8.76 -15.67 -0.28
C THR A 106 8.67 -15.55 1.24
N GLY A 107 8.17 -14.45 1.73
CA GLY A 107 8.08 -14.28 3.22
C GLY A 107 6.91 -13.37 3.56
N PRO A 108 6.67 -13.16 4.82
CA PRO A 108 5.55 -12.30 5.31
C PRO A 108 5.85 -10.80 5.12
N GLY A 109 4.84 -9.97 5.05
CA GLY A 109 5.08 -8.52 4.88
C GLY A 109 5.35 -8.20 3.41
N ILE A 110 4.54 -8.73 2.52
CA ILE A 110 4.74 -8.46 1.06
C ILE A 110 3.57 -7.64 0.54
N LEU A 111 3.84 -6.65 -0.27
CA LEU A 111 2.74 -5.79 -0.81
C LEU A 111 2.22 -6.38 -2.11
N SER A 112 0.92 -6.51 -2.24
CA SER A 112 0.34 -7.07 -3.49
C SER A 112 -0.93 -6.28 -3.85
N MET A 113 -1.22 -6.15 -5.12
CA MET A 113 -2.45 -5.41 -5.53
C MET A 113 -3.58 -6.39 -5.78
N ALA A 114 -4.76 -6.10 -5.31
CA ALA A 114 -5.91 -7.02 -5.52
C ALA A 114 -6.33 -7.00 -6.99
N ASN A 115 -6.73 -8.13 -7.53
CA ASN A 115 -7.16 -8.18 -8.95
C ASN A 115 -8.24 -9.26 -9.09
N ALA A 116 -9.43 -8.86 -9.39
CA ALA A 116 -10.53 -9.85 -9.55
C ALA A 116 -10.28 -10.71 -10.81
N GLY A 117 -9.67 -10.12 -11.80
CA GLY A 117 -9.39 -10.88 -13.05
C GLY A 117 -7.97 -10.55 -13.53
N PRO A 118 -7.50 -11.25 -14.52
CA PRO A 118 -6.13 -11.03 -15.08
C PRO A 118 -6.03 -9.68 -15.80
N ASN A 119 -4.85 -9.12 -15.83
CA ASN A 119 -4.67 -7.80 -16.50
C ASN A 119 -5.69 -6.81 -15.93
N THR A 120 -5.86 -6.79 -14.64
CA THR A 120 -6.83 -5.86 -14.02
C THR A 120 -6.17 -5.21 -12.80
N ASN A 121 -6.20 -3.92 -12.73
CA ASN A 121 -5.59 -3.21 -11.58
C ASN A 121 -6.67 -2.88 -10.54
N GLY A 122 -6.65 -3.56 -9.43
CA GLY A 122 -7.68 -3.28 -8.38
C GLY A 122 -7.25 -2.10 -7.51
N SER A 123 -8.06 -1.09 -7.42
CA SER A 123 -7.70 0.10 -6.60
C SER A 123 -7.47 -0.34 -5.15
N GLN A 124 -8.20 -1.33 -4.70
CA GLN A 124 -8.04 -1.79 -3.29
C GLN A 124 -6.76 -2.63 -3.17
N PHE A 125 -6.08 -2.52 -2.05
CA PHE A 125 -4.84 -3.30 -1.85
C PHE A 125 -4.82 -3.85 -0.42
N PHE A 126 -4.02 -4.86 -0.17
CA PHE A 126 -3.97 -5.45 1.20
C PHE A 126 -2.53 -5.85 1.55
N ILE A 127 -2.24 -5.98 2.81
CA ILE A 127 -0.86 -6.37 3.25
C ILE A 127 -0.95 -7.69 4.02
N CYS A 128 -0.02 -8.59 3.80
CA CYS A 128 -0.05 -9.88 4.52
C CYS A 128 1.26 -10.06 5.31
N THR A 129 1.15 -10.33 6.58
CA THR A 129 2.38 -10.52 7.42
C THR A 129 2.54 -12.00 7.76
N ALA A 130 1.84 -12.86 7.04
CA ALA A 130 1.94 -14.32 7.32
C ALA A 130 1.93 -15.08 5.99
N LYS A 131 2.37 -16.31 5.99
CA LYS A 131 2.39 -17.10 4.72
C LYS A 131 0.94 -17.33 4.26
N THR A 132 0.67 -17.08 3.01
CA THR A 132 -0.71 -17.28 2.48
C THR A 132 -0.63 -17.73 1.02
N GLU A 133 -0.18 -18.93 0.78
CA GLU A 133 -0.07 -19.41 -0.62
C GLU A 133 -1.45 -19.38 -1.30
N TRP A 134 -2.49 -19.70 -0.58
CA TRP A 134 -3.84 -19.68 -1.19
C TRP A 134 -4.18 -18.26 -1.67
N LEU A 135 -3.88 -17.28 -0.86
CA LEU A 135 -4.16 -15.87 -1.27
C LEU A 135 -3.29 -15.50 -2.45
N ASP A 136 -2.12 -16.06 -2.55
CA ASP A 136 -1.21 -15.73 -3.68
C ASP A 136 -1.69 -16.44 -4.95
N GLY A 137 -1.99 -15.68 -5.97
CA GLY A 137 -2.47 -16.29 -7.25
C GLY A 137 -2.77 -15.19 -8.26
N LYS A 138 -4.02 -14.86 -8.44
CA LYS A 138 -4.38 -13.78 -9.40
C LYS A 138 -3.67 -12.49 -8.98
N HIS A 139 -3.41 -12.33 -7.71
CA HIS A 139 -2.72 -11.10 -7.23
C HIS A 139 -1.22 -11.25 -7.40
N VAL A 140 -0.51 -10.16 -7.55
CA VAL A 140 0.97 -10.23 -7.71
C VAL A 140 1.64 -9.31 -6.69
N VAL A 141 2.91 -9.52 -6.43
CA VAL A 141 3.61 -8.65 -5.43
C VAL A 141 4.37 -7.55 -6.17
N PHE A 142 4.18 -6.31 -5.77
CA PHE A 142 4.89 -5.19 -6.45
C PHE A 142 5.92 -4.55 -5.49
N GLY A 143 5.89 -4.91 -4.24
CA GLY A 143 6.88 -4.32 -3.29
C GLY A 143 7.05 -5.24 -2.07
N GLN A 144 7.91 -4.88 -1.16
CA GLN A 144 8.14 -5.72 0.05
C GLN A 144 8.30 -4.82 1.28
N VAL A 145 8.09 -5.35 2.46
CA VAL A 145 8.23 -4.53 3.70
C VAL A 145 9.64 -4.73 4.26
N VAL A 146 10.29 -3.65 4.64
CA VAL A 146 11.66 -3.77 5.20
C VAL A 146 11.63 -3.37 6.69
N GLU A 147 10.69 -2.56 7.07
CA GLU A 147 10.61 -2.14 8.50
C GLU A 147 9.14 -1.96 8.90
N GLY A 148 8.88 -1.72 10.16
CA GLY A 148 7.47 -1.53 10.61
C GLY A 148 6.93 -2.83 11.21
N MET A 149 7.73 -3.85 11.28
CA MET A 149 7.26 -5.14 11.85
C MET A 149 6.83 -4.94 13.30
N ASP A 150 7.48 -4.05 14.01
CA ASP A 150 7.11 -3.82 15.44
C ASP A 150 5.70 -3.24 15.53
N VAL A 151 5.36 -2.32 14.67
CA VAL A 151 4.00 -1.70 14.72
C VAL A 151 2.99 -2.60 13.99
N VAL A 152 3.39 -3.26 12.95
CA VAL A 152 2.43 -4.12 12.19
C VAL A 152 1.79 -5.12 13.17
N LYS A 153 2.57 -5.69 14.05
CA LYS A 153 2.02 -6.65 15.03
C LYS A 153 1.02 -5.93 15.95
N ALA A 154 1.29 -4.69 16.25
CA ALA A 154 0.37 -3.94 17.15
C ALA A 154 -1.02 -3.81 16.52
N ILE A 155 -1.09 -3.64 15.24
CA ILE A 155 -2.41 -3.51 14.57
C ILE A 155 -3.12 -4.87 14.55
N GLU A 156 -2.39 -5.93 14.36
CA GLU A 156 -3.03 -7.28 14.31
C GLU A 156 -3.45 -7.75 15.70
N LYS A 157 -2.65 -7.54 16.71
CA LYS A 157 -3.04 -8.02 18.07
C LYS A 157 -4.33 -7.31 18.51
N VAL A 158 -4.51 -6.09 18.12
CA VAL A 158 -5.76 -5.37 18.51
C VAL A 158 -6.86 -5.67 17.50
N GLY A 159 -6.55 -6.45 16.49
CA GLY A 159 -7.57 -6.80 15.47
C GLY A 159 -8.57 -7.80 16.05
N SER A 160 -9.60 -8.12 15.31
CA SER A 160 -10.61 -9.09 15.82
C SER A 160 -11.27 -9.80 14.64
N SER A 161 -11.92 -10.91 14.90
CA SER A 161 -12.61 -11.64 13.80
C SER A 161 -13.63 -10.71 13.16
N SER A 162 -14.20 -9.82 13.93
CA SER A 162 -15.21 -8.87 13.38
C SER A 162 -14.59 -8.12 12.20
N GLY A 163 -13.30 -7.91 12.24
CA GLY A 163 -12.62 -7.18 11.12
C GLY A 163 -12.39 -5.72 11.52
N ARG A 164 -12.59 -5.38 12.76
CA ARG A 164 -12.36 -3.98 13.21
C ARG A 164 -11.26 -3.95 14.26
N THR A 165 -10.50 -2.89 14.31
CA THR A 165 -9.41 -2.80 15.31
C THR A 165 -9.99 -2.36 16.66
N ALA A 166 -9.36 -2.72 17.73
CA ALA A 166 -9.88 -2.31 19.07
C ALA A 166 -9.76 -0.80 19.22
N LYS A 167 -8.73 -0.21 18.65
CA LYS A 167 -8.55 1.27 18.77
C LYS A 167 -8.60 1.90 17.37
N LYS A 168 -8.81 3.19 17.30
CA LYS A 168 -8.87 3.86 15.98
C LYS A 168 -7.46 4.00 15.40
N VAL A 169 -7.31 3.85 14.12
CA VAL A 169 -5.96 3.98 13.50
C VAL A 169 -6.04 4.86 12.25
N VAL A 170 -5.26 5.90 12.19
CA VAL A 170 -5.29 6.81 11.01
C VAL A 170 -3.85 7.22 10.65
N VAL A 171 -3.53 7.33 9.39
CA VAL A 171 -2.13 7.73 9.02
C VAL A 171 -1.92 9.21 9.34
N GLU A 172 -0.92 9.51 10.11
CA GLU A 172 -0.66 10.94 10.47
C GLU A 172 -0.15 11.71 9.25
N ASP A 173 0.66 11.09 8.43
CA ASP A 173 1.19 11.80 7.23
C ASP A 173 1.80 10.80 6.25
N CYS A 174 2.06 11.24 5.04
CA CYS A 174 2.65 10.31 4.02
C CYS A 174 3.68 11.07 3.18
N GLY A 175 4.67 10.39 2.66
CA GLY A 175 5.68 11.09 1.83
C GLY A 175 6.65 10.06 1.24
N GLN A 176 7.61 10.51 0.47
CA GLN A 176 8.59 9.56 -0.13
C GLN A 176 9.95 9.73 0.55
N LEU A 177 10.54 8.66 1.01
CA LEU A 177 11.86 8.77 1.68
C LEU A 177 12.88 9.31 0.67
N SER A 178 12.78 8.89 -0.56
CA SER A 178 13.74 9.39 -1.59
C SER A 178 13.81 10.92 -1.52
N GLY A 1 29.33 6.10 -8.48
CA GLY A 1 29.11 5.23 -9.72
C GLY A 1 29.33 5.81 -11.07
N SER A 2 29.82 5.02 -12.00
CA SER A 2 30.06 5.54 -13.37
C SER A 2 28.76 6.09 -13.94
N PHE A 3 27.65 5.48 -13.62
CA PHE A 3 26.34 5.97 -14.13
C PHE A 3 25.56 6.60 -12.98
N THR A 4 25.22 7.85 -13.12
CA THR A 4 24.46 8.56 -12.05
C THR A 4 23.35 9.40 -12.68
N GLY A 5 22.34 9.73 -11.93
CA GLY A 5 21.23 10.55 -12.48
C GLY A 5 20.03 10.49 -11.54
N SER A 6 18.98 9.81 -11.92
CA SER A 6 17.78 9.72 -11.06
C SER A 6 18.12 8.89 -9.81
N MET A 7 17.30 8.97 -8.80
CA MET A 7 17.58 8.19 -7.56
C MET A 7 17.70 6.70 -7.91
N PRO A 8 18.50 5.97 -7.17
CA PRO A 8 18.71 4.51 -7.42
C PRO A 8 17.41 3.71 -7.26
N ASN A 9 16.53 4.14 -6.40
CA ASN A 9 15.25 3.38 -6.22
C ASN A 9 14.29 4.22 -5.36
N PRO A 10 13.02 4.24 -5.70
CA PRO A 10 12.00 5.01 -4.94
C PRO A 10 11.75 4.43 -3.54
N ARG A 11 11.59 5.28 -2.57
CA ARG A 11 11.34 4.78 -1.18
C ARG A 11 10.16 5.55 -0.58
N VAL A 12 9.22 4.85 0.00
CA VAL A 12 8.03 5.54 0.60
C VAL A 12 7.74 4.93 1.97
N PHE A 13 7.32 5.74 2.92
CA PHE A 13 7.03 5.21 4.28
C PHE A 13 5.75 5.86 4.82
N PHE A 14 5.05 5.18 5.69
CA PHE A 14 3.81 5.75 6.28
C PHE A 14 3.92 5.77 7.80
N ASP A 15 3.66 6.89 8.42
CA ASP A 15 3.75 6.97 9.91
C ASP A 15 2.38 6.64 10.49
N MET A 16 2.29 5.60 11.29
CA MET A 16 0.97 5.22 11.87
C MET A 16 1.01 5.33 13.40
N SER A 17 -0.07 5.76 13.99
CA SER A 17 -0.13 5.90 15.47
C SER A 17 -1.43 5.25 15.98
N VAL A 18 -1.46 4.82 17.22
CA VAL A 18 -2.69 4.18 17.76
C VAL A 18 -3.27 5.04 18.88
N GLY A 19 -4.56 5.30 18.83
CA GLY A 19 -5.19 6.12 19.89
C GLY A 19 -4.66 7.56 19.81
N GLY A 20 -3.94 7.87 18.77
CA GLY A 20 -3.39 9.25 18.63
C GLY A 20 -1.97 9.29 19.22
N GLN A 21 -1.53 8.21 19.78
CA GLN A 21 -0.16 8.18 20.37
C GLN A 21 0.80 7.51 19.38
N PRO A 22 1.91 8.13 19.06
CA PRO A 22 2.90 7.56 18.10
C PRO A 22 3.14 6.07 18.36
N ALA A 23 3.07 5.27 17.33
CA ALA A 23 3.30 3.81 17.48
C ALA A 23 4.69 3.45 16.95
N GLY A 24 4.90 3.60 15.67
CA GLY A 24 6.23 3.27 15.09
C GLY A 24 6.30 3.78 13.65
N ARG A 25 7.34 3.42 12.94
CA ARG A 25 7.46 3.88 11.52
C ARG A 25 7.36 2.68 10.59
N ILE A 26 6.75 2.85 9.46
CA ILE A 26 6.62 1.73 8.47
C ILE A 26 7.28 2.16 7.17
N VAL A 27 8.30 1.47 6.75
CA VAL A 27 8.99 1.83 5.49
C VAL A 27 8.85 0.68 4.49
N MET A 28 8.48 1.00 3.27
CA MET A 28 8.33 -0.06 2.23
C MET A 28 9.26 0.23 1.05
N GLU A 29 9.72 -0.79 0.38
CA GLU A 29 10.64 -0.56 -0.77
C GLU A 29 9.85 -0.64 -2.08
N LEU A 30 10.01 0.34 -2.94
CA LEU A 30 9.30 0.34 -4.24
C LEU A 30 10.32 0.01 -5.35
N PHE A 31 9.99 -0.92 -6.20
CA PHE A 31 10.95 -1.27 -7.31
C PHE A 31 10.58 -0.47 -8.56
N ALA A 32 11.47 0.34 -9.03
CA ALA A 32 11.18 1.14 -10.25
C ALA A 32 11.42 0.30 -11.50
N ASP A 33 12.48 -0.46 -11.52
CA ASP A 33 12.78 -1.29 -12.73
C ASP A 33 11.73 -2.40 -12.88
N THR A 34 11.39 -3.07 -11.80
CA THR A 34 10.38 -4.16 -11.90
C THR A 34 9.01 -3.59 -12.26
N THR A 35 8.62 -2.52 -11.62
CA THR A 35 7.29 -1.92 -11.91
C THR A 35 7.34 -0.41 -11.64
N PRO A 36 7.82 0.35 -12.60
CA PRO A 36 7.93 1.84 -12.44
C PRO A 36 6.56 2.51 -12.46
N ARG A 37 5.71 2.12 -13.37
CA ARG A 37 4.36 2.73 -13.46
C ARG A 37 3.57 2.46 -12.17
N THR A 38 3.69 1.28 -11.62
CA THR A 38 2.93 0.98 -10.37
C THR A 38 3.45 1.84 -9.22
N ALA A 39 4.74 2.00 -9.12
CA ALA A 39 5.30 2.83 -8.02
C ALA A 39 4.79 4.26 -8.15
N GLU A 40 4.54 4.70 -9.36
CA GLU A 40 4.04 6.09 -9.56
C GLU A 40 2.62 6.22 -9.01
N ASN A 41 1.81 5.20 -9.16
CA ASN A 41 0.41 5.28 -8.66
C ASN A 41 0.43 5.57 -7.16
N PHE A 42 1.30 4.94 -6.42
CA PHE A 42 1.34 5.18 -4.95
C PHE A 42 2.24 6.39 -4.65
N ARG A 43 3.41 6.43 -5.24
CA ARG A 43 4.33 7.56 -4.99
C ARG A 43 3.66 8.89 -5.38
N ALA A 44 2.93 8.91 -6.45
CA ALA A 44 2.26 10.18 -6.88
C ALA A 44 1.24 10.63 -5.84
N LEU A 45 0.46 9.72 -5.32
CA LEU A 45 -0.56 10.12 -4.30
C LEU A 45 0.15 10.63 -3.04
N CYS A 46 1.21 10.00 -2.64
CA CYS A 46 1.95 10.46 -1.43
C CYS A 46 2.61 11.80 -1.71
N THR A 47 3.33 11.89 -2.79
CA THR A 47 4.01 13.19 -3.13
C THR A 47 2.98 14.19 -3.62
N GLY A 48 1.96 13.74 -4.30
CA GLY A 48 0.92 14.67 -4.81
C GLY A 48 1.43 15.45 -6.01
N GLU A 49 2.23 14.85 -6.84
CA GLU A 49 2.76 15.58 -8.03
C GLU A 49 1.59 15.99 -8.92
N LYS A 50 0.59 15.16 -9.04
CA LYS A 50 -0.58 15.50 -9.88
C LYS A 50 -1.26 16.75 -9.33
N GLY A 51 -1.24 16.92 -8.04
CA GLY A 51 -1.88 18.12 -7.44
C GLY A 51 -3.31 17.78 -7.02
N THR A 52 -3.95 18.62 -6.25
CA THR A 52 -5.34 18.34 -5.80
C THR A 52 -6.31 18.70 -6.93
N GLY A 53 -7.33 17.90 -7.11
CA GLY A 53 -8.33 18.20 -8.18
C GLY A 53 -8.94 19.58 -7.93
N ARG A 54 -9.10 20.37 -8.95
CA ARG A 54 -9.69 21.74 -8.77
C ARG A 54 -11.09 21.61 -8.15
N SER A 55 -11.83 20.59 -8.51
CA SER A 55 -13.19 20.43 -7.95
C SER A 55 -13.13 20.37 -6.43
N GLY A 56 -12.06 19.83 -5.89
CA GLY A 56 -11.93 19.73 -4.40
C GLY A 56 -11.84 18.25 -4.02
N LYS A 57 -10.65 17.72 -3.94
CA LYS A 57 -10.48 16.30 -3.58
C LYS A 57 -8.99 15.99 -3.49
N PRO A 58 -8.37 16.34 -2.39
CA PRO A 58 -6.91 16.13 -2.17
C PRO A 58 -6.47 14.70 -2.52
N LEU A 59 -5.39 14.58 -3.22
CA LEU A 59 -4.89 13.22 -3.61
C LEU A 59 -3.75 12.82 -2.67
N HIS A 60 -4.05 12.50 -1.44
CA HIS A 60 -2.98 12.10 -0.49
C HIS A 60 -3.52 11.08 0.50
N TYR A 61 -2.82 9.98 0.69
CA TYR A 61 -3.31 8.96 1.67
C TYR A 61 -3.07 9.51 3.08
N LYS A 62 -2.46 10.64 3.17
CA LYS A 62 -2.18 11.24 4.51
C LYS A 62 -3.47 11.35 5.31
N ASP A 63 -3.42 11.08 6.58
CA ASP A 63 -4.63 11.17 7.44
C ASP A 63 -5.73 10.25 6.89
N SER A 64 -5.38 9.05 6.49
CA SER A 64 -6.42 8.12 5.96
C SER A 64 -6.64 7.00 6.98
N SER A 65 -7.81 6.45 7.04
CA SER A 65 -8.07 5.34 8.01
C SER A 65 -8.06 4.01 7.26
N PHE A 66 -7.52 2.98 7.85
CA PHE A 66 -7.48 1.66 7.16
C PHE A 66 -8.92 1.14 7.02
N HIS A 67 -9.24 0.56 5.89
CA HIS A 67 -10.63 0.05 5.68
C HIS A 67 -10.97 -1.00 6.74
N ARG A 68 -10.15 -1.99 6.91
CA ARG A 68 -10.45 -3.04 7.92
C ARG A 68 -9.20 -3.89 8.16
N VAL A 69 -9.19 -4.64 9.23
CA VAL A 69 -8.02 -5.51 9.55
C VAL A 69 -8.51 -6.91 9.91
N ILE A 70 -7.76 -7.93 9.59
CA ILE A 70 -8.21 -9.32 9.92
C ILE A 70 -6.98 -10.19 10.22
N PRO A 71 -6.77 -10.55 11.47
CA PRO A 71 -5.62 -11.40 11.88
C PRO A 71 -5.56 -12.71 11.09
N GLY A 72 -4.37 -13.19 10.83
CA GLY A 72 -4.23 -14.47 10.08
C GLY A 72 -4.46 -14.23 8.57
N PHE A 73 -5.61 -13.72 8.22
CA PHE A 73 -5.89 -13.48 6.77
C PHE A 73 -5.01 -12.34 6.26
N MET A 74 -5.44 -11.12 6.44
CA MET A 74 -4.62 -9.97 5.95
C MET A 74 -5.32 -8.65 6.32
N CYS A 75 -4.82 -7.56 5.84
CA CYS A 75 -5.44 -6.23 6.15
C CYS A 75 -5.70 -5.49 4.83
N GLN A 76 -6.85 -4.87 4.72
CA GLN A 76 -7.17 -4.14 3.45
C GLN A 76 -7.18 -2.63 3.73
N GLY A 77 -6.93 -1.83 2.72
CA GLY A 77 -6.93 -0.36 2.91
C GLY A 77 -7.10 0.33 1.56
N GLY A 78 -6.85 1.61 1.49
CA GLY A 78 -7.00 2.34 0.20
C GLY A 78 -8.44 2.84 0.04
N ASP A 79 -9.14 3.01 1.14
CA ASP A 79 -10.54 3.49 1.07
C ASP A 79 -10.55 5.02 0.96
N PHE A 80 -9.40 5.61 0.76
CA PHE A 80 -9.33 7.10 0.66
C PHE A 80 -10.33 7.59 -0.38
N THR A 81 -10.37 6.98 -1.54
CA THR A 81 -11.33 7.42 -2.58
C THR A 81 -12.76 7.05 -2.17
N ALA A 82 -12.91 6.01 -1.39
CA ALA A 82 -14.27 5.59 -0.96
C ALA A 82 -14.20 4.23 -0.26
N GLY A 83 -13.69 3.24 -0.94
CA GLY A 83 -13.58 1.89 -0.31
C GLY A 83 -14.83 1.06 -0.67
N ASN A 84 -15.71 1.61 -1.45
CA ASN A 84 -16.94 0.86 -1.83
C ASN A 84 -16.65 0.02 -3.07
N GLY A 85 -15.42 -0.02 -3.50
CA GLY A 85 -15.07 -0.82 -4.71
C GLY A 85 -15.06 0.09 -5.93
N THR A 86 -16.00 0.99 -6.01
CA THR A 86 -16.05 1.92 -7.17
C THR A 86 -14.92 2.96 -7.04
N GLY A 87 -14.37 3.08 -5.87
CA GLY A 87 -13.27 4.06 -5.66
C GLY A 87 -11.94 3.46 -6.12
N GLY A 88 -10.85 4.08 -5.77
CA GLY A 88 -9.52 3.55 -6.19
C GLY A 88 -9.21 4.03 -7.60
N GLU A 89 -9.56 5.26 -7.91
CA GLU A 89 -9.29 5.80 -9.27
C GLU A 89 -7.80 5.71 -9.57
N SER A 90 -7.45 5.45 -10.81
CA SER A 90 -6.01 5.36 -11.18
C SER A 90 -5.64 6.53 -12.09
N ILE A 91 -4.42 6.97 -12.05
CA ILE A 91 -4.00 8.12 -12.91
C ILE A 91 -3.95 7.67 -14.38
N TYR A 92 -3.63 6.43 -14.63
CA TYR A 92 -3.54 5.95 -16.04
C TYR A 92 -4.94 5.99 -16.67
N GLY A 93 -5.96 5.67 -15.92
CA GLY A 93 -7.33 5.69 -16.49
C GLY A 93 -7.51 4.50 -17.44
N ALA A 94 -6.63 3.54 -17.38
CA ALA A 94 -6.74 2.36 -18.28
C ALA A 94 -6.21 1.12 -17.56
N LYS A 95 -6.60 -0.04 -18.01
CA LYS A 95 -6.11 -1.29 -17.36
C LYS A 95 -4.76 -1.68 -17.96
N PHE A 96 -3.92 -2.33 -17.19
CA PHE A 96 -2.58 -2.74 -17.72
C PHE A 96 -2.33 -4.21 -17.38
N ALA A 97 -1.42 -4.85 -18.06
CA ALA A 97 -1.11 -6.29 -17.79
C ALA A 97 0.28 -6.40 -17.16
N ASP A 98 0.51 -7.44 -16.40
CA ASP A 98 1.85 -7.62 -15.77
C ASP A 98 2.83 -8.18 -16.81
N GLU A 99 3.92 -7.50 -17.02
CA GLU A 99 4.91 -7.98 -18.03
C GLU A 99 5.43 -9.36 -17.64
N ASN A 100 5.63 -9.62 -16.37
CA ASN A 100 6.13 -10.95 -15.95
C ASN A 100 5.96 -11.12 -14.44
N PHE A 101 6.20 -12.32 -13.95
CA PHE A 101 6.05 -12.58 -12.48
C PHE A 101 7.44 -12.81 -11.87
N ILE A 102 8.40 -11.99 -12.23
CA ILE A 102 9.78 -12.17 -11.69
C ILE A 102 9.72 -12.24 -10.15
N LYS A 103 8.93 -11.40 -9.53
CA LYS A 103 8.83 -11.41 -8.05
C LYS A 103 7.70 -12.34 -7.61
N LYS A 104 7.88 -13.02 -6.51
CA LYS A 104 6.83 -13.95 -6.02
C LYS A 104 6.63 -13.74 -4.51
N HIS A 105 5.50 -14.15 -3.98
CA HIS A 105 5.25 -13.98 -2.52
C HIS A 105 5.75 -15.21 -1.78
N THR A 106 6.79 -15.06 -1.00
CA THR A 106 7.33 -16.24 -0.25
C THR A 106 7.42 -15.90 1.25
N GLY A 107 7.01 -14.72 1.63
CA GLY A 107 7.08 -14.35 3.07
C GLY A 107 6.05 -13.25 3.38
N PRO A 108 5.85 -12.96 4.64
CA PRO A 108 4.88 -11.92 5.09
C PRO A 108 5.41 -10.50 4.84
N GLY A 109 4.53 -9.54 4.73
CA GLY A 109 4.99 -8.13 4.51
C GLY A 109 5.22 -7.88 3.02
N ILE A 110 4.35 -8.35 2.18
CA ILE A 110 4.52 -8.14 0.71
C ILE A 110 3.38 -7.25 0.19
N LEU A 111 3.69 -6.27 -0.61
CA LEU A 111 2.62 -5.38 -1.15
C LEU A 111 2.11 -5.95 -2.47
N SER A 112 0.82 -6.18 -2.57
CA SER A 112 0.27 -6.73 -3.84
C SER A 112 -1.04 -6.00 -4.20
N MET A 113 -1.30 -5.81 -5.46
CA MET A 113 -2.55 -5.12 -5.85
C MET A 113 -3.65 -6.17 -6.06
N ALA A 114 -4.81 -5.96 -5.50
CA ALA A 114 -5.91 -6.95 -5.67
C ALA A 114 -6.35 -6.98 -7.13
N ASN A 115 -6.70 -8.13 -7.63
CA ASN A 115 -7.14 -8.24 -9.05
C ASN A 115 -8.26 -9.28 -9.15
N ALA A 116 -9.44 -8.85 -9.46
CA ALA A 116 -10.57 -9.82 -9.57
C ALA A 116 -10.37 -10.69 -10.81
N GLY A 117 -9.73 -10.16 -11.83
CA GLY A 117 -9.51 -10.95 -13.07
C GLY A 117 -8.10 -10.66 -13.60
N PRO A 118 -7.64 -11.45 -14.53
CA PRO A 118 -6.29 -11.29 -15.15
C PRO A 118 -6.20 -10.01 -15.98
N ASN A 119 -5.00 -9.53 -16.20
CA ASN A 119 -4.83 -8.29 -17.01
C ASN A 119 -5.84 -7.23 -16.55
N THR A 120 -5.98 -7.07 -15.25
CA THR A 120 -6.92 -6.06 -14.72
C THR A 120 -6.23 -5.28 -13.61
N ASN A 121 -6.33 -3.99 -13.65
CA ASN A 121 -5.66 -3.16 -12.59
C ASN A 121 -6.31 -3.47 -11.24
N GLY A 122 -5.65 -3.11 -10.16
CA GLY A 122 -6.23 -3.38 -8.81
C GLY A 122 -6.65 -2.06 -8.16
N SER A 123 -7.92 -1.75 -8.18
CA SER A 123 -8.40 -0.49 -7.55
C SER A 123 -8.10 -0.54 -6.05
N GLN A 124 -8.07 -1.72 -5.49
CA GLN A 124 -7.78 -1.85 -4.03
C GLN A 124 -6.61 -2.82 -3.83
N PHE A 125 -5.94 -2.74 -2.71
CA PHE A 125 -4.79 -3.65 -2.44
C PHE A 125 -4.89 -4.22 -1.03
N PHE A 126 -4.17 -5.28 -0.75
CA PHE A 126 -4.23 -5.88 0.62
C PHE A 126 -2.80 -6.18 1.09
N ILE A 127 -2.61 -6.28 2.39
CA ILE A 127 -1.25 -6.58 2.92
C ILE A 127 -1.30 -7.84 3.79
N CYS A 128 -0.36 -8.74 3.61
CA CYS A 128 -0.36 -9.99 4.43
C CYS A 128 0.79 -9.93 5.43
N THR A 129 0.50 -10.09 6.69
CA THR A 129 1.59 -10.05 7.72
C THR A 129 1.74 -11.43 8.38
N ALA A 130 1.25 -12.45 7.75
CA ALA A 130 1.36 -13.81 8.35
C ALA A 130 1.52 -14.85 7.24
N LYS A 131 1.99 -16.02 7.58
CA LYS A 131 2.17 -17.08 6.56
C LYS A 131 0.83 -17.39 5.90
N THR A 132 0.80 -17.48 4.61
CA THR A 132 -0.49 -17.76 3.92
C THR A 132 -0.81 -19.26 3.99
N GLU A 133 -1.75 -19.63 4.82
CA GLU A 133 -2.11 -21.07 4.93
C GLU A 133 -2.73 -21.52 3.60
N TRP A 134 -3.52 -20.67 3.00
CA TRP A 134 -4.15 -21.03 1.69
C TRP A 134 -4.49 -19.76 0.91
N LEU A 135 -4.09 -18.61 1.39
CA LEU A 135 -4.39 -17.34 0.66
C LEU A 135 -3.59 -17.31 -0.64
N ASP A 136 -2.45 -17.97 -0.67
CA ASP A 136 -1.62 -17.96 -1.91
C ASP A 136 -2.46 -18.38 -3.11
N GLY A 137 -2.19 -17.80 -4.25
CA GLY A 137 -2.96 -18.14 -5.48
C GLY A 137 -2.58 -17.17 -6.59
N LYS A 138 -3.54 -16.56 -7.21
CA LYS A 138 -3.23 -15.58 -8.29
C LYS A 138 -3.07 -14.19 -7.68
N HIS A 139 -1.94 -13.56 -7.87
CA HIS A 139 -1.73 -12.21 -7.29
C HIS A 139 -0.46 -11.58 -7.88
N VAL A 140 -0.34 -10.28 -7.81
CA VAL A 140 0.86 -9.60 -8.37
C VAL A 140 1.52 -8.77 -7.26
N VAL A 141 2.82 -8.82 -7.16
CA VAL A 141 3.53 -8.02 -6.10
C VAL A 141 4.27 -6.86 -6.77
N PHE A 142 4.12 -5.67 -6.25
CA PHE A 142 4.82 -4.49 -6.86
C PHE A 142 5.80 -3.89 -5.86
N GLY A 143 5.83 -4.40 -4.66
CA GLY A 143 6.77 -3.85 -3.64
C GLY A 143 6.88 -4.82 -2.46
N GLN A 144 7.68 -4.51 -1.48
CA GLN A 144 7.84 -5.41 -0.31
C GLN A 144 8.03 -4.58 0.97
N VAL A 145 7.88 -5.19 2.11
CA VAL A 145 8.05 -4.46 3.38
C VAL A 145 9.45 -4.68 3.93
N VAL A 146 10.14 -3.62 4.28
CA VAL A 146 11.52 -3.78 4.82
C VAL A 146 11.51 -3.52 6.33
N GLU A 147 10.64 -2.65 6.79
CA GLU A 147 10.58 -2.36 8.25
C GLU A 147 9.12 -2.10 8.65
N GLY A 148 8.87 -1.93 9.93
CA GLY A 148 7.48 -1.67 10.39
C GLY A 148 6.85 -2.96 10.91
N MET A 149 7.57 -4.04 10.90
CA MET A 149 7.00 -5.32 11.38
C MET A 149 6.61 -5.18 12.85
N ASP A 150 7.35 -4.42 13.61
CA ASP A 150 7.01 -4.26 15.05
C ASP A 150 5.64 -3.57 15.20
N VAL A 151 5.39 -2.55 14.43
CA VAL A 151 4.08 -1.83 14.53
C VAL A 151 3.00 -2.57 13.74
N VAL A 152 3.35 -3.17 12.63
CA VAL A 152 2.32 -3.87 11.83
C VAL A 152 1.60 -4.90 12.71
N LYS A 153 2.33 -5.61 13.53
CA LYS A 153 1.70 -6.61 14.43
C LYS A 153 0.76 -5.90 15.40
N ALA A 154 1.08 -4.71 15.80
CA ALA A 154 0.21 -3.97 16.75
C ALA A 154 -1.16 -3.71 16.10
N ILE A 155 -1.19 -3.38 14.84
CA ILE A 155 -2.50 -3.13 14.17
C ILE A 155 -3.22 -4.46 13.95
N GLU A 156 -2.49 -5.51 13.68
CA GLU A 156 -3.13 -6.82 13.43
C GLU A 156 -3.62 -7.47 14.73
N LYS A 157 -2.84 -7.41 15.79
CA LYS A 157 -3.28 -8.05 17.06
C LYS A 157 -4.56 -7.39 17.56
N VAL A 158 -4.72 -6.11 17.34
CA VAL A 158 -5.97 -5.43 17.81
C VAL A 158 -7.09 -5.70 16.81
N GLY A 159 -6.77 -6.27 15.68
CA GLY A 159 -7.81 -6.56 14.66
C GLY A 159 -8.71 -7.69 15.14
N SER A 160 -9.85 -7.86 14.51
CA SER A 160 -10.77 -8.96 14.91
C SER A 160 -11.66 -9.33 13.73
N SER A 161 -12.41 -10.39 13.85
CA SER A 161 -13.30 -10.81 12.72
C SER A 161 -14.19 -9.64 12.31
N SER A 162 -14.50 -8.77 13.24
CA SER A 162 -15.38 -7.61 12.90
C SER A 162 -14.73 -6.78 11.78
N GLY A 163 -13.42 -6.84 11.67
CA GLY A 163 -12.75 -6.06 10.59
C GLY A 163 -12.39 -4.66 11.10
N ARG A 164 -12.43 -4.45 12.39
CA ARG A 164 -12.11 -3.11 12.95
C ARG A 164 -11.02 -3.25 14.03
N THR A 165 -10.10 -2.33 14.07
CA THR A 165 -9.02 -2.42 15.09
C THR A 165 -9.58 -2.02 16.46
N ALA A 166 -9.07 -2.59 17.52
CA ALA A 166 -9.58 -2.23 18.88
C ALA A 166 -9.24 -0.77 19.18
N LYS A 167 -8.08 -0.33 18.80
CA LYS A 167 -7.67 1.08 19.06
C LYS A 167 -7.80 1.89 17.77
N LYS A 168 -7.96 3.19 17.89
CA LYS A 168 -8.09 4.03 16.67
C LYS A 168 -6.72 4.15 16.01
N VAL A 169 -6.63 3.93 14.73
CA VAL A 169 -5.32 4.04 14.04
C VAL A 169 -5.46 4.95 12.81
N VAL A 170 -4.65 5.98 12.73
CA VAL A 170 -4.72 6.90 11.56
C VAL A 170 -3.31 7.33 11.17
N VAL A 171 -3.00 7.31 9.91
CA VAL A 171 -1.64 7.73 9.46
C VAL A 171 -1.43 9.21 9.81
N GLU A 172 -0.50 9.49 10.68
CA GLU A 172 -0.25 10.92 11.07
C GLU A 172 0.38 11.69 9.91
N ASP A 173 1.30 11.10 9.20
CA ASP A 173 1.96 11.83 8.07
C ASP A 173 2.28 10.87 6.92
N CYS A 174 2.45 11.39 5.74
CA CYS A 174 2.78 10.52 4.57
C CYS A 174 3.73 11.28 3.63
N GLY A 175 4.68 10.60 3.06
CA GLY A 175 5.62 11.30 2.13
C GLY A 175 6.58 10.28 1.50
N GLN A 176 7.47 10.74 0.64
CA GLN A 176 8.43 9.80 -0.01
C GLN A 176 9.83 10.01 0.57
N LEU A 177 10.41 8.98 1.12
CA LEU A 177 11.78 9.13 1.69
C LEU A 177 12.77 9.51 0.58
N SER A 178 12.60 8.96 -0.58
CA SER A 178 13.53 9.29 -1.70
C SER A 178 13.16 10.65 -2.28
N GLY A 1 32.95 9.32 -11.35
CA GLY A 1 32.94 10.44 -12.39
C GLY A 1 32.47 10.14 -13.77
N SER A 2 32.34 8.89 -14.11
CA SER A 2 31.88 8.52 -15.48
C SER A 2 30.51 9.14 -15.73
N PHE A 3 29.69 9.25 -14.73
CA PHE A 3 28.36 9.86 -14.89
C PHE A 3 28.02 10.66 -13.65
N THR A 4 27.07 11.54 -13.75
CA THR A 4 26.67 12.38 -12.58
C THR A 4 25.19 12.16 -12.27
N GLY A 5 24.76 12.53 -11.08
CA GLY A 5 23.33 12.34 -10.72
C GLY A 5 23.14 10.95 -10.10
N SER A 6 21.95 10.64 -9.67
CA SER A 6 21.70 9.30 -9.06
C SER A 6 20.27 8.85 -9.39
N MET A 7 20.07 7.57 -9.55
CA MET A 7 18.70 7.06 -9.87
C MET A 7 18.34 5.92 -8.91
N PRO A 8 18.09 6.24 -7.67
CA PRO A 8 17.75 5.24 -6.62
C PRO A 8 16.26 4.85 -6.68
N ASN A 9 15.90 3.80 -6.01
CA ASN A 9 14.47 3.36 -6.01
C ASN A 9 13.64 4.37 -5.22
N PRO A 10 12.38 4.54 -5.56
CA PRO A 10 11.47 5.49 -4.86
C PRO A 10 11.04 4.96 -3.49
N ARG A 11 11.80 5.26 -2.47
CA ARG A 11 11.44 4.78 -1.11
C ARG A 11 10.23 5.56 -0.60
N VAL A 12 9.27 4.88 -0.03
CA VAL A 12 8.05 5.58 0.50
C VAL A 12 7.68 4.98 1.85
N PHE A 13 7.23 5.78 2.77
CA PHE A 13 6.87 5.25 4.11
C PHE A 13 5.68 6.04 4.68
N PHE A 14 4.93 5.44 5.56
CA PHE A 14 3.76 6.15 6.16
C PHE A 14 3.89 6.11 7.69
N ASP A 15 3.60 7.21 8.35
CA ASP A 15 3.67 7.23 9.84
C ASP A 15 2.32 6.79 10.40
N MET A 16 2.28 5.70 11.12
CA MET A 16 0.97 5.23 11.67
C MET A 16 0.90 5.49 13.18
N SER A 17 -0.29 5.69 13.69
CA SER A 17 -0.46 5.95 15.15
C SER A 17 -1.78 5.34 15.61
N VAL A 18 -2.01 5.26 16.90
CA VAL A 18 -3.28 4.68 17.41
C VAL A 18 -3.95 5.67 18.35
N GLY A 19 -5.24 5.57 18.52
CA GLY A 19 -5.96 6.51 19.43
C GLY A 19 -5.23 6.56 20.77
N GLY A 20 -4.38 7.54 20.96
CA GLY A 20 -3.64 7.63 22.25
C GLY A 20 -2.29 8.31 22.01
N GLN A 21 -1.30 7.55 21.63
CA GLN A 21 0.05 8.14 21.37
C GLN A 21 0.66 7.51 20.11
N PRO A 22 1.64 8.15 19.52
CA PRO A 22 2.29 7.62 18.29
C PRO A 22 2.67 6.14 18.43
N ALA A 23 2.39 5.34 17.43
CA ALA A 23 2.74 3.89 17.51
C ALA A 23 4.15 3.67 16.96
N GLY A 24 4.37 4.01 15.72
CA GLY A 24 5.71 3.81 15.12
C GLY A 24 5.68 4.18 13.64
N ARG A 25 6.69 3.83 12.90
CA ARG A 25 6.72 4.17 11.44
C ARG A 25 6.96 2.89 10.65
N ILE A 26 6.43 2.81 9.45
CA ILE A 26 6.63 1.59 8.61
C ILE A 26 7.29 1.99 7.29
N VAL A 27 8.32 1.30 6.91
CA VAL A 27 9.01 1.63 5.63
C VAL A 27 8.77 0.52 4.62
N MET A 28 8.40 0.87 3.42
CA MET A 28 8.15 -0.15 2.36
C MET A 28 9.10 0.07 1.20
N GLU A 29 9.51 -0.98 0.53
CA GLU A 29 10.46 -0.82 -0.61
C GLU A 29 9.69 -0.91 -1.93
N LEU A 30 9.94 0.02 -2.82
CA LEU A 30 9.26 0.02 -4.15
C LEU A 30 10.27 -0.38 -5.22
N PHE A 31 9.92 -1.29 -6.09
CA PHE A 31 10.88 -1.67 -7.17
C PHE A 31 10.55 -0.89 -8.44
N ALA A 32 11.44 -0.06 -8.87
CA ALA A 32 11.18 0.75 -10.09
C ALA A 32 11.53 -0.07 -11.34
N ASP A 33 12.65 -0.75 -11.32
CA ASP A 33 13.06 -1.54 -12.50
C ASP A 33 12.05 -2.67 -12.74
N THR A 34 11.71 -3.41 -11.72
CA THR A 34 10.73 -4.52 -11.89
C THR A 34 9.33 -3.93 -12.10
N THR A 35 8.99 -2.92 -11.36
CA THR A 35 7.64 -2.29 -11.50
C THR A 35 7.79 -0.75 -11.52
N PRO A 36 8.17 -0.21 -12.65
CA PRO A 36 8.36 1.27 -12.78
C PRO A 36 7.04 2.05 -12.70
N ARG A 37 6.15 1.83 -13.62
CA ARG A 37 4.85 2.56 -13.62
C ARG A 37 4.07 2.28 -12.33
N THR A 38 4.11 1.07 -11.83
CA THR A 38 3.35 0.75 -10.59
C THR A 38 3.84 1.64 -9.45
N ALA A 39 5.13 1.80 -9.31
CA ALA A 39 5.66 2.66 -8.22
C ALA A 39 5.17 4.09 -8.42
N GLU A 40 4.97 4.48 -9.66
CA GLU A 40 4.50 5.86 -9.94
C GLU A 40 3.06 6.03 -9.46
N ASN A 41 2.24 5.02 -9.63
CA ASN A 41 0.83 5.12 -9.19
C ASN A 41 0.77 5.45 -7.69
N PHE A 42 1.59 4.81 -6.90
CA PHE A 42 1.57 5.08 -5.44
C PHE A 42 2.44 6.31 -5.12
N ARG A 43 3.63 6.35 -5.66
CA ARG A 43 4.54 7.49 -5.39
C ARG A 43 3.84 8.82 -5.71
N ALA A 44 3.11 8.87 -6.78
CA ALA A 44 2.43 10.15 -7.16
C ALA A 44 1.34 10.49 -6.13
N LEU A 45 0.52 9.55 -5.78
CA LEU A 45 -0.57 9.83 -4.79
C LEU A 45 0.05 10.15 -3.42
N CYS A 46 1.10 9.48 -3.04
CA CYS A 46 1.72 9.76 -1.72
C CYS A 46 2.29 11.18 -1.73
N THR A 47 3.23 11.44 -2.57
CA THR A 47 3.82 12.81 -2.63
C THR A 47 2.75 13.80 -3.09
N GLY A 48 1.90 13.38 -3.99
CA GLY A 48 0.82 14.29 -4.47
C GLY A 48 1.35 15.20 -5.59
N GLU A 49 2.24 14.69 -6.42
CA GLU A 49 2.77 15.54 -7.53
C GLU A 49 1.63 15.96 -8.44
N LYS A 50 0.69 15.08 -8.68
CA LYS A 50 -0.46 15.42 -9.56
C LYS A 50 -1.25 16.58 -8.94
N GLY A 51 -1.25 16.67 -7.65
CA GLY A 51 -2.01 17.76 -6.97
C GLY A 51 -3.46 17.29 -6.78
N THR A 52 -4.40 17.94 -7.41
CA THR A 52 -5.82 17.51 -7.27
C THR A 52 -6.45 17.36 -8.66
N GLY A 53 -7.29 16.37 -8.82
CA GLY A 53 -7.93 16.16 -10.15
C GLY A 53 -8.84 17.36 -10.48
N ARG A 54 -8.78 17.84 -11.69
CA ARG A 54 -9.61 19.01 -12.08
C ARG A 54 -11.09 18.71 -11.79
N SER A 55 -11.52 17.50 -12.01
CA SER A 55 -12.95 17.15 -11.75
C SER A 55 -13.30 17.46 -10.30
N GLY A 56 -12.36 17.31 -9.40
CA GLY A 56 -12.64 17.58 -7.96
C GLY A 56 -12.43 16.29 -7.16
N LYS A 57 -11.34 16.22 -6.44
CA LYS A 57 -11.05 15.00 -5.63
C LYS A 57 -9.60 15.08 -5.16
N PRO A 58 -9.37 15.79 -4.09
CA PRO A 58 -7.99 15.97 -3.54
C PRO A 58 -7.22 14.65 -3.46
N LEU A 59 -6.05 14.62 -4.04
CA LEU A 59 -5.24 13.38 -4.02
C LEU A 59 -4.23 13.44 -2.87
N HIS A 60 -4.15 12.40 -2.08
CA HIS A 60 -3.20 12.39 -0.94
C HIS A 60 -3.53 11.24 0.01
N TYR A 61 -2.71 10.23 0.06
CA TYR A 61 -2.98 9.10 0.98
C TYR A 61 -2.82 9.58 2.42
N LYS A 62 -2.42 10.81 2.59
CA LYS A 62 -2.25 11.36 3.96
C LYS A 62 -3.56 11.24 4.74
N ASP A 63 -3.47 11.08 6.03
CA ASP A 63 -4.70 10.97 6.86
C ASP A 63 -5.57 9.79 6.37
N SER A 64 -4.96 8.64 6.15
CA SER A 64 -5.76 7.46 5.69
C SER A 64 -5.96 6.51 6.86
N SER A 65 -6.97 5.68 6.81
CA SER A 65 -7.23 4.73 7.93
C SER A 65 -7.38 3.31 7.37
N PHE A 66 -6.96 2.32 8.10
CA PHE A 66 -7.10 0.93 7.61
C PHE A 66 -8.58 0.53 7.68
N HIS A 67 -9.09 -0.07 6.64
CA HIS A 67 -10.53 -0.46 6.64
C HIS A 67 -10.71 -1.88 7.18
N ARG A 68 -9.76 -2.75 6.97
CA ARG A 68 -9.91 -4.15 7.47
C ARG A 68 -8.62 -4.62 8.14
N VAL A 69 -8.73 -5.30 9.24
CA VAL A 69 -7.52 -5.81 9.94
C VAL A 69 -7.89 -7.09 10.69
N ILE A 70 -7.95 -8.19 9.99
CA ILE A 70 -8.33 -9.48 10.65
C ILE A 70 -7.05 -10.26 11.00
N PRO A 71 -6.91 -10.72 12.22
CA PRO A 71 -5.72 -11.48 12.65
C PRO A 71 -5.73 -12.92 12.11
N GLY A 72 -4.62 -13.38 11.60
CA GLY A 72 -4.56 -14.77 11.05
C GLY A 72 -4.87 -14.75 9.56
N PHE A 73 -5.14 -13.61 8.99
CA PHE A 73 -5.45 -13.54 7.54
C PHE A 73 -4.66 -12.40 6.89
N MET A 74 -5.24 -11.24 6.78
CA MET A 74 -4.51 -10.09 6.15
C MET A 74 -5.20 -8.78 6.49
N CYS A 75 -4.64 -7.68 6.06
CA CYS A 75 -5.24 -6.34 6.33
C CYS A 75 -5.36 -5.56 5.03
N GLN A 76 -6.50 -4.98 4.75
CA GLN A 76 -6.68 -4.21 3.49
C GLN A 76 -6.46 -2.72 3.78
N GLY A 77 -5.48 -2.13 3.17
CA GLY A 77 -5.23 -0.67 3.41
C GLY A 77 -6.45 0.13 2.96
N GLY A 78 -7.05 -0.24 1.87
CA GLY A 78 -8.24 0.51 1.38
C GLY A 78 -7.78 1.75 0.61
N ASP A 79 -8.68 2.38 -0.10
CA ASP A 79 -8.29 3.61 -0.87
C ASP A 79 -8.83 4.85 -0.15
N PHE A 80 -8.15 5.96 -0.27
CA PHE A 80 -8.61 7.20 0.41
C PHE A 80 -9.95 7.64 -0.18
N THR A 81 -10.22 7.24 -1.40
CA THR A 81 -11.50 7.64 -2.04
C THR A 81 -12.67 6.97 -1.31
N ALA A 82 -12.46 5.81 -0.76
CA ALA A 82 -13.55 5.11 -0.03
C ALA A 82 -13.09 3.70 0.36
N GLY A 83 -12.62 2.93 -0.59
CA GLY A 83 -12.16 1.55 -0.27
C GLY A 83 -13.31 0.56 -0.48
N ASN A 84 -14.45 1.04 -0.93
CA ASN A 84 -15.60 0.13 -1.15
C ASN A 84 -15.54 -0.46 -2.56
N GLY A 85 -14.46 -0.22 -3.26
CA GLY A 85 -14.32 -0.74 -4.64
C GLY A 85 -14.77 0.32 -5.64
N THR A 86 -15.85 0.99 -5.37
CA THR A 86 -16.32 2.05 -6.30
C THR A 86 -15.25 3.13 -6.42
N GLY A 87 -14.60 3.44 -5.34
CA GLY A 87 -13.54 4.49 -5.38
C GLY A 87 -12.21 3.86 -5.84
N GLY A 88 -11.13 4.53 -5.64
CA GLY A 88 -9.81 3.98 -6.06
C GLY A 88 -9.54 4.33 -7.52
N GLU A 89 -9.95 5.50 -7.94
CA GLU A 89 -9.72 5.90 -9.36
C GLU A 89 -8.23 5.84 -9.66
N SER A 90 -7.88 5.49 -10.87
CA SER A 90 -6.43 5.41 -11.25
C SER A 90 -6.03 6.68 -12.01
N ILE A 91 -4.83 7.14 -11.80
CA ILE A 91 -4.38 8.37 -12.51
C ILE A 91 -4.31 8.12 -14.02
N TYR A 92 -4.01 6.90 -14.41
CA TYR A 92 -3.94 6.60 -15.87
C TYR A 92 -5.33 6.77 -16.50
N GLY A 93 -6.35 6.39 -15.78
CA GLY A 93 -7.73 6.53 -16.34
C GLY A 93 -8.03 5.36 -17.27
N ALA A 94 -7.15 4.38 -17.32
CA ALA A 94 -7.38 3.21 -18.20
C ALA A 94 -6.69 1.99 -17.61
N LYS A 95 -7.14 0.81 -17.96
CA LYS A 95 -6.50 -0.42 -17.42
C LYS A 95 -5.35 -0.84 -18.33
N PHE A 96 -4.33 -1.44 -17.77
CA PHE A 96 -3.16 -1.88 -18.60
C PHE A 96 -2.79 -3.31 -18.19
N ALA A 97 -2.05 -4.00 -19.02
CA ALA A 97 -1.66 -5.40 -18.69
C ALA A 97 -0.97 -5.44 -17.32
N ASP A 98 -1.29 -6.41 -16.52
CA ASP A 98 -0.66 -6.51 -15.17
C ASP A 98 0.78 -7.00 -15.31
N GLU A 99 1.68 -6.47 -14.52
CA GLU A 99 3.10 -6.91 -14.61
C GLU A 99 3.18 -8.40 -14.30
N ASN A 100 4.09 -9.08 -14.92
CA ASN A 100 4.22 -10.55 -14.68
C ASN A 100 4.49 -10.79 -13.19
N PHE A 101 4.23 -11.98 -12.72
CA PHE A 101 4.46 -12.29 -11.28
C PHE A 101 5.83 -12.95 -11.10
N ILE A 102 6.86 -12.34 -11.61
CA ILE A 102 8.22 -12.94 -11.46
C ILE A 102 8.53 -13.14 -9.97
N LYS A 103 8.13 -12.21 -9.15
CA LYS A 103 8.40 -12.35 -7.69
C LYS A 103 7.19 -13.00 -7.01
N LYS A 104 7.42 -13.78 -5.99
CA LYS A 104 6.29 -14.45 -5.27
C LYS A 104 6.40 -14.15 -3.78
N HIS A 105 5.30 -14.26 -3.08
CA HIS A 105 5.33 -13.99 -1.61
C HIS A 105 6.33 -14.93 -0.94
N THR A 106 7.59 -14.62 -1.00
CA THR A 106 8.62 -15.51 -0.37
C THR A 106 8.57 -15.39 1.15
N GLY A 107 8.07 -14.29 1.66
CA GLY A 107 8.01 -14.13 3.14
C GLY A 107 6.85 -13.20 3.51
N PRO A 108 6.64 -13.00 4.79
CA PRO A 108 5.55 -12.11 5.30
C PRO A 108 5.85 -10.62 5.08
N GLY A 109 4.84 -9.80 5.03
CA GLY A 109 5.08 -8.34 4.82
C GLY A 109 5.27 -8.05 3.33
N ILE A 110 4.40 -8.57 2.50
CA ILE A 110 4.53 -8.33 1.03
C ILE A 110 3.31 -7.52 0.54
N LEU A 111 3.54 -6.54 -0.29
CA LEU A 111 2.41 -5.71 -0.80
C LEU A 111 1.85 -6.33 -2.07
N SER A 112 0.55 -6.28 -2.25
CA SER A 112 -0.06 -6.86 -3.49
C SER A 112 -1.26 -6.01 -3.91
N MET A 113 -1.44 -5.82 -5.19
CA MET A 113 -2.60 -5.00 -5.67
C MET A 113 -3.81 -5.92 -5.88
N ALA A 114 -4.97 -5.49 -5.46
CA ALA A 114 -6.18 -6.33 -5.63
C ALA A 114 -6.53 -6.44 -7.12
N ASN A 115 -7.00 -7.58 -7.54
CA ASN A 115 -7.38 -7.76 -8.98
C ASN A 115 -8.65 -8.59 -9.08
N ALA A 116 -9.43 -8.37 -10.10
CA ALA A 116 -10.69 -9.15 -10.27
C ALA A 116 -10.78 -9.69 -11.71
N GLY A 117 -9.83 -9.32 -12.54
CA GLY A 117 -9.85 -9.79 -13.94
C GLY A 117 -8.43 -9.72 -14.51
N PRO A 118 -8.22 -10.30 -15.66
CA PRO A 118 -6.88 -10.31 -16.33
C PRO A 118 -6.50 -8.92 -16.85
N ASN A 119 -5.24 -8.61 -16.85
CA ASN A 119 -4.79 -7.27 -17.34
C ASN A 119 -5.60 -6.18 -16.63
N THR A 120 -5.82 -6.32 -15.35
CA THR A 120 -6.58 -5.30 -14.59
C THR A 120 -5.87 -5.02 -13.28
N ASN A 121 -5.56 -3.78 -13.03
CA ASN A 121 -4.85 -3.41 -11.78
C ASN A 121 -5.82 -2.72 -10.82
N GLY A 122 -5.89 -3.18 -9.59
CA GLY A 122 -6.82 -2.57 -8.61
C GLY A 122 -6.05 -1.62 -7.69
N SER A 123 -6.52 -0.42 -7.53
CA SER A 123 -5.81 0.56 -6.65
C SER A 123 -5.72 0.00 -5.22
N GLN A 124 -6.70 -0.74 -4.80
CA GLN A 124 -6.68 -1.31 -3.42
C GLN A 124 -5.58 -2.36 -3.32
N PHE A 125 -4.97 -2.50 -2.17
CA PHE A 125 -3.89 -3.51 -1.99
C PHE A 125 -4.08 -4.23 -0.65
N PHE A 126 -3.47 -5.37 -0.49
CA PHE A 126 -3.62 -6.12 0.79
C PHE A 126 -2.24 -6.28 1.45
N ILE A 127 -2.21 -6.37 2.75
CA ILE A 127 -0.92 -6.55 3.48
C ILE A 127 -0.94 -7.90 4.20
N CYS A 128 0.12 -8.66 4.09
CA CYS A 128 0.15 -9.99 4.77
C CYS A 128 1.34 -10.04 5.74
N THR A 129 1.12 -10.48 6.94
CA THR A 129 2.23 -10.56 7.94
C THR A 129 2.45 -12.03 8.31
N ALA A 130 1.81 -12.93 7.62
CA ALA A 130 1.96 -14.38 7.94
C ALA A 130 1.98 -15.17 6.64
N LYS A 131 2.39 -16.41 6.69
CA LYS A 131 2.43 -17.23 5.44
C LYS A 131 1.00 -17.44 4.93
N THR A 132 0.80 -17.26 3.65
CA THR A 132 -0.56 -17.44 3.07
C THR A 132 -0.43 -18.10 1.69
N GLU A 133 -0.07 -19.35 1.65
CA GLU A 133 0.07 -20.04 0.33
C GLU A 133 -1.27 -20.06 -0.40
N TRP A 134 -2.36 -20.21 0.32
CA TRP A 134 -3.69 -20.23 -0.35
C TRP A 134 -3.94 -18.89 -1.05
N LEU A 135 -3.62 -17.80 -0.39
CA LEU A 135 -3.83 -16.47 -1.02
C LEU A 135 -2.91 -16.32 -2.23
N ASP A 136 -1.73 -16.89 -2.16
CA ASP A 136 -0.79 -16.77 -3.31
C ASP A 136 -1.36 -17.49 -4.53
N GLY A 137 -1.18 -16.94 -5.70
CA GLY A 137 -1.72 -17.60 -6.92
C GLY A 137 -1.97 -16.54 -8.00
N LYS A 138 -3.16 -16.03 -8.07
CA LYS A 138 -3.48 -14.99 -9.09
C LYS A 138 -3.15 -13.61 -8.55
N HIS A 139 -2.46 -13.55 -7.43
CA HIS A 139 -2.10 -12.23 -6.84
C HIS A 139 -0.68 -11.84 -7.26
N VAL A 140 -0.46 -10.60 -7.56
CA VAL A 140 0.90 -10.14 -7.98
C VAL A 140 1.47 -9.17 -6.93
N VAL A 141 2.73 -9.30 -6.61
CA VAL A 141 3.34 -8.39 -5.60
C VAL A 141 4.15 -7.30 -6.32
N PHE A 142 3.96 -6.07 -5.96
CA PHE A 142 4.70 -4.96 -6.63
C PHE A 142 5.75 -4.36 -5.67
N GLY A 143 5.69 -4.70 -4.42
CA GLY A 143 6.68 -4.15 -3.45
C GLY A 143 6.78 -5.08 -2.23
N GLN A 144 7.60 -4.75 -1.28
CA GLN A 144 7.74 -5.62 -0.07
C GLN A 144 7.98 -4.74 1.17
N VAL A 145 7.83 -5.31 2.34
CA VAL A 145 8.04 -4.53 3.57
C VAL A 145 9.45 -4.78 4.10
N VAL A 146 10.18 -3.73 4.40
CA VAL A 146 11.57 -3.91 4.91
C VAL A 146 11.59 -3.69 6.42
N GLU A 147 10.78 -2.80 6.93
CA GLU A 147 10.76 -2.55 8.40
C GLU A 147 9.34 -2.22 8.85
N GLY A 148 9.11 -2.15 10.14
CA GLY A 148 7.75 -1.81 10.64
C GLY A 148 6.99 -3.09 11.01
N MET A 149 7.62 -4.22 10.92
CA MET A 149 6.93 -5.49 11.27
C MET A 149 6.48 -5.44 12.74
N ASP A 150 7.22 -4.78 13.58
CA ASP A 150 6.84 -4.71 15.01
C ASP A 150 5.52 -3.95 15.17
N VAL A 151 5.35 -2.87 14.44
CA VAL A 151 4.09 -2.09 14.56
C VAL A 151 2.98 -2.71 13.70
N VAL A 152 3.32 -3.29 12.59
CA VAL A 152 2.27 -3.89 11.72
C VAL A 152 1.46 -4.91 12.54
N LYS A 153 2.12 -5.71 13.33
CA LYS A 153 1.39 -6.70 14.16
C LYS A 153 0.52 -5.98 15.20
N ALA A 154 0.99 -4.86 15.69
CA ALA A 154 0.19 -4.11 16.71
C ALA A 154 -1.11 -3.62 16.08
N ILE A 155 -1.08 -3.22 14.85
CA ILE A 155 -2.32 -2.72 14.19
C ILE A 155 -3.28 -3.88 13.92
N GLU A 156 -2.77 -5.02 13.54
CA GLU A 156 -3.67 -6.17 13.22
C GLU A 156 -4.17 -6.86 14.50
N LYS A 157 -3.34 -7.00 15.50
CA LYS A 157 -3.79 -7.70 16.74
C LYS A 157 -4.96 -6.94 17.37
N VAL A 158 -4.98 -5.65 17.27
CA VAL A 158 -6.11 -4.88 17.87
C VAL A 158 -7.38 -5.14 17.05
N GLY A 159 -7.23 -5.67 15.87
CA GLY A 159 -8.42 -5.96 15.02
C GLY A 159 -9.09 -7.24 15.50
N SER A 160 -10.19 -7.61 14.90
CA SER A 160 -10.90 -8.85 15.31
C SER A 160 -11.66 -9.42 14.12
N SER A 161 -12.24 -10.58 14.27
CA SER A 161 -13.00 -11.18 13.13
C SER A 161 -14.03 -10.17 12.63
N SER A 162 -14.58 -9.39 13.52
CA SER A 162 -15.59 -8.38 13.10
C SER A 162 -14.94 -7.41 12.10
N GLY A 163 -13.66 -7.20 12.21
CA GLY A 163 -12.96 -6.27 11.27
C GLY A 163 -12.85 -4.89 11.92
N ARG A 164 -13.13 -4.79 13.19
CA ARG A 164 -13.04 -3.48 13.90
C ARG A 164 -11.84 -3.51 14.86
N THR A 165 -11.32 -2.36 15.23
CA THR A 165 -10.15 -2.34 16.15
C THR A 165 -10.52 -1.67 17.47
N ALA A 166 -9.79 -1.97 18.51
CA ALA A 166 -10.08 -1.35 19.84
C ALA A 166 -9.75 0.14 19.78
N LYS A 167 -8.75 0.51 19.04
CA LYS A 167 -8.36 1.95 18.95
C LYS A 167 -8.41 2.40 17.49
N LYS A 168 -8.57 3.67 17.24
CA LYS A 168 -8.62 4.17 15.84
C LYS A 168 -7.21 4.30 15.30
N VAL A 169 -6.99 3.96 14.06
CA VAL A 169 -5.63 4.05 13.46
C VAL A 169 -5.67 4.98 12.24
N VAL A 170 -4.83 5.98 12.21
CA VAL A 170 -4.80 6.92 11.06
C VAL A 170 -3.35 7.31 10.75
N VAL A 171 -2.99 7.41 9.49
CA VAL A 171 -1.59 7.78 9.16
C VAL A 171 -1.33 9.24 9.56
N GLU A 172 -0.35 9.47 10.38
CA GLU A 172 -0.05 10.87 10.82
C GLU A 172 0.48 11.69 9.63
N ASP A 173 1.26 11.09 8.78
CA ASP A 173 1.81 11.85 7.61
C ASP A 173 2.26 10.88 6.52
N CYS A 174 2.45 11.37 5.33
CA CYS A 174 2.90 10.48 4.20
C CYS A 174 3.79 11.28 3.25
N GLY A 175 4.73 10.63 2.61
CA GLY A 175 5.63 11.34 1.67
C GLY A 175 6.67 10.37 1.12
N GLN A 176 7.57 10.85 0.29
CA GLN A 176 8.62 9.96 -0.28
C GLN A 176 9.97 10.26 0.37
N LEU A 177 10.56 9.29 1.01
CA LEU A 177 11.88 9.54 1.64
C LEU A 177 12.90 9.91 0.57
N SER A 178 12.84 9.28 -0.57
CA SER A 178 13.79 9.59 -1.67
C SER A 178 15.20 9.79 -1.09
N GLY A 1 29.92 18.95 -9.91
CA GLY A 1 29.70 17.49 -10.32
C GLY A 1 28.39 16.83 -9.99
N SER A 2 27.91 15.99 -10.86
CA SER A 2 26.61 15.31 -10.59
C SER A 2 26.80 14.29 -9.47
N PHE A 3 25.72 13.87 -8.85
CA PHE A 3 25.81 12.89 -7.75
C PHE A 3 25.19 11.58 -8.21
N THR A 4 25.92 10.51 -8.12
CA THR A 4 25.38 9.19 -8.56
C THR A 4 24.09 8.89 -7.78
N GLY A 5 24.05 9.24 -6.52
CA GLY A 5 22.83 8.97 -5.72
C GLY A 5 21.75 10.01 -6.04
N SER A 6 21.97 10.82 -7.04
CA SER A 6 20.95 11.85 -7.40
C SER A 6 19.63 11.17 -7.75
N MET A 7 19.67 9.99 -8.32
CA MET A 7 18.42 9.27 -8.68
C MET A 7 18.41 7.88 -8.04
N PRO A 8 18.08 7.81 -6.77
CA PRO A 8 18.04 6.53 -6.02
C PRO A 8 16.69 5.82 -6.18
N ASN A 9 16.60 4.58 -5.75
CA ASN A 9 15.31 3.86 -5.88
C ASN A 9 14.24 4.60 -5.08
N PRO A 10 13.00 4.50 -5.49
CA PRO A 10 11.87 5.18 -4.79
C PRO A 10 11.63 4.62 -3.39
N ARG A 11 11.47 5.48 -2.41
CA ARG A 11 11.22 5.01 -1.02
C ARG A 11 10.03 5.77 -0.44
N VAL A 12 9.07 5.07 0.10
CA VAL A 12 7.87 5.75 0.67
C VAL A 12 7.53 5.12 2.03
N PHE A 13 7.12 5.92 2.97
CA PHE A 13 6.78 5.38 4.32
C PHE A 13 5.56 6.12 4.87
N PHE A 14 4.81 5.47 5.72
CA PHE A 14 3.61 6.12 6.32
C PHE A 14 3.75 6.16 7.85
N ASP A 15 3.45 7.27 8.46
CA ASP A 15 3.57 7.34 9.96
C ASP A 15 2.23 6.96 10.56
N MET A 16 2.17 5.87 11.29
CA MET A 16 0.89 5.43 11.91
C MET A 16 0.86 5.77 13.39
N SER A 17 -0.31 5.98 13.93
CA SER A 17 -0.43 6.32 15.37
C SER A 17 -1.70 5.65 15.93
N VAL A 18 -1.81 5.53 17.22
CA VAL A 18 -3.01 4.88 17.82
C VAL A 18 -3.68 5.85 18.80
N GLY A 19 -4.98 5.90 18.81
CA GLY A 19 -5.70 6.83 19.74
C GLY A 19 -5.05 8.21 19.68
N GLY A 20 -4.23 8.45 18.68
CA GLY A 20 -3.56 9.79 18.56
C GLY A 20 -2.14 9.69 19.13
N GLN A 21 -1.85 8.67 19.87
CA GLN A 21 -0.48 8.54 20.44
C GLN A 21 0.45 7.92 19.39
N PRO A 22 1.70 8.31 19.37
CA PRO A 22 2.69 7.79 18.38
C PRO A 22 2.93 6.29 18.54
N ALA A 23 3.02 5.57 17.44
CA ALA A 23 3.25 4.10 17.52
C ALA A 23 4.65 3.77 16.97
N GLY A 24 4.86 4.00 15.70
CA GLY A 24 6.20 3.69 15.11
C GLY A 24 6.21 4.13 13.65
N ARG A 25 7.23 3.77 12.91
CA ARG A 25 7.30 4.16 11.48
C ARG A 25 7.23 2.91 10.59
N ILE A 26 6.58 3.01 9.47
CA ILE A 26 6.49 1.84 8.55
C ILE A 26 7.11 2.24 7.20
N VAL A 27 8.18 1.59 6.83
CA VAL A 27 8.84 1.93 5.54
C VAL A 27 8.69 0.77 4.57
N MET A 28 8.32 1.04 3.35
CA MET A 28 8.13 -0.04 2.34
C MET A 28 9.09 0.17 1.17
N GLU A 29 9.43 -0.88 0.48
CA GLU A 29 10.37 -0.75 -0.68
C GLU A 29 9.59 -0.73 -1.99
N LEU A 30 9.90 0.20 -2.86
CA LEU A 30 9.21 0.30 -4.17
C LEU A 30 10.17 -0.10 -5.29
N PHE A 31 9.73 -0.92 -6.21
CA PHE A 31 10.63 -1.32 -7.33
C PHE A 31 10.38 -0.41 -8.52
N ALA A 32 11.41 0.26 -8.99
CA ALA A 32 11.23 1.15 -10.16
C ALA A 32 11.53 0.40 -11.45
N ASP A 33 12.56 -0.40 -11.45
CA ASP A 33 12.92 -1.16 -12.68
C ASP A 33 11.87 -2.24 -12.97
N THR A 34 11.46 -2.97 -11.98
CA THR A 34 10.46 -4.05 -12.21
C THR A 34 9.10 -3.46 -12.61
N THR A 35 8.64 -2.46 -11.90
CA THR A 35 7.33 -1.85 -12.23
C THR A 35 7.31 -0.39 -11.78
N PRO A 36 7.84 0.50 -12.58
CA PRO A 36 7.88 1.95 -12.25
C PRO A 36 6.49 2.60 -12.31
N ARG A 37 5.66 2.15 -13.21
CA ARG A 37 4.30 2.75 -13.33
C ARG A 37 3.52 2.50 -12.03
N THR A 38 3.65 1.33 -11.47
CA THR A 38 2.92 1.02 -10.21
C THR A 38 3.42 1.92 -9.08
N ALA A 39 4.70 2.13 -9.01
CA ALA A 39 5.26 3.00 -7.93
C ALA A 39 4.69 4.41 -8.08
N GLU A 40 4.43 4.82 -9.30
CA GLU A 40 3.89 6.19 -9.52
C GLU A 40 2.48 6.29 -8.92
N ASN A 41 1.71 5.25 -9.02
CA ASN A 41 0.32 5.30 -8.47
C ASN A 41 0.36 5.64 -6.97
N PHE A 42 1.30 5.09 -6.25
CA PHE A 42 1.39 5.39 -4.79
C PHE A 42 2.28 6.61 -4.56
N ARG A 43 3.43 6.62 -5.17
CA ARG A 43 4.37 7.76 -4.99
C ARG A 43 3.71 9.07 -5.41
N ALA A 44 2.96 9.07 -6.48
CA ALA A 44 2.31 10.34 -6.93
C ALA A 44 1.26 10.79 -5.90
N LEU A 45 0.42 9.90 -5.45
CA LEU A 45 -0.60 10.31 -4.45
C LEU A 45 0.08 10.75 -3.15
N CYS A 46 1.11 10.06 -2.74
CA CYS A 46 1.81 10.45 -1.49
C CYS A 46 2.56 11.77 -1.71
N THR A 47 3.28 11.86 -2.79
CA THR A 47 4.04 13.12 -3.07
C THR A 47 3.07 14.21 -3.50
N GLY A 48 2.02 13.85 -4.19
CA GLY A 48 1.03 14.86 -4.65
C GLY A 48 1.61 15.71 -5.78
N GLU A 49 2.45 15.13 -6.59
CA GLU A 49 3.05 15.90 -7.73
C GLU A 49 1.94 16.37 -8.67
N LYS A 50 0.95 15.55 -8.89
CA LYS A 50 -0.16 15.94 -9.80
C LYS A 50 -0.88 17.16 -9.23
N GLY A 51 -1.00 17.25 -7.93
CA GLY A 51 -1.70 18.41 -7.32
C GLY A 51 -3.19 18.10 -7.19
N THR A 52 -3.92 18.89 -6.47
CA THR A 52 -5.37 18.62 -6.32
C THR A 52 -6.11 19.02 -7.61
N GLY A 53 -7.05 18.22 -8.03
CA GLY A 53 -7.80 18.55 -9.27
C GLY A 53 -8.49 19.91 -9.10
N ARG A 54 -8.44 20.73 -10.11
CA ARG A 54 -9.09 22.08 -10.00
C ARG A 54 -10.58 21.91 -9.73
N SER A 55 -11.20 20.91 -10.30
CA SER A 55 -12.65 20.69 -10.07
C SER A 55 -12.91 20.40 -8.59
N GLY A 56 -11.92 19.91 -7.89
CA GLY A 56 -12.11 19.58 -6.45
C GLY A 56 -11.95 18.07 -6.25
N LYS A 57 -10.77 17.64 -5.87
CA LYS A 57 -10.53 16.19 -5.67
C LYS A 57 -9.09 16.00 -5.22
N PRO A 58 -8.82 16.20 -3.97
CA PRO A 58 -7.43 16.07 -3.39
C PRO A 58 -6.77 14.75 -3.79
N LEU A 59 -5.56 14.83 -4.27
CA LEU A 59 -4.82 13.60 -4.68
C LEU A 59 -3.83 13.20 -3.58
N HIS A 60 -4.07 13.62 -2.37
CA HIS A 60 -3.15 13.27 -1.26
C HIS A 60 -3.74 12.13 -0.44
N TYR A 61 -2.94 11.15 -0.10
CA TYR A 61 -3.44 10.01 0.72
C TYR A 61 -3.16 10.28 2.20
N LYS A 62 -2.79 11.48 2.51
CA LYS A 62 -2.49 11.82 3.94
C LYS A 62 -3.75 11.64 4.79
N ASP A 63 -3.59 11.16 5.99
CA ASP A 63 -4.77 10.95 6.89
C ASP A 63 -5.55 9.72 6.43
N SER A 64 -4.87 8.73 5.92
CA SER A 64 -5.58 7.50 5.48
C SER A 64 -5.96 6.67 6.71
N SER A 65 -6.82 5.70 6.55
CA SER A 65 -7.23 4.86 7.71
C SER A 65 -7.38 3.41 7.28
N PHE A 66 -7.13 2.48 8.17
CA PHE A 66 -7.27 1.03 7.81
C PHE A 66 -8.69 0.57 8.13
N HIS A 67 -9.35 -0.02 7.18
CA HIS A 67 -10.76 -0.48 7.42
C HIS A 67 -10.78 -1.95 7.82
N ARG A 68 -9.83 -2.73 7.35
CA ARG A 68 -9.82 -4.19 7.72
C ARG A 68 -8.45 -4.57 8.29
N VAL A 69 -8.45 -5.42 9.30
CA VAL A 69 -7.18 -5.87 9.91
C VAL A 69 -7.37 -7.26 10.50
N ILE A 70 -7.93 -8.15 9.74
CA ILE A 70 -8.19 -9.52 10.25
C ILE A 70 -6.89 -10.34 10.26
N PRO A 71 -6.61 -11.03 11.33
CA PRO A 71 -5.37 -11.86 11.46
C PRO A 71 -5.41 -13.09 10.52
N GLY A 72 -4.27 -13.51 10.04
CA GLY A 72 -4.24 -14.69 9.14
C GLY A 72 -4.64 -14.28 7.72
N PHE A 73 -5.78 -13.69 7.57
CA PHE A 73 -6.22 -13.27 6.21
C PHE A 73 -5.33 -12.14 5.70
N MET A 74 -5.66 -10.91 6.01
CA MET A 74 -4.82 -9.77 5.55
C MET A 74 -5.42 -8.45 6.05
N CYS A 75 -4.85 -7.34 5.63
CA CYS A 75 -5.37 -6.02 6.07
C CYS A 75 -5.63 -5.16 4.82
N GLN A 76 -6.74 -4.47 4.78
CA GLN A 76 -7.05 -3.62 3.59
C GLN A 76 -6.63 -2.17 3.85
N GLY A 77 -5.97 -1.56 2.92
CA GLY A 77 -5.53 -0.14 3.10
C GLY A 77 -5.75 0.62 1.79
N GLY A 78 -5.49 1.90 1.79
CA GLY A 78 -5.69 2.69 0.54
C GLY A 78 -7.18 2.97 0.34
N ASP A 79 -7.89 3.20 1.41
CA ASP A 79 -9.35 3.47 1.29
C ASP A 79 -9.58 4.94 0.97
N PHE A 80 -8.54 5.64 0.57
CA PHE A 80 -8.69 7.08 0.25
C PHE A 80 -9.84 7.27 -0.74
N THR A 81 -9.91 6.45 -1.76
CA THR A 81 -11.00 6.60 -2.75
C THR A 81 -12.33 6.17 -2.11
N ALA A 82 -12.27 5.28 -1.16
CA ALA A 82 -13.52 4.82 -0.49
C ALA A 82 -13.23 3.54 0.31
N GLY A 83 -12.72 2.53 -0.35
CA GLY A 83 -12.40 1.26 0.37
C GLY A 83 -13.60 0.30 0.26
N ASN A 84 -14.67 0.73 -0.37
CA ASN A 84 -15.86 -0.15 -0.51
C ASN A 84 -15.74 -0.97 -1.79
N GLY A 85 -14.63 -0.88 -2.47
CA GLY A 85 -14.45 -1.66 -3.73
C GLY A 85 -14.78 -0.77 -4.93
N THR A 86 -15.72 0.13 -4.77
CA THR A 86 -16.09 1.03 -5.90
C THR A 86 -14.97 2.05 -6.11
N GLY A 87 -14.18 2.29 -5.09
CA GLY A 87 -13.07 3.28 -5.23
C GLY A 87 -11.85 2.59 -5.82
N GLY A 88 -10.70 3.19 -5.66
CA GLY A 88 -9.45 2.58 -6.23
C GLY A 88 -9.24 3.10 -7.65
N GLU A 89 -9.72 4.28 -7.93
CA GLU A 89 -9.53 4.86 -9.29
C GLU A 89 -8.04 4.92 -9.63
N SER A 90 -7.70 4.72 -10.87
CA SER A 90 -6.26 4.77 -11.27
C SER A 90 -5.99 6.08 -12.04
N ILE A 91 -4.84 6.65 -11.85
CA ILE A 91 -4.52 7.92 -12.57
C ILE A 91 -4.46 7.67 -14.07
N TYR A 92 -4.02 6.51 -14.48
CA TYR A 92 -3.94 6.21 -15.93
C TYR A 92 -5.34 6.18 -16.53
N GLY A 93 -6.29 5.64 -15.80
CA GLY A 93 -7.69 5.59 -16.33
C GLY A 93 -7.82 4.37 -17.26
N ALA A 94 -6.88 3.47 -17.23
CA ALA A 94 -6.96 2.27 -18.11
C ALA A 94 -6.35 1.06 -17.40
N LYS A 95 -6.74 -0.12 -17.77
CA LYS A 95 -6.18 -1.34 -17.12
C LYS A 95 -5.00 -1.86 -17.93
N PHE A 96 -3.97 -2.33 -17.27
CA PHE A 96 -2.78 -2.85 -18.00
C PHE A 96 -2.56 -4.33 -17.64
N ALA A 97 -2.01 -5.10 -18.54
CA ALA A 97 -1.77 -6.54 -18.26
C ALA A 97 -0.64 -6.67 -17.23
N ASP A 98 -0.62 -7.75 -16.49
CA ASP A 98 0.45 -7.94 -15.48
C ASP A 98 1.82 -7.94 -16.17
N GLU A 99 2.83 -7.46 -15.52
CA GLU A 99 4.18 -7.41 -16.15
C GLU A 99 4.85 -8.79 -16.05
N ASN A 100 5.56 -9.05 -14.99
CA ASN A 100 6.25 -10.38 -14.85
C ASN A 100 5.84 -11.04 -13.54
N PHE A 101 5.74 -12.34 -13.52
CA PHE A 101 5.36 -13.06 -12.28
C PHE A 101 6.62 -13.65 -11.62
N ILE A 102 7.76 -13.25 -12.08
CA ILE A 102 9.03 -13.79 -11.50
C ILE A 102 9.03 -13.58 -9.98
N LYS A 103 8.51 -12.50 -9.51
CA LYS A 103 8.49 -12.26 -8.04
C LYS A 103 7.35 -13.04 -7.40
N LYS A 104 7.60 -13.68 -6.28
CA LYS A 104 6.54 -14.48 -5.60
C LYS A 104 6.58 -14.19 -4.10
N HIS A 105 5.50 -14.44 -3.40
CA HIS A 105 5.49 -14.18 -1.94
C HIS A 105 6.31 -15.25 -1.22
N THR A 106 7.48 -14.90 -0.75
CA THR A 106 8.32 -15.90 -0.03
C THR A 106 8.11 -15.78 1.48
N GLY A 107 7.43 -14.76 1.91
CA GLY A 107 7.19 -14.58 3.38
C GLY A 107 6.08 -13.55 3.61
N PRO A 108 5.78 -13.29 4.86
CA PRO A 108 4.73 -12.30 5.24
C PRO A 108 5.22 -10.85 5.14
N GLY A 109 4.33 -9.91 5.07
CA GLY A 109 4.75 -8.49 4.97
C GLY A 109 5.09 -8.14 3.52
N ILE A 110 4.32 -8.61 2.58
CA ILE A 110 4.60 -8.31 1.14
C ILE A 110 3.47 -7.44 0.58
N LEU A 111 3.80 -6.46 -0.21
CA LEU A 111 2.74 -5.59 -0.80
C LEU A 111 2.21 -6.21 -2.08
N SER A 112 0.91 -6.20 -2.26
CA SER A 112 0.33 -6.78 -3.50
C SER A 112 -0.90 -5.96 -3.91
N MET A 113 -1.11 -5.77 -5.19
CA MET A 113 -2.29 -4.97 -5.63
C MET A 113 -3.50 -5.89 -5.76
N ALA A 114 -4.59 -5.55 -5.13
CA ALA A 114 -5.81 -6.41 -5.21
C ALA A 114 -6.36 -6.38 -6.64
N ASN A 115 -6.95 -7.46 -7.07
CA ASN A 115 -7.52 -7.51 -8.44
C ASN A 115 -8.59 -8.60 -8.50
N ALA A 116 -9.81 -8.21 -8.74
CA ALA A 116 -10.91 -9.22 -8.81
C ALA A 116 -10.70 -10.14 -10.01
N GLY A 117 -10.09 -9.63 -11.05
CA GLY A 117 -9.85 -10.47 -12.26
C GLY A 117 -8.43 -10.24 -12.76
N PRO A 118 -7.96 -11.09 -13.63
CA PRO A 118 -6.59 -10.99 -14.21
C PRO A 118 -6.44 -9.75 -15.11
N ASN A 119 -5.23 -9.30 -15.29
CA ASN A 119 -5.01 -8.09 -16.14
C ASN A 119 -5.89 -6.95 -15.64
N THR A 120 -5.91 -6.74 -14.35
CA THR A 120 -6.73 -5.65 -13.77
C THR A 120 -5.87 -4.85 -12.79
N ASN A 121 -5.82 -3.56 -12.95
CA ASN A 121 -5.01 -2.71 -12.04
C ASN A 121 -5.94 -2.03 -11.02
N GLY A 122 -5.53 -2.00 -9.78
CA GLY A 122 -6.38 -1.35 -8.74
C GLY A 122 -5.48 -0.67 -7.70
N SER A 123 -5.70 0.59 -7.45
CA SER A 123 -4.85 1.30 -6.45
C SER A 123 -4.99 0.62 -5.08
N GLN A 124 -6.13 0.04 -4.82
CA GLN A 124 -6.33 -0.63 -3.50
C GLN A 124 -5.35 -1.81 -3.38
N PHE A 125 -4.84 -2.04 -2.20
CA PHE A 125 -3.88 -3.16 -2.00
C PHE A 125 -4.15 -3.82 -0.65
N PHE A 126 -3.62 -5.00 -0.43
CA PHE A 126 -3.85 -5.70 0.87
C PHE A 126 -2.51 -6.19 1.43
N ILE A 127 -2.44 -6.40 2.72
CA ILE A 127 -1.18 -6.88 3.34
C ILE A 127 -1.42 -8.23 4.03
N CYS A 128 -0.52 -9.17 3.86
CA CYS A 128 -0.69 -10.50 4.50
C CYS A 128 0.45 -10.71 5.51
N THR A 129 0.12 -10.98 6.74
CA THR A 129 1.19 -11.18 7.77
C THR A 129 1.46 -12.67 7.94
N ALA A 130 0.86 -13.50 7.13
CA ALA A 130 1.09 -14.96 7.25
C ALA A 130 0.99 -15.62 5.88
N LYS A 131 1.61 -16.75 5.70
CA LYS A 131 1.53 -17.44 4.38
C LYS A 131 0.16 -18.07 4.21
N THR A 132 -0.44 -17.91 3.06
CA THR A 132 -1.80 -18.50 2.83
C THR A 132 -1.73 -19.48 1.66
N GLU A 133 -2.68 -20.38 1.57
CA GLU A 133 -2.69 -21.36 0.45
C GLU A 133 -3.63 -20.88 -0.67
N TRP A 134 -4.82 -20.49 -0.33
CA TRP A 134 -5.79 -20.03 -1.37
C TRP A 134 -5.69 -18.52 -1.55
N LEU A 135 -5.62 -17.79 -0.47
CA LEU A 135 -5.53 -16.30 -0.59
C LEU A 135 -4.25 -15.94 -1.34
N ASP A 136 -3.24 -16.75 -1.23
CA ASP A 136 -1.96 -16.45 -1.92
C ASP A 136 -2.14 -16.62 -3.43
N GLY A 137 -3.36 -16.81 -3.87
CA GLY A 137 -3.61 -16.98 -5.33
C GLY A 137 -2.96 -15.85 -6.11
N LYS A 138 -2.86 -14.69 -5.51
CA LYS A 138 -2.23 -13.54 -6.23
C LYS A 138 -0.71 -13.71 -6.21
N HIS A 139 -0.09 -13.73 -7.36
CA HIS A 139 1.39 -13.91 -7.44
C HIS A 139 2.04 -12.60 -7.90
N VAL A 140 1.32 -11.51 -7.87
CA VAL A 140 1.90 -10.22 -8.33
C VAL A 140 2.36 -9.39 -7.13
N VAL A 141 3.57 -8.91 -7.15
CA VAL A 141 4.08 -8.08 -6.02
C VAL A 141 4.71 -6.80 -6.59
N PHE A 142 4.34 -5.65 -6.06
CA PHE A 142 4.93 -4.38 -6.58
C PHE A 142 5.85 -3.76 -5.53
N GLY A 143 6.00 -4.38 -4.39
CA GLY A 143 6.90 -3.81 -3.34
C GLY A 143 6.97 -4.78 -2.15
N GLN A 144 7.83 -4.49 -1.20
CA GLN A 144 7.97 -5.38 -0.01
C GLN A 144 8.11 -4.53 1.26
N VAL A 145 7.97 -5.13 2.41
CA VAL A 145 8.10 -4.37 3.67
C VAL A 145 9.53 -4.53 4.20
N VAL A 146 10.18 -3.44 4.52
CA VAL A 146 11.57 -3.52 5.05
C VAL A 146 11.57 -3.23 6.55
N GLU A 147 10.69 -2.37 6.99
CA GLU A 147 10.63 -2.04 8.45
C GLU A 147 9.18 -1.83 8.86
N GLY A 148 8.92 -1.70 10.14
CA GLY A 148 7.52 -1.50 10.61
C GLY A 148 6.93 -2.83 11.07
N MET A 149 7.70 -3.88 11.04
CA MET A 149 7.17 -5.20 11.48
C MET A 149 6.76 -5.13 12.95
N ASP A 150 7.43 -4.35 13.73
CA ASP A 150 7.07 -4.24 15.18
C ASP A 150 5.67 -3.62 15.33
N VAL A 151 5.38 -2.61 14.57
CA VAL A 151 4.05 -1.95 14.69
C VAL A 151 2.98 -2.73 13.89
N VAL A 152 3.37 -3.33 12.80
CA VAL A 152 2.37 -4.09 11.98
C VAL A 152 1.65 -5.09 12.89
N LYS A 153 2.37 -5.75 13.76
CA LYS A 153 1.72 -6.73 14.67
C LYS A 153 0.75 -5.99 15.60
N ALA A 154 1.09 -4.78 15.97
CA ALA A 154 0.19 -4.00 16.88
C ALA A 154 -1.16 -3.77 16.18
N ILE A 155 -1.15 -3.59 14.89
CA ILE A 155 -2.42 -3.35 14.16
C ILE A 155 -3.24 -4.65 14.12
N GLU A 156 -2.58 -5.77 14.00
CA GLU A 156 -3.32 -7.06 13.93
C GLU A 156 -3.84 -7.49 15.30
N LYS A 157 -3.07 -7.33 16.35
CA LYS A 157 -3.57 -7.76 17.68
C LYS A 157 -4.82 -6.97 18.06
N VAL A 158 -4.89 -5.73 17.65
CA VAL A 158 -6.09 -4.90 17.97
C VAL A 158 -7.18 -5.21 16.94
N GLY A 159 -6.85 -5.96 15.93
CA GLY A 159 -7.87 -6.30 14.90
C GLY A 159 -8.81 -7.38 15.41
N SER A 160 -9.81 -7.72 14.64
CA SER A 160 -10.78 -8.76 15.08
C SER A 160 -11.46 -9.38 13.87
N SER A 161 -12.19 -10.45 14.06
CA SER A 161 -12.89 -11.09 12.91
C SER A 161 -13.80 -10.05 12.27
N SER A 162 -14.34 -9.14 13.05
CA SER A 162 -15.24 -8.10 12.48
C SER A 162 -14.45 -7.26 11.47
N GLY A 163 -13.15 -7.17 11.64
CA GLY A 163 -12.33 -6.37 10.68
C GLY A 163 -12.16 -4.94 11.21
N ARG A 164 -12.41 -4.73 12.47
CA ARG A 164 -12.26 -3.36 13.05
C ARG A 164 -11.14 -3.36 14.09
N THR A 165 -10.38 -2.30 14.16
CA THR A 165 -9.26 -2.26 15.15
C THR A 165 -9.81 -1.85 16.51
N ALA A 166 -9.19 -2.31 17.57
CA ALA A 166 -9.67 -1.94 18.94
C ALA A 166 -9.40 -0.45 19.19
N LYS A 167 -8.31 0.04 18.70
CA LYS A 167 -7.97 1.49 18.90
C LYS A 167 -8.05 2.22 17.56
N LYS A 168 -8.24 3.52 17.59
CA LYS A 168 -8.33 4.28 16.31
C LYS A 168 -6.93 4.37 15.69
N VAL A 169 -6.83 4.16 14.40
CA VAL A 169 -5.50 4.24 13.74
C VAL A 169 -5.60 5.13 12.49
N VAL A 170 -4.80 6.15 12.42
CA VAL A 170 -4.82 7.06 11.23
C VAL A 170 -3.40 7.51 10.93
N VAL A 171 -3.01 7.55 9.68
CA VAL A 171 -1.62 7.98 9.36
C VAL A 171 -1.46 9.47 9.70
N GLU A 172 -0.55 9.79 10.59
CA GLU A 172 -0.35 11.21 10.97
C GLU A 172 0.26 11.98 9.79
N ASP A 173 1.13 11.35 9.03
CA ASP A 173 1.75 12.06 7.88
C ASP A 173 2.22 11.05 6.83
N CYS A 174 2.39 11.49 5.62
CA CYS A 174 2.85 10.57 4.55
C CYS A 174 3.71 11.35 3.55
N GLY A 175 4.67 10.71 2.94
CA GLY A 175 5.54 11.43 1.96
C GLY A 175 6.55 10.45 1.36
N GLN A 176 7.39 10.91 0.48
CA GLN A 176 8.40 10.01 -0.15
C GLN A 176 9.79 10.33 0.42
N LEU A 177 10.39 9.37 1.09
CA LEU A 177 11.74 9.61 1.66
C LEU A 177 12.73 9.89 0.53
N SER A 178 12.60 9.19 -0.57
CA SER A 178 13.52 9.40 -1.72
C SER A 178 14.97 9.53 -1.21
N GLY A 1 29.83 18.13 -8.67
CA GLY A 1 28.83 17.52 -7.69
C GLY A 1 27.42 18.00 -7.68
N SER A 2 27.13 19.01 -8.44
CA SER A 2 25.73 19.54 -8.47
C SER A 2 24.77 18.42 -8.88
N PHE A 3 25.20 17.55 -9.75
CA PHE A 3 24.33 16.43 -10.20
C PHE A 3 24.90 15.12 -9.67
N THR A 4 24.12 14.39 -8.93
CA THR A 4 24.61 13.10 -8.37
C THR A 4 25.07 12.19 -9.51
N GLY A 5 24.34 12.18 -10.61
CA GLY A 5 24.74 11.32 -11.75
C GLY A 5 24.20 9.90 -11.54
N SER A 6 23.26 9.74 -10.64
CA SER A 6 22.69 8.38 -10.38
C SER A 6 21.17 8.49 -10.22
N MET A 7 20.48 7.39 -10.38
CA MET A 7 18.98 7.41 -10.24
C MET A 7 18.55 6.32 -9.27
N PRO A 8 18.72 6.55 -8.00
CA PRO A 8 18.34 5.57 -6.94
C PRO A 8 16.92 5.03 -7.12
N ASN A 9 16.48 4.23 -6.19
CA ASN A 9 15.09 3.67 -6.29
C ASN A 9 14.15 4.49 -5.40
N PRO A 10 12.89 4.55 -5.75
CA PRO A 10 11.87 5.31 -4.97
C PRO A 10 11.58 4.68 -3.61
N ARG A 11 11.47 5.49 -2.60
CA ARG A 11 11.17 4.94 -1.23
C ARG A 11 9.97 5.70 -0.65
N VAL A 12 9.01 5.00 -0.12
CA VAL A 12 7.81 5.67 0.45
C VAL A 12 7.50 5.09 1.83
N PHE A 13 7.08 5.91 2.75
CA PHE A 13 6.75 5.40 4.11
C PHE A 13 5.50 6.12 4.64
N PHE A 14 4.80 5.50 5.55
CA PHE A 14 3.57 6.14 6.12
C PHE A 14 3.71 6.27 7.63
N ASP A 15 3.36 7.41 8.18
CA ASP A 15 3.45 7.59 9.66
C ASP A 15 2.14 7.12 10.28
N MET A 16 2.19 6.12 11.13
CA MET A 16 0.92 5.61 11.74
C MET A 16 0.92 5.82 13.26
N SER A 17 -0.22 6.15 13.81
CA SER A 17 -0.31 6.38 15.28
C SER A 17 -1.58 5.68 15.79
N VAL A 18 -1.64 5.34 17.05
CA VAL A 18 -2.86 4.67 17.59
C VAL A 18 -3.47 5.52 18.71
N GLY A 19 -4.76 5.71 18.68
CA GLY A 19 -5.41 6.53 19.72
C GLY A 19 -4.80 7.93 19.74
N GLY A 20 -4.09 8.30 18.72
CA GLY A 20 -3.46 9.65 18.68
C GLY A 20 -2.04 9.56 19.26
N GLN A 21 -1.61 8.39 19.62
CA GLN A 21 -0.24 8.22 20.19
C GLN A 21 0.67 7.59 19.14
N PRO A 22 1.68 8.30 18.68
CA PRO A 22 2.62 7.77 17.65
C PRO A 22 3.10 6.35 17.99
N ALA A 23 3.09 5.46 17.03
CA ALA A 23 3.56 4.06 17.29
C ALA A 23 4.97 3.88 16.76
N GLY A 24 5.16 4.13 15.48
CA GLY A 24 6.52 3.96 14.90
C GLY A 24 6.48 4.35 13.42
N ARG A 25 7.54 4.06 12.69
CA ARG A 25 7.56 4.40 11.24
C ARG A 25 7.56 3.13 10.42
N ILE A 26 6.90 3.13 9.29
CA ILE A 26 6.89 1.92 8.41
C ILE A 26 7.53 2.29 7.08
N VAL A 27 8.66 1.70 6.78
CA VAL A 27 9.34 2.03 5.50
C VAL A 27 9.24 0.84 4.54
N MET A 28 8.93 1.10 3.30
CA MET A 28 8.81 -0.01 2.31
C MET A 28 9.65 0.32 1.08
N GLU A 29 10.05 -0.69 0.33
CA GLU A 29 10.88 -0.43 -0.88
C GLU A 29 10.01 -0.55 -2.14
N LEU A 30 10.13 0.39 -3.03
CA LEU A 30 9.34 0.34 -4.30
C LEU A 30 10.27 -0.07 -5.45
N PHE A 31 9.88 -1.04 -6.22
CA PHE A 31 10.76 -1.48 -7.34
C PHE A 31 10.34 -0.73 -8.61
N ALA A 32 11.23 0.02 -9.18
CA ALA A 32 10.90 0.78 -10.42
C ALA A 32 11.13 -0.10 -11.64
N ASP A 33 12.22 -0.83 -11.65
CA ASP A 33 12.52 -1.71 -12.83
C ASP A 33 11.47 -2.81 -12.94
N THR A 34 11.17 -3.48 -11.84
CA THR A 34 10.14 -4.56 -11.90
C THR A 34 8.77 -3.97 -12.19
N THR A 35 8.43 -2.91 -11.53
CA THR A 35 7.09 -2.27 -11.75
C THR A 35 7.26 -0.74 -11.78
N PRO A 36 7.76 -0.22 -12.88
CA PRO A 36 7.99 1.25 -13.04
C PRO A 36 6.72 2.07 -12.86
N ARG A 37 5.77 1.86 -13.74
CA ARG A 37 4.50 2.64 -13.68
C ARG A 37 3.77 2.37 -12.36
N THR A 38 3.84 1.18 -11.85
CA THR A 38 3.13 0.88 -10.57
C THR A 38 3.64 1.78 -9.45
N ALA A 39 4.94 1.98 -9.38
CA ALA A 39 5.49 2.86 -8.31
C ALA A 39 4.90 4.25 -8.44
N GLU A 40 4.61 4.67 -9.64
CA GLU A 40 4.03 6.03 -9.85
C GLU A 40 2.61 6.09 -9.25
N ASN A 41 1.87 5.03 -9.35
CA ASN A 41 0.48 5.03 -8.80
C ASN A 41 0.52 5.38 -7.32
N PHE A 42 1.47 4.86 -6.59
CA PHE A 42 1.54 5.17 -5.13
C PHE A 42 2.42 6.41 -4.91
N ARG A 43 3.58 6.43 -5.51
CA ARG A 43 4.50 7.59 -5.33
C ARG A 43 3.81 8.89 -5.75
N ALA A 44 3.08 8.87 -6.84
CA ALA A 44 2.41 10.12 -7.31
C ALA A 44 1.35 10.57 -6.30
N LEU A 45 0.51 9.67 -5.85
CA LEU A 45 -0.54 10.06 -4.87
C LEU A 45 0.12 10.49 -3.56
N CYS A 46 1.14 9.81 -3.13
CA CYS A 46 1.82 10.19 -1.86
C CYS A 46 2.53 11.53 -2.05
N THR A 47 3.24 11.69 -3.13
CA THR A 47 3.95 12.97 -3.37
C THR A 47 2.94 14.05 -3.79
N GLY A 48 1.90 13.68 -4.49
CA GLY A 48 0.89 14.68 -4.92
C GLY A 48 1.43 15.52 -6.07
N GLU A 49 2.28 14.97 -6.89
CA GLU A 49 2.84 15.74 -8.03
C GLU A 49 1.71 16.17 -8.96
N LYS A 50 0.72 15.33 -9.14
CA LYS A 50 -0.41 15.69 -10.03
C LYS A 50 -1.10 16.94 -9.50
N GLY A 51 -1.14 17.10 -8.20
CA GLY A 51 -1.82 18.29 -7.62
C GLY A 51 -3.27 17.95 -7.32
N THR A 52 -3.96 18.82 -6.64
CA THR A 52 -5.39 18.55 -6.30
C THR A 52 -6.26 18.76 -7.54
N GLY A 53 -7.24 17.92 -7.72
CA GLY A 53 -8.13 18.07 -8.91
C GLY A 53 -8.81 19.45 -8.87
N ARG A 54 -8.91 20.11 -9.98
CA ARG A 54 -9.55 21.45 -10.01
C ARG A 54 -11.01 21.35 -9.55
N SER A 55 -11.64 20.22 -9.77
CA SER A 55 -13.06 20.06 -9.36
C SER A 55 -13.15 19.80 -7.85
N GLY A 56 -12.08 19.96 -7.13
CA GLY A 56 -12.13 19.72 -5.66
C GLY A 56 -11.98 18.22 -5.40
N LYS A 57 -10.78 17.71 -5.49
CA LYS A 57 -10.56 16.27 -5.25
C LYS A 57 -9.09 16.07 -4.88
N PRO A 58 -8.74 16.43 -3.68
CA PRO A 58 -7.33 16.32 -3.17
C PRO A 58 -6.74 14.93 -3.41
N LEU A 59 -5.55 14.89 -3.96
CA LEU A 59 -4.90 13.58 -4.25
C LEU A 59 -3.85 13.30 -3.16
N HIS A 60 -4.29 12.95 -1.99
CA HIS A 60 -3.32 12.65 -0.88
C HIS A 60 -3.79 11.41 -0.11
N TYR A 61 -2.88 10.68 0.46
CA TYR A 61 -3.26 9.46 1.24
C TYR A 61 -3.19 9.79 2.73
N LYS A 62 -3.24 11.06 3.06
CA LYS A 62 -3.17 11.45 4.50
C LYS A 62 -4.52 11.22 5.17
N ASP A 63 -4.53 11.07 6.46
CA ASP A 63 -5.82 10.85 7.19
C ASP A 63 -6.51 9.60 6.62
N SER A 64 -5.79 8.52 6.49
CA SER A 64 -6.41 7.26 5.96
C SER A 64 -6.49 6.23 7.08
N SER A 65 -7.40 5.31 6.99
CA SER A 65 -7.53 4.27 8.06
C SER A 65 -7.61 2.87 7.42
N PHE A 66 -7.12 1.87 8.10
CA PHE A 66 -7.17 0.49 7.53
C PHE A 66 -8.61 -0.01 7.58
N HIS A 67 -9.07 -0.63 6.52
CA HIS A 67 -10.48 -1.13 6.48
C HIS A 67 -10.59 -2.44 7.28
N ARG A 68 -9.78 -3.42 6.98
CA ARG A 68 -9.87 -4.72 7.71
C ARG A 68 -8.50 -5.15 8.22
N VAL A 69 -8.48 -5.85 9.33
CA VAL A 69 -7.18 -6.33 9.89
C VAL A 69 -7.38 -7.71 10.52
N ILE A 70 -7.80 -8.66 9.74
CA ILE A 70 -8.04 -10.02 10.30
C ILE A 70 -6.71 -10.79 10.39
N PRO A 71 -6.42 -11.41 11.50
CA PRO A 71 -5.16 -12.19 11.69
C PRO A 71 -5.15 -13.48 10.86
N GLY A 72 -4.00 -13.91 10.45
CA GLY A 72 -3.92 -15.17 9.64
C GLY A 72 -4.26 -14.87 8.18
N PHE A 73 -5.42 -14.34 7.93
CA PHE A 73 -5.81 -14.02 6.53
C PHE A 73 -4.96 -12.84 6.02
N MET A 74 -5.39 -11.63 6.29
CA MET A 74 -4.62 -10.45 5.83
C MET A 74 -5.34 -9.17 6.23
N CYS A 75 -4.86 -8.05 5.77
CA CYS A 75 -5.52 -6.74 6.11
C CYS A 75 -5.84 -6.01 4.82
N GLN A 76 -7.01 -5.42 4.72
CA GLN A 76 -7.38 -4.69 3.47
C GLN A 76 -7.45 -3.19 3.74
N GLY A 77 -7.25 -2.39 2.73
CA GLY A 77 -7.31 -0.92 2.91
C GLY A 77 -8.12 -0.31 1.77
N GLY A 78 -8.37 0.97 1.81
CA GLY A 78 -9.17 1.62 0.73
C GLY A 78 -8.53 2.96 0.35
N ASP A 79 -8.85 3.46 -0.80
CA ASP A 79 -8.27 4.76 -1.25
C ASP A 79 -8.91 5.90 -0.44
N PHE A 80 -8.25 7.02 -0.34
CA PHE A 80 -8.82 8.16 0.43
C PHE A 80 -10.13 8.62 -0.21
N THR A 81 -10.35 8.27 -1.46
CA THR A 81 -11.61 8.69 -2.12
C THR A 81 -12.81 8.11 -1.39
N ALA A 82 -12.67 6.93 -0.85
CA ALA A 82 -13.81 6.31 -0.11
C ALA A 82 -13.46 4.86 0.26
N GLY A 83 -13.01 4.09 -0.70
CA GLY A 83 -12.64 2.67 -0.43
C GLY A 83 -13.86 1.78 -0.68
N ASN A 84 -14.94 2.33 -1.16
CA ASN A 84 -16.14 1.51 -1.43
C ASN A 84 -16.06 0.94 -2.86
N GLY A 85 -14.94 1.14 -3.51
CA GLY A 85 -14.78 0.62 -4.90
C GLY A 85 -15.15 1.72 -5.90
N THR A 86 -16.21 2.43 -5.64
CA THR A 86 -16.60 3.52 -6.58
C THR A 86 -15.48 4.56 -6.65
N GLY A 87 -14.86 4.84 -5.54
CA GLY A 87 -13.75 5.83 -5.53
C GLY A 87 -12.44 5.15 -5.92
N GLY A 88 -11.33 5.80 -5.70
CA GLY A 88 -10.02 5.17 -6.05
C GLY A 88 -9.74 5.40 -7.53
N GLU A 89 -9.97 6.59 -8.01
CA GLU A 89 -9.72 6.88 -9.45
C GLU A 89 -8.22 6.75 -9.74
N SER A 90 -7.88 6.25 -10.90
CA SER A 90 -6.43 6.10 -11.25
C SER A 90 -6.01 7.22 -12.19
N ILE A 91 -4.81 7.72 -12.04
CA ILE A 91 -4.35 8.82 -12.92
C ILE A 91 -4.28 8.33 -14.37
N TYR A 92 -3.78 7.15 -14.60
CA TYR A 92 -3.69 6.62 -16.00
C TYR A 92 -5.10 6.32 -16.52
N GLY A 93 -5.97 5.85 -15.66
CA GLY A 93 -7.35 5.53 -16.12
C GLY A 93 -7.35 4.16 -16.80
N ALA A 94 -6.31 3.40 -16.62
CA ALA A 94 -6.24 2.05 -17.26
C ALA A 94 -5.50 1.08 -16.33
N LYS A 95 -5.72 -0.20 -16.50
CA LYS A 95 -5.03 -1.18 -15.63
C LYS A 95 -3.66 -1.53 -16.21
N PHE A 96 -2.74 -1.94 -15.39
CA PHE A 96 -1.38 -2.29 -15.90
C PHE A 96 -1.26 -3.82 -16.04
N ALA A 97 -0.81 -4.28 -17.17
CA ALA A 97 -0.67 -5.76 -17.36
C ALA A 97 0.55 -6.26 -16.61
N ASP A 98 0.45 -7.39 -15.97
CA ASP A 98 1.62 -7.94 -15.22
C ASP A 98 2.61 -8.53 -16.21
N GLU A 99 3.87 -8.19 -16.08
CA GLU A 99 4.90 -8.73 -17.02
C GLU A 99 5.73 -9.82 -16.33
N ASN A 100 6.32 -9.51 -15.20
CA ASN A 100 7.15 -10.53 -14.50
C ASN A 100 6.42 -11.03 -13.25
N PHE A 101 6.31 -12.33 -13.10
CA PHE A 101 5.62 -12.91 -11.91
C PHE A 101 6.68 -13.54 -10.99
N ILE A 102 7.94 -13.30 -11.26
CA ILE A 102 9.01 -13.91 -10.43
C ILE A 102 8.81 -13.56 -8.94
N LYS A 103 8.35 -12.37 -8.65
CA LYS A 103 8.15 -12.01 -7.22
C LYS A 103 6.88 -12.67 -6.68
N LYS A 104 6.99 -13.35 -5.57
CA LYS A 104 5.79 -14.02 -4.98
C LYS A 104 5.83 -13.85 -3.46
N HIS A 105 4.69 -13.81 -2.82
CA HIS A 105 4.68 -13.63 -1.34
C HIS A 105 5.55 -14.71 -0.69
N THR A 106 6.84 -14.49 -0.63
CA THR A 106 7.74 -15.51 -0.01
C THR A 106 7.57 -15.47 1.51
N GLY A 107 7.20 -14.34 2.04
CA GLY A 107 7.02 -14.23 3.53
C GLY A 107 5.95 -13.18 3.84
N PRO A 108 5.71 -12.93 5.10
CA PRO A 108 4.70 -11.93 5.55
C PRO A 108 5.21 -10.49 5.39
N GLY A 109 4.31 -9.55 5.29
CA GLY A 109 4.74 -8.13 5.15
C GLY A 109 5.08 -7.82 3.69
N ILE A 110 4.25 -8.26 2.77
CA ILE A 110 4.53 -8.00 1.32
C ILE A 110 3.43 -7.10 0.75
N LEU A 111 3.81 -6.12 -0.04
CA LEU A 111 2.79 -5.21 -0.64
C LEU A 111 2.29 -5.81 -1.95
N SER A 112 0.99 -5.92 -2.11
CA SER A 112 0.44 -6.50 -3.36
C SER A 112 -0.85 -5.77 -3.74
N MET A 113 -1.16 -5.70 -5.01
CA MET A 113 -2.40 -5.00 -5.44
C MET A 113 -3.53 -6.02 -5.60
N ALA A 114 -4.72 -5.69 -5.18
CA ALA A 114 -5.85 -6.65 -5.32
C ALA A 114 -6.13 -6.90 -6.80
N ASN A 115 -6.53 -8.09 -7.14
CA ASN A 115 -6.82 -8.41 -8.57
C ASN A 115 -7.59 -9.73 -8.65
N ALA A 116 -8.81 -9.67 -9.11
CA ALA A 116 -9.62 -10.93 -9.23
C ALA A 116 -8.99 -11.82 -10.30
N GLY A 117 -8.39 -11.24 -11.29
CA GLY A 117 -7.75 -12.04 -12.37
C GLY A 117 -6.38 -11.45 -12.72
N PRO A 118 -5.61 -12.14 -13.50
CA PRO A 118 -4.25 -11.68 -13.91
C PRO A 118 -4.32 -10.44 -14.80
N ASN A 119 -3.25 -9.69 -14.85
CA ASN A 119 -3.24 -8.47 -15.69
C ASN A 119 -4.39 -7.55 -15.27
N THR A 120 -4.58 -7.39 -13.99
CA THR A 120 -5.67 -6.52 -13.48
C THR A 120 -5.14 -5.65 -12.35
N ASN A 121 -5.33 -4.37 -12.43
CA ASN A 121 -4.84 -3.46 -11.36
C ASN A 121 -6.00 -3.08 -10.45
N GLY A 122 -5.99 -3.56 -9.23
CA GLY A 122 -7.09 -3.23 -8.29
C GLY A 122 -6.79 -1.92 -7.58
N SER A 123 -7.75 -1.05 -7.48
CA SER A 123 -7.51 0.26 -6.79
C SER A 123 -7.21 0.01 -5.31
N GLN A 124 -7.65 -1.10 -4.78
CA GLN A 124 -7.40 -1.40 -3.35
C GLN A 124 -6.24 -2.40 -3.22
N PHE A 125 -5.56 -2.40 -2.11
CA PHE A 125 -4.41 -3.34 -1.92
C PHE A 125 -4.52 -3.99 -0.54
N PHE A 126 -3.85 -5.09 -0.35
CA PHE A 126 -3.91 -5.79 0.98
C PHE A 126 -2.52 -6.32 1.34
N ILE A 127 -2.29 -6.57 2.61
CA ILE A 127 -0.95 -7.10 3.03
C ILE A 127 -1.13 -8.47 3.69
N CYS A 128 -0.32 -9.42 3.35
CA CYS A 128 -0.44 -10.77 3.96
C CYS A 128 0.47 -10.85 5.19
N THR A 129 -0.10 -10.81 6.36
CA THR A 129 0.73 -10.89 7.60
C THR A 129 1.21 -12.33 7.80
N ALA A 130 0.69 -13.25 7.03
CA ALA A 130 1.12 -14.67 7.18
C ALA A 130 1.01 -15.37 5.83
N LYS A 131 1.75 -16.43 5.64
CA LYS A 131 1.67 -17.17 4.34
C LYS A 131 0.30 -17.82 4.21
N THR A 132 -0.31 -17.72 3.06
CA THR A 132 -1.67 -18.33 2.87
C THR A 132 -1.61 -19.32 1.71
N GLU A 133 -2.52 -20.26 1.67
CA GLU A 133 -2.54 -21.25 0.55
C GLU A 133 -3.99 -21.48 0.11
N TRP A 134 -4.90 -21.46 1.04
CA TRP A 134 -6.33 -21.67 0.70
C TRP A 134 -6.77 -20.61 -0.32
N LEU A 135 -6.17 -19.45 -0.26
CA LEU A 135 -6.53 -18.36 -1.22
C LEU A 135 -6.29 -18.84 -2.65
N ASP A 136 -5.28 -19.62 -2.86
CA ASP A 136 -4.99 -20.12 -4.23
C ASP A 136 -5.01 -18.95 -5.22
N GLY A 137 -4.29 -17.90 -4.93
CA GLY A 137 -4.27 -16.72 -5.84
C GLY A 137 -2.81 -16.33 -6.10
N LYS A 138 -2.45 -16.20 -7.35
CA LYS A 138 -1.05 -15.83 -7.69
C LYS A 138 -0.70 -14.51 -7.01
N HIS A 139 -1.63 -13.60 -6.95
CA HIS A 139 -1.36 -12.28 -6.31
C HIS A 139 -0.16 -11.61 -6.98
N VAL A 140 -0.16 -10.30 -7.04
CA VAL A 140 0.97 -9.58 -7.68
C VAL A 140 1.69 -8.72 -6.63
N VAL A 141 3.00 -8.77 -6.59
CA VAL A 141 3.75 -7.97 -5.58
C VAL A 141 4.43 -6.80 -6.28
N PHE A 142 4.23 -5.60 -5.78
CA PHE A 142 4.88 -4.41 -6.42
C PHE A 142 5.84 -3.76 -5.42
N GLY A 143 6.00 -4.34 -4.26
CA GLY A 143 6.94 -3.76 -3.25
C GLY A 143 7.07 -4.73 -2.07
N GLN A 144 7.86 -4.38 -1.09
CA GLN A 144 8.03 -5.28 0.09
C GLN A 144 8.24 -4.45 1.36
N VAL A 145 8.13 -5.06 2.51
CA VAL A 145 8.31 -4.33 3.79
C VAL A 145 9.71 -4.60 4.33
N VAL A 146 10.41 -3.57 4.72
CA VAL A 146 11.79 -3.76 5.28
C VAL A 146 11.80 -3.35 6.76
N GLU A 147 10.98 -2.41 7.13
CA GLU A 147 10.94 -1.96 8.56
C GLU A 147 9.48 -1.71 8.97
N GLY A 148 9.24 -1.57 10.24
CA GLY A 148 7.84 -1.31 10.71
C GLY A 148 7.20 -2.62 11.17
N MET A 149 7.94 -3.69 11.17
CA MET A 149 7.36 -4.99 11.61
C MET A 149 6.90 -4.88 13.07
N ASP A 150 7.58 -4.10 13.86
CA ASP A 150 7.17 -3.96 15.29
C ASP A 150 5.79 -3.31 15.37
N VAL A 151 5.54 -2.31 14.57
CA VAL A 151 4.21 -1.64 14.61
C VAL A 151 3.19 -2.41 13.77
N VAL A 152 3.60 -3.01 12.69
CA VAL A 152 2.63 -3.75 11.84
C VAL A 152 1.93 -4.82 12.69
N LYS A 153 2.67 -5.52 13.51
CA LYS A 153 2.05 -6.57 14.37
C LYS A 153 1.06 -5.91 15.34
N ALA A 154 1.36 -4.72 15.79
CA ALA A 154 0.45 -4.04 16.75
C ALA A 154 -0.92 -3.80 16.10
N ILE A 155 -0.94 -3.48 14.83
CA ILE A 155 -2.24 -3.24 14.15
C ILE A 155 -2.98 -4.57 13.95
N GLU A 156 -2.26 -5.63 13.69
CA GLU A 156 -2.93 -6.94 13.46
C GLU A 156 -3.40 -7.57 14.77
N LYS A 157 -2.61 -7.49 15.81
CA LYS A 157 -3.04 -8.12 17.10
C LYS A 157 -4.32 -7.45 17.59
N VAL A 158 -4.48 -6.18 17.37
CA VAL A 158 -5.72 -5.49 17.83
C VAL A 158 -6.87 -5.82 16.88
N GLY A 159 -6.56 -6.37 15.73
CA GLY A 159 -7.64 -6.72 14.76
C GLY A 159 -8.39 -7.96 15.25
N SER A 160 -9.50 -8.25 14.63
CA SER A 160 -10.29 -9.44 15.05
C SER A 160 -11.20 -9.88 13.90
N SER A 161 -11.90 -10.97 14.05
CA SER A 161 -12.80 -11.44 12.97
C SER A 161 -13.73 -10.30 12.55
N SER A 162 -14.10 -9.45 13.48
CA SER A 162 -15.00 -8.32 13.13
C SER A 162 -14.40 -7.51 11.99
N GLY A 163 -13.09 -7.42 11.92
CA GLY A 163 -12.44 -6.65 10.82
C GLY A 163 -12.14 -5.22 11.30
N ARG A 164 -12.26 -4.98 12.58
CA ARG A 164 -11.98 -3.61 13.11
C ARG A 164 -10.87 -3.70 14.16
N THR A 165 -10.04 -2.68 14.25
CA THR A 165 -8.94 -2.71 15.26
C THR A 165 -9.49 -2.32 16.63
N ALA A 166 -8.89 -2.81 17.68
CA ALA A 166 -9.37 -2.46 19.04
C ALA A 166 -9.13 -0.98 19.29
N LYS A 167 -8.03 -0.47 18.81
CA LYS A 167 -7.71 0.98 19.00
C LYS A 167 -7.86 1.71 17.66
N LYS A 168 -8.05 3.00 17.69
CA LYS A 168 -8.21 3.75 16.42
C LYS A 168 -6.86 3.81 15.69
N VAL A 169 -6.84 3.48 14.43
CA VAL A 169 -5.55 3.53 13.66
C VAL A 169 -5.71 4.47 12.47
N VAL A 170 -4.86 5.45 12.36
CA VAL A 170 -4.93 6.41 11.23
C VAL A 170 -3.54 6.91 10.91
N VAL A 171 -3.31 7.33 9.69
CA VAL A 171 -1.97 7.81 9.30
C VAL A 171 -1.87 9.30 9.56
N GLU A 172 -0.88 9.71 10.32
CA GLU A 172 -0.71 11.16 10.59
C GLU A 172 -0.38 11.89 9.29
N ASP A 173 0.25 11.21 8.36
CA ASP A 173 0.61 11.88 7.07
C ASP A 173 1.23 10.87 6.10
N CYS A 174 1.58 11.32 4.93
CA CYS A 174 2.21 10.40 3.93
C CYS A 174 3.13 11.21 3.01
N GLY A 175 4.16 10.60 2.49
CA GLY A 175 5.08 11.33 1.58
C GLY A 175 6.16 10.38 1.07
N GLN A 176 7.02 10.87 0.21
CA GLN A 176 8.10 10.00 -0.34
C GLN A 176 9.45 10.40 0.27
N LEU A 177 10.16 9.45 0.82
CA LEU A 177 11.48 9.79 1.43
C LEU A 177 12.41 10.35 0.35
N SER A 178 12.34 9.82 -0.85
CA SER A 178 13.22 10.33 -1.93
C SER A 178 13.14 11.85 -1.98
N GLY A 1 35.64 14.60 -13.44
CA GLY A 1 34.46 14.56 -12.46
C GLY A 1 33.71 13.27 -12.27
N SER A 2 33.27 13.01 -11.07
CA SER A 2 32.51 11.75 -10.81
C SER A 2 31.14 11.83 -11.48
N PHE A 3 30.52 10.71 -11.70
CA PHE A 3 29.18 10.70 -12.34
C PHE A 3 28.15 10.20 -11.32
N THR A 4 27.12 10.95 -11.11
CA THR A 4 26.07 10.52 -10.13
C THR A 4 25.40 9.25 -10.64
N GLY A 5 25.29 9.08 -11.92
CA GLY A 5 24.66 7.86 -12.48
C GLY A 5 23.14 8.03 -12.48
N SER A 6 22.42 6.98 -12.76
CA SER A 6 20.93 7.08 -12.78
C SER A 6 20.41 7.37 -11.37
N MET A 7 19.23 7.92 -11.27
CA MET A 7 18.66 8.23 -9.92
C MET A 7 18.48 6.92 -9.14
N PRO A 8 18.58 6.97 -7.83
CA PRO A 8 18.42 5.77 -6.96
C PRO A 8 16.98 5.25 -6.95
N ASN A 9 16.77 4.09 -6.39
CA ASN A 9 15.40 3.53 -6.35
C ASN A 9 14.52 4.39 -5.44
N PRO A 10 13.24 4.48 -5.72
CA PRO A 10 12.28 5.29 -4.92
C PRO A 10 12.01 4.67 -3.55
N ARG A 11 11.91 5.48 -2.53
CA ARG A 11 11.62 4.94 -1.17
C ARG A 11 10.45 5.73 -0.58
N VAL A 12 9.47 5.05 -0.04
CA VAL A 12 8.29 5.75 0.55
C VAL A 12 7.92 5.13 1.89
N PHE A 13 7.51 5.93 2.84
CA PHE A 13 7.14 5.38 4.18
C PHE A 13 5.97 6.19 4.75
N PHE A 14 5.20 5.59 5.61
CA PHE A 14 4.04 6.31 6.22
C PHE A 14 4.12 6.23 7.74
N ASP A 15 3.84 7.32 8.42
CA ASP A 15 3.89 7.29 9.91
C ASP A 15 2.52 6.83 10.42
N MET A 16 2.49 5.87 11.31
CA MET A 16 1.19 5.37 11.84
C MET A 16 1.10 5.62 13.35
N SER A 17 -0.11 5.74 13.84
CA SER A 17 -0.30 5.97 15.29
C SER A 17 -1.62 5.31 15.73
N VAL A 18 -1.84 5.19 17.00
CA VAL A 18 -3.11 4.54 17.47
C VAL A 18 -3.82 5.46 18.47
N GLY A 19 -5.10 5.63 18.31
CA GLY A 19 -5.85 6.51 19.26
C GLY A 19 -5.21 7.90 19.29
N GLY A 20 -4.39 8.21 18.33
CA GLY A 20 -3.72 9.55 18.30
C GLY A 20 -2.36 9.45 19.01
N GLN A 21 -1.98 8.27 19.41
CA GLN A 21 -0.67 8.10 20.11
C GLN A 21 0.34 7.45 19.14
N PRO A 22 1.37 8.17 18.75
CA PRO A 22 2.39 7.62 17.81
C PRO A 22 2.89 6.24 18.25
N ALA A 23 3.05 5.33 17.32
CA ALA A 23 3.53 3.96 17.67
C ALA A 23 4.93 3.76 17.10
N GLY A 24 5.09 3.86 15.81
CA GLY A 24 6.42 3.67 15.18
C GLY A 24 6.37 4.08 13.71
N ARG A 25 7.39 3.79 12.96
CA ARG A 25 7.40 4.16 11.52
C ARG A 25 7.45 2.90 10.67
N ILE A 26 6.82 2.93 9.52
CA ILE A 26 6.84 1.74 8.61
C ILE A 26 7.45 2.17 7.29
N VAL A 27 8.51 1.52 6.88
CA VAL A 27 9.17 1.89 5.59
C VAL A 27 8.95 0.77 4.58
N MET A 28 8.56 1.11 3.37
CA MET A 28 8.33 0.08 2.33
C MET A 28 9.33 0.28 1.18
N GLU A 29 9.68 -0.78 0.51
CA GLU A 29 10.65 -0.66 -0.62
C GLU A 29 9.91 -0.67 -1.96
N LEU A 30 10.21 0.27 -2.82
CA LEU A 30 9.55 0.32 -4.15
C LEU A 30 10.57 -0.05 -5.23
N PHE A 31 10.26 -0.99 -6.08
CA PHE A 31 11.21 -1.39 -7.15
C PHE A 31 10.82 -0.70 -8.44
N ALA A 32 11.68 0.14 -8.97
CA ALA A 32 11.36 0.84 -10.25
C ALA A 32 11.58 -0.09 -11.43
N ASP A 33 12.65 -0.84 -11.42
CA ASP A 33 12.93 -1.77 -12.56
C ASP A 33 11.84 -2.83 -12.65
N THR A 34 11.48 -3.44 -11.54
CA THR A 34 10.43 -4.49 -11.59
C THR A 34 9.08 -3.87 -11.94
N THR A 35 8.76 -2.75 -11.34
CA THR A 35 7.46 -2.10 -11.64
C THR A 35 7.66 -0.58 -11.65
N PRO A 36 8.17 -0.04 -12.74
CA PRO A 36 8.42 1.42 -12.87
C PRO A 36 7.13 2.25 -12.82
N ARG A 37 6.20 1.94 -13.68
CA ARG A 37 4.92 2.69 -13.72
C ARG A 37 4.17 2.55 -12.39
N THR A 38 4.18 1.39 -11.80
CA THR A 38 3.46 1.21 -10.51
C THR A 38 4.08 2.07 -9.42
N ALA A 39 5.39 2.09 -9.34
CA ALA A 39 6.05 2.92 -8.30
C ALA A 39 5.73 4.39 -8.53
N GLU A 40 5.53 4.77 -9.77
CA GLU A 40 5.21 6.19 -10.07
C GLU A 40 3.80 6.52 -9.60
N ASN A 41 2.86 5.66 -9.85
CA ASN A 41 1.46 5.93 -9.41
C ASN A 41 1.39 6.03 -7.88
N PHE A 42 1.98 5.09 -7.20
CA PHE A 42 1.94 5.13 -5.71
C PHE A 42 2.68 6.37 -5.21
N ARG A 43 3.85 6.61 -5.72
CA ARG A 43 4.63 7.80 -5.27
C ARG A 43 3.82 9.08 -5.52
N ALA A 44 3.11 9.13 -6.61
CA ALA A 44 2.31 10.36 -6.91
C ALA A 44 1.25 10.58 -5.82
N LEU A 45 0.59 9.54 -5.40
CA LEU A 45 -0.45 9.71 -4.34
C LEU A 45 0.21 10.14 -3.03
N CYS A 46 1.36 9.59 -2.73
CA CYS A 46 2.05 9.97 -1.46
C CYS A 46 2.45 11.45 -1.53
N THR A 47 3.17 11.83 -2.56
CA THR A 47 3.59 13.25 -2.68
C THR A 47 2.38 14.11 -3.12
N GLY A 48 1.48 13.54 -3.87
CA GLY A 48 0.29 14.31 -4.32
C GLY A 48 0.67 15.29 -5.43
N GLU A 49 1.55 14.90 -6.32
CA GLU A 49 1.95 15.82 -7.42
C GLU A 49 0.72 16.14 -8.27
N LYS A 50 -0.14 15.18 -8.48
CA LYS A 50 -1.36 15.43 -9.30
C LYS A 50 -2.20 16.51 -8.64
N GLY A 51 -2.21 16.53 -7.33
CA GLY A 51 -3.02 17.56 -6.61
C GLY A 51 -4.47 17.09 -6.52
N THR A 52 -5.26 17.37 -7.53
CA THR A 52 -6.70 16.96 -7.51
C THR A 52 -7.01 16.11 -8.75
N GLY A 53 -7.79 15.08 -8.58
CA GLY A 53 -8.13 14.22 -9.74
C GLY A 53 -8.76 15.07 -10.85
N ARG A 54 -9.53 16.05 -10.48
CA ARG A 54 -10.18 16.93 -11.51
C ARG A 54 -10.14 18.39 -11.03
N SER A 55 -11.26 18.94 -10.68
CA SER A 55 -11.30 20.36 -10.20
C SER A 55 -12.16 20.45 -8.94
N GLY A 56 -12.71 19.35 -8.49
CA GLY A 56 -13.57 19.39 -7.27
C GLY A 56 -13.48 18.05 -6.54
N LYS A 57 -12.29 17.56 -6.32
CA LYS A 57 -12.13 16.26 -5.62
C LYS A 57 -10.65 16.02 -5.34
N PRO A 58 -10.12 16.73 -4.37
CA PRO A 58 -8.68 16.62 -4.00
C PRO A 58 -8.23 15.15 -3.84
N LEU A 59 -7.13 14.80 -4.44
CA LEU A 59 -6.63 13.40 -4.36
C LEU A 59 -5.39 13.35 -3.48
N HIS A 60 -5.44 12.64 -2.39
CA HIS A 60 -4.24 12.55 -1.49
C HIS A 60 -4.36 11.33 -0.58
N TYR A 61 -3.29 10.59 -0.43
CA TYR A 61 -3.33 9.39 0.47
C TYR A 61 -3.00 9.83 1.89
N LYS A 62 -2.81 11.10 2.10
CA LYS A 62 -2.48 11.60 3.45
C LYS A 62 -3.68 11.42 4.39
N ASP A 63 -3.45 11.15 5.63
CA ASP A 63 -4.56 10.96 6.60
C ASP A 63 -5.43 9.78 6.18
N SER A 64 -4.82 8.64 5.92
CA SER A 64 -5.62 7.44 5.51
C SER A 64 -5.86 6.56 6.74
N SER A 65 -6.87 5.73 6.69
CA SER A 65 -7.17 4.84 7.86
C SER A 65 -7.32 3.41 7.37
N PHE A 66 -7.00 2.45 8.19
CA PHE A 66 -7.13 1.03 7.77
C PHE A 66 -8.60 0.63 7.79
N HIS A 67 -9.11 0.13 6.70
CA HIS A 67 -10.55 -0.27 6.65
C HIS A 67 -10.82 -1.38 7.65
N ARG A 68 -10.02 -2.41 7.66
CA ARG A 68 -10.24 -3.53 8.61
C ARG A 68 -8.97 -4.39 8.70
N VAL A 69 -8.86 -5.18 9.72
CA VAL A 69 -7.64 -6.04 9.86
C VAL A 69 -8.06 -7.40 10.42
N ILE A 70 -7.94 -8.43 9.62
CA ILE A 70 -8.32 -9.80 10.09
C ILE A 70 -7.04 -10.63 10.32
N PRO A 71 -6.86 -11.17 11.50
CA PRO A 71 -5.65 -11.97 11.82
C PRO A 71 -5.67 -13.35 11.12
N GLY A 72 -4.55 -13.76 10.59
CA GLY A 72 -4.50 -15.08 9.90
C GLY A 72 -4.73 -14.89 8.40
N PHE A 73 -5.46 -13.87 8.02
CA PHE A 73 -5.72 -13.63 6.57
C PHE A 73 -4.79 -12.53 6.05
N MET A 74 -5.13 -11.29 6.29
CA MET A 74 -4.26 -10.18 5.81
C MET A 74 -4.84 -8.83 6.25
N CYS A 75 -4.32 -7.75 5.72
CA CYS A 75 -4.82 -6.41 6.09
C CYS A 75 -5.24 -5.66 4.82
N GLN A 76 -6.42 -5.09 4.80
CA GLN A 76 -6.89 -4.37 3.59
C GLN A 76 -6.89 -2.85 3.86
N GLY A 77 -6.71 -2.07 2.83
CA GLY A 77 -6.70 -0.58 3.02
C GLY A 77 -6.76 0.09 1.65
N GLY A 78 -6.56 1.38 1.61
CA GLY A 78 -6.59 2.11 0.30
C GLY A 78 -8.02 2.54 0.00
N ASP A 79 -8.85 2.64 0.99
CA ASP A 79 -10.27 3.06 0.76
C ASP A 79 -10.34 4.59 0.72
N PHE A 80 -9.21 5.25 0.64
CA PHE A 80 -9.21 6.74 0.61
C PHE A 80 -10.20 7.23 -0.46
N THR A 81 -10.24 6.60 -1.60
CA THR A 81 -11.18 7.05 -2.66
C THR A 81 -12.62 6.85 -2.18
N ALA A 82 -12.85 5.86 -1.38
CA ALA A 82 -14.24 5.60 -0.88
C ALA A 82 -14.31 4.20 -0.26
N GLY A 83 -13.90 3.21 -1.00
CA GLY A 83 -13.95 1.82 -0.47
C GLY A 83 -15.32 1.19 -0.77
N ASN A 84 -16.17 1.91 -1.45
CA ASN A 84 -17.52 1.36 -1.78
C ASN A 84 -17.45 0.59 -3.09
N GLY A 85 -16.27 0.41 -3.62
CA GLY A 85 -16.13 -0.34 -4.90
C GLY A 85 -16.03 0.65 -6.06
N THR A 86 -16.80 1.71 -6.00
CA THR A 86 -16.75 2.72 -7.10
C THR A 86 -15.45 3.50 -6.99
N GLY A 87 -14.84 3.50 -5.83
CA GLY A 87 -13.57 4.25 -5.64
C GLY A 87 -12.40 3.37 -6.08
N GLY A 88 -11.20 3.76 -5.75
CA GLY A 88 -10.02 2.95 -6.16
C GLY A 88 -9.65 3.29 -7.61
N GLU A 89 -9.64 4.55 -7.93
CA GLU A 89 -9.31 4.96 -9.34
C GLU A 89 -7.82 5.28 -9.43
N SER A 90 -7.19 4.93 -10.53
CA SER A 90 -5.74 5.22 -10.71
C SER A 90 -5.56 6.25 -11.81
N ILE A 91 -4.45 6.94 -11.84
CA ILE A 91 -4.24 7.97 -12.89
C ILE A 91 -4.30 7.30 -14.26
N TYR A 92 -3.89 6.07 -14.36
CA TYR A 92 -3.93 5.36 -15.68
C TYR A 92 -5.38 5.17 -16.11
N GLY A 93 -6.28 5.04 -15.16
CA GLY A 93 -7.71 4.83 -15.52
C GLY A 93 -7.86 3.51 -16.28
N ALA A 94 -7.41 3.45 -17.50
CA ALA A 94 -7.52 2.19 -18.28
C ALA A 94 -6.70 1.11 -17.60
N LYS A 95 -7.18 -0.11 -17.62
CA LYS A 95 -6.42 -1.22 -16.97
C LYS A 95 -5.44 -1.83 -17.97
N PHE A 96 -4.33 -2.33 -17.48
CA PHE A 96 -3.32 -2.95 -18.40
C PHE A 96 -2.92 -4.32 -17.85
N ALA A 97 -2.40 -5.18 -18.69
CA ALA A 97 -2.00 -6.54 -18.23
C ALA A 97 -0.59 -6.49 -17.64
N ASP A 98 -0.33 -7.29 -16.65
CA ASP A 98 1.03 -7.31 -16.03
C ASP A 98 1.98 -8.10 -16.92
N GLU A 99 3.08 -7.51 -17.33
CA GLU A 99 4.03 -8.23 -18.21
C GLU A 99 4.44 -9.55 -17.56
N ASN A 100 4.63 -9.57 -16.27
CA ASN A 100 5.02 -10.84 -15.58
C ASN A 100 4.99 -10.63 -14.07
N PHE A 101 5.37 -11.64 -13.33
CA PHE A 101 5.38 -11.54 -11.84
C PHE A 101 6.51 -12.39 -11.28
N ILE A 102 7.73 -12.07 -11.62
CA ILE A 102 8.88 -12.86 -11.12
C ILE A 102 8.93 -12.85 -9.60
N LYS A 103 8.60 -11.74 -9.00
CA LYS A 103 8.63 -11.67 -7.50
C LYS A 103 7.31 -12.18 -6.92
N LYS A 104 7.37 -12.93 -5.85
CA LYS A 104 6.13 -13.46 -5.22
C LYS A 104 6.15 -13.15 -3.72
N HIS A 105 5.16 -13.61 -3.01
CA HIS A 105 5.11 -13.35 -1.53
C HIS A 105 5.38 -14.65 -0.78
N THR A 106 6.59 -14.83 -0.30
CA THR A 106 6.93 -16.07 0.44
C THR A 106 7.07 -15.76 1.94
N GLY A 107 6.89 -14.53 2.31
CA GLY A 107 7.01 -14.16 3.76
C GLY A 107 6.03 -13.02 4.06
N PRO A 108 5.87 -12.71 5.32
CA PRO A 108 4.95 -11.62 5.78
C PRO A 108 5.52 -10.22 5.48
N GLY A 109 4.67 -9.24 5.37
CA GLY A 109 5.16 -7.86 5.09
C GLY A 109 5.40 -7.68 3.59
N ILE A 110 4.48 -8.12 2.77
CA ILE A 110 4.65 -7.96 1.29
C ILE A 110 3.54 -7.06 0.75
N LEU A 111 3.88 -6.11 -0.10
CA LEU A 111 2.85 -5.20 -0.66
C LEU A 111 2.34 -5.79 -1.98
N SER A 112 1.04 -5.86 -2.13
CA SER A 112 0.46 -6.41 -3.40
C SER A 112 -0.80 -5.64 -3.76
N MET A 113 -1.02 -5.40 -5.03
CA MET A 113 -2.24 -4.66 -5.44
C MET A 113 -3.42 -5.63 -5.52
N ALA A 114 -4.53 -5.29 -4.92
CA ALA A 114 -5.71 -6.19 -4.97
C ALA A 114 -6.22 -6.31 -6.41
N ASN A 115 -6.64 -7.47 -6.81
CA ASN A 115 -7.15 -7.66 -8.19
C ASN A 115 -8.27 -8.70 -8.18
N ALA A 116 -9.47 -8.28 -8.46
CA ALA A 116 -10.60 -9.24 -8.46
C ALA A 116 -10.45 -10.21 -9.63
N GLY A 117 -9.84 -9.75 -10.69
CA GLY A 117 -9.65 -10.64 -11.89
C GLY A 117 -8.23 -10.46 -12.41
N PRO A 118 -7.81 -11.35 -13.29
CA PRO A 118 -6.44 -11.29 -13.90
C PRO A 118 -6.26 -10.08 -14.81
N ASN A 119 -5.05 -9.65 -15.00
CA ASN A 119 -4.80 -8.47 -15.87
C ASN A 119 -5.64 -7.29 -15.38
N THR A 120 -5.64 -7.06 -14.10
CA THR A 120 -6.42 -5.93 -13.53
C THR A 120 -5.56 -5.18 -12.53
N ASN A 121 -5.42 -3.90 -12.70
CA ASN A 121 -4.59 -3.09 -11.77
C ASN A 121 -5.50 -2.37 -10.76
N GLY A 122 -5.51 -2.81 -9.54
CA GLY A 122 -6.37 -2.16 -8.52
C GLY A 122 -5.53 -1.18 -7.68
N SER A 123 -5.96 0.05 -7.59
CA SER A 123 -5.19 1.05 -6.81
C SER A 123 -5.16 0.62 -5.33
N GLN A 124 -6.15 -0.13 -4.91
CA GLN A 124 -6.18 -0.59 -3.49
C GLN A 124 -5.13 -1.68 -3.29
N PHE A 125 -4.56 -1.76 -2.11
CA PHE A 125 -3.52 -2.80 -1.84
C PHE A 125 -3.78 -3.43 -0.48
N PHE A 126 -3.21 -4.58 -0.22
CA PHE A 126 -3.41 -5.25 1.09
C PHE A 126 -2.08 -5.79 1.61
N ILE A 127 -1.98 -6.06 2.88
CA ILE A 127 -0.71 -6.60 3.45
C ILE A 127 -0.94 -8.01 3.99
N CYS A 128 -0.10 -8.94 3.62
CA CYS A 128 -0.27 -10.34 4.11
C CYS A 128 0.72 -10.60 5.25
N THR A 129 0.24 -10.60 6.46
CA THR A 129 1.15 -10.85 7.62
C THR A 129 1.32 -12.36 7.82
N ALA A 130 0.69 -13.15 6.98
CA ALA A 130 0.81 -14.63 7.13
C ALA A 130 0.81 -15.27 5.73
N LYS A 131 1.26 -16.49 5.64
CA LYS A 131 1.29 -17.18 4.32
C LYS A 131 -0.13 -17.61 3.94
N THR A 132 -0.42 -17.68 2.66
CA THR A 132 -1.78 -18.10 2.22
C THR A 132 -1.66 -19.35 1.35
N GLU A 133 -2.74 -20.08 1.19
CA GLU A 133 -2.68 -21.32 0.35
C GLU A 133 -4.09 -21.69 -0.10
N TRP A 134 -5.05 -21.63 0.78
CA TRP A 134 -6.45 -22.00 0.39
C TRP A 134 -7.04 -20.88 -0.47
N LEU A 135 -6.37 -19.76 -0.56
CA LEU A 135 -6.89 -18.64 -1.39
C LEU A 135 -6.98 -19.12 -2.85
N ASP A 136 -6.07 -19.97 -3.25
CA ASP A 136 -6.11 -20.47 -4.65
C ASP A 136 -6.26 -19.30 -5.62
N GLY A 137 -5.44 -18.29 -5.49
CA GLY A 137 -5.52 -17.12 -6.39
C GLY A 137 -4.12 -16.60 -6.66
N LYS A 138 -3.96 -15.80 -7.68
CA LYS A 138 -2.62 -15.24 -8.01
C LYS A 138 -2.50 -13.83 -7.41
N HIS A 139 -1.33 -13.49 -6.93
CA HIS A 139 -1.12 -12.14 -6.33
C HIS A 139 0.12 -11.49 -6.96
N VAL A 140 0.10 -10.19 -7.12
CA VAL A 140 1.27 -9.49 -7.73
C VAL A 140 1.94 -8.60 -6.66
N VAL A 141 3.24 -8.65 -6.58
CA VAL A 141 3.95 -7.82 -5.57
C VAL A 141 4.67 -6.66 -6.26
N PHE A 142 4.46 -5.45 -5.81
CA PHE A 142 5.14 -4.27 -6.43
C PHE A 142 6.14 -3.67 -5.44
N GLY A 143 6.22 -4.23 -4.27
CA GLY A 143 7.17 -3.69 -3.24
C GLY A 143 7.23 -4.64 -2.04
N GLN A 144 8.10 -4.39 -1.11
CA GLN A 144 8.21 -5.27 0.08
C GLN A 144 8.41 -4.44 1.35
N VAL A 145 8.23 -5.02 2.50
CA VAL A 145 8.42 -4.26 3.77
C VAL A 145 9.82 -4.51 4.31
N VAL A 146 10.54 -3.47 4.64
CA VAL A 146 11.91 -3.64 5.20
C VAL A 146 11.90 -3.34 6.70
N GLU A 147 11.02 -2.47 7.13
CA GLU A 147 10.96 -2.12 8.59
C GLU A 147 9.51 -1.91 8.99
N GLY A 148 9.26 -1.77 10.27
CA GLY A 148 7.85 -1.55 10.73
C GLY A 148 7.25 -2.87 11.20
N MET A 149 8.02 -3.93 11.21
CA MET A 149 7.47 -5.24 11.66
C MET A 149 7.00 -5.13 13.12
N ASP A 150 7.67 -4.34 13.91
CA ASP A 150 7.24 -4.21 15.34
C ASP A 150 5.86 -3.57 15.42
N VAL A 151 5.61 -2.56 14.65
CA VAL A 151 4.27 -1.88 14.69
C VAL A 151 3.25 -2.65 13.84
N VAL A 152 3.68 -3.25 12.76
CA VAL A 152 2.71 -3.99 11.91
C VAL A 152 1.98 -5.03 12.75
N LYS A 153 2.68 -5.71 13.61
CA LYS A 153 2.01 -6.73 14.48
C LYS A 153 1.00 -6.02 15.39
N ALA A 154 1.31 -4.83 15.82
CA ALA A 154 0.38 -4.10 16.72
C ALA A 154 -0.94 -3.83 16.00
N ILE A 155 -0.88 -3.55 14.72
CA ILE A 155 -2.12 -3.27 13.96
C ILE A 155 -2.94 -4.57 13.79
N GLU A 156 -2.29 -5.67 13.57
CA GLU A 156 -3.04 -6.95 13.38
C GLU A 156 -3.55 -7.52 14.70
N LYS A 157 -2.77 -7.46 15.75
CA LYS A 157 -3.24 -8.04 17.04
C LYS A 157 -4.50 -7.32 17.52
N VAL A 158 -4.61 -6.04 17.26
CA VAL A 158 -5.83 -5.30 17.71
C VAL A 158 -7.00 -5.65 16.79
N GLY A 159 -6.72 -6.12 15.61
CA GLY A 159 -7.81 -6.48 14.67
C GLY A 159 -8.52 -7.74 15.14
N SER A 160 -9.67 -8.03 14.60
CA SER A 160 -10.42 -9.25 15.02
C SER A 160 -11.29 -9.73 13.86
N SER A 161 -11.89 -10.88 13.98
CA SER A 161 -12.75 -11.40 12.88
C SER A 161 -13.79 -10.34 12.52
N SER A 162 -14.22 -9.57 13.48
CA SER A 162 -15.24 -8.52 13.20
C SER A 162 -14.71 -7.59 12.10
N GLY A 163 -13.42 -7.41 12.05
CA GLY A 163 -12.83 -6.51 10.99
C GLY A 163 -12.60 -5.12 11.58
N ARG A 164 -12.77 -4.97 12.87
CA ARG A 164 -12.55 -3.64 13.52
C ARG A 164 -11.46 -3.76 14.58
N THR A 165 -10.65 -2.75 14.73
CA THR A 165 -9.57 -2.81 15.75
C THR A 165 -10.06 -2.24 17.08
N ALA A 166 -9.44 -2.62 18.16
CA ALA A 166 -9.88 -2.11 19.50
C ALA A 166 -9.62 -0.60 19.56
N LYS A 167 -8.58 -0.14 18.94
CA LYS A 167 -8.25 1.32 18.98
C LYS A 167 -8.27 1.90 17.56
N LYS A 168 -8.39 3.19 17.45
CA LYS A 168 -8.41 3.83 16.10
C LYS A 168 -6.98 4.02 15.59
N VAL A 169 -6.77 3.89 14.30
CA VAL A 169 -5.41 4.06 13.73
C VAL A 169 -5.46 4.97 12.50
N VAL A 170 -4.67 6.00 12.47
CA VAL A 170 -4.68 6.93 11.30
C VAL A 170 -3.22 7.30 10.94
N VAL A 171 -2.91 7.36 9.68
CA VAL A 171 -1.51 7.72 9.29
C VAL A 171 -1.25 9.18 9.67
N GLU A 172 -0.23 9.44 10.44
CA GLU A 172 0.07 10.85 10.84
C GLU A 172 0.55 11.66 9.63
N ASP A 173 1.34 11.07 8.77
CA ASP A 173 1.84 11.84 7.59
C ASP A 173 2.49 10.89 6.59
N CYS A 174 2.77 11.37 5.40
CA CYS A 174 3.42 10.51 4.37
C CYS A 174 4.49 11.32 3.63
N GLY A 175 5.52 10.68 3.16
CA GLY A 175 6.60 11.42 2.45
C GLY A 175 7.49 10.44 1.69
N GLN A 176 8.45 10.95 0.95
CA GLN A 176 9.36 10.05 0.18
C GLN A 176 10.76 10.07 0.80
N LEU A 177 11.20 8.98 1.36
CA LEU A 177 12.56 8.96 1.97
C LEU A 177 13.61 9.18 0.87
N SER A 178 13.41 8.62 -0.29
CA SER A 178 14.38 8.80 -1.40
C SER A 178 15.80 8.62 -0.86
N GLY A 1 34.31 17.70 -13.80
CA GLY A 1 33.06 16.84 -13.95
C GLY A 1 32.67 15.92 -12.84
N SER A 2 31.39 15.75 -12.63
CA SER A 2 30.94 14.83 -11.53
C SER A 2 30.16 13.66 -12.14
N PHE A 3 30.31 12.49 -11.58
CA PHE A 3 29.59 11.31 -12.13
C PHE A 3 28.35 11.04 -11.28
N THR A 4 27.19 11.42 -11.77
CA THR A 4 25.94 11.20 -11.00
C THR A 4 25.66 9.70 -10.87
N GLY A 5 25.85 8.96 -11.94
CA GLY A 5 25.58 7.50 -11.88
C GLY A 5 24.09 7.24 -12.09
N SER A 6 23.66 6.03 -11.89
CA SER A 6 22.22 5.71 -12.09
C SER A 6 21.42 6.24 -10.89
N MET A 7 20.14 6.43 -11.06
CA MET A 7 19.30 6.95 -9.94
C MET A 7 19.00 5.81 -8.96
N PRO A 8 18.87 6.11 -7.70
CA PRO A 8 18.58 5.08 -6.64
C PRO A 8 17.14 4.57 -6.74
N ASN A 9 16.84 3.51 -6.05
CA ASN A 9 15.45 2.95 -6.08
C ASN A 9 14.53 3.86 -5.26
N PRO A 10 13.27 3.94 -5.64
CA PRO A 10 12.27 4.78 -4.92
C PRO A 10 11.98 4.26 -3.51
N ARG A 11 11.83 5.15 -2.56
CA ARG A 11 11.53 4.71 -1.17
C ARG A 11 10.38 5.55 -0.62
N VAL A 12 9.39 4.92 -0.05
CA VAL A 12 8.23 5.67 0.51
C VAL A 12 7.83 5.06 1.86
N PHE A 13 7.44 5.88 2.79
CA PHE A 13 7.03 5.34 4.13
C PHE A 13 5.85 6.16 4.67
N PHE A 14 5.04 5.56 5.50
CA PHE A 14 3.88 6.30 6.08
C PHE A 14 3.91 6.21 7.61
N ASP A 15 3.58 7.27 8.28
CA ASP A 15 3.59 7.25 9.78
C ASP A 15 2.24 6.72 10.27
N MET A 16 2.24 5.75 11.14
CA MET A 16 0.95 5.20 11.66
C MET A 16 0.81 5.49 13.15
N SER A 17 -0.40 5.56 13.63
CA SER A 17 -0.64 5.84 15.07
C SER A 17 -1.93 5.16 15.52
N VAL A 18 -2.13 5.02 16.80
CA VAL A 18 -3.38 4.36 17.29
C VAL A 18 -4.07 5.26 18.31
N GLY A 19 -5.38 5.27 18.32
CA GLY A 19 -6.12 6.12 19.29
C GLY A 19 -5.54 7.54 19.28
N GLY A 20 -4.71 7.84 18.33
CA GLY A 20 -4.10 9.20 18.27
C GLY A 20 -2.73 9.18 18.92
N GLN A 21 -2.43 8.15 19.66
CA GLN A 21 -1.11 8.07 20.33
C GLN A 21 -0.07 7.53 19.34
N PRO A 22 1.17 7.92 19.46
CA PRO A 22 2.25 7.45 18.54
C PRO A 22 2.46 5.94 18.63
N ALA A 23 2.60 5.29 17.51
CA ALA A 23 2.82 3.81 17.51
C ALA A 23 4.21 3.50 16.99
N GLY A 24 4.45 3.73 15.73
CA GLY A 24 5.79 3.44 15.15
C GLY A 24 5.84 3.89 13.69
N ARG A 25 6.89 3.56 12.99
CA ARG A 25 7.00 3.97 11.56
C ARG A 25 7.20 2.73 10.69
N ILE A 26 6.61 2.71 9.52
CA ILE A 26 6.77 1.53 8.62
C ILE A 26 7.41 1.99 7.31
N VAL A 27 8.42 1.30 6.86
CA VAL A 27 9.08 1.68 5.58
C VAL A 27 8.83 0.61 4.53
N MET A 28 8.44 0.99 3.35
CA MET A 28 8.18 -0.01 2.28
C MET A 28 9.14 0.23 1.11
N GLU A 29 9.51 -0.80 0.40
CA GLU A 29 10.44 -0.63 -0.74
C GLU A 29 9.66 -0.68 -2.05
N LEU A 30 9.90 0.27 -2.92
CA LEU A 30 9.19 0.30 -4.23
C LEU A 30 10.15 -0.17 -5.33
N PHE A 31 9.74 -1.12 -6.13
CA PHE A 31 10.62 -1.61 -7.23
C PHE A 31 10.25 -0.91 -8.53
N ALA A 32 11.19 -0.21 -9.12
CA ALA A 32 10.90 0.50 -10.40
C ALA A 32 11.01 -0.47 -11.56
N ASP A 33 12.00 -1.32 -11.55
CA ASP A 33 12.18 -2.28 -12.68
C ASP A 33 11.06 -3.33 -12.69
N THR A 34 10.73 -3.86 -11.55
CA THR A 34 9.67 -4.91 -11.50
C THR A 34 8.31 -4.30 -11.84
N THR A 35 7.98 -3.17 -11.29
CA THR A 35 6.66 -2.54 -11.59
C THR A 35 6.75 -1.04 -11.33
N PRO A 36 7.21 -0.28 -12.29
CA PRO A 36 7.35 1.19 -12.14
C PRO A 36 6.01 1.92 -12.25
N ARG A 37 5.14 1.45 -13.10
CA ARG A 37 3.81 2.12 -13.24
C ARG A 37 3.05 2.06 -11.90
N THR A 38 3.11 0.94 -11.24
CA THR A 38 2.38 0.82 -9.93
C THR A 38 3.00 1.75 -8.89
N ALA A 39 4.30 1.86 -8.87
CA ALA A 39 4.95 2.76 -7.88
C ALA A 39 4.46 4.19 -8.09
N GLU A 40 4.17 4.56 -9.30
CA GLU A 40 3.69 5.95 -9.57
C GLU A 40 2.28 6.14 -9.00
N ASN A 41 1.46 5.11 -9.06
CA ASN A 41 0.08 5.25 -8.52
C ASN A 41 0.14 5.64 -7.04
N PHE A 42 1.01 5.04 -6.28
CA PHE A 42 1.11 5.38 -4.84
C PHE A 42 2.03 6.59 -4.66
N ARG A 43 3.18 6.56 -5.27
CA ARG A 43 4.14 7.70 -5.13
C ARG A 43 3.46 9.00 -5.58
N ALA A 44 2.74 8.96 -6.67
CA ALA A 44 2.06 10.20 -7.16
C ALA A 44 0.93 10.60 -6.21
N LEU A 45 0.13 9.66 -5.79
CA LEU A 45 -1.00 10.00 -4.88
C LEU A 45 -0.43 10.57 -3.57
N CYS A 46 0.68 10.07 -3.11
CA CYS A 46 1.28 10.59 -1.85
C CYS A 46 2.03 11.89 -2.13
N THR A 47 2.88 11.89 -3.12
CA THR A 47 3.64 13.13 -3.45
C THR A 47 2.68 14.19 -4.00
N GLY A 48 1.69 13.78 -4.74
CA GLY A 48 0.72 14.75 -5.31
C GLY A 48 1.35 15.49 -6.48
N GLU A 49 2.27 14.87 -7.17
CA GLU A 49 2.91 15.57 -8.33
C GLU A 49 1.84 15.91 -9.37
N LYS A 50 0.89 15.03 -9.57
CA LYS A 50 -0.18 15.31 -10.56
C LYS A 50 -0.97 16.55 -10.11
N GLY A 51 -1.06 16.77 -8.84
CA GLY A 51 -1.82 17.94 -8.32
C GLY A 51 -3.23 17.50 -7.93
N THR A 52 -4.23 18.05 -8.55
CA THR A 52 -5.64 17.66 -8.23
C THR A 52 -6.36 17.26 -9.51
N GLY A 53 -7.19 16.25 -9.44
CA GLY A 53 -7.94 15.82 -10.65
C GLY A 53 -8.72 17.02 -11.22
N ARG A 54 -8.68 17.21 -12.51
CA ARG A 54 -9.40 18.37 -13.11
C ARG A 54 -10.90 18.29 -12.79
N SER A 55 -11.45 17.10 -12.78
CA SER A 55 -12.90 16.97 -12.47
C SER A 55 -13.20 17.54 -11.07
N GLY A 56 -12.25 17.44 -10.18
CA GLY A 56 -12.47 17.96 -8.80
C GLY A 56 -12.32 16.80 -7.81
N LYS A 57 -11.16 16.64 -7.25
CA LYS A 57 -10.92 15.54 -6.29
C LYS A 57 -9.48 15.64 -5.78
N PRO A 58 -9.24 16.50 -4.84
CA PRO A 58 -7.89 16.72 -4.28
C PRO A 58 -7.16 15.41 -3.98
N LEU A 59 -5.97 15.28 -4.48
CA LEU A 59 -5.18 14.04 -4.26
C LEU A 59 -4.32 14.17 -3.00
N HIS A 60 -4.47 13.26 -2.07
CA HIS A 60 -3.66 13.33 -0.83
C HIS A 60 -3.68 11.96 -0.13
N TYR A 61 -2.68 11.16 -0.36
CA TYR A 61 -2.66 9.82 0.29
C TYR A 61 -2.74 9.99 1.80
N LYS A 62 -2.16 11.04 2.30
CA LYS A 62 -2.18 11.30 3.77
C LYS A 62 -3.61 11.11 4.29
N ASP A 63 -3.74 10.93 5.58
CA ASP A 63 -5.10 10.74 6.19
C ASP A 63 -5.76 9.48 5.63
N SER A 64 -5.06 8.38 5.63
CA SER A 64 -5.68 7.11 5.12
C SER A 64 -6.03 6.24 6.32
N SER A 65 -7.12 5.51 6.25
CA SER A 65 -7.53 4.65 7.40
C SER A 65 -7.68 3.20 6.96
N PHE A 66 -7.40 2.27 7.85
CA PHE A 66 -7.53 0.83 7.49
C PHE A 66 -8.97 0.38 7.77
N HIS A 67 -9.60 -0.26 6.83
CA HIS A 67 -11.02 -0.70 7.03
C HIS A 67 -11.07 -2.10 7.61
N ARG A 68 -10.09 -2.93 7.34
CA ARG A 68 -10.12 -4.32 7.90
C ARG A 68 -8.75 -4.69 8.48
N VAL A 69 -8.74 -5.51 9.50
CA VAL A 69 -7.45 -5.92 10.12
C VAL A 69 -7.64 -7.28 10.80
N ILE A 70 -7.91 -8.30 10.04
CA ILE A 70 -8.10 -9.64 10.64
C ILE A 70 -6.75 -10.35 10.80
N PRO A 71 -6.47 -10.90 11.96
CA PRO A 71 -5.19 -11.61 12.22
C PRO A 71 -5.10 -12.95 11.48
N GLY A 72 -3.92 -13.34 11.08
CA GLY A 72 -3.77 -14.63 10.35
C GLY A 72 -4.08 -14.44 8.87
N PHE A 73 -5.27 -13.98 8.55
CA PHE A 73 -5.63 -13.78 7.12
C PHE A 73 -4.83 -12.60 6.55
N MET A 74 -5.31 -11.39 6.76
CA MET A 74 -4.56 -10.21 6.23
C MET A 74 -5.32 -8.93 6.57
N CYS A 75 -4.88 -7.81 6.06
CA CYS A 75 -5.56 -6.52 6.33
C CYS A 75 -5.88 -5.85 4.98
N GLN A 76 -7.05 -5.29 4.85
CA GLN A 76 -7.42 -4.62 3.56
C GLN A 76 -7.64 -3.13 3.79
N GLY A 77 -7.44 -2.35 2.76
CA GLY A 77 -7.64 -0.87 2.91
C GLY A 77 -7.76 -0.25 1.52
N GLY A 78 -7.81 1.05 1.44
CA GLY A 78 -7.93 1.71 0.11
C GLY A 78 -7.49 3.17 0.22
N ASP A 79 -7.58 3.90 -0.86
CA ASP A 79 -7.16 5.33 -0.82
C ASP A 79 -8.12 6.12 0.08
N PHE A 80 -7.67 7.21 0.63
CA PHE A 80 -8.54 8.02 1.52
C PHE A 80 -9.79 8.47 0.75
N THR A 81 -9.91 8.10 -0.49
CA THR A 81 -11.10 8.51 -1.28
C THR A 81 -12.36 7.90 -0.67
N ALA A 82 -12.25 6.72 -0.10
CA ALA A 82 -13.44 6.08 0.52
C ALA A 82 -13.10 4.64 0.88
N GLY A 83 -12.61 3.88 -0.07
CA GLY A 83 -12.26 2.46 0.21
C GLY A 83 -13.51 1.57 0.03
N ASN A 84 -14.59 2.16 -0.37
CA ASN A 84 -15.84 1.36 -0.57
C ASN A 84 -15.85 0.75 -1.98
N GLY A 85 -14.77 0.91 -2.70
CA GLY A 85 -14.72 0.36 -4.08
C GLY A 85 -14.96 1.48 -5.09
N THR A 86 -15.89 2.35 -4.80
CA THR A 86 -16.16 3.47 -5.74
C THR A 86 -14.99 4.45 -5.70
N GLY A 87 -14.29 4.51 -4.60
CA GLY A 87 -13.13 5.43 -4.48
C GLY A 87 -11.89 4.73 -5.02
N GLY A 88 -10.72 5.28 -4.79
CA GLY A 88 -9.47 4.65 -5.30
C GLY A 88 -9.28 5.04 -6.75
N GLU A 89 -9.49 6.28 -7.07
CA GLU A 89 -9.31 6.73 -8.49
C GLU A 89 -7.88 6.42 -8.93
N SER A 90 -7.69 6.05 -10.18
CA SER A 90 -6.33 5.74 -10.67
C SER A 90 -5.92 6.78 -11.72
N ILE A 91 -4.66 7.09 -11.81
CA ILE A 91 -4.20 8.10 -12.80
C ILE A 91 -4.23 7.50 -14.21
N TYR A 92 -3.95 6.23 -14.33
CA TYR A 92 -3.96 5.59 -15.68
C TYR A 92 -5.38 5.59 -16.24
N GLY A 93 -6.35 5.30 -15.42
CA GLY A 93 -7.76 5.27 -15.92
C GLY A 93 -7.96 4.06 -16.81
N ALA A 94 -7.00 3.17 -16.85
CA ALA A 94 -7.12 1.96 -17.71
C ALA A 94 -6.30 0.82 -17.11
N LYS A 95 -6.59 -0.39 -17.48
CA LYS A 95 -5.82 -1.55 -16.93
C LYS A 95 -4.52 -1.73 -17.72
N PHE A 96 -3.48 -2.15 -17.07
CA PHE A 96 -2.17 -2.35 -17.77
C PHE A 96 -1.54 -3.67 -17.29
N ALA A 97 -0.63 -4.21 -18.06
CA ALA A 97 0.03 -5.48 -17.65
C ALA A 97 1.44 -5.19 -17.13
N ASP A 98 1.89 -5.92 -16.14
CA ASP A 98 3.25 -5.68 -15.60
C ASP A 98 4.29 -6.33 -16.52
N GLU A 99 5.29 -5.59 -16.92
CA GLU A 99 6.32 -6.17 -17.82
C GLU A 99 7.01 -7.36 -17.13
N ASN A 100 7.24 -7.27 -15.85
CA ASN A 100 7.91 -8.38 -15.11
C ASN A 100 7.04 -8.84 -13.94
N PHE A 101 7.03 -10.12 -13.66
CA PHE A 101 6.20 -10.63 -12.53
C PHE A 101 6.98 -11.76 -11.85
N ILE A 102 8.28 -11.80 -12.04
CA ILE A 102 9.10 -12.87 -11.41
C ILE A 102 8.98 -12.80 -9.89
N LYS A 103 8.84 -11.62 -9.34
CA LYS A 103 8.72 -11.51 -7.85
C LYS A 103 7.29 -11.84 -7.42
N LYS A 104 7.14 -12.61 -6.39
CA LYS A 104 5.77 -12.97 -5.91
C LYS A 104 5.75 -12.94 -4.38
N HIS A 105 4.63 -13.26 -3.79
CA HIS A 105 4.54 -13.24 -2.30
C HIS A 105 5.29 -14.47 -1.74
N THR A 106 6.57 -14.34 -1.51
CA THR A 106 7.34 -15.50 -0.97
C THR A 106 7.02 -15.69 0.51
N GLY A 107 6.62 -14.64 1.18
CA GLY A 107 6.30 -14.76 2.63
C GLY A 107 5.49 -13.54 3.08
N PRO A 108 5.35 -13.35 4.37
CA PRO A 108 4.59 -12.21 4.93
C PRO A 108 5.38 -10.89 4.86
N GLY A 109 4.70 -9.78 4.86
CA GLY A 109 5.41 -8.47 4.79
C GLY A 109 5.63 -8.08 3.32
N ILE A 110 4.81 -8.58 2.43
CA ILE A 110 4.97 -8.25 0.98
C ILE A 110 3.76 -7.40 0.54
N LEU A 111 4.00 -6.36 -0.22
CA LEU A 111 2.88 -5.51 -0.70
C LEU A 111 2.34 -6.07 -2.01
N SER A 112 1.05 -6.20 -2.13
CA SER A 112 0.47 -6.75 -3.39
C SER A 112 -0.88 -6.08 -3.66
N MET A 113 -1.15 -5.76 -4.90
CA MET A 113 -2.44 -5.11 -5.23
C MET A 113 -3.49 -6.18 -5.53
N ALA A 114 -4.70 -6.00 -5.06
CA ALA A 114 -5.75 -7.02 -5.33
C ALA A 114 -5.96 -7.15 -6.85
N ASN A 115 -6.11 -8.35 -7.34
CA ASN A 115 -6.32 -8.52 -8.81
C ASN A 115 -7.20 -9.76 -9.04
N ALA A 116 -8.38 -9.55 -9.53
CA ALA A 116 -9.28 -10.71 -9.79
C ALA A 116 -8.71 -11.53 -10.95
N GLY A 117 -8.03 -10.89 -11.85
CA GLY A 117 -7.42 -11.61 -13.01
C GLY A 117 -6.01 -11.07 -13.26
N PRO A 118 -5.26 -11.74 -14.10
CA PRO A 118 -3.86 -11.32 -14.42
C PRO A 118 -3.83 -10.00 -15.21
N ASN A 119 -2.73 -9.30 -15.12
CA ASN A 119 -2.63 -8.00 -15.84
C ASN A 119 -3.80 -7.10 -15.46
N THR A 120 -4.12 -7.04 -14.20
CA THR A 120 -5.25 -6.19 -13.75
C THR A 120 -4.81 -5.41 -12.51
N ASN A 121 -4.97 -4.12 -12.53
CA ASN A 121 -4.58 -3.28 -11.36
C ASN A 121 -5.81 -2.99 -10.50
N GLY A 122 -5.91 -3.62 -9.36
CA GLY A 122 -7.10 -3.38 -8.49
C GLY A 122 -6.87 -2.10 -7.68
N SER A 123 -7.89 -1.27 -7.58
CA SER A 123 -7.74 -0.01 -6.81
C SER A 123 -7.49 -0.34 -5.34
N GLN A 124 -7.90 -1.50 -4.90
CA GLN A 124 -7.69 -1.89 -3.47
C GLN A 124 -6.53 -2.88 -3.38
N PHE A 125 -5.84 -2.89 -2.27
CA PHE A 125 -4.69 -3.84 -2.09
C PHE A 125 -4.74 -4.45 -0.70
N PHE A 126 -4.06 -5.54 -0.49
CA PHE A 126 -4.07 -6.20 0.86
C PHE A 126 -2.65 -6.61 1.24
N ILE A 127 -2.40 -6.75 2.51
CA ILE A 127 -1.04 -7.16 2.97
C ILE A 127 -1.14 -8.44 3.80
N CYS A 128 -0.31 -9.41 3.52
CA CYS A 128 -0.37 -10.69 4.30
C CYS A 128 0.72 -10.69 5.38
N THR A 129 0.33 -10.76 6.63
CA THR A 129 1.34 -10.75 7.72
C THR A 129 1.65 -12.19 8.13
N ALA A 130 1.11 -13.15 7.43
CA ALA A 130 1.38 -14.57 7.78
C ALA A 130 1.36 -15.43 6.51
N LYS A 131 2.03 -16.55 6.52
CA LYS A 131 2.05 -17.42 5.31
C LYS A 131 0.68 -18.10 5.16
N THR A 132 0.18 -18.16 3.96
CA THR A 132 -1.16 -18.81 3.74
C THR A 132 -1.01 -19.93 2.72
N GLU A 133 -1.95 -20.84 2.67
CA GLU A 133 -1.87 -21.97 1.70
C GLU A 133 -2.84 -21.74 0.54
N TRP A 134 -4.11 -21.92 0.77
CA TRP A 134 -5.11 -21.72 -0.31
C TRP A 134 -5.09 -20.27 -0.79
N LEU A 135 -5.07 -19.34 0.13
CA LEU A 135 -5.05 -17.90 -0.27
C LEU A 135 -3.80 -17.60 -1.09
N ASP A 136 -2.72 -18.27 -0.81
CA ASP A 136 -1.45 -18.01 -1.56
C ASP A 136 -1.70 -18.20 -3.05
N GLY A 137 -1.18 -17.30 -3.85
CA GLY A 137 -1.37 -17.41 -5.33
C GLY A 137 -0.33 -16.52 -6.01
N LYS A 138 -0.54 -16.18 -7.24
CA LYS A 138 0.44 -15.31 -7.96
C LYS A 138 0.63 -14.00 -7.18
N HIS A 139 -0.45 -13.45 -6.68
CA HIS A 139 -0.35 -12.18 -5.89
C HIS A 139 0.69 -11.25 -6.51
N VAL A 140 0.29 -10.35 -7.36
CA VAL A 140 1.27 -9.42 -7.98
C VAL A 140 1.94 -8.60 -6.88
N VAL A 141 3.23 -8.49 -6.89
CA VAL A 141 3.95 -7.70 -5.83
C VAL A 141 4.55 -6.45 -6.44
N PHE A 142 4.28 -5.30 -5.85
CA PHE A 142 4.85 -4.04 -6.39
C PHE A 142 5.81 -3.42 -5.36
N GLY A 143 5.94 -4.04 -4.21
CA GLY A 143 6.87 -3.50 -3.17
C GLY A 143 7.07 -4.55 -2.06
N GLN A 144 7.97 -4.28 -1.15
CA GLN A 144 8.23 -5.24 -0.04
C GLN A 144 8.44 -4.47 1.26
N VAL A 145 8.30 -5.12 2.39
CA VAL A 145 8.47 -4.41 3.69
C VAL A 145 9.90 -4.66 4.21
N VAL A 146 10.58 -3.61 4.60
CA VAL A 146 11.97 -3.78 5.13
C VAL A 146 11.97 -3.47 6.63
N GLU A 147 11.07 -2.63 7.08
CA GLU A 147 11.03 -2.29 8.53
C GLU A 147 9.57 -2.09 8.96
N GLY A 148 9.33 -2.00 10.24
CA GLY A 148 7.93 -1.80 10.72
C GLY A 148 7.30 -3.14 11.11
N MET A 149 8.08 -4.19 11.09
CA MET A 149 7.53 -5.53 11.45
C MET A 149 6.99 -5.49 12.89
N ASP A 150 7.59 -4.71 13.74
CA ASP A 150 7.10 -4.65 15.15
C ASP A 150 5.70 -4.03 15.20
N VAL A 151 5.48 -2.98 14.45
CA VAL A 151 4.13 -2.32 14.47
C VAL A 151 3.16 -3.08 13.56
N VAL A 152 3.63 -3.62 12.47
CA VAL A 152 2.70 -4.33 11.55
C VAL A 152 1.89 -5.34 12.37
N LYS A 153 2.52 -6.04 13.27
CA LYS A 153 1.78 -7.02 14.12
C LYS A 153 0.83 -6.27 15.04
N ALA A 154 1.20 -5.10 15.47
CA ALA A 154 0.33 -4.31 16.39
C ALA A 154 -1.01 -4.00 15.72
N ILE A 155 -1.02 -3.86 14.42
CA ILE A 155 -2.30 -3.55 13.73
C ILE A 155 -3.27 -4.74 13.80
N GLU A 156 -2.76 -5.95 13.70
CA GLU A 156 -3.67 -7.13 13.74
C GLU A 156 -4.08 -7.50 15.17
N LYS A 157 -3.18 -7.41 16.11
CA LYS A 157 -3.58 -7.79 17.51
C LYS A 157 -4.75 -6.93 17.95
N VAL A 158 -4.76 -5.68 17.56
CA VAL A 158 -5.89 -4.79 17.95
C VAL A 158 -7.09 -5.10 17.05
N GLY A 159 -6.85 -5.78 15.96
CA GLY A 159 -7.97 -6.11 15.03
C GLY A 159 -8.77 -7.29 15.59
N SER A 160 -9.84 -7.65 14.92
CA SER A 160 -10.68 -8.79 15.41
C SER A 160 -11.45 -9.38 14.24
N SER A 161 -12.12 -10.48 14.44
CA SER A 161 -12.90 -11.10 13.34
C SER A 161 -13.87 -10.07 12.77
N SER A 162 -14.34 -9.16 13.58
CA SER A 162 -15.29 -8.14 13.10
C SER A 162 -14.63 -7.32 11.98
N GLY A 163 -13.32 -7.22 11.99
CA GLY A 163 -12.63 -6.44 10.93
C GLY A 163 -12.47 -4.99 11.37
N ARG A 164 -12.61 -4.73 12.65
CA ARG A 164 -12.48 -3.32 13.15
C ARG A 164 -11.32 -3.26 14.16
N THR A 165 -10.56 -2.21 14.15
CA THR A 165 -9.43 -2.09 15.11
C THR A 165 -9.95 -1.68 16.48
N ALA A 166 -9.30 -2.10 17.52
CA ALA A 166 -9.75 -1.73 18.90
C ALA A 166 -9.55 -0.23 19.10
N LYS A 167 -8.50 0.31 18.54
CA LYS A 167 -8.23 1.77 18.68
C LYS A 167 -8.28 2.43 17.30
N LYS A 168 -8.53 3.71 17.25
CA LYS A 168 -8.58 4.40 15.92
C LYS A 168 -7.19 4.43 15.31
N VAL A 169 -7.07 4.04 14.07
CA VAL A 169 -5.72 4.05 13.41
C VAL A 169 -5.79 4.93 12.15
N VAL A 170 -4.94 5.92 12.07
CA VAL A 170 -4.93 6.80 10.88
C VAL A 170 -3.50 7.23 10.56
N VAL A 171 -3.13 7.30 9.31
CA VAL A 171 -1.74 7.71 8.97
C VAL A 171 -1.52 9.16 9.39
N GLU A 172 -0.58 9.41 10.28
CA GLU A 172 -0.33 10.80 10.73
C GLU A 172 0.31 11.62 9.62
N ASP A 173 1.19 11.02 8.84
CA ASP A 173 1.85 11.81 7.75
C ASP A 173 2.31 10.87 6.63
N CYS A 174 2.57 11.41 5.47
CA CYS A 174 3.03 10.57 4.33
C CYS A 174 3.99 11.38 3.46
N GLY A 175 4.89 10.73 2.77
CA GLY A 175 5.84 11.47 1.90
C GLY A 175 6.81 10.47 1.25
N GLN A 176 7.59 10.93 0.31
CA GLN A 176 8.57 10.02 -0.37
C GLN A 176 9.98 10.31 0.14
N LEU A 177 10.62 9.34 0.74
CA LEU A 177 11.99 9.57 1.25
C LEU A 177 12.92 9.92 0.09
N SER A 178 12.74 9.29 -1.05
CA SER A 178 13.61 9.59 -2.22
C SER A 178 13.14 10.88 -2.89
N GLY A 1 24.34 16.98 -5.07
CA GLY A 1 25.25 17.28 -6.26
C GLY A 1 25.92 16.13 -6.96
N SER A 2 25.78 14.94 -6.44
CA SER A 2 26.44 13.77 -7.09
C SER A 2 25.87 13.58 -8.49
N PHE A 3 26.63 12.98 -9.38
CA PHE A 3 26.13 12.76 -10.76
C PHE A 3 25.97 11.25 -10.98
N THR A 4 24.81 10.84 -11.38
CA THR A 4 24.56 9.39 -11.63
C THR A 4 23.80 9.21 -12.95
N GLY A 5 23.96 8.08 -13.59
CA GLY A 5 23.25 7.85 -14.88
C GLY A 5 21.74 7.92 -14.66
N SER A 6 21.26 7.40 -13.56
CA SER A 6 19.80 7.43 -13.29
C SER A 6 19.55 7.54 -11.79
N MET A 7 18.46 8.16 -11.41
CA MET A 7 18.15 8.31 -9.95
C MET A 7 18.02 6.91 -9.33
N PRO A 8 18.27 6.80 -8.05
CA PRO A 8 18.18 5.51 -7.33
C PRO A 8 16.74 4.98 -7.27
N ASN A 9 16.56 3.78 -6.79
CA ASN A 9 15.20 3.20 -6.72
C ASN A 9 14.33 4.04 -5.77
N PRO A 10 13.06 4.12 -6.02
CA PRO A 10 12.11 4.91 -5.17
C PRO A 10 11.92 4.29 -3.77
N ARG A 11 11.84 5.12 -2.76
CA ARG A 11 11.65 4.61 -1.38
C ARG A 11 10.54 5.43 -0.71
N VAL A 12 9.56 4.79 -0.13
CA VAL A 12 8.44 5.53 0.51
C VAL A 12 8.13 4.94 1.89
N PHE A 13 7.76 5.77 2.83
CA PHE A 13 7.43 5.27 4.19
C PHE A 13 6.16 5.97 4.69
N PHE A 14 5.43 5.34 5.58
CA PHE A 14 4.18 5.96 6.11
C PHE A 14 4.28 6.11 7.63
N ASP A 15 3.86 7.23 8.15
CA ASP A 15 3.90 7.44 9.63
C ASP A 15 2.54 7.05 10.21
N MET A 16 2.49 6.02 11.02
CA MET A 16 1.17 5.59 11.59
C MET A 16 1.10 5.93 13.08
N SER A 17 -0.08 6.25 13.54
CA SER A 17 -0.28 6.58 14.98
C SER A 17 -1.52 5.84 15.49
N VAL A 18 -1.55 5.49 16.75
CA VAL A 18 -2.73 4.76 17.30
C VAL A 18 -3.48 5.65 18.28
N GLY A 19 -4.78 5.72 18.17
CA GLY A 19 -5.58 6.56 19.11
C GLY A 19 -5.02 7.98 19.11
N GLY A 20 -4.16 8.30 18.17
CA GLY A 20 -3.57 9.66 18.11
C GLY A 20 -2.20 9.65 18.77
N GLN A 21 -1.86 8.58 19.44
CA GLN A 21 -0.53 8.51 20.11
C GLN A 21 0.50 7.94 19.12
N PRO A 22 1.74 8.34 19.23
CA PRO A 22 2.82 7.85 18.33
C PRO A 22 3.03 6.34 18.44
N ALA A 23 3.13 5.66 17.31
CA ALA A 23 3.34 4.18 17.35
C ALA A 23 4.73 3.86 16.81
N GLY A 24 4.97 4.14 15.57
CA GLY A 24 6.32 3.84 14.99
C GLY A 24 6.34 4.25 13.51
N ARG A 25 7.39 3.93 12.81
CA ARG A 25 7.48 4.29 11.36
C ARG A 25 7.59 3.02 10.52
N ILE A 26 6.97 3.00 9.37
CA ILE A 26 7.03 1.79 8.50
C ILE A 26 7.67 2.17 7.17
N VAL A 27 8.67 1.44 6.74
CA VAL A 27 9.32 1.76 5.45
C VAL A 27 9.13 0.61 4.48
N MET A 28 8.75 0.89 3.26
CA MET A 28 8.54 -0.19 2.25
C MET A 28 9.45 0.06 1.05
N GLU A 29 9.82 -0.98 0.35
CA GLU A 29 10.72 -0.81 -0.83
C GLU A 29 9.89 -0.87 -2.11
N LEU A 30 10.09 0.07 -3.00
CA LEU A 30 9.34 0.09 -4.28
C LEU A 30 10.27 -0.33 -5.41
N PHE A 31 9.85 -1.22 -6.27
CA PHE A 31 10.73 -1.65 -7.39
C PHE A 31 10.37 -0.85 -8.64
N ALA A 32 11.32 -0.13 -9.19
CA ALA A 32 11.03 0.69 -10.40
C ALA A 32 11.26 -0.17 -11.65
N ASP A 33 12.31 -0.95 -11.66
CA ASP A 33 12.60 -1.79 -12.86
C ASP A 33 11.51 -2.84 -13.05
N THR A 34 11.05 -3.46 -12.00
CA THR A 34 10.00 -4.51 -12.14
C THR A 34 8.69 -3.87 -12.61
N THR A 35 8.31 -2.76 -12.03
CA THR A 35 7.04 -2.10 -12.44
C THR A 35 7.13 -0.60 -12.10
N PRO A 36 7.71 0.18 -12.98
CA PRO A 36 7.85 1.64 -12.76
C PRO A 36 6.50 2.36 -12.63
N ARG A 37 5.57 2.01 -13.46
CA ARG A 37 4.23 2.66 -13.43
C ARG A 37 3.53 2.40 -12.11
N THR A 38 3.64 1.20 -11.57
CA THR A 38 2.96 0.92 -10.27
C THR A 38 3.54 1.79 -9.16
N ALA A 39 4.83 1.99 -9.16
CA ALA A 39 5.46 2.84 -8.11
C ALA A 39 4.89 4.26 -8.20
N GLU A 40 4.54 4.70 -9.38
CA GLU A 40 3.99 6.07 -9.55
C GLU A 40 2.61 6.14 -8.89
N ASN A 41 1.84 5.10 -8.96
CA ASN A 41 0.48 5.13 -8.34
C ASN A 41 0.60 5.45 -6.84
N PHE A 42 1.56 4.86 -6.18
CA PHE A 42 1.73 5.12 -4.72
C PHE A 42 2.60 6.36 -4.51
N ARG A 43 3.70 6.44 -5.20
CA ARG A 43 4.62 7.60 -5.05
C ARG A 43 3.86 8.90 -5.35
N ALA A 44 3.00 8.89 -6.34
CA ALA A 44 2.25 10.13 -6.68
C ALA A 44 1.34 10.55 -5.52
N LEU A 45 0.59 9.62 -4.99
CA LEU A 45 -0.32 9.97 -3.86
C LEU A 45 0.52 10.36 -2.63
N CYS A 46 1.60 9.68 -2.39
CA CYS A 46 2.44 10.02 -1.22
C CYS A 46 3.06 11.40 -1.41
N THR A 47 3.62 11.66 -2.56
CA THR A 47 4.23 13.01 -2.81
C THR A 47 3.13 14.03 -3.10
N GLY A 48 2.03 13.59 -3.67
CA GLY A 48 0.92 14.54 -3.95
C GLY A 48 1.25 15.39 -5.18
N GLU A 49 2.00 14.87 -6.11
CA GLU A 49 2.35 15.68 -7.32
C GLU A 49 1.07 16.04 -8.08
N LYS A 50 0.11 15.15 -8.11
CA LYS A 50 -1.15 15.45 -8.83
C LYS A 50 -1.82 16.69 -8.22
N GLY A 51 -1.69 16.87 -6.93
CA GLY A 51 -2.31 18.05 -6.29
C GLY A 51 -3.82 17.82 -6.15
N THR A 52 -4.60 18.29 -7.08
CA THR A 52 -6.08 18.10 -7.00
C THR A 52 -6.54 17.26 -8.21
N GLY A 53 -7.50 16.40 -8.00
CA GLY A 53 -7.99 15.56 -9.12
C GLY A 53 -8.42 16.46 -10.29
N ARG A 54 -9.09 17.54 -10.02
CA ARG A 54 -9.52 18.44 -11.12
C ARG A 54 -9.52 19.88 -10.61
N SER A 55 -10.67 20.49 -10.51
CA SER A 55 -10.75 21.89 -10.02
C SER A 55 -11.32 21.91 -8.60
N GLY A 56 -12.08 20.91 -8.24
CA GLY A 56 -12.67 20.86 -6.86
C GLY A 56 -12.70 19.42 -6.37
N LYS A 57 -11.56 18.89 -6.01
CA LYS A 57 -11.52 17.48 -5.53
C LYS A 57 -10.11 17.19 -4.99
N PRO A 58 -9.79 17.72 -3.84
CA PRO A 58 -8.46 17.52 -3.21
C PRO A 58 -8.05 16.05 -3.17
N LEU A 59 -6.87 15.74 -3.64
CA LEU A 59 -6.41 14.33 -3.65
C LEU A 59 -5.24 14.19 -2.66
N HIS A 60 -5.40 13.37 -1.65
CA HIS A 60 -4.30 13.19 -0.65
C HIS A 60 -4.48 11.87 0.09
N TYR A 61 -3.40 11.17 0.34
CA TYR A 61 -3.50 9.88 1.08
C TYR A 61 -3.07 10.11 2.54
N LYS A 62 -2.96 11.34 2.94
CA LYS A 62 -2.55 11.64 4.34
C LYS A 62 -3.78 11.66 5.25
N ASP A 63 -3.60 11.44 6.52
CA ASP A 63 -4.76 11.44 7.46
C ASP A 63 -5.80 10.43 6.98
N SER A 64 -5.37 9.25 6.63
CA SER A 64 -6.33 8.20 6.15
C SER A 64 -6.33 7.02 7.13
N SER A 65 -7.39 6.27 7.17
CA SER A 65 -7.46 5.11 8.10
C SER A 65 -7.50 3.81 7.28
N PHE A 66 -6.93 2.76 7.80
CA PHE A 66 -6.94 1.47 7.04
C PHE A 66 -8.39 1.04 6.83
N HIS A 67 -8.70 0.47 5.68
CA HIS A 67 -10.10 0.04 5.42
C HIS A 67 -10.56 -0.94 6.50
N ARG A 68 -9.79 -1.96 6.76
CA ARG A 68 -10.20 -2.94 7.82
C ARG A 68 -9.02 -3.87 8.13
N VAL A 69 -9.07 -4.52 9.26
CA VAL A 69 -7.98 -5.47 9.63
C VAL A 69 -8.60 -6.75 10.20
N ILE A 70 -8.11 -7.89 9.80
CA ILE A 70 -8.68 -9.17 10.30
C ILE A 70 -7.53 -10.14 10.64
N PRO A 71 -7.52 -10.70 11.82
CA PRO A 71 -6.44 -11.65 12.24
C PRO A 71 -6.62 -13.03 11.59
N GLY A 72 -5.55 -13.61 11.12
CA GLY A 72 -5.66 -14.96 10.47
C GLY A 72 -5.81 -14.80 8.96
N PHE A 73 -5.93 -13.59 8.49
CA PHE A 73 -6.08 -13.38 7.01
C PHE A 73 -5.17 -12.24 6.57
N MET A 74 -5.69 -11.04 6.49
CA MET A 74 -4.85 -9.88 6.06
C MET A 74 -5.62 -8.58 6.27
N CYS A 75 -5.16 -7.50 5.69
CA CYS A 75 -5.86 -6.20 5.85
C CYS A 75 -6.00 -5.55 4.47
N GLN A 76 -7.02 -4.74 4.28
CA GLN A 76 -7.21 -4.08 2.96
C GLN A 76 -7.07 -2.56 3.12
N GLY A 77 -6.80 -1.87 2.04
CA GLY A 77 -6.64 -0.39 2.11
C GLY A 77 -7.28 0.26 0.88
N GLY A 78 -7.11 1.54 0.71
CA GLY A 78 -7.71 2.23 -0.47
C GLY A 78 -9.05 2.84 -0.06
N ASP A 79 -9.38 2.79 1.20
CA ASP A 79 -10.66 3.39 1.67
C ASP A 79 -10.71 4.86 1.28
N PHE A 80 -9.59 5.48 1.13
CA PHE A 80 -9.57 6.92 0.76
C PHE A 80 -10.49 7.19 -0.43
N THR A 81 -10.45 6.35 -1.43
CA THR A 81 -11.34 6.57 -2.60
C THR A 81 -12.78 6.28 -2.21
N ALA A 82 -12.99 5.40 -1.26
CA ALA A 82 -14.37 5.08 -0.82
C ALA A 82 -14.35 3.76 -0.04
N GLY A 83 -13.85 2.71 -0.63
CA GLY A 83 -13.80 1.39 0.06
C GLY A 83 -15.06 0.60 -0.24
N ASN A 84 -15.94 1.14 -1.04
CA ASN A 84 -17.20 0.42 -1.38
C ASN A 84 -16.98 -0.45 -2.62
N GLY A 85 -15.75 -0.56 -3.07
CA GLY A 85 -15.47 -1.38 -4.28
C GLY A 85 -15.44 -0.48 -5.51
N THR A 86 -16.32 0.49 -5.57
CA THR A 86 -16.34 1.40 -6.75
C THR A 86 -15.15 2.35 -6.66
N GLY A 87 -14.55 2.46 -5.50
CA GLY A 87 -13.37 3.36 -5.34
C GLY A 87 -12.12 2.64 -5.81
N GLY A 88 -10.97 3.16 -5.46
CA GLY A 88 -9.70 2.51 -5.89
C GLY A 88 -9.37 2.93 -7.32
N GLU A 89 -9.44 4.20 -7.60
CA GLU A 89 -9.14 4.68 -8.97
C GLU A 89 -7.63 4.84 -9.14
N SER A 90 -7.12 4.61 -10.32
CA SER A 90 -5.65 4.75 -10.55
C SER A 90 -5.39 5.99 -11.40
N ILE A 91 -4.25 6.61 -11.22
CA ILE A 91 -3.95 7.84 -12.02
C ILE A 91 -3.96 7.51 -13.51
N TYR A 92 -3.43 6.38 -13.90
CA TYR A 92 -3.44 6.03 -15.34
C TYR A 92 -4.88 5.87 -15.83
N GLY A 93 -5.71 5.25 -15.03
CA GLY A 93 -7.14 5.07 -15.45
C GLY A 93 -7.22 4.01 -16.55
N ALA A 94 -6.28 3.12 -16.62
CA ALA A 94 -6.30 2.07 -17.67
C ALA A 94 -5.67 0.78 -17.14
N LYS A 95 -6.07 -0.34 -17.68
CA LYS A 95 -5.50 -1.64 -17.21
C LYS A 95 -4.37 -2.06 -18.15
N PHE A 96 -3.32 -2.63 -17.60
CA PHE A 96 -2.17 -3.06 -18.46
C PHE A 96 -1.64 -4.40 -17.94
N ALA A 97 -0.99 -5.16 -18.79
CA ALA A 97 -0.44 -6.48 -18.34
C ALA A 97 0.74 -6.26 -17.40
N ASP A 98 0.92 -7.11 -16.43
CA ASP A 98 2.06 -6.94 -15.49
C ASP A 98 3.37 -7.12 -16.25
N GLU A 99 4.35 -6.29 -15.97
CA GLU A 99 5.64 -6.40 -16.69
C GLU A 99 6.34 -7.72 -16.37
N ASN A 100 6.32 -8.16 -15.13
CA ASN A 100 6.99 -9.44 -14.79
C ASN A 100 6.29 -10.12 -13.60
N PHE A 101 6.32 -11.43 -13.57
CA PHE A 101 5.67 -12.18 -12.46
C PHE A 101 6.76 -12.83 -11.60
N ILE A 102 7.99 -12.47 -11.84
CA ILE A 102 9.11 -13.07 -11.06
C ILE A 102 8.89 -12.89 -9.56
N LYS A 103 8.35 -11.77 -9.15
CA LYS A 103 8.13 -11.55 -7.69
C LYS A 103 6.90 -12.34 -7.23
N LYS A 104 7.01 -13.02 -6.12
CA LYS A 104 5.85 -13.83 -5.62
C LYS A 104 5.75 -13.65 -4.09
N HIS A 105 4.61 -13.93 -3.53
CA HIS A 105 4.44 -13.78 -2.06
C HIS A 105 4.90 -15.06 -1.37
N THR A 106 6.02 -15.01 -0.68
CA THR A 106 6.53 -16.23 0.02
C THR A 106 6.73 -15.94 1.50
N GLY A 107 6.39 -14.75 1.93
CA GLY A 107 6.56 -14.42 3.38
C GLY A 107 5.58 -13.31 3.77
N PRO A 108 5.55 -12.97 5.03
CA PRO A 108 4.65 -11.91 5.56
C PRO A 108 5.21 -10.51 5.32
N GLY A 109 4.38 -9.50 5.32
CA GLY A 109 4.87 -8.11 5.10
C GLY A 109 5.14 -7.89 3.60
N ILE A 110 4.22 -8.32 2.76
CA ILE A 110 4.41 -8.14 1.30
C ILE A 110 3.32 -7.22 0.74
N LEU A 111 3.68 -6.31 -0.13
CA LEU A 111 2.66 -5.40 -0.72
C LEU A 111 2.12 -6.02 -2.01
N SER A 112 0.83 -6.08 -2.15
CA SER A 112 0.23 -6.68 -3.38
C SER A 112 -1.03 -5.90 -3.77
N MET A 113 -1.26 -5.72 -5.05
CA MET A 113 -2.46 -4.98 -5.50
C MET A 113 -3.64 -5.94 -5.65
N ALA A 114 -4.79 -5.59 -5.13
CA ALA A 114 -5.96 -6.49 -5.26
C ALA A 114 -6.35 -6.63 -6.73
N ASN A 115 -6.75 -7.79 -7.16
CA ASN A 115 -7.14 -7.97 -8.59
C ASN A 115 -8.33 -8.92 -8.68
N ALA A 116 -9.13 -8.79 -9.71
CA ALA A 116 -10.30 -9.69 -9.89
C ALA A 116 -10.21 -10.37 -11.25
N GLY A 117 -9.32 -9.91 -12.09
CA GLY A 117 -9.16 -10.52 -13.44
C GLY A 117 -7.69 -10.46 -13.85
N PRO A 118 -7.33 -11.20 -14.87
CA PRO A 118 -5.92 -11.24 -15.38
C PRO A 118 -5.52 -9.93 -16.07
N ASN A 119 -4.26 -9.61 -16.05
CA ASN A 119 -3.79 -8.35 -16.70
C ASN A 119 -4.60 -7.17 -16.17
N THR A 120 -4.86 -7.14 -14.89
CA THR A 120 -5.63 -6.03 -14.30
C THR A 120 -5.00 -5.62 -12.96
N ASN A 121 -4.68 -4.37 -12.82
CA ASN A 121 -4.06 -3.90 -11.54
C ASN A 121 -5.09 -3.10 -10.74
N GLY A 122 -5.37 -3.52 -9.54
CA GLY A 122 -6.37 -2.79 -8.70
C GLY A 122 -5.65 -1.77 -7.82
N SER A 123 -6.13 -0.56 -7.77
CA SER A 123 -5.47 0.48 -6.92
C SER A 123 -5.46 0.01 -5.47
N GLN A 124 -6.48 -0.71 -5.07
CA GLN A 124 -6.53 -1.19 -3.66
C GLN A 124 -5.45 -2.25 -3.44
N PHE A 125 -4.88 -2.30 -2.27
CA PHE A 125 -3.82 -3.30 -1.98
C PHE A 125 -4.07 -3.91 -0.59
N PHE A 126 -3.47 -5.04 -0.32
CA PHE A 126 -3.68 -5.69 1.02
C PHE A 126 -2.35 -6.19 1.57
N ILE A 127 -2.25 -6.36 2.86
CA ILE A 127 -0.98 -6.84 3.48
C ILE A 127 -1.26 -8.14 4.23
N CYS A 128 -0.40 -9.12 4.10
CA CYS A 128 -0.61 -10.41 4.82
C CYS A 128 0.53 -10.63 5.82
N THR A 129 0.20 -10.88 7.06
CA THR A 129 1.25 -11.09 8.10
C THR A 129 1.37 -12.59 8.38
N ALA A 130 0.76 -13.42 7.59
CA ALA A 130 0.84 -14.89 7.81
C ALA A 130 0.98 -15.61 6.47
N LYS A 131 1.39 -16.84 6.49
CA LYS A 131 1.56 -17.59 5.21
C LYS A 131 0.18 -17.82 4.59
N THR A 132 0.07 -17.66 3.29
CA THR A 132 -1.25 -17.86 2.63
C THR A 132 -1.02 -18.35 1.19
N GLU A 133 -0.86 -19.64 1.01
CA GLU A 133 -0.63 -20.17 -0.36
C GLU A 133 -1.85 -19.88 -1.24
N TRP A 134 -3.03 -19.95 -0.67
CA TRP A 134 -4.25 -19.69 -1.49
C TRP A 134 -4.25 -18.22 -1.96
N LEU A 135 -3.96 -17.31 -1.07
CA LEU A 135 -3.93 -15.87 -1.48
C LEU A 135 -2.78 -15.64 -2.47
N ASP A 136 -1.71 -16.37 -2.33
CA ASP A 136 -0.56 -16.20 -3.26
C ASP A 136 -0.85 -16.93 -4.57
N GLY A 137 -0.87 -16.22 -5.66
CA GLY A 137 -1.14 -16.86 -6.98
C GLY A 137 -1.48 -15.80 -8.02
N LYS A 138 -2.73 -15.61 -8.31
CA LYS A 138 -3.14 -14.59 -9.31
C LYS A 138 -2.61 -13.22 -8.90
N HIS A 139 -2.60 -12.95 -7.62
CA HIS A 139 -2.10 -11.62 -7.15
C HIS A 139 -0.62 -11.48 -7.47
N VAL A 140 -0.17 -10.27 -7.69
CA VAL A 140 1.28 -10.04 -8.01
C VAL A 140 1.88 -9.06 -7.00
N VAL A 141 3.12 -9.25 -6.65
CA VAL A 141 3.76 -8.34 -5.66
C VAL A 141 4.47 -7.19 -6.39
N PHE A 142 4.23 -5.97 -5.99
CA PHE A 142 4.90 -4.81 -6.64
C PHE A 142 5.87 -4.16 -5.66
N GLY A 143 5.91 -4.64 -4.44
CA GLY A 143 6.85 -4.05 -3.43
C GLY A 143 6.91 -4.98 -2.21
N GLN A 144 7.72 -4.66 -1.24
CA GLN A 144 7.83 -5.53 -0.04
C GLN A 144 8.09 -4.67 1.21
N VAL A 145 7.96 -5.24 2.37
CA VAL A 145 8.19 -4.47 3.61
C VAL A 145 9.62 -4.71 4.11
N VAL A 146 10.35 -3.67 4.39
CA VAL A 146 11.74 -3.84 4.88
C VAL A 146 11.81 -3.55 6.39
N GLU A 147 11.02 -2.63 6.86
CA GLU A 147 11.03 -2.30 8.31
C GLU A 147 9.61 -2.01 8.80
N GLY A 148 9.42 -1.91 10.08
CA GLY A 148 8.05 -1.62 10.62
C GLY A 148 7.35 -2.92 11.01
N MET A 149 8.06 -4.02 10.98
CA MET A 149 7.43 -5.32 11.34
C MET A 149 6.92 -5.25 12.79
N ASP A 150 7.61 -4.56 13.64
CA ASP A 150 7.15 -4.47 15.06
C ASP A 150 5.80 -3.75 15.14
N VAL A 151 5.63 -2.69 14.40
CA VAL A 151 4.34 -1.94 14.45
C VAL A 151 3.30 -2.61 13.55
N VAL A 152 3.72 -3.21 12.47
CA VAL A 152 2.72 -3.85 11.55
C VAL A 152 1.89 -4.85 12.36
N LYS A 153 2.51 -5.60 13.24
CA LYS A 153 1.74 -6.57 14.05
C LYS A 153 0.74 -5.83 14.92
N ALA A 154 1.10 -4.67 15.40
CA ALA A 154 0.16 -3.89 16.25
C ALA A 154 -1.08 -3.52 15.43
N ILE A 155 -0.90 -3.25 14.16
CA ILE A 155 -2.05 -2.90 13.30
C ILE A 155 -2.98 -4.10 13.13
N GLU A 156 -2.53 -5.27 13.52
CA GLU A 156 -3.38 -6.48 13.39
C GLU A 156 -3.62 -7.05 14.78
N LYS A 157 -2.79 -6.67 15.71
CA LYS A 157 -2.93 -7.15 17.09
C LYS A 157 -4.30 -6.77 17.64
N VAL A 158 -4.73 -5.57 17.37
CA VAL A 158 -6.06 -5.12 17.86
C VAL A 158 -7.14 -5.60 16.89
N GLY A 159 -6.75 -6.06 15.73
CA GLY A 159 -7.75 -6.53 14.73
C GLY A 159 -8.56 -7.69 15.32
N SER A 160 -9.77 -7.86 14.86
CA SER A 160 -10.63 -8.97 15.38
C SER A 160 -11.48 -9.52 14.23
N SER A 161 -11.94 -10.74 14.36
CA SER A 161 -12.77 -11.33 13.27
C SER A 161 -13.93 -10.39 12.96
N SER A 162 -14.45 -9.71 13.95
CA SER A 162 -15.58 -8.77 13.69
C SER A 162 -15.16 -7.73 12.65
N GLY A 163 -13.89 -7.42 12.59
CA GLY A 163 -13.41 -6.40 11.60
C GLY A 163 -13.21 -5.07 12.31
N ARG A 164 -13.46 -5.02 13.60
CA ARG A 164 -13.28 -3.74 14.36
C ARG A 164 -12.04 -3.87 15.25
N THR A 165 -11.37 -2.79 15.52
CA THR A 165 -10.16 -2.86 16.39
C THR A 165 -10.37 -2.04 17.67
N ALA A 166 -9.65 -2.39 18.69
CA ALA A 166 -9.79 -1.65 19.98
C ALA A 166 -9.21 -0.24 19.84
N LYS A 167 -8.14 -0.10 19.11
CA LYS A 167 -7.50 1.24 18.93
C LYS A 167 -7.72 1.72 17.49
N LYS A 168 -7.75 3.02 17.30
CA LYS A 168 -7.94 3.57 15.93
C LYS A 168 -6.59 3.71 15.24
N VAL A 169 -6.56 3.62 13.92
CA VAL A 169 -5.26 3.75 13.19
C VAL A 169 -5.37 4.84 12.12
N VAL A 170 -4.47 5.77 12.12
CA VAL A 170 -4.50 6.87 11.11
C VAL A 170 -3.07 7.28 10.77
N VAL A 171 -2.83 7.65 9.54
CA VAL A 171 -1.45 8.06 9.16
C VAL A 171 -1.26 9.55 9.43
N GLU A 172 -0.31 9.89 10.26
CA GLU A 172 -0.06 11.32 10.56
C GLU A 172 0.35 12.02 9.27
N ASP A 173 0.97 11.32 8.36
CA ASP A 173 1.40 11.97 7.08
C ASP A 173 2.06 10.93 6.17
N CYS A 174 2.30 11.31 4.95
CA CYS A 174 2.97 10.37 3.98
C CYS A 174 3.99 11.14 3.15
N GLY A 175 5.16 10.60 2.97
CA GLY A 175 6.20 11.32 2.17
C GLY A 175 7.13 10.31 1.49
N GLN A 176 7.94 10.77 0.58
CA GLN A 176 8.89 9.84 -0.12
C GLN A 176 10.32 10.11 0.35
N LEU A 177 10.98 9.11 0.87
CA LEU A 177 12.37 9.31 1.35
C LEU A 177 13.26 9.68 0.15
N SER A 178 13.03 9.07 -0.99
CA SER A 178 13.86 9.40 -2.18
C SER A 178 13.59 10.84 -2.61
N GLY A 1 27.56 7.61 -18.21
CA GLY A 1 28.46 6.38 -18.13
C GLY A 1 28.81 5.82 -16.79
N SER A 2 28.72 6.62 -15.76
CA SER A 2 29.06 6.13 -14.39
C SER A 2 27.82 6.25 -13.49
N PHE A 3 27.63 5.29 -12.62
CA PHE A 3 26.45 5.33 -11.70
C PHE A 3 26.93 5.65 -10.30
N THR A 4 26.51 6.77 -9.78
CA THR A 4 26.92 7.17 -8.39
C THR A 4 25.72 7.12 -7.45
N GLY A 5 24.63 6.56 -7.89
CA GLY A 5 23.42 6.50 -7.02
C GLY A 5 22.57 7.75 -7.23
N SER A 6 22.86 8.51 -8.25
CA SER A 6 22.06 9.74 -8.51
C SER A 6 20.59 9.38 -8.68
N MET A 7 20.31 8.23 -9.24
CA MET A 7 18.89 7.82 -9.44
C MET A 7 18.64 6.49 -8.72
N PRO A 8 18.42 6.54 -7.44
CA PRO A 8 18.16 5.33 -6.61
C PRO A 8 16.70 4.86 -6.70
N ASN A 9 16.40 3.69 -6.22
CA ASN A 9 15.01 3.18 -6.29
C ASN A 9 14.11 4.04 -5.39
N PRO A 10 12.86 4.19 -5.75
CA PRO A 10 11.88 4.99 -4.96
C PRO A 10 11.56 4.36 -3.60
N ARG A 11 11.45 5.16 -2.57
CA ARG A 11 11.11 4.62 -1.22
C ARG A 11 9.99 5.47 -0.62
N VAL A 12 8.99 4.83 -0.05
CA VAL A 12 7.87 5.60 0.56
C VAL A 12 7.52 5.01 1.92
N PHE A 13 7.17 5.84 2.86
CA PHE A 13 6.82 5.33 4.22
C PHE A 13 5.59 6.10 4.75
N PHE A 14 4.85 5.50 5.65
CA PHE A 14 3.65 6.17 6.21
C PHE A 14 3.79 6.28 7.74
N ASP A 15 3.43 7.40 8.30
CA ASP A 15 3.52 7.56 9.78
C ASP A 15 2.21 7.06 10.40
N MET A 16 2.27 6.03 11.21
CA MET A 16 1.02 5.49 11.82
C MET A 16 0.93 5.89 13.30
N SER A 17 -0.27 6.16 13.76
CA SER A 17 -0.46 6.55 15.18
C SER A 17 -1.76 5.90 15.68
N VAL A 18 -1.91 5.76 16.98
CA VAL A 18 -3.15 5.14 17.52
C VAL A 18 -3.84 6.09 18.49
N GLY A 19 -5.14 6.04 18.57
CA GLY A 19 -5.86 6.95 19.50
C GLY A 19 -5.36 8.37 19.32
N GLY A 20 -4.63 8.87 20.28
CA GLY A 20 -4.10 10.27 20.18
C GLY A 20 -2.59 10.27 20.43
N GLN A 21 -1.94 9.16 20.17
CA GLN A 21 -0.46 9.10 20.38
C GLN A 21 0.18 8.28 19.25
N PRO A 22 1.41 8.60 18.90
CA PRO A 22 2.15 7.87 17.82
C PRO A 22 2.47 6.42 18.21
N ALA A 23 2.31 5.51 17.30
CA ALA A 23 2.62 4.08 17.60
C ALA A 23 3.98 3.71 17.01
N GLY A 24 4.16 3.94 15.74
CA GLY A 24 5.46 3.61 15.10
C GLY A 24 5.45 4.06 13.64
N ARG A 25 6.45 3.69 12.88
CA ARG A 25 6.49 4.09 11.44
C ARG A 25 6.78 2.86 10.59
N ILE A 26 6.27 2.82 9.39
CA ILE A 26 6.52 1.65 8.50
C ILE A 26 7.16 2.13 7.21
N VAL A 27 8.24 1.52 6.80
CA VAL A 27 8.91 1.93 5.54
C VAL A 27 8.75 0.84 4.49
N MET A 28 8.37 1.21 3.29
CA MET A 28 8.17 0.19 2.21
C MET A 28 9.09 0.52 1.04
N GLU A 29 9.58 -0.47 0.35
CA GLU A 29 10.49 -0.21 -0.80
C GLU A 29 9.72 -0.34 -2.12
N LEU A 30 9.85 0.64 -2.97
CA LEU A 30 9.15 0.59 -4.29
C LEU A 30 10.16 0.28 -5.39
N PHE A 31 9.85 -0.66 -6.25
CA PHE A 31 10.79 -1.00 -7.35
C PHE A 31 10.36 -0.30 -8.62
N ALA A 32 11.19 0.56 -9.14
CA ALA A 32 10.82 1.29 -10.39
C ALA A 32 11.08 0.40 -11.60
N ASP A 33 12.18 -0.29 -11.63
CA ASP A 33 12.48 -1.17 -12.80
C ASP A 33 11.46 -2.30 -12.89
N THR A 34 11.15 -2.94 -11.79
CA THR A 34 10.17 -4.06 -11.84
C THR A 34 8.78 -3.50 -12.16
N THR A 35 8.39 -2.43 -11.52
CA THR A 35 7.04 -1.84 -11.78
C THR A 35 7.14 -0.32 -11.73
N PRO A 36 7.57 0.30 -12.81
CA PRO A 36 7.72 1.78 -12.87
C PRO A 36 6.38 2.52 -12.74
N ARG A 37 5.47 2.23 -13.62
CA ARG A 37 4.14 2.91 -13.58
C ARG A 37 3.40 2.59 -12.27
N THR A 38 3.53 1.39 -11.77
CA THR A 38 2.83 1.04 -10.50
C THR A 38 3.34 1.92 -9.36
N ALA A 39 4.62 2.15 -9.30
CA ALA A 39 5.17 3.00 -8.20
C ALA A 39 4.57 4.41 -8.30
N GLU A 40 4.25 4.85 -9.49
CA GLU A 40 3.67 6.20 -9.64
C GLU A 40 2.28 6.24 -9.01
N ASN A 41 1.54 5.17 -9.09
CA ASN A 41 0.18 5.15 -8.49
C ASN A 41 0.25 5.53 -7.00
N PHE A 42 1.28 5.08 -6.33
CA PHE A 42 1.41 5.42 -4.87
C PHE A 42 2.34 6.61 -4.69
N ARG A 43 3.53 6.53 -5.24
CA ARG A 43 4.50 7.65 -5.07
C ARG A 43 3.91 8.95 -5.61
N ALA A 44 3.26 8.92 -6.74
CA ALA A 44 2.68 10.17 -7.31
C ALA A 44 1.54 10.68 -6.42
N LEU A 45 0.67 9.81 -5.99
CA LEU A 45 -0.47 10.26 -5.13
C LEU A 45 0.08 10.76 -3.79
N CYS A 46 1.05 10.10 -3.24
CA CYS A 46 1.61 10.55 -1.93
C CYS A 46 2.34 11.88 -2.13
N THR A 47 3.19 11.97 -3.10
CA THR A 47 3.93 13.24 -3.35
C THR A 47 2.98 14.25 -4.00
N GLY A 48 2.04 13.79 -4.78
CA GLY A 48 1.08 14.73 -5.42
C GLY A 48 1.74 15.46 -6.59
N GLU A 49 2.65 14.81 -7.28
CA GLU A 49 3.32 15.49 -8.43
C GLU A 49 2.28 15.84 -9.50
N LYS A 50 1.30 15.00 -9.69
CA LYS A 50 0.26 15.28 -10.70
C LYS A 50 -0.50 16.55 -10.31
N GLY A 51 -0.67 16.78 -9.04
CA GLY A 51 -1.39 18.00 -8.59
C GLY A 51 -2.87 17.66 -8.42
N THR A 52 -3.63 18.57 -7.88
CA THR A 52 -5.08 18.31 -7.69
C THR A 52 -5.81 18.37 -9.02
N GLY A 53 -6.76 17.49 -9.23
CA GLY A 53 -7.50 17.50 -10.52
C GLY A 53 -8.16 18.88 -10.72
N ARG A 54 -8.07 19.42 -11.91
CA ARG A 54 -8.68 20.76 -12.16
C ARG A 54 -10.18 20.72 -11.87
N SER A 55 -10.82 19.60 -12.13
CA SER A 55 -12.29 19.51 -11.87
C SER A 55 -12.57 19.73 -10.39
N GLY A 56 -11.61 19.46 -9.55
CA GLY A 56 -11.82 19.65 -8.07
C GLY A 56 -11.80 18.28 -7.39
N LYS A 57 -10.65 17.85 -6.96
CA LYS A 57 -10.54 16.52 -6.29
C LYS A 57 -9.11 16.34 -5.80
N PRO A 58 -8.79 16.92 -4.68
CA PRO A 58 -7.42 16.85 -4.09
C PRO A 58 -6.88 15.42 -3.98
N LEU A 59 -5.67 15.21 -4.42
CA LEU A 59 -5.07 13.84 -4.35
C LEU A 59 -4.11 13.77 -3.16
N HIS A 60 -4.28 12.79 -2.31
CA HIS A 60 -3.38 12.67 -1.13
C HIS A 60 -3.70 11.40 -0.35
N TYR A 61 -2.71 10.64 0.00
CA TYR A 61 -2.96 9.39 0.79
C TYR A 61 -2.72 9.70 2.27
N LYS A 62 -2.63 10.96 2.62
CA LYS A 62 -2.40 11.32 4.03
C LYS A 62 -3.70 11.19 4.82
N ASP A 63 -3.60 10.88 6.08
CA ASP A 63 -4.82 10.72 6.93
C ASP A 63 -5.69 9.60 6.37
N SER A 64 -5.08 8.57 5.85
CA SER A 64 -5.87 7.43 5.31
C SER A 64 -6.23 6.49 6.46
N SER A 65 -7.22 5.66 6.29
CA SER A 65 -7.63 4.73 7.38
C SER A 65 -7.71 3.30 6.83
N PHE A 66 -7.40 2.32 7.64
CA PHE A 66 -7.48 0.91 7.16
C PHE A 66 -8.94 0.50 6.99
N HIS A 67 -9.29 -0.05 5.87
CA HIS A 67 -10.70 -0.47 5.65
C HIS A 67 -11.08 -1.54 6.68
N ARG A 68 -10.26 -2.54 6.83
CA ARG A 68 -10.58 -3.60 7.83
C ARG A 68 -9.33 -4.45 8.10
N VAL A 69 -9.30 -5.14 9.21
CA VAL A 69 -8.13 -5.99 9.54
C VAL A 69 -8.62 -7.37 9.99
N ILE A 70 -7.87 -8.41 9.72
CA ILE A 70 -8.32 -9.78 10.14
C ILE A 70 -7.10 -10.62 10.51
N PRO A 71 -7.07 -11.19 11.70
CA PRO A 71 -5.93 -12.03 12.15
C PRO A 71 -5.95 -13.43 11.49
N GLY A 72 -4.83 -13.89 11.03
CA GLY A 72 -4.78 -15.23 10.39
C GLY A 72 -5.04 -15.10 8.90
N PHE A 73 -5.23 -13.90 8.42
CA PHE A 73 -5.49 -13.69 6.96
C PHE A 73 -4.63 -12.54 6.44
N MET A 74 -5.16 -11.36 6.37
CA MET A 74 -4.36 -10.21 5.86
C MET A 74 -5.08 -8.89 6.18
N CYS A 75 -4.35 -7.81 6.20
CA CYS A 75 -4.99 -6.48 6.49
C CYS A 75 -5.27 -5.76 5.17
N GLN A 76 -6.49 -5.39 4.93
CA GLN A 76 -6.83 -4.69 3.66
C GLN A 76 -6.91 -3.18 3.91
N GLY A 77 -6.17 -2.41 3.15
CA GLY A 77 -6.21 -0.93 3.33
C GLY A 77 -7.38 -0.35 2.54
N GLY A 78 -7.50 0.94 2.48
CA GLY A 78 -8.63 1.55 1.72
C GLY A 78 -8.11 2.76 0.91
N ASP A 79 -8.79 3.10 -0.15
CA ASP A 79 -8.36 4.26 -0.98
C ASP A 79 -8.74 5.57 -0.28
N PHE A 80 -8.00 6.61 -0.49
CA PHE A 80 -8.32 7.91 0.16
C PHE A 80 -9.67 8.42 -0.36
N THR A 81 -10.06 7.98 -1.53
CA THR A 81 -11.36 8.45 -2.09
C THR A 81 -12.51 7.91 -1.23
N ALA A 82 -12.33 6.75 -0.65
CA ALA A 82 -13.42 6.17 0.20
C ALA A 82 -12.97 4.79 0.70
N GLY A 83 -12.64 3.91 -0.20
CA GLY A 83 -12.21 2.54 0.22
C GLY A 83 -13.40 1.58 0.16
N ASN A 84 -14.59 2.10 -0.02
CA ASN A 84 -15.78 1.22 -0.09
C ASN A 84 -16.02 0.80 -1.54
N GLY A 85 -15.15 1.20 -2.43
CA GLY A 85 -15.31 0.83 -3.87
C GLY A 85 -16.03 1.96 -4.60
N THR A 86 -16.46 2.96 -3.89
CA THR A 86 -17.16 4.10 -4.55
C THR A 86 -16.16 4.94 -5.33
N GLY A 87 -14.90 4.85 -4.97
CA GLY A 87 -13.84 5.65 -5.68
C GLY A 87 -12.76 4.70 -6.17
N GLY A 88 -11.53 4.95 -5.79
CA GLY A 88 -10.42 4.06 -6.23
C GLY A 88 -10.08 4.37 -7.70
N GLU A 89 -10.03 5.62 -8.05
CA GLU A 89 -9.71 5.99 -9.46
C GLU A 89 -8.20 5.92 -9.67
N SER A 90 -7.77 5.54 -10.84
CA SER A 90 -6.30 5.45 -11.11
C SER A 90 -5.88 6.58 -12.05
N ILE A 91 -4.68 7.06 -11.92
CA ILE A 91 -4.22 8.16 -12.80
C ILE A 91 -4.22 7.71 -14.26
N TYR A 92 -3.84 6.51 -14.53
CA TYR A 92 -3.82 6.01 -15.94
C TYR A 92 -5.26 5.89 -16.45
N GLY A 93 -6.16 5.47 -15.61
CA GLY A 93 -7.58 5.33 -16.04
C GLY A 93 -7.73 4.03 -16.85
N ALA A 94 -6.77 3.16 -16.78
CA ALA A 94 -6.85 1.90 -17.56
C ALA A 94 -6.12 0.78 -16.80
N LYS A 95 -6.45 -0.45 -17.08
CA LYS A 95 -5.76 -1.58 -16.38
C LYS A 95 -4.46 -1.92 -17.10
N PHE A 96 -3.47 -2.39 -16.37
CA PHE A 96 -2.17 -2.76 -17.01
C PHE A 96 -1.68 -4.09 -16.44
N ALA A 97 -0.78 -4.74 -17.13
CA ALA A 97 -0.25 -6.05 -16.64
C ALA A 97 1.14 -5.83 -16.03
N ASP A 98 1.49 -6.60 -15.04
CA ASP A 98 2.83 -6.44 -14.41
C ASP A 98 3.91 -6.88 -15.40
N GLU A 99 4.94 -6.09 -15.55
CA GLU A 99 6.03 -6.45 -16.51
C GLU A 99 6.76 -7.70 -16.02
N ASN A 100 6.95 -7.83 -14.73
CA ASN A 100 7.66 -9.03 -14.20
C ASN A 100 6.83 -9.72 -13.12
N PHE A 101 6.56 -10.99 -13.28
CA PHE A 101 5.76 -11.74 -12.27
C PHE A 101 6.70 -12.59 -11.43
N ILE A 102 7.98 -12.45 -11.63
CA ILE A 102 8.97 -13.26 -10.86
C ILE A 102 8.78 -13.04 -9.36
N LYS A 103 8.43 -11.86 -8.95
CA LYS A 103 8.25 -11.60 -7.49
C LYS A 103 6.98 -12.28 -6.98
N LYS A 104 7.06 -12.95 -5.86
CA LYS A 104 5.87 -13.64 -5.30
C LYS A 104 5.84 -13.45 -3.78
N HIS A 105 4.86 -14.02 -3.12
CA HIS A 105 4.78 -13.87 -1.64
C HIS A 105 5.68 -14.94 -0.98
N THR A 106 6.96 -14.72 -0.97
CA THR A 106 7.88 -15.71 -0.34
C THR A 106 7.80 -15.62 1.18
N GLY A 107 7.47 -14.48 1.71
CA GLY A 107 7.40 -14.34 3.19
C GLY A 107 6.34 -13.29 3.56
N PRO A 108 6.11 -13.09 4.83
CA PRO A 108 5.11 -12.10 5.33
C PRO A 108 5.58 -10.64 5.15
N GLY A 109 4.67 -9.72 5.06
CA GLY A 109 5.07 -8.29 4.89
C GLY A 109 5.34 -8.00 3.42
N ILE A 110 4.46 -8.42 2.54
CA ILE A 110 4.66 -8.16 1.08
C ILE A 110 3.55 -7.25 0.56
N LEU A 111 3.89 -6.30 -0.26
CA LEU A 111 2.85 -5.38 -0.81
C LEU A 111 2.28 -5.98 -2.10
N SER A 112 0.99 -6.11 -2.18
CA SER A 112 0.36 -6.68 -3.41
C SER A 112 -0.96 -5.96 -3.70
N MET A 113 -1.25 -5.73 -4.95
CA MET A 113 -2.52 -5.02 -5.30
C MET A 113 -3.61 -6.06 -5.53
N ALA A 114 -4.81 -5.77 -5.11
CA ALA A 114 -5.94 -6.74 -5.30
C ALA A 114 -6.20 -6.93 -6.80
N ASN A 115 -6.60 -8.10 -7.20
CA ASN A 115 -6.88 -8.36 -8.64
C ASN A 115 -8.17 -9.15 -8.76
N ALA A 116 -9.18 -8.56 -9.31
CA ALA A 116 -10.47 -9.27 -9.46
C ALA A 116 -10.34 -10.32 -10.57
N GLY A 117 -9.54 -10.04 -11.55
CA GLY A 117 -9.34 -11.00 -12.68
C GLY A 117 -7.91 -10.87 -13.21
N PRO A 118 -7.54 -11.70 -14.15
CA PRO A 118 -6.19 -11.68 -14.75
C PRO A 118 -5.77 -10.28 -15.22
N ASN A 119 -4.50 -10.00 -15.15
CA ASN A 119 -3.98 -8.67 -15.58
C ASN A 119 -4.91 -7.55 -15.10
N THR A 120 -5.28 -7.56 -13.85
CA THR A 120 -6.18 -6.51 -13.31
C THR A 120 -5.58 -5.96 -12.01
N ASN A 121 -5.39 -4.69 -11.94
CA ASN A 121 -4.81 -4.08 -10.71
C ASN A 121 -5.94 -3.43 -9.90
N GLY A 122 -6.16 -3.88 -8.69
CA GLY A 122 -7.24 -3.30 -7.86
C GLY A 122 -6.73 -2.04 -7.14
N SER A 123 -7.55 -1.05 -7.02
CA SER A 123 -7.12 0.21 -6.33
C SER A 123 -6.81 -0.11 -4.87
N GLN A 124 -7.39 -1.17 -4.34
CA GLN A 124 -7.14 -1.53 -2.93
C GLN A 124 -6.00 -2.55 -2.84
N PHE A 125 -5.29 -2.57 -1.76
CA PHE A 125 -4.16 -3.54 -1.61
C PHE A 125 -4.23 -4.18 -0.22
N PHE A 126 -3.57 -5.30 -0.03
CA PHE A 126 -3.59 -5.97 1.30
C PHE A 126 -2.18 -6.50 1.62
N ILE A 127 -1.90 -6.73 2.87
CA ILE A 127 -0.56 -7.26 3.27
C ILE A 127 -0.73 -8.58 4.01
N CYS A 128 0.01 -9.58 3.61
CA CYS A 128 -0.11 -10.91 4.31
C CYS A 128 0.94 -10.98 5.42
N THR A 129 0.52 -10.86 6.64
CA THR A 129 1.50 -10.92 7.77
C THR A 129 1.93 -12.36 8.00
N ALA A 130 1.32 -13.30 7.32
CA ALA A 130 1.70 -14.73 7.52
C ALA A 130 1.48 -15.51 6.22
N LYS A 131 2.17 -16.59 6.05
CA LYS A 131 2.00 -17.39 4.80
C LYS A 131 0.62 -18.05 4.81
N THR A 132 -0.02 -18.11 3.67
CA THR A 132 -1.38 -18.73 3.60
C THR A 132 -1.33 -20.00 2.75
N GLU A 133 -2.21 -20.92 2.99
CA GLU A 133 -2.22 -22.19 2.19
C GLU A 133 -3.40 -22.18 1.21
N TRP A 134 -4.60 -22.36 1.70
CA TRP A 134 -5.78 -22.37 0.80
C TRP A 134 -5.85 -21.08 -0.01
N LEU A 135 -5.48 -19.97 0.58
CA LEU A 135 -5.53 -18.67 -0.14
C LEU A 135 -4.38 -18.60 -1.15
N ASP A 136 -3.62 -19.66 -1.28
CA ASP A 136 -2.48 -19.64 -2.25
C ASP A 136 -3.04 -19.58 -3.68
N GLY A 137 -2.19 -19.30 -4.63
CA GLY A 137 -2.66 -19.22 -6.04
C GLY A 137 -1.80 -18.21 -6.80
N LYS A 138 -2.42 -17.34 -7.56
CA LYS A 138 -1.65 -16.32 -8.31
C LYS A 138 -1.53 -15.05 -7.46
N HIS A 139 -0.34 -14.54 -7.30
CA HIS A 139 -0.16 -13.31 -6.47
C HIS A 139 0.80 -12.36 -7.19
N VAL A 140 0.67 -11.08 -6.95
CA VAL A 140 1.57 -10.09 -7.60
C VAL A 140 2.19 -9.18 -6.53
N VAL A 141 3.37 -8.70 -6.75
CA VAL A 141 4.02 -7.82 -5.75
C VAL A 141 4.59 -6.56 -6.43
N PHE A 142 4.22 -5.40 -5.96
CA PHE A 142 4.75 -4.15 -6.58
C PHE A 142 5.71 -3.49 -5.60
N GLY A 143 5.94 -4.12 -4.48
CA GLY A 143 6.88 -3.54 -3.46
C GLY A 143 7.00 -4.51 -2.28
N GLN A 144 7.80 -4.19 -1.31
CA GLN A 144 7.96 -5.10 -0.13
C GLN A 144 8.18 -4.28 1.13
N VAL A 145 8.08 -4.89 2.28
CA VAL A 145 8.27 -4.16 3.55
C VAL A 145 9.70 -4.37 4.04
N VAL A 146 10.39 -3.31 4.34
CA VAL A 146 11.80 -3.44 4.84
C VAL A 146 11.83 -3.21 6.35
N GLU A 147 10.95 -2.36 6.84
CA GLU A 147 10.93 -2.09 8.31
C GLU A 147 9.47 -1.90 8.76
N GLY A 148 9.25 -1.85 10.05
CA GLY A 148 7.86 -1.66 10.56
C GLY A 148 7.24 -3.02 10.92
N MET A 149 8.01 -4.06 10.83
CA MET A 149 7.48 -5.41 11.17
C MET A 149 7.00 -5.41 12.64
N ASP A 150 7.64 -4.66 13.48
CA ASP A 150 7.22 -4.64 14.91
C ASP A 150 5.82 -4.04 15.04
N VAL A 151 5.53 -3.00 14.32
CA VAL A 151 4.18 -2.37 14.42
C VAL A 151 3.17 -3.14 13.57
N VAL A 152 3.57 -3.69 12.47
CA VAL A 152 2.59 -4.43 11.61
C VAL A 152 1.85 -5.45 12.49
N LYS A 153 2.54 -6.12 13.37
CA LYS A 153 1.87 -7.11 14.26
C LYS A 153 0.90 -6.37 15.18
N ALA A 154 1.24 -5.16 15.57
CA ALA A 154 0.35 -4.39 16.49
C ALA A 154 -1.02 -4.18 15.83
N ILE A 155 -1.04 -3.95 14.55
CA ILE A 155 -2.33 -3.73 13.85
C ILE A 155 -3.13 -5.04 13.79
N GLU A 156 -2.47 -6.14 13.59
CA GLU A 156 -3.20 -7.44 13.48
C GLU A 156 -3.64 -7.96 14.87
N LYS A 157 -2.80 -7.84 15.87
CA LYS A 157 -3.21 -8.37 17.21
C LYS A 157 -4.47 -7.65 17.68
N VAL A 158 -4.60 -6.40 17.38
CA VAL A 158 -5.82 -5.65 17.81
C VAL A 158 -6.96 -5.96 16.83
N GLY A 159 -6.65 -6.60 15.73
CA GLY A 159 -7.71 -6.92 14.73
C GLY A 159 -8.61 -8.03 15.26
N SER A 160 -9.73 -8.22 14.64
CA SER A 160 -10.67 -9.29 15.10
C SER A 160 -11.55 -9.75 13.93
N SER A 161 -12.25 -10.83 14.09
CA SER A 161 -13.13 -11.32 12.98
C SER A 161 -14.06 -10.20 12.55
N SER A 162 -14.42 -9.33 13.45
CA SER A 162 -15.34 -8.21 13.10
C SER A 162 -14.77 -7.44 11.90
N GLY A 163 -13.48 -7.39 11.77
CA GLY A 163 -12.86 -6.65 10.63
C GLY A 163 -12.50 -5.23 11.06
N ARG A 164 -12.53 -4.97 12.34
CA ARG A 164 -12.18 -3.60 12.83
C ARG A 164 -11.07 -3.70 13.88
N THR A 165 -10.17 -2.76 13.90
CA THR A 165 -9.07 -2.80 14.91
C THR A 165 -9.63 -2.41 16.28
N ALA A 166 -9.04 -2.92 17.34
CA ALA A 166 -9.54 -2.58 18.70
C ALA A 166 -9.30 -1.10 18.97
N LYS A 167 -8.20 -0.57 18.53
CA LYS A 167 -7.88 0.87 18.75
C LYS A 167 -8.00 1.63 17.43
N LYS A 168 -8.22 2.91 17.48
CA LYS A 168 -8.34 3.70 16.22
C LYS A 168 -6.95 3.83 15.59
N VAL A 169 -6.83 3.54 14.31
CA VAL A 169 -5.51 3.66 13.64
C VAL A 169 -5.64 4.57 12.42
N VAL A 170 -4.84 5.60 12.35
CA VAL A 170 -4.91 6.54 11.19
C VAL A 170 -3.51 7.04 10.86
N VAL A 171 -3.16 7.09 9.60
CA VAL A 171 -1.81 7.58 9.22
C VAL A 171 -1.73 9.09 9.46
N GLU A 172 -0.74 9.53 10.19
CA GLU A 172 -0.62 11.00 10.45
C GLU A 172 -0.20 11.72 9.17
N ASP A 173 0.70 11.15 8.40
CA ASP A 173 1.13 11.82 7.14
C ASP A 173 1.86 10.82 6.23
N CYS A 174 2.07 11.19 5.00
CA CYS A 174 2.79 10.29 4.05
C CYS A 174 3.81 11.10 3.25
N GLY A 175 4.97 10.54 2.99
CA GLY A 175 6.00 11.29 2.21
C GLY A 175 6.94 10.30 1.53
N GLN A 176 7.82 10.79 0.69
CA GLN A 176 8.78 9.88 -0.01
C GLN A 176 10.16 10.01 0.62
N LEU A 177 10.68 8.93 1.15
CA LEU A 177 12.03 8.99 1.78
C LEU A 177 13.07 9.39 0.74
N SER A 178 12.95 8.90 -0.47
CA SER A 178 13.93 9.27 -1.53
C SER A 178 14.02 10.78 -1.65
N GLY A 1 21.69 16.39 -15.97
CA GLY A 1 22.40 16.54 -17.30
C GLY A 1 23.85 16.88 -17.32
N SER A 2 24.32 17.58 -16.32
CA SER A 2 25.77 17.94 -16.27
C SER A 2 26.62 16.67 -16.21
N PHE A 3 26.05 15.59 -15.73
CA PHE A 3 26.81 14.32 -15.65
C PHE A 3 25.88 13.17 -16.04
N THR A 4 26.44 12.04 -16.33
CA THR A 4 25.61 10.87 -16.72
C THR A 4 25.66 9.81 -15.62
N GLY A 5 24.53 9.21 -15.32
CA GLY A 5 24.50 8.17 -14.24
C GLY A 5 23.08 7.64 -14.09
N SER A 6 22.85 6.81 -13.11
CA SER A 6 21.48 6.24 -12.90
C SER A 6 20.96 6.69 -11.53
N MET A 7 19.70 7.04 -11.46
CA MET A 7 19.12 7.49 -10.16
C MET A 7 18.89 6.26 -9.27
N PRO A 8 18.93 6.45 -7.97
CA PRO A 8 18.72 5.33 -7.00
C PRO A 8 17.26 4.84 -7.00
N ASN A 9 17.01 3.73 -6.36
CA ASN A 9 15.61 3.20 -6.33
C ASN A 9 14.74 4.11 -5.46
N PRO A 10 13.48 4.23 -5.77
CA PRO A 10 12.52 5.09 -5.01
C PRO A 10 12.22 4.51 -3.62
N ARG A 11 12.09 5.35 -2.64
CA ARG A 11 11.77 4.86 -1.26
C ARG A 11 10.56 5.64 -0.73
N VAL A 12 9.61 4.96 -0.15
CA VAL A 12 8.41 5.65 0.39
C VAL A 12 8.08 5.09 1.76
N PHE A 13 7.60 5.92 2.66
CA PHE A 13 7.25 5.45 4.02
C PHE A 13 5.94 6.09 4.47
N PHE A 14 5.22 5.45 5.34
CA PHE A 14 3.92 6.01 5.83
C PHE A 14 3.97 6.18 7.35
N ASP A 15 3.49 7.30 7.84
CA ASP A 15 3.50 7.52 9.31
C ASP A 15 2.16 7.07 9.89
N MET A 16 2.16 6.28 10.93
CA MET A 16 0.87 5.81 11.51
C MET A 16 0.79 6.15 12.99
N SER A 17 -0.41 6.31 13.50
CA SER A 17 -0.58 6.64 14.95
C SER A 17 -1.82 5.93 15.46
N VAL A 18 -1.94 5.77 16.76
CA VAL A 18 -3.13 5.08 17.32
C VAL A 18 -3.80 5.97 18.38
N GLY A 19 -5.10 6.04 18.36
CA GLY A 19 -5.82 6.89 19.36
C GLY A 19 -5.26 8.31 19.31
N GLY A 20 -4.47 8.62 18.32
CA GLY A 20 -3.88 9.99 18.22
C GLY A 20 -2.48 10.00 18.83
N GLN A 21 -2.03 8.89 19.35
CA GLN A 21 -0.67 8.84 19.96
C GLN A 21 0.30 8.21 18.96
N PRO A 22 1.56 8.56 19.04
CA PRO A 22 2.60 8.03 18.12
C PRO A 22 2.76 6.51 18.23
N ALA A 23 2.91 5.84 17.13
CA ALA A 23 3.06 4.35 17.17
C ALA A 23 4.49 3.97 16.74
N GLY A 24 4.85 4.25 15.52
CA GLY A 24 6.22 3.91 15.05
C GLY A 24 6.37 4.35 13.59
N ARG A 25 7.44 3.93 12.94
CA ARG A 25 7.65 4.32 11.51
C ARG A 25 7.57 3.08 10.62
N ILE A 26 6.99 3.22 9.46
CA ILE A 26 6.89 2.07 8.52
C ILE A 26 7.56 2.44 7.21
N VAL A 27 8.55 1.71 6.80
CA VAL A 27 9.25 2.04 5.52
C VAL A 27 9.15 0.83 4.58
N MET A 28 8.83 1.07 3.34
CA MET A 28 8.71 -0.05 2.36
C MET A 28 9.67 0.20 1.19
N GLU A 29 10.08 -0.85 0.52
CA GLU A 29 11.02 -0.67 -0.63
C GLU A 29 10.26 -0.75 -1.95
N LEU A 30 10.49 0.18 -2.82
CA LEU A 30 9.80 0.18 -4.16
C LEU A 30 10.80 -0.22 -5.23
N PHE A 31 10.46 -1.17 -6.06
CA PHE A 31 11.40 -1.60 -7.14
C PHE A 31 11.00 -0.91 -8.44
N ALA A 32 11.89 -0.12 -9.00
CA ALA A 32 11.55 0.58 -10.27
C ALA A 32 11.71 -0.38 -11.45
N ASP A 33 12.70 -1.21 -11.44
CA ASP A 33 12.91 -2.15 -12.58
C ASP A 33 11.79 -3.21 -12.61
N THR A 34 11.41 -3.72 -11.47
CA THR A 34 10.35 -4.77 -11.45
C THR A 34 9.00 -4.16 -11.89
N THR A 35 8.68 -3.00 -11.38
CA THR A 35 7.40 -2.35 -11.75
C THR A 35 7.53 -0.84 -11.59
N PRO A 36 8.08 -0.16 -12.57
CA PRO A 36 8.27 1.32 -12.50
C PRO A 36 6.95 2.09 -12.58
N ARG A 37 6.05 1.67 -13.41
CA ARG A 37 4.74 2.39 -13.51
C ARG A 37 3.98 2.28 -12.18
N THR A 38 4.02 1.13 -11.56
CA THR A 38 3.29 0.97 -10.26
C THR A 38 3.94 1.84 -9.19
N ALA A 39 5.25 1.88 -9.16
CA ALA A 39 5.93 2.72 -8.14
C ALA A 39 5.52 4.17 -8.32
N GLU A 40 5.26 4.57 -9.53
CA GLU A 40 4.85 5.98 -9.79
C GLU A 40 3.47 6.23 -9.20
N ASN A 41 2.59 5.27 -9.29
CA ASN A 41 1.21 5.47 -8.74
C ASN A 41 1.29 5.79 -7.24
N PHE A 42 2.14 5.12 -6.52
CA PHE A 42 2.24 5.39 -5.06
C PHE A 42 3.21 6.56 -4.81
N ARG A 43 4.31 6.60 -5.52
CA ARG A 43 5.30 7.69 -5.31
C ARG A 43 4.67 9.06 -5.56
N ALA A 44 3.90 9.21 -6.60
CA ALA A 44 3.28 10.54 -6.89
C ALA A 44 2.18 10.84 -5.87
N LEU A 45 1.32 9.89 -5.61
CA LEU A 45 0.22 10.12 -4.63
C LEU A 45 0.81 10.33 -3.23
N CYS A 46 1.85 9.62 -2.90
CA CYS A 46 2.46 9.79 -1.54
C CYS A 46 3.18 11.14 -1.48
N THR A 47 4.02 11.41 -2.44
CA THR A 47 4.76 12.71 -2.43
C THR A 47 3.77 13.87 -2.57
N GLY A 48 2.73 13.68 -3.35
CA GLY A 48 1.73 14.77 -3.52
C GLY A 48 2.05 15.58 -4.78
N GLU A 49 2.99 15.13 -5.56
CA GLU A 49 3.35 15.88 -6.81
C GLU A 49 2.13 15.93 -7.73
N LYS A 50 1.31 14.93 -7.71
CA LYS A 50 0.11 14.92 -8.59
C LYS A 50 -0.74 16.16 -8.30
N GLY A 51 -0.88 16.54 -7.06
CA GLY A 51 -1.68 17.74 -6.71
C GLY A 51 -3.13 17.33 -6.44
N THR A 52 -3.92 18.24 -5.96
CA THR A 52 -5.35 17.93 -5.67
C THR A 52 -6.16 17.95 -6.96
N GLY A 53 -7.18 17.14 -7.05
CA GLY A 53 -8.01 17.11 -8.29
C GLY A 53 -8.51 18.52 -8.63
N ARG A 54 -9.80 18.68 -8.72
CA ARG A 54 -10.35 20.03 -9.05
C ARG A 54 -9.88 21.05 -8.02
N SER A 55 -9.86 20.68 -6.77
CA SER A 55 -9.41 21.62 -5.70
C SER A 55 -10.00 21.16 -4.37
N GLY A 56 -11.12 20.50 -4.43
CA GLY A 56 -11.78 20.00 -3.18
C GLY A 56 -11.87 18.48 -3.22
N LYS A 57 -10.75 17.82 -3.32
CA LYS A 57 -10.76 16.33 -3.37
C LYS A 57 -9.31 15.83 -3.28
N PRO A 58 -8.72 15.95 -2.12
CA PRO A 58 -7.31 15.53 -1.89
C PRO A 58 -7.02 14.18 -2.53
N LEU A 59 -6.48 14.19 -3.73
CA LEU A 59 -6.16 12.92 -4.43
C LEU A 59 -4.92 12.29 -3.78
N HIS A 60 -4.96 12.08 -2.49
CA HIS A 60 -3.77 11.47 -1.79
C HIS A 60 -4.26 10.43 -0.77
N TYR A 61 -3.47 9.43 -0.51
CA TYR A 61 -3.88 8.40 0.49
C TYR A 61 -3.93 9.04 1.89
N LYS A 62 -3.43 10.24 2.00
CA LYS A 62 -3.44 10.92 3.33
C LYS A 62 -4.82 10.83 3.96
N ASP A 63 -4.87 10.82 5.26
CA ASP A 63 -6.19 10.74 5.97
C ASP A 63 -6.90 9.43 5.59
N SER A 64 -6.21 8.33 5.62
CA SER A 64 -6.84 7.02 5.27
C SER A 64 -6.85 6.12 6.51
N SER A 65 -7.81 5.24 6.61
CA SER A 65 -7.88 4.33 7.80
C SER A 65 -7.95 2.88 7.33
N PHE A 66 -7.41 1.97 8.10
CA PHE A 66 -7.44 0.54 7.69
C PHE A 66 -8.88 0.02 7.82
N HIS A 67 -9.35 -0.71 6.85
CA HIS A 67 -10.74 -1.24 6.91
C HIS A 67 -10.74 -2.68 7.42
N ARG A 68 -9.70 -3.43 7.17
CA ARG A 68 -9.67 -4.85 7.64
C ARG A 68 -8.31 -5.16 8.28
N VAL A 69 -8.32 -5.90 9.35
CA VAL A 69 -7.04 -6.26 10.03
C VAL A 69 -7.20 -7.64 10.68
N ILE A 70 -7.81 -8.56 9.98
CA ILE A 70 -8.01 -9.92 10.58
C ILE A 70 -6.70 -10.70 10.52
N PRO A 71 -6.31 -11.33 11.60
CA PRO A 71 -5.06 -12.13 11.65
C PRO A 71 -5.15 -13.42 10.82
N GLY A 72 -4.06 -13.82 10.21
CA GLY A 72 -4.09 -15.05 9.39
C GLY A 72 -4.57 -14.73 7.98
N PHE A 73 -5.72 -14.11 7.86
CA PHE A 73 -6.24 -13.76 6.51
C PHE A 73 -5.38 -12.65 5.90
N MET A 74 -5.62 -11.42 6.26
CA MET A 74 -4.80 -10.30 5.69
C MET A 74 -5.27 -8.98 6.27
N CYS A 75 -4.66 -7.90 5.84
CA CYS A 75 -5.06 -6.55 6.36
C CYS A 75 -5.24 -5.60 5.17
N GLN A 76 -6.37 -4.96 5.08
CA GLN A 76 -6.61 -4.01 3.94
C GLN A 76 -6.33 -2.58 4.41
N GLY A 77 -5.68 -1.80 3.60
CA GLY A 77 -5.37 -0.40 4.00
C GLY A 77 -5.27 0.48 2.76
N GLY A 78 -4.96 1.74 2.93
CA GLY A 78 -4.83 2.65 1.76
C GLY A 78 -6.23 3.06 1.29
N ASP A 79 -7.01 3.66 2.15
CA ASP A 79 -8.39 4.08 1.75
C ASP A 79 -8.27 5.25 0.77
N PHE A 80 -8.21 4.96 -0.50
CA PHE A 80 -8.08 6.04 -1.52
C PHE A 80 -9.31 6.96 -1.44
N THR A 81 -10.49 6.40 -1.44
CA THR A 81 -11.71 7.25 -1.37
C THR A 81 -12.84 6.43 -0.73
N ALA A 82 -13.72 5.89 -1.54
CA ALA A 82 -14.85 5.09 -1.00
C ALA A 82 -14.40 3.64 -0.79
N GLY A 83 -14.07 2.96 -1.85
CA GLY A 83 -13.63 1.54 -1.73
C GLY A 83 -14.80 0.61 -2.04
N ASN A 84 -15.99 1.13 -2.06
CA ASN A 84 -17.17 0.28 -2.37
C ASN A 84 -17.04 -0.24 -3.80
N GLY A 85 -16.44 0.54 -4.65
CA GLY A 85 -16.27 0.12 -6.07
C GLY A 85 -16.18 1.37 -6.95
N THR A 86 -16.89 2.41 -6.57
CA THR A 86 -16.86 3.66 -7.37
C THR A 86 -15.56 4.42 -7.05
N GLY A 87 -15.04 4.25 -5.87
CA GLY A 87 -13.78 4.94 -5.49
C GLY A 87 -12.59 4.08 -5.89
N GLY A 88 -11.41 4.46 -5.47
CA GLY A 88 -10.21 3.65 -5.83
C GLY A 88 -9.79 3.98 -7.27
N GLU A 89 -9.74 5.24 -7.61
CA GLU A 89 -9.34 5.63 -8.99
C GLU A 89 -7.82 5.78 -9.07
N SER A 90 -7.22 5.36 -10.14
CA SER A 90 -5.74 5.47 -10.28
C SER A 90 -5.41 6.57 -11.30
N ILE A 91 -4.21 7.10 -11.24
CA ILE A 91 -3.84 8.18 -12.20
C ILE A 91 -3.97 7.65 -13.63
N TYR A 92 -3.73 6.39 -13.84
CA TYR A 92 -3.84 5.83 -15.22
C TYR A 92 -5.29 5.88 -15.67
N GLY A 93 -6.22 5.91 -14.74
CA GLY A 93 -7.65 5.95 -15.13
C GLY A 93 -8.08 4.56 -15.60
N ALA A 94 -8.11 4.33 -16.88
CA ALA A 94 -8.51 2.99 -17.39
C ALA A 94 -7.56 1.94 -16.83
N LYS A 95 -8.05 0.75 -16.61
CA LYS A 95 -7.18 -0.32 -16.06
C LYS A 95 -6.20 -0.79 -17.14
N PHE A 96 -5.08 -1.35 -16.75
CA PHE A 96 -4.09 -1.83 -17.74
C PHE A 96 -3.72 -3.28 -17.44
N ALA A 97 -3.17 -3.98 -18.41
CA ALA A 97 -2.80 -5.40 -18.18
C ALA A 97 -1.75 -5.51 -17.07
N ASP A 98 -1.83 -6.52 -16.26
CA ASP A 98 -0.84 -6.69 -15.16
C ASP A 98 0.52 -7.07 -15.74
N GLU A 99 1.58 -6.72 -15.08
CA GLU A 99 2.93 -7.05 -15.59
C GLU A 99 3.41 -8.35 -14.94
N ASN A 100 4.43 -8.96 -15.48
CA ASN A 100 4.93 -10.23 -14.91
C ASN A 100 5.33 -10.01 -13.45
N PHE A 101 5.28 -11.04 -12.64
CA PHE A 101 5.66 -10.89 -11.20
C PHE A 101 6.61 -12.03 -10.81
N ILE A 102 7.87 -11.89 -11.13
CA ILE A 102 8.85 -12.95 -10.77
C ILE A 102 8.86 -13.14 -9.25
N LYS A 103 8.66 -12.08 -8.51
CA LYS A 103 8.66 -12.21 -7.02
C LYS A 103 7.26 -12.59 -6.55
N LYS A 104 7.17 -13.38 -5.51
CA LYS A 104 5.83 -13.79 -4.99
C LYS A 104 5.81 -13.67 -3.47
N HIS A 105 4.71 -14.01 -2.85
CA HIS A 105 4.62 -13.91 -1.37
C HIS A 105 5.61 -14.88 -0.72
N THR A 106 6.89 -14.59 -0.80
CA THR A 106 7.90 -15.50 -0.18
C THR A 106 7.80 -15.42 1.34
N GLY A 107 7.36 -14.30 1.86
CA GLY A 107 7.25 -14.16 3.33
C GLY A 107 6.16 -13.15 3.67
N PRO A 108 5.89 -12.96 4.94
CA PRO A 108 4.84 -12.00 5.41
C PRO A 108 5.29 -10.55 5.24
N GLY A 109 4.36 -9.64 5.11
CA GLY A 109 4.72 -8.20 4.95
C GLY A 109 5.08 -7.90 3.49
N ILE A 110 4.25 -8.30 2.57
CA ILE A 110 4.53 -8.05 1.12
C ILE A 110 3.46 -7.11 0.55
N LEU A 111 3.87 -6.16 -0.26
CA LEU A 111 2.88 -5.22 -0.84
C LEU A 111 2.36 -5.78 -2.17
N SER A 112 1.06 -5.88 -2.30
CA SER A 112 0.48 -6.42 -3.57
C SER A 112 -0.80 -5.65 -3.89
N MET A 113 -1.03 -5.32 -5.13
CA MET A 113 -2.26 -4.58 -5.50
C MET A 113 -3.44 -5.55 -5.61
N ALA A 114 -4.58 -5.19 -5.08
CA ALA A 114 -5.76 -6.09 -5.16
C ALA A 114 -6.16 -6.28 -6.63
N ASN A 115 -6.58 -7.47 -6.99
CA ASN A 115 -7.01 -7.73 -8.39
C ASN A 115 -8.13 -8.76 -8.39
N ALA A 116 -9.30 -8.36 -8.79
CA ALA A 116 -10.44 -9.31 -8.81
C ALA A 116 -10.21 -10.37 -9.89
N GLY A 117 -9.60 -9.98 -10.98
CA GLY A 117 -9.34 -10.95 -12.08
C GLY A 117 -8.09 -10.51 -12.85
N PRO A 118 -7.54 -11.37 -13.65
CA PRO A 118 -6.33 -11.07 -14.45
C PRO A 118 -6.42 -9.73 -15.18
N ASN A 119 -5.30 -9.13 -15.43
CA ASN A 119 -5.29 -7.82 -16.14
C ASN A 119 -6.17 -6.82 -15.39
N THR A 120 -6.02 -6.75 -14.10
CA THR A 120 -6.86 -5.79 -13.31
C THR A 120 -5.96 -5.08 -12.30
N ASN A 121 -5.96 -3.78 -12.33
CA ASN A 121 -5.11 -3.00 -11.37
C ASN A 121 -6.01 -2.41 -10.28
N GLY A 122 -5.94 -2.94 -9.08
CA GLY A 122 -6.78 -2.41 -7.98
C GLY A 122 -6.06 -1.25 -7.28
N SER A 123 -6.73 -0.14 -7.14
CA SER A 123 -6.08 1.03 -6.46
C SER A 123 -5.79 0.67 -5.00
N GLN A 124 -6.51 -0.28 -4.47
CA GLN A 124 -6.28 -0.67 -3.04
C GLN A 124 -5.29 -1.83 -2.99
N PHE A 125 -4.58 -1.96 -1.90
CA PHE A 125 -3.59 -3.07 -1.78
C PHE A 125 -3.74 -3.73 -0.41
N PHE A 126 -3.24 -4.93 -0.25
CA PHE A 126 -3.36 -5.62 1.07
C PHE A 126 -2.02 -6.24 1.44
N ILE A 127 -1.79 -6.47 2.72
CA ILE A 127 -0.50 -7.07 3.16
C ILE A 127 -0.79 -8.36 3.93
N CYS A 128 -0.05 -9.40 3.65
CA CYS A 128 -0.28 -10.70 4.38
C CYS A 128 0.76 -10.80 5.50
N THR A 129 0.32 -10.76 6.73
CA THR A 129 1.27 -10.86 7.87
C THR A 129 1.64 -12.32 8.11
N ALA A 130 1.03 -13.23 7.41
CA ALA A 130 1.33 -14.68 7.61
C ALA A 130 1.19 -15.43 6.29
N LYS A 131 1.76 -16.59 6.19
CA LYS A 131 1.65 -17.38 4.93
C LYS A 131 0.26 -18.01 4.85
N THR A 132 -0.32 -18.03 3.67
CA THR A 132 -1.68 -18.63 3.52
C THR A 132 -1.63 -19.71 2.43
N GLU A 133 -2.57 -20.62 2.44
CA GLU A 133 -2.58 -21.69 1.41
C GLU A 133 -3.62 -21.38 0.33
N TRP A 134 -4.88 -21.55 0.63
CA TRP A 134 -5.94 -21.27 -0.38
C TRP A 134 -5.89 -19.80 -0.80
N LEU A 135 -5.81 -18.91 0.15
CA LEU A 135 -5.76 -17.46 -0.19
C LEU A 135 -4.51 -17.17 -1.04
N ASP A 136 -3.44 -17.88 -0.79
CA ASP A 136 -2.19 -17.65 -1.58
C ASP A 136 -2.34 -18.29 -2.96
N GLY A 137 -2.27 -17.50 -3.99
CA GLY A 137 -2.39 -18.05 -5.37
C GLY A 137 -1.64 -17.14 -6.35
N LYS A 138 -2.28 -16.75 -7.42
CA LYS A 138 -1.59 -15.85 -8.39
C LYS A 138 -1.79 -14.40 -7.97
N HIS A 139 -0.73 -13.73 -7.59
CA HIS A 139 -0.87 -12.31 -7.16
C HIS A 139 0.29 -11.48 -7.74
N VAL A 140 0.17 -10.19 -7.71
CA VAL A 140 1.26 -9.32 -8.26
C VAL A 140 1.92 -8.54 -7.13
N VAL A 141 3.22 -8.52 -7.08
CA VAL A 141 3.93 -7.78 -6.00
C VAL A 141 4.67 -6.59 -6.60
N PHE A 142 4.48 -5.41 -6.05
CA PHE A 142 5.17 -4.21 -6.60
C PHE A 142 6.14 -3.65 -5.55
N GLY A 143 6.24 -4.28 -4.42
CA GLY A 143 7.17 -3.78 -3.36
C GLY A 143 7.18 -4.75 -2.16
N GLN A 144 7.96 -4.46 -1.16
CA GLN A 144 8.01 -5.36 0.03
C GLN A 144 8.20 -4.52 1.29
N VAL A 145 8.03 -5.11 2.45
CA VAL A 145 8.20 -4.36 3.71
C VAL A 145 9.60 -4.57 4.26
N VAL A 146 10.30 -3.52 4.60
CA VAL A 146 11.67 -3.66 5.16
C VAL A 146 11.67 -3.30 6.64
N GLU A 147 10.83 -2.38 7.04
CA GLU A 147 10.76 -1.99 8.48
C GLU A 147 9.31 -1.73 8.88
N GLY A 148 9.05 -1.55 10.14
CA GLY A 148 7.65 -1.27 10.59
C GLY A 148 7.01 -2.56 11.11
N MET A 149 7.74 -3.65 11.11
CA MET A 149 7.17 -4.92 11.60
C MET A 149 6.75 -4.77 13.07
N ASP A 150 7.47 -3.98 13.83
CA ASP A 150 7.11 -3.81 15.26
C ASP A 150 5.73 -3.15 15.38
N VAL A 151 5.47 -2.15 14.57
CA VAL A 151 4.16 -1.46 14.65
C VAL A 151 3.10 -2.23 13.85
N VAL A 152 3.48 -2.85 12.76
CA VAL A 152 2.47 -3.59 11.95
C VAL A 152 1.79 -4.65 12.83
N LYS A 153 2.54 -5.32 13.65
CA LYS A 153 1.93 -6.35 14.54
C LYS A 153 0.95 -5.67 15.51
N ALA A 154 1.25 -4.47 15.92
CA ALA A 154 0.35 -3.77 16.86
C ALA A 154 -1.02 -3.55 16.22
N ILE A 155 -1.04 -3.23 14.96
CA ILE A 155 -2.35 -3.00 14.27
C ILE A 155 -3.07 -4.33 14.06
N GLU A 156 -2.33 -5.39 13.81
CA GLU A 156 -2.97 -6.71 13.57
C GLU A 156 -3.44 -7.35 14.89
N LYS A 157 -2.66 -7.27 15.92
CA LYS A 157 -3.07 -7.90 17.21
C LYS A 157 -4.35 -7.25 17.73
N VAL A 158 -4.54 -5.98 17.49
CA VAL A 158 -5.78 -5.30 17.95
C VAL A 158 -6.93 -5.64 17.02
N GLY A 159 -6.62 -6.25 15.90
CA GLY A 159 -7.70 -6.60 14.92
C GLY A 159 -8.47 -7.82 15.43
N SER A 160 -9.51 -8.19 14.75
CA SER A 160 -10.32 -9.38 15.19
C SER A 160 -11.17 -9.87 14.02
N SER A 161 -11.86 -10.96 14.20
CA SER A 161 -12.71 -11.50 13.11
C SER A 161 -13.69 -10.40 12.65
N SER A 162 -14.10 -9.55 13.55
CA SER A 162 -15.04 -8.46 13.17
C SER A 162 -14.46 -7.65 12.02
N GLY A 163 -13.16 -7.50 11.99
CA GLY A 163 -12.52 -6.72 10.89
C GLY A 163 -12.31 -5.26 11.35
N ARG A 164 -12.50 -5.01 12.61
CA ARG A 164 -12.31 -3.61 13.13
C ARG A 164 -11.17 -3.61 14.15
N THR A 165 -10.38 -2.58 14.16
CA THR A 165 -9.24 -2.53 15.14
C THR A 165 -9.77 -2.09 16.51
N ALA A 166 -9.12 -2.52 17.56
CA ALA A 166 -9.57 -2.11 18.92
C ALA A 166 -9.32 -0.62 19.11
N LYS A 167 -8.25 -0.12 18.55
CA LYS A 167 -7.94 1.34 18.68
C LYS A 167 -8.08 2.01 17.31
N LYS A 168 -8.25 3.30 17.29
CA LYS A 168 -8.39 4.01 15.99
C LYS A 168 -7.04 4.06 15.29
N VAL A 169 -7.01 3.73 14.02
CA VAL A 169 -5.71 3.76 13.27
C VAL A 169 -5.82 4.71 12.08
N VAL A 170 -4.93 5.65 11.98
CA VAL A 170 -4.97 6.61 10.84
C VAL A 170 -3.55 7.02 10.47
N VAL A 171 -3.33 7.35 9.24
CA VAL A 171 -1.97 7.75 8.81
C VAL A 171 -1.77 9.24 9.02
N GLU A 172 -0.74 9.60 9.74
CA GLU A 172 -0.48 11.04 9.99
C GLU A 172 -0.14 11.72 8.65
N ASP A 173 0.47 10.99 7.74
CA ASP A 173 0.83 11.60 6.43
C ASP A 173 1.58 10.58 5.57
N CYS A 174 1.99 10.99 4.40
CA CYS A 174 2.73 10.06 3.49
C CYS A 174 3.64 10.88 2.57
N GLY A 175 4.75 10.33 2.15
CA GLY A 175 5.66 11.09 1.24
C GLY A 175 6.77 10.18 0.74
N GLN A 176 7.64 10.69 -0.10
CA GLN A 176 8.76 9.86 -0.63
C GLN A 176 10.07 10.27 0.04
N LEU A 177 10.76 9.34 0.64
CA LEU A 177 12.05 9.68 1.30
C LEU A 177 13.04 10.19 0.25
N SER A 178 13.03 9.61 -0.93
CA SER A 178 13.98 10.06 -1.99
C SER A 178 13.94 11.59 -2.08
N GLY A 1 25.60 11.15 -14.43
CA GLY A 1 26.12 12.35 -13.63
C GLY A 1 27.24 12.13 -12.66
N SER A 2 27.83 13.20 -12.18
CA SER A 2 28.95 13.05 -11.21
C SER A 2 28.43 12.36 -9.95
N PHE A 3 27.17 12.49 -9.66
CA PHE A 3 26.60 11.84 -8.45
C PHE A 3 25.44 10.95 -8.88
N THR A 4 25.15 9.95 -8.11
CA THR A 4 24.03 9.03 -8.45
C THR A 4 22.70 9.78 -8.35
N GLY A 5 22.70 10.92 -7.71
CA GLY A 5 21.42 11.69 -7.59
C GLY A 5 20.44 10.94 -6.70
N SER A 6 19.28 10.62 -7.22
CA SER A 6 18.27 9.89 -6.40
C SER A 6 18.80 8.49 -6.09
N MET A 7 18.23 7.84 -5.11
CA MET A 7 18.70 6.46 -4.76
C MET A 7 18.42 5.52 -5.94
N PRO A 8 19.18 4.45 -6.05
CA PRO A 8 19.00 3.47 -7.16
C PRO A 8 17.53 3.04 -7.32
N ASN A 9 16.77 3.10 -6.25
CA ASN A 9 15.34 2.69 -6.34
C ASN A 9 14.50 3.63 -5.47
N PRO A 10 13.24 3.81 -5.82
CA PRO A 10 12.30 4.69 -5.05
C PRO A 10 12.02 4.16 -3.64
N ARG A 11 11.92 5.03 -2.68
CA ARG A 11 11.63 4.59 -1.29
C ARG A 11 10.45 5.39 -0.75
N VAL A 12 9.50 4.75 -0.14
CA VAL A 12 8.31 5.47 0.41
C VAL A 12 7.98 4.93 1.80
N PHE A 13 7.56 5.79 2.69
CA PHE A 13 7.21 5.34 4.07
C PHE A 13 5.97 6.09 4.56
N PHE A 14 5.23 5.50 5.46
CA PHE A 14 4.01 6.18 5.98
C PHE A 14 4.05 6.20 7.51
N ASP A 15 3.64 7.28 8.11
CA ASP A 15 3.64 7.37 9.60
C ASP A 15 2.28 6.90 10.13
N MET A 16 2.26 6.05 11.11
CA MET A 16 0.96 5.55 11.65
C MET A 16 0.87 5.82 13.15
N SER A 17 -0.33 5.95 13.67
CA SER A 17 -0.50 6.19 15.12
C SER A 17 -1.83 5.58 15.58
N VAL A 18 -2.02 5.45 16.87
CA VAL A 18 -3.30 4.85 17.37
C VAL A 18 -3.95 5.81 18.36
N GLY A 19 -5.24 6.03 18.23
CA GLY A 19 -5.94 6.94 19.17
C GLY A 19 -5.23 8.31 19.17
N GLY A 20 -4.42 8.58 18.19
CA GLY A 20 -3.71 9.89 18.14
C GLY A 20 -2.34 9.75 18.82
N GLN A 21 -1.99 8.56 19.22
CA GLN A 21 -0.68 8.34 19.90
C GLN A 21 0.28 7.64 18.92
N PRO A 22 1.31 8.32 18.46
CA PRO A 22 2.29 7.72 17.52
C PRO A 22 2.78 6.34 17.97
N ALA A 23 2.84 5.40 17.07
CA ALA A 23 3.30 4.02 17.43
C ALA A 23 4.72 3.81 16.91
N GLY A 24 4.93 3.95 15.63
CA GLY A 24 6.28 3.76 15.07
C GLY A 24 6.29 4.18 13.60
N ARG A 25 7.37 3.91 12.90
CA ARG A 25 7.46 4.30 11.46
C ARG A 25 7.52 3.03 10.60
N ILE A 26 6.91 3.06 9.45
CA ILE A 26 6.94 1.86 8.55
C ILE A 26 7.59 2.24 7.23
N VAL A 27 8.57 1.50 6.81
CA VAL A 27 9.26 1.83 5.52
C VAL A 27 9.06 0.68 4.53
N MET A 28 8.70 0.99 3.32
CA MET A 28 8.50 -0.07 2.29
C MET A 28 9.44 0.19 1.11
N GLU A 29 9.85 -0.84 0.43
CA GLU A 29 10.78 -0.66 -0.73
C GLU A 29 10.01 -0.75 -2.04
N LEU A 30 10.20 0.20 -2.92
CA LEU A 30 9.50 0.17 -4.25
C LEU A 30 10.52 -0.14 -5.34
N PHE A 31 10.23 -1.09 -6.19
CA PHE A 31 11.19 -1.41 -7.29
C PHE A 31 10.75 -0.70 -8.57
N ALA A 32 11.57 0.17 -9.08
CA ALA A 32 11.19 0.91 -10.31
C ALA A 32 11.43 0.02 -11.54
N ASP A 33 12.54 -0.67 -11.57
CA ASP A 33 12.84 -1.55 -12.74
C ASP A 33 11.82 -2.68 -12.82
N THR A 34 11.62 -3.39 -11.74
CA THR A 34 10.64 -4.52 -11.77
C THR A 34 9.22 -3.96 -11.91
N THR A 35 8.92 -2.90 -11.22
CA THR A 35 7.55 -2.31 -11.30
C THR A 35 7.68 -0.78 -11.37
N PRO A 36 7.97 -0.25 -12.53
CA PRO A 36 8.12 1.22 -12.74
C PRO A 36 6.79 1.97 -12.64
N ARG A 37 5.90 1.74 -13.57
CA ARG A 37 4.60 2.45 -13.56
C ARG A 37 3.81 2.13 -12.27
N THR A 38 3.87 0.91 -11.81
CA THR A 38 3.12 0.56 -10.57
C THR A 38 3.65 1.38 -9.39
N ALA A 39 4.94 1.52 -9.29
CA ALA A 39 5.52 2.32 -8.16
C ALA A 39 5.04 3.76 -8.29
N GLU A 40 4.82 4.22 -9.50
CA GLU A 40 4.35 5.62 -9.70
C GLU A 40 2.94 5.77 -9.10
N ASN A 41 2.13 4.75 -9.21
CA ASN A 41 0.75 4.84 -8.66
C ASN A 41 0.83 5.15 -7.16
N PHE A 42 1.71 4.49 -6.46
CA PHE A 42 1.83 4.74 -4.99
C PHE A 42 2.65 6.01 -4.76
N ARG A 43 3.75 6.16 -5.44
CA ARG A 43 4.59 7.36 -5.24
C ARG A 43 3.75 8.62 -5.52
N ALA A 44 2.96 8.59 -6.55
CA ALA A 44 2.12 9.78 -6.88
C ALA A 44 1.05 9.96 -5.81
N LEU A 45 0.53 8.88 -5.29
CA LEU A 45 -0.53 8.99 -4.24
C LEU A 45 0.04 9.74 -3.03
N CYS A 46 1.28 9.53 -2.71
CA CYS A 46 1.88 10.23 -1.54
C CYS A 46 1.95 11.73 -1.80
N THR A 47 2.63 12.14 -2.82
CA THR A 47 2.73 13.60 -3.12
C THR A 47 1.41 14.10 -3.72
N GLY A 48 0.80 13.32 -4.57
CA GLY A 48 -0.48 13.75 -5.19
C GLY A 48 -0.20 14.85 -6.21
N GLU A 49 1.05 15.11 -6.48
CA GLU A 49 1.41 16.18 -7.46
C GLU A 49 1.10 15.70 -8.87
N LYS A 50 0.92 14.42 -9.07
CA LYS A 50 0.63 13.92 -10.44
C LYS A 50 -0.61 14.61 -11.00
N GLY A 51 -1.59 14.85 -10.18
CA GLY A 51 -2.82 15.53 -10.69
C GLY A 51 -3.90 15.55 -9.60
N THR A 52 -5.07 16.01 -9.94
CA THR A 52 -6.19 16.06 -8.94
C THR A 52 -7.35 15.20 -9.43
N GLY A 53 -8.06 14.57 -8.53
CA GLY A 53 -9.21 13.71 -8.94
C GLY A 53 -9.86 14.23 -10.21
N ARG A 54 -10.59 15.31 -10.13
CA ARG A 54 -11.25 15.88 -11.35
C ARG A 54 -11.15 17.40 -11.33
N SER A 55 -12.26 18.07 -11.19
CA SER A 55 -12.25 19.57 -11.18
C SER A 55 -11.97 20.07 -9.77
N GLY A 56 -12.25 19.28 -8.78
CA GLY A 56 -12.02 19.73 -7.37
C GLY A 56 -12.06 18.52 -6.44
N LYS A 57 -10.93 17.94 -6.16
CA LYS A 57 -10.90 16.75 -5.26
C LYS A 57 -9.44 16.37 -5.02
N PRO A 58 -8.76 17.12 -4.20
CA PRO A 58 -7.33 16.87 -3.88
C PRO A 58 -7.07 15.41 -3.54
N LEU A 59 -6.09 14.81 -4.16
CA LEU A 59 -5.78 13.37 -3.89
C LEU A 59 -4.50 13.28 -3.07
N HIS A 60 -4.56 12.72 -1.90
CA HIS A 60 -3.34 12.60 -1.05
C HIS A 60 -3.45 11.36 -0.16
N TYR A 61 -2.37 10.66 0.02
CA TYR A 61 -2.40 9.44 0.88
C TYR A 61 -2.76 9.86 2.30
N LYS A 62 -2.29 11.01 2.72
CA LYS A 62 -2.60 11.50 4.09
C LYS A 62 -4.11 11.41 4.35
N ASP A 63 -4.49 11.26 5.59
CA ASP A 63 -5.94 11.18 5.93
C ASP A 63 -6.49 9.83 5.46
N SER A 64 -5.76 8.78 5.67
CA SER A 64 -6.22 7.42 5.25
C SER A 64 -6.34 6.53 6.49
N SER A 65 -7.20 5.55 6.45
CA SER A 65 -7.36 4.66 7.64
C SER A 65 -7.68 3.24 7.19
N PHE A 66 -7.35 2.26 7.98
CA PHE A 66 -7.65 0.85 7.59
C PHE A 66 -9.04 0.47 8.10
N HIS A 67 -9.88 -0.03 7.24
CA HIS A 67 -11.26 -0.42 7.66
C HIS A 67 -11.34 -1.92 7.92
N ARG A 68 -10.40 -2.69 7.41
CA ARG A 68 -10.46 -4.16 7.64
C ARG A 68 -9.12 -4.65 8.20
N VAL A 69 -9.17 -5.52 9.18
CA VAL A 69 -7.92 -6.05 9.77
C VAL A 69 -8.20 -7.44 10.36
N ILE A 70 -8.20 -8.45 9.54
CA ILE A 70 -8.48 -9.82 10.05
C ILE A 70 -7.14 -10.54 10.32
N PRO A 71 -6.96 -11.06 11.52
CA PRO A 71 -5.70 -11.77 11.88
C PRO A 71 -5.59 -13.14 11.21
N GLY A 72 -4.41 -13.48 10.73
CA GLY A 72 -4.23 -14.80 10.05
C GLY A 72 -4.45 -14.64 8.55
N PHE A 73 -5.28 -13.72 8.15
CA PHE A 73 -5.54 -13.52 6.69
C PHE A 73 -4.77 -12.29 6.19
N MET A 74 -5.37 -11.14 6.24
CA MET A 74 -4.68 -9.91 5.77
C MET A 74 -5.50 -8.68 6.12
N CYS A 75 -5.07 -7.52 5.69
CA CYS A 75 -5.82 -6.26 5.98
C CYS A 75 -6.07 -5.52 4.67
N GLN A 76 -7.23 -4.92 4.51
CA GLN A 76 -7.53 -4.19 3.25
C GLN A 76 -7.44 -2.68 3.48
N GLY A 77 -6.96 -1.95 2.50
CA GLY A 77 -6.84 -0.47 2.66
C GLY A 77 -6.84 0.18 1.27
N GLY A 78 -6.61 1.47 1.21
CA GLY A 78 -6.59 2.17 -0.11
C GLY A 78 -7.96 2.80 -0.39
N ASP A 79 -8.87 2.68 0.55
CA ASP A 79 -10.22 3.27 0.34
C ASP A 79 -10.25 4.68 0.93
N PHE A 80 -9.10 5.22 1.21
CA PHE A 80 -9.04 6.60 1.79
C PHE A 80 -10.00 7.54 1.05
N THR A 81 -10.22 7.30 -0.21
CA THR A 81 -11.12 8.19 -0.99
C THR A 81 -12.51 8.20 -0.33
N ALA A 82 -12.95 7.09 0.18
CA ALA A 82 -14.29 7.04 0.82
C ALA A 82 -14.28 6.06 2.00
N GLY A 83 -13.52 5.02 1.91
CA GLY A 83 -13.46 4.02 3.02
C GLY A 83 -14.34 2.82 2.68
N ASN A 84 -15.46 3.05 2.04
CA ASN A 84 -16.36 1.93 1.68
C ASN A 84 -15.98 1.40 0.30
N GLY A 85 -14.96 1.95 -0.30
CA GLY A 85 -14.53 1.49 -1.65
C GLY A 85 -15.31 2.26 -2.73
N THR A 86 -16.13 3.19 -2.32
CA THR A 86 -16.92 3.97 -3.32
C THR A 86 -15.95 4.71 -4.26
N GLY A 87 -14.87 5.22 -3.75
CA GLY A 87 -13.90 5.95 -4.60
C GLY A 87 -12.77 5.01 -5.03
N GLY A 88 -11.56 5.28 -4.60
CA GLY A 88 -10.43 4.40 -5.00
C GLY A 88 -9.94 4.82 -6.39
N GLU A 89 -10.12 6.05 -6.75
CA GLU A 89 -9.67 6.52 -8.09
C GLU A 89 -8.16 6.31 -8.24
N SER A 90 -7.72 5.94 -9.41
CA SER A 90 -6.26 5.72 -9.63
C SER A 90 -5.88 6.23 -11.02
N ILE A 91 -4.68 6.74 -11.18
CA ILE A 91 -4.26 7.25 -12.51
C ILE A 91 -4.08 6.06 -13.47
N TYR A 92 -4.08 4.87 -12.95
CA TYR A 92 -3.91 3.67 -13.82
C TYR A 92 -5.24 2.93 -13.96
N GLY A 93 -6.34 3.63 -13.88
CA GLY A 93 -7.67 2.96 -13.99
C GLY A 93 -7.64 2.01 -15.20
N ALA A 94 -6.89 2.34 -16.21
CA ALA A 94 -6.84 1.46 -17.41
C ALA A 94 -6.24 0.11 -17.00
N LYS A 95 -6.69 -0.95 -17.60
CA LYS A 95 -6.15 -2.29 -17.24
C LYS A 95 -4.92 -2.60 -18.09
N PHE A 96 -3.88 -3.12 -17.49
CA PHE A 96 -2.65 -3.44 -18.25
C PHE A 96 -2.01 -4.71 -17.68
N ALA A 97 -1.13 -5.34 -18.42
CA ALA A 97 -0.47 -6.58 -17.91
C ALA A 97 0.90 -6.22 -17.32
N ASP A 98 1.30 -6.89 -16.28
CA ASP A 98 2.62 -6.59 -15.66
C ASP A 98 3.74 -6.99 -16.64
N GLU A 99 4.72 -6.14 -16.80
CA GLU A 99 5.83 -6.48 -17.73
C GLU A 99 6.59 -7.70 -17.24
N ASN A 100 6.78 -7.84 -15.95
CA ASN A 100 7.51 -9.03 -15.42
C ASN A 100 6.91 -9.46 -14.09
N PHE A 101 7.33 -10.59 -13.59
CA PHE A 101 6.80 -11.10 -12.29
C PHE A 101 7.86 -11.95 -11.60
N ILE A 102 9.10 -11.54 -11.70
CA ILE A 102 10.19 -12.33 -11.05
C ILE A 102 9.93 -12.44 -9.54
N LYS A 103 9.35 -11.44 -8.95
CA LYS A 103 9.08 -11.50 -7.48
C LYS A 103 7.89 -12.42 -7.23
N LYS A 104 7.91 -13.16 -6.15
CA LYS A 104 6.77 -14.07 -5.83
C LYS A 104 6.32 -13.84 -4.39
N HIS A 105 5.11 -14.21 -4.08
CA HIS A 105 4.60 -14.02 -2.69
C HIS A 105 4.71 -15.34 -1.92
N THR A 106 5.34 -15.33 -0.77
CA THR A 106 5.47 -16.58 0.02
C THR A 106 5.79 -16.24 1.47
N GLY A 107 6.01 -14.99 1.77
CA GLY A 107 6.33 -14.60 3.18
C GLY A 107 5.40 -13.46 3.61
N PRO A 108 5.43 -13.11 4.87
CA PRO A 108 4.58 -12.03 5.43
C PRO A 108 5.16 -10.63 5.16
N GLY A 109 4.33 -9.62 5.13
CA GLY A 109 4.84 -8.24 4.88
C GLY A 109 5.12 -8.05 3.38
N ILE A 110 4.20 -8.44 2.54
CA ILE A 110 4.41 -8.29 1.07
C ILE A 110 3.39 -7.30 0.51
N LEU A 111 3.83 -6.38 -0.33
CA LEU A 111 2.88 -5.38 -0.91
C LEU A 111 2.39 -5.91 -2.26
N SER A 112 1.12 -6.23 -2.36
CA SER A 112 0.56 -6.75 -3.65
C SER A 112 -0.72 -5.99 -3.99
N MET A 113 -0.99 -5.79 -5.25
CA MET A 113 -2.23 -5.06 -5.64
C MET A 113 -3.35 -6.08 -5.92
N ALA A 114 -4.56 -5.76 -5.52
CA ALA A 114 -5.69 -6.70 -5.76
C ALA A 114 -5.89 -6.87 -7.27
N ASN A 115 -6.21 -8.06 -7.70
CA ASN A 115 -6.42 -8.30 -9.16
C ASN A 115 -7.55 -9.31 -9.35
N ALA A 116 -8.65 -8.89 -9.89
CA ALA A 116 -9.78 -9.83 -10.10
C ALA A 116 -9.39 -10.85 -11.17
N GLY A 117 -8.52 -10.47 -12.06
CA GLY A 117 -8.08 -11.40 -13.14
C GLY A 117 -6.56 -11.38 -13.24
N PRO A 118 -5.99 -12.31 -13.96
CA PRO A 118 -4.51 -12.40 -14.14
C PRO A 118 -3.93 -11.12 -14.76
N ASN A 119 -4.73 -10.39 -15.50
CA ASN A 119 -4.23 -9.13 -16.14
C ASN A 119 -5.17 -7.98 -15.79
N THR A 120 -5.62 -7.91 -14.57
CA THR A 120 -6.53 -6.81 -14.15
C THR A 120 -5.97 -6.15 -12.90
N ASN A 121 -5.78 -4.86 -12.95
CA ASN A 121 -5.24 -4.12 -11.77
C ASN A 121 -6.34 -3.27 -11.15
N GLY A 122 -6.29 -3.05 -9.87
CA GLY A 122 -7.33 -2.22 -9.19
C GLY A 122 -6.66 -1.22 -8.25
N SER A 123 -7.40 -0.24 -7.79
CA SER A 123 -6.81 0.77 -6.87
C SER A 123 -6.79 0.22 -5.45
N GLN A 124 -7.31 -0.96 -5.24
CA GLN A 124 -7.33 -1.55 -3.87
C GLN A 124 -6.19 -2.56 -3.72
N PHE A 125 -5.60 -2.63 -2.56
CA PHE A 125 -4.49 -3.60 -2.34
C PHE A 125 -4.64 -4.25 -0.96
N PHE A 126 -3.97 -5.34 -0.72
CA PHE A 126 -4.08 -6.02 0.60
C PHE A 126 -2.70 -6.43 1.09
N ILE A 127 -2.53 -6.55 2.39
CA ILE A 127 -1.22 -6.95 2.95
C ILE A 127 -1.39 -8.20 3.83
N CYS A 128 -0.53 -9.17 3.67
CA CYS A 128 -0.65 -10.41 4.49
C CYS A 128 0.57 -10.52 5.42
N THR A 129 0.36 -10.41 6.70
CA THR A 129 1.50 -10.51 7.66
C THR A 129 1.62 -11.94 8.16
N ALA A 130 0.75 -12.82 7.72
CA ALA A 130 0.80 -14.24 8.17
C ALA A 130 1.26 -15.13 7.00
N LYS A 131 1.87 -16.24 7.29
CA LYS A 131 2.32 -17.14 6.19
C LYS A 131 1.12 -17.91 5.65
N THR A 132 0.77 -17.68 4.41
CA THR A 132 -0.38 -18.39 3.80
C THR A 132 0.05 -19.01 2.46
N GLU A 133 -0.67 -20.01 2.01
CA GLU A 133 -0.31 -20.65 0.71
C GLU A 133 -1.38 -20.33 -0.35
N TRP A 134 -2.63 -20.35 0.04
CA TRP A 134 -3.71 -20.05 -0.94
C TRP A 134 -3.56 -18.61 -1.45
N LEU A 135 -3.10 -17.70 -0.63
CA LEU A 135 -2.93 -16.30 -1.08
C LEU A 135 -1.91 -16.25 -2.21
N ASP A 136 -0.92 -17.10 -2.18
CA ASP A 136 0.12 -17.09 -3.24
C ASP A 136 -0.43 -17.80 -4.48
N GLY A 137 -0.51 -17.09 -5.59
CA GLY A 137 -1.04 -17.72 -6.83
C GLY A 137 -0.70 -16.85 -8.04
N LYS A 138 -1.70 -16.34 -8.71
CA LYS A 138 -1.44 -15.48 -9.90
C LYS A 138 -1.26 -14.02 -9.45
N HIS A 139 -1.20 -13.79 -8.17
CA HIS A 139 -1.04 -12.40 -7.68
C HIS A 139 0.38 -11.91 -8.00
N VAL A 140 0.54 -10.62 -8.18
CA VAL A 140 1.89 -10.07 -8.49
C VAL A 140 2.31 -9.09 -7.40
N VAL A 141 3.57 -9.10 -7.02
CA VAL A 141 4.05 -8.18 -5.95
C VAL A 141 4.74 -6.98 -6.59
N PHE A 142 4.44 -5.79 -6.14
CA PHE A 142 5.09 -4.58 -6.72
C PHE A 142 6.05 -3.97 -5.70
N GLY A 143 6.18 -4.57 -4.55
CA GLY A 143 7.11 -4.03 -3.52
C GLY A 143 7.18 -4.99 -2.32
N GLN A 144 7.95 -4.66 -1.33
CA GLN A 144 8.06 -5.54 -0.14
C GLN A 144 8.25 -4.70 1.12
N VAL A 145 8.12 -5.29 2.28
CA VAL A 145 8.28 -4.53 3.54
C VAL A 145 9.70 -4.74 4.08
N VAL A 146 10.37 -3.67 4.44
CA VAL A 146 11.75 -3.80 4.98
C VAL A 146 11.75 -3.52 6.48
N GLU A 147 10.91 -2.61 6.93
CA GLU A 147 10.86 -2.28 8.38
C GLU A 147 9.42 -1.98 8.79
N GLY A 148 9.16 -1.93 10.07
CA GLY A 148 7.77 -1.62 10.54
C GLY A 148 7.02 -2.91 10.87
N MET A 149 7.68 -4.04 10.76
CA MET A 149 6.99 -5.32 11.06
C MET A 149 6.50 -5.32 12.52
N ASP A 150 7.21 -4.69 13.40
CA ASP A 150 6.78 -4.67 14.83
C ASP A 150 5.46 -3.92 14.96
N VAL A 151 5.32 -2.81 14.28
CA VAL A 151 4.05 -2.03 14.38
C VAL A 151 2.97 -2.62 13.47
N VAL A 152 3.34 -3.13 12.34
CA VAL A 152 2.32 -3.70 11.42
C VAL A 152 1.50 -4.76 12.16
N LYS A 153 2.14 -5.59 12.93
CA LYS A 153 1.38 -6.63 13.70
C LYS A 153 0.47 -5.96 14.73
N ALA A 154 0.90 -4.86 15.28
CA ALA A 154 0.08 -4.17 16.31
C ALA A 154 -1.28 -3.77 15.72
N ILE A 155 -1.31 -3.31 14.50
CA ILE A 155 -2.60 -2.89 13.88
C ILE A 155 -3.46 -4.13 13.57
N GLU A 156 -2.85 -5.21 13.16
CA GLU A 156 -3.65 -6.42 12.81
C GLU A 156 -4.08 -7.18 14.07
N LYS A 157 -3.24 -7.30 15.07
CA LYS A 157 -3.64 -8.05 16.29
C LYS A 157 -4.87 -7.39 16.94
N VAL A 158 -4.95 -6.09 16.88
CA VAL A 158 -6.11 -5.40 17.50
C VAL A 158 -7.36 -5.64 16.64
N GLY A 159 -7.18 -6.13 15.44
CA GLY A 159 -8.34 -6.38 14.55
C GLY A 159 -9.06 -7.67 14.98
N SER A 160 -10.18 -7.96 14.38
CA SER A 160 -10.94 -9.19 14.75
C SER A 160 -11.79 -9.63 13.57
N SER A 161 -12.50 -10.72 13.72
CA SER A 161 -13.37 -11.20 12.60
C SER A 161 -14.30 -10.07 12.17
N SER A 162 -14.67 -9.21 13.07
CA SER A 162 -15.58 -8.09 12.71
C SER A 162 -14.92 -7.23 11.62
N GLY A 163 -13.62 -7.23 11.56
CA GLY A 163 -12.92 -6.41 10.52
C GLY A 163 -12.71 -4.99 11.03
N ARG A 164 -12.76 -4.79 12.31
CA ARG A 164 -12.56 -3.42 12.88
C ARG A 164 -11.38 -3.44 13.87
N THR A 165 -10.63 -2.38 13.93
CA THR A 165 -9.47 -2.35 14.86
C THR A 165 -9.95 -1.98 16.27
N ALA A 166 -9.26 -2.43 17.28
CA ALA A 166 -9.68 -2.10 18.67
C ALA A 166 -9.49 -0.60 18.91
N LYS A 167 -8.46 -0.03 18.35
CA LYS A 167 -8.20 1.43 18.53
C LYS A 167 -8.27 2.12 17.18
N LYS A 168 -8.54 3.39 17.16
CA LYS A 168 -8.61 4.12 15.86
C LYS A 168 -7.22 4.21 15.25
N VAL A 169 -7.09 3.88 13.99
CA VAL A 169 -5.74 3.94 13.34
C VAL A 169 -5.81 4.88 12.13
N VAL A 170 -4.95 5.86 12.08
CA VAL A 170 -4.94 6.81 10.93
C VAL A 170 -3.51 7.23 10.64
N VAL A 171 -3.19 7.43 9.40
CA VAL A 171 -1.81 7.83 9.05
C VAL A 171 -1.58 9.29 9.42
N GLU A 172 -0.59 9.55 10.22
CA GLU A 172 -0.30 10.95 10.61
C GLU A 172 0.18 11.74 9.39
N ASP A 173 0.79 11.07 8.44
CA ASP A 173 1.29 11.81 7.24
C ASP A 173 1.85 10.83 6.20
N CYS A 174 2.22 11.33 5.05
CA CYS A 174 2.78 10.45 3.99
C CYS A 174 3.84 11.22 3.21
N GLY A 175 4.83 10.55 2.67
CA GLY A 175 5.88 11.26 1.90
C GLY A 175 6.80 10.25 1.23
N GLN A 176 7.70 10.71 0.40
CA GLN A 176 8.65 9.79 -0.29
C GLN A 176 10.08 10.06 0.19
N LEU A 177 10.71 9.08 0.78
CA LEU A 177 12.11 9.28 1.26
C LEU A 177 13.01 9.56 0.05
N SER A 178 12.77 8.90 -1.05
CA SER A 178 13.61 9.11 -2.26
C SER A 178 12.76 8.93 -3.52
N GLY A 1 25.42 9.96 -19.49
CA GLY A 1 26.72 9.19 -19.69
C GLY A 1 27.99 9.76 -19.15
N SER A 2 28.11 11.05 -19.08
CA SER A 2 29.35 11.67 -18.55
C SER A 2 29.59 11.17 -17.13
N PHE A 3 28.55 10.96 -16.37
CA PHE A 3 28.70 10.48 -14.98
C PHE A 3 28.18 9.05 -14.89
N THR A 4 29.01 8.14 -14.47
CA THR A 4 28.57 6.72 -14.36
C THR A 4 27.81 6.53 -13.04
N GLY A 5 26.71 5.82 -13.07
CA GLY A 5 25.93 5.59 -11.82
C GLY A 5 24.44 5.57 -12.16
N SER A 6 23.66 4.91 -11.35
CA SER A 6 22.18 4.84 -11.60
C SER A 6 21.43 5.38 -10.38
N MET A 7 20.30 5.99 -10.59
CA MET A 7 19.52 6.53 -9.43
C MET A 7 19.00 5.37 -8.59
N PRO A 8 18.85 5.58 -7.30
CA PRO A 8 18.35 4.52 -6.37
C PRO A 8 16.86 4.23 -6.57
N ASN A 9 16.38 3.16 -6.02
CA ASN A 9 14.94 2.81 -6.16
C ASN A 9 14.09 3.76 -5.31
N PRO A 10 12.87 3.99 -5.70
CA PRO A 10 11.94 4.89 -4.94
C PRO A 10 11.61 4.35 -3.54
N ARG A 11 11.52 5.21 -2.57
CA ARG A 11 11.19 4.75 -1.19
C ARG A 11 10.00 5.54 -0.67
N VAL A 12 9.01 4.87 -0.13
CA VAL A 12 7.81 5.59 0.40
C VAL A 12 7.43 4.99 1.76
N PHE A 13 7.00 5.82 2.67
CA PHE A 13 6.61 5.31 4.01
C PHE A 13 5.38 6.08 4.52
N PHE A 14 4.61 5.46 5.38
CA PHE A 14 3.40 6.15 5.92
C PHE A 14 3.53 6.25 7.44
N ASP A 15 3.21 7.38 8.02
CA ASP A 15 3.32 7.52 9.49
C ASP A 15 1.98 7.09 10.10
N MET A 16 1.98 6.02 10.87
CA MET A 16 0.69 5.55 11.47
C MET A 16 0.65 5.90 12.96
N SER A 17 -0.48 6.38 13.42
CA SER A 17 -0.63 6.72 14.86
C SER A 17 -1.97 6.19 15.36
N VAL A 18 -2.09 5.93 16.63
CA VAL A 18 -3.39 5.41 17.15
C VAL A 18 -3.87 6.28 18.31
N GLY A 19 -5.16 6.51 18.39
CA GLY A 19 -5.72 7.35 19.48
C GLY A 19 -4.81 8.55 19.73
N GLY A 20 -4.20 8.62 20.89
CA GLY A 20 -3.30 9.76 21.22
C GLY A 20 -1.91 9.21 21.54
N GLN A 21 -1.64 7.98 21.18
CA GLN A 21 -0.30 7.38 21.46
C GLN A 21 0.30 6.88 20.13
N PRO A 22 1.00 7.72 19.43
CA PRO A 22 1.63 7.35 18.13
C PRO A 22 2.38 6.02 18.21
N ALA A 23 2.15 5.15 17.25
CA ALA A 23 2.84 3.83 17.26
C ALA A 23 4.22 3.96 16.63
N GLY A 24 4.28 4.29 15.36
CA GLY A 24 5.60 4.41 14.69
C GLY A 24 5.41 4.63 13.20
N ARG A 25 6.45 4.50 12.42
CA ARG A 25 6.33 4.69 10.95
C ARG A 25 6.67 3.38 10.25
N ILE A 26 6.10 3.14 9.10
CA ILE A 26 6.38 1.88 8.36
C ILE A 26 7.00 2.22 7.01
N VAL A 27 8.11 1.61 6.68
CA VAL A 27 8.75 1.89 5.37
C VAL A 27 8.57 0.70 4.42
N MET A 28 8.20 0.95 3.20
CA MET A 28 8.00 -0.16 2.22
C MET A 28 8.93 0.05 1.04
N GLU A 29 9.38 -1.02 0.43
CA GLU A 29 10.31 -0.90 -0.73
C GLU A 29 9.50 -0.95 -2.04
N LEU A 30 9.78 -0.05 -2.94
CA LEU A 30 9.06 -0.02 -4.25
C LEU A 30 10.00 -0.49 -5.36
N PHE A 31 9.54 -1.37 -6.21
CA PHE A 31 10.41 -1.84 -7.33
C PHE A 31 10.08 -1.03 -8.57
N ALA A 32 11.05 -0.32 -9.10
CA ALA A 32 10.79 0.50 -10.31
C ALA A 32 11.05 -0.34 -11.58
N ASP A 33 12.11 -1.10 -11.58
CA ASP A 33 12.43 -1.92 -12.78
C ASP A 33 11.33 -2.97 -13.00
N THR A 34 10.97 -3.69 -11.97
CA THR A 34 9.91 -4.73 -12.15
C THR A 34 8.55 -4.07 -12.37
N THR A 35 8.25 -3.05 -11.60
CA THR A 35 6.93 -2.36 -11.76
C THR A 35 7.15 -0.85 -11.71
N PRO A 36 7.57 -0.25 -12.80
CA PRO A 36 7.83 1.21 -12.88
C PRO A 36 6.55 2.04 -12.75
N ARG A 37 5.63 1.87 -13.66
CA ARG A 37 4.37 2.66 -13.62
C ARG A 37 3.61 2.40 -12.32
N THR A 38 3.61 1.19 -11.83
CA THR A 38 2.86 0.90 -10.57
C THR A 38 3.45 1.72 -9.42
N ALA A 39 4.75 1.79 -9.35
CA ALA A 39 5.38 2.57 -8.24
C ALA A 39 5.04 4.05 -8.41
N GLU A 40 4.81 4.48 -9.62
CA GLU A 40 4.47 5.91 -9.86
C GLU A 40 3.12 6.23 -9.20
N ASN A 41 2.19 5.32 -9.25
CA ASN A 41 0.86 5.58 -8.64
C ASN A 41 1.03 5.86 -7.14
N PHE A 42 1.86 5.12 -6.48
CA PHE A 42 2.06 5.36 -5.02
C PHE A 42 3.03 6.52 -4.82
N ARG A 43 4.12 6.52 -5.52
CA ARG A 43 5.12 7.62 -5.36
C ARG A 43 4.47 8.97 -5.66
N ALA A 44 3.66 9.04 -6.69
CA ALA A 44 3.00 10.34 -7.04
C ALA A 44 1.81 10.57 -6.11
N LEU A 45 0.97 9.59 -5.93
CA LEU A 45 -0.22 9.77 -5.05
C LEU A 45 0.23 10.11 -3.62
N CYS A 46 1.29 9.49 -3.17
CA CYS A 46 1.77 9.78 -1.78
C CYS A 46 2.33 11.21 -1.73
N THR A 47 3.32 11.49 -2.53
CA THR A 47 3.90 12.86 -2.53
C THR A 47 2.85 13.87 -2.99
N GLY A 48 2.03 13.48 -3.94
CA GLY A 48 0.97 14.40 -4.44
C GLY A 48 1.56 15.39 -5.45
N GLU A 49 2.52 14.96 -6.24
CA GLU A 49 3.12 15.89 -7.24
C GLU A 49 2.03 16.34 -8.22
N LYS A 50 1.10 15.46 -8.52
CA LYS A 50 0.01 15.83 -9.46
C LYS A 50 -0.75 17.03 -8.92
N GLY A 51 -0.89 17.12 -7.62
CA GLY A 51 -1.63 18.26 -7.02
C GLY A 51 -3.08 17.85 -6.78
N THR A 52 -3.82 18.65 -6.06
CA THR A 52 -5.24 18.30 -5.79
C THR A 52 -6.09 18.62 -7.02
N GLY A 53 -7.03 17.77 -7.34
CA GLY A 53 -7.89 18.03 -8.53
C GLY A 53 -8.67 19.34 -8.33
N ARG A 54 -8.81 20.11 -9.37
CA ARG A 54 -9.55 21.40 -9.24
C ARG A 54 -10.98 21.13 -8.75
N SER A 55 -11.58 20.07 -9.19
CA SER A 55 -12.98 19.75 -8.76
C SER A 55 -13.02 19.61 -7.23
N GLY A 56 -11.97 19.11 -6.65
CA GLY A 56 -11.93 18.93 -5.17
C GLY A 56 -11.72 17.45 -4.85
N LYS A 57 -10.56 17.11 -4.35
CA LYS A 57 -10.26 15.69 -4.01
C LYS A 57 -8.76 15.56 -3.79
N PRO A 58 -8.31 15.82 -2.59
CA PRO A 58 -6.85 15.75 -2.24
C PRO A 58 -6.22 14.42 -2.67
N LEU A 59 -5.07 14.48 -3.29
CA LEU A 59 -4.38 13.24 -3.73
C LEU A 59 -3.29 12.86 -2.73
N HIS A 60 -3.60 12.92 -1.46
CA HIS A 60 -2.57 12.58 -0.42
C HIS A 60 -3.12 11.47 0.48
N TYR A 61 -2.33 10.46 0.74
CA TYR A 61 -2.80 9.37 1.64
C TYR A 61 -2.92 9.91 3.07
N LYS A 62 -2.38 11.07 3.30
CA LYS A 62 -2.45 11.66 4.67
C LYS A 62 -3.88 11.61 5.18
N ASP A 63 -4.05 11.28 6.44
CA ASP A 63 -5.42 11.21 7.03
C ASP A 63 -6.21 10.06 6.41
N SER A 64 -5.59 8.92 6.23
CA SER A 64 -6.32 7.75 5.65
C SER A 64 -6.49 6.70 6.74
N SER A 65 -7.54 5.93 6.69
CA SER A 65 -7.77 4.88 7.73
C SER A 65 -7.75 3.50 7.09
N PHE A 66 -7.23 2.53 7.79
CA PHE A 66 -7.19 1.15 7.22
C PHE A 66 -8.61 0.60 7.17
N HIS A 67 -8.95 -0.08 6.10
CA HIS A 67 -10.34 -0.63 5.97
C HIS A 67 -10.63 -1.59 7.13
N ARG A 68 -9.75 -2.53 7.37
CA ARG A 68 -9.98 -3.48 8.49
C ARG A 68 -8.74 -4.37 8.67
N VAL A 69 -8.63 -5.03 9.79
CA VAL A 69 -7.46 -5.92 10.03
C VAL A 69 -7.96 -7.24 10.61
N ILE A 70 -7.57 -8.34 10.01
CA ILE A 70 -8.01 -9.68 10.52
C ILE A 70 -6.77 -10.51 10.84
N PRO A 71 -6.59 -10.91 12.08
CA PRO A 71 -5.41 -11.72 12.48
C PRO A 71 -5.50 -13.15 11.95
N GLY A 72 -4.43 -13.68 11.43
CA GLY A 72 -4.44 -15.07 10.90
C GLY A 72 -4.73 -15.04 9.40
N PHE A 73 -4.93 -13.88 8.84
CA PHE A 73 -5.21 -13.80 7.37
C PHE A 73 -4.42 -12.64 6.76
N MET A 74 -5.03 -11.50 6.62
CA MET A 74 -4.29 -10.34 6.01
C MET A 74 -5.04 -9.04 6.30
N CYS A 75 -4.37 -7.93 6.19
CA CYS A 75 -5.04 -6.62 6.44
C CYS A 75 -5.48 -6.01 5.11
N GLN A 76 -6.70 -5.58 5.01
CA GLN A 76 -7.19 -4.99 3.73
C GLN A 76 -7.31 -3.48 3.88
N GLY A 77 -7.12 -2.75 2.81
CA GLY A 77 -7.22 -1.26 2.87
C GLY A 77 -7.84 -0.73 1.59
N GLY A 78 -8.89 0.04 1.70
CA GLY A 78 -9.55 0.58 0.47
C GLY A 78 -8.85 1.87 0.04
N ASP A 79 -9.30 2.46 -1.04
CA ASP A 79 -8.67 3.73 -1.52
C ASP A 79 -9.06 4.87 -0.58
N PHE A 80 -8.21 5.85 -0.44
CA PHE A 80 -8.54 7.00 0.46
C PHE A 80 -9.79 7.71 -0.06
N THR A 81 -10.09 7.58 -1.33
CA THR A 81 -11.29 8.25 -1.88
C THR A 81 -12.55 7.65 -1.26
N ALA A 82 -12.49 6.38 -0.90
CA ALA A 82 -13.69 5.74 -0.28
C ALA A 82 -13.43 4.22 -0.17
N GLY A 83 -13.12 3.59 -1.25
CA GLY A 83 -12.85 2.12 -1.22
C GLY A 83 -14.13 1.36 -1.56
N ASN A 84 -15.24 2.04 -1.63
CA ASN A 84 -16.52 1.36 -1.96
C ASN A 84 -16.67 1.29 -3.48
N GLY A 85 -15.70 1.78 -4.21
CA GLY A 85 -15.79 1.75 -5.70
C GLY A 85 -16.30 3.10 -6.20
N THR A 86 -16.72 3.95 -5.31
CA THR A 86 -17.23 5.28 -5.73
C THR A 86 -16.04 6.16 -6.15
N GLY A 87 -14.85 5.81 -5.71
CA GLY A 87 -13.65 6.61 -6.07
C GLY A 87 -12.58 5.69 -6.65
N GLY A 88 -11.37 5.78 -6.16
CA GLY A 88 -10.30 4.89 -6.69
C GLY A 88 -9.90 5.37 -8.10
N GLU A 89 -9.55 6.61 -8.23
CA GLU A 89 -9.16 7.14 -9.57
C GLU A 89 -7.70 6.84 -9.85
N SER A 90 -7.37 6.47 -11.07
CA SER A 90 -5.96 6.17 -11.43
C SER A 90 -5.43 7.24 -12.37
N ILE A 91 -4.19 7.62 -12.24
CA ILE A 91 -3.62 8.68 -13.13
C ILE A 91 -3.60 8.18 -14.57
N TYR A 92 -3.28 6.93 -14.79
CA TYR A 92 -3.24 6.41 -16.18
C TYR A 92 -4.65 6.37 -16.77
N GLY A 93 -5.62 6.02 -15.97
CA GLY A 93 -7.02 5.96 -16.48
C GLY A 93 -7.20 4.70 -17.33
N ALA A 94 -6.36 3.72 -17.13
CA ALA A 94 -6.47 2.46 -17.93
C ALA A 94 -6.04 1.27 -17.09
N LYS A 95 -6.39 0.08 -17.49
CA LYS A 95 -6.01 -1.13 -16.70
C LYS A 95 -4.53 -1.45 -16.96
N PHE A 96 -3.88 -2.10 -16.03
CA PHE A 96 -2.44 -2.45 -16.21
C PHE A 96 -2.34 -3.91 -16.63
N ALA A 97 -1.56 -4.21 -17.64
CA ALA A 97 -1.42 -5.62 -18.11
C ALA A 97 -0.25 -6.29 -17.38
N ASP A 98 -0.46 -7.44 -16.82
CA ASP A 98 0.64 -8.14 -16.10
C ASP A 98 1.66 -8.67 -17.13
N GLU A 99 2.92 -8.63 -16.80
CA GLU A 99 3.95 -9.13 -17.76
C GLU A 99 5.04 -9.89 -16.99
N ASN A 100 5.55 -9.32 -15.93
CA ASN A 100 6.62 -9.99 -15.15
C ASN A 100 6.04 -10.58 -13.85
N PHE A 101 6.17 -11.86 -13.66
CA PHE A 101 5.65 -12.51 -12.42
C PHE A 101 6.81 -13.17 -11.68
N ILE A 102 8.02 -12.84 -12.04
CA ILE A 102 9.20 -13.46 -11.37
C ILE A 102 9.12 -13.25 -9.85
N LYS A 103 8.65 -12.11 -9.42
CA LYS A 103 8.57 -11.86 -7.94
C LYS A 103 7.26 -12.44 -7.40
N LYS A 104 7.32 -13.10 -6.27
CA LYS A 104 6.09 -13.70 -5.67
C LYS A 104 6.11 -13.48 -4.16
N HIS A 105 5.13 -13.99 -3.45
CA HIS A 105 5.11 -13.81 -1.98
C HIS A 105 5.92 -14.92 -1.31
N THR A 106 7.08 -14.59 -0.80
CA THR A 106 7.92 -15.63 -0.13
C THR A 106 8.06 -15.31 1.36
N GLY A 107 7.46 -14.23 1.81
CA GLY A 107 7.56 -13.87 3.25
C GLY A 107 6.35 -13.02 3.65
N PRO A 108 6.18 -12.78 4.93
CA PRO A 108 5.06 -11.97 5.46
C PRO A 108 5.28 -10.46 5.26
N GLY A 109 4.22 -9.70 5.18
CA GLY A 109 4.37 -8.23 4.99
C GLY A 109 4.69 -7.91 3.53
N ILE A 110 3.89 -8.41 2.62
CA ILE A 110 4.14 -8.15 1.17
C ILE A 110 3.01 -7.30 0.59
N LEU A 111 3.34 -6.32 -0.21
CA LEU A 111 2.27 -5.46 -0.82
C LEU A 111 1.83 -6.08 -2.14
N SER A 112 0.55 -6.32 -2.31
CA SER A 112 0.07 -6.92 -3.59
C SER A 112 -1.34 -6.40 -3.90
N MET A 113 -1.63 -6.18 -5.16
CA MET A 113 -2.97 -5.68 -5.54
C MET A 113 -3.91 -6.87 -5.77
N ALA A 114 -5.12 -6.80 -5.26
CA ALA A 114 -6.07 -7.93 -5.45
C ALA A 114 -6.54 -7.94 -6.91
N ASN A 115 -6.58 -9.09 -7.52
CA ASN A 115 -7.04 -9.17 -8.94
C ASN A 115 -7.80 -10.48 -9.15
N ALA A 116 -9.07 -10.39 -9.41
CA ALA A 116 -9.88 -11.62 -9.63
C ALA A 116 -9.48 -12.24 -10.97
N GLY A 117 -9.04 -11.44 -11.90
CA GLY A 117 -8.63 -11.96 -13.23
C GLY A 117 -7.30 -11.34 -13.64
N PRO A 118 -6.65 -11.90 -14.63
CA PRO A 118 -5.34 -11.39 -15.13
C PRO A 118 -5.48 -10.06 -15.86
N ASN A 119 -4.43 -9.29 -15.90
CA ASN A 119 -4.49 -7.97 -16.59
C ASN A 119 -5.64 -7.15 -16.04
N THR A 120 -5.76 -7.08 -14.73
CA THR A 120 -6.85 -6.29 -14.12
C THR A 120 -6.25 -5.42 -13.01
N ASN A 121 -6.57 -4.15 -13.03
CA ASN A 121 -6.02 -3.24 -11.99
C ASN A 121 -6.75 -3.48 -10.66
N GLY A 122 -6.03 -3.80 -9.63
CA GLY A 122 -6.69 -4.05 -8.31
C GLY A 122 -6.77 -2.74 -7.51
N SER A 123 -7.91 -2.15 -7.45
CA SER A 123 -8.06 -0.88 -6.69
C SER A 123 -7.83 -1.16 -5.20
N GLN A 124 -8.01 -2.38 -4.78
CA GLN A 124 -7.80 -2.74 -3.35
C GLN A 124 -6.55 -3.61 -3.21
N PHE A 125 -5.89 -3.54 -2.08
CA PHE A 125 -4.66 -4.36 -1.87
C PHE A 125 -4.70 -4.98 -0.47
N PHE A 126 -3.94 -6.01 -0.24
CA PHE A 126 -3.94 -6.65 1.11
C PHE A 126 -2.52 -7.06 1.49
N ILE A 127 -2.26 -7.23 2.76
CA ILE A 127 -0.89 -7.63 3.21
C ILE A 127 -0.98 -8.95 3.98
N CYS A 128 -0.10 -9.88 3.68
CA CYS A 128 -0.13 -11.20 4.39
C CYS A 128 0.89 -11.18 5.52
N THR A 129 0.44 -11.13 6.74
CA THR A 129 1.39 -11.10 7.89
C THR A 129 1.94 -12.52 8.12
N ALA A 130 1.39 -13.50 7.46
CA ALA A 130 1.87 -14.90 7.64
C ALA A 130 1.93 -15.59 6.27
N LYS A 131 2.66 -16.66 6.16
CA LYS A 131 2.76 -17.37 4.87
C LYS A 131 1.38 -17.87 4.45
N THR A 132 0.99 -17.65 3.22
CA THR A 132 -0.34 -18.11 2.76
C THR A 132 -0.22 -18.66 1.32
N GLU A 133 0.00 -19.93 1.19
CA GLU A 133 0.14 -20.51 -0.18
C GLU A 133 -1.18 -20.36 -0.93
N TRP A 134 -2.29 -20.46 -0.25
CA TRP A 134 -3.60 -20.32 -0.94
C TRP A 134 -3.77 -18.88 -1.44
N LEU A 135 -3.52 -17.91 -0.59
CA LEU A 135 -3.66 -16.49 -1.03
C LEU A 135 -2.60 -16.16 -2.08
N ASP A 136 -1.46 -16.79 -2.00
CA ASP A 136 -0.39 -16.50 -3.00
C ASP A 136 -0.68 -17.24 -4.30
N GLY A 137 -0.80 -16.51 -5.39
CA GLY A 137 -1.10 -17.17 -6.69
C GLY A 137 -1.18 -16.10 -7.78
N LYS A 138 -2.34 -15.93 -8.36
CA LYS A 138 -2.49 -14.90 -9.43
C LYS A 138 -2.10 -13.53 -8.89
N HIS A 139 -2.41 -13.26 -7.65
CA HIS A 139 -2.07 -11.94 -7.05
C HIS A 139 -0.67 -11.51 -7.50
N VAL A 140 -0.47 -10.24 -7.71
CA VAL A 140 0.85 -9.73 -8.16
C VAL A 140 1.47 -8.85 -7.07
N VAL A 141 2.75 -8.98 -6.83
CA VAL A 141 3.41 -8.15 -5.79
C VAL A 141 4.09 -6.95 -6.45
N PHE A 142 3.84 -5.77 -5.96
CA PHE A 142 4.48 -4.55 -6.56
C PHE A 142 5.41 -3.90 -5.53
N GLY A 143 5.51 -4.48 -4.36
CA GLY A 143 6.41 -3.91 -3.31
C GLY A 143 6.41 -4.83 -2.09
N GLN A 144 7.21 -4.53 -1.10
CA GLN A 144 7.26 -5.40 0.12
C GLN A 144 7.57 -4.55 1.35
N VAL A 145 7.40 -5.11 2.53
CA VAL A 145 7.67 -4.37 3.77
C VAL A 145 9.11 -4.64 4.22
N VAL A 146 9.86 -3.62 4.54
CA VAL A 146 11.26 -3.83 5.00
C VAL A 146 11.40 -3.44 6.48
N GLU A 147 10.62 -2.49 6.91
CA GLU A 147 10.70 -2.05 8.34
C GLU A 147 9.30 -1.75 8.88
N GLY A 148 9.16 -1.56 10.16
CA GLY A 148 7.82 -1.25 10.74
C GLY A 148 7.16 -2.52 11.24
N MET A 149 7.87 -3.62 11.23
CA MET A 149 7.28 -4.90 11.72
C MET A 149 6.86 -4.74 13.19
N ASP A 150 7.56 -3.95 13.94
CA ASP A 150 7.19 -3.79 15.38
C ASP A 150 5.81 -3.11 15.48
N VAL A 151 5.52 -2.20 14.61
CA VAL A 151 4.20 -1.50 14.67
C VAL A 151 3.15 -2.29 13.88
N VAL A 152 3.53 -2.94 12.81
CA VAL A 152 2.54 -3.71 12.02
C VAL A 152 1.86 -4.74 12.93
N LYS A 153 2.61 -5.39 13.77
CA LYS A 153 2.00 -6.39 14.69
C LYS A 153 1.03 -5.69 15.65
N ALA A 154 1.34 -4.49 16.03
CA ALA A 154 0.45 -3.75 16.98
C ALA A 154 -0.92 -3.54 16.33
N ILE A 155 -0.96 -3.30 15.05
CA ILE A 155 -2.26 -3.08 14.37
C ILE A 155 -3.00 -4.40 14.21
N GLU A 156 -2.28 -5.46 13.93
CA GLU A 156 -2.94 -6.78 13.73
C GLU A 156 -3.42 -7.38 15.05
N LYS A 157 -2.64 -7.27 16.11
CA LYS A 157 -3.08 -7.87 17.39
C LYS A 157 -4.41 -7.24 17.84
N VAL A 158 -4.59 -5.97 17.58
CA VAL A 158 -5.87 -5.31 17.97
C VAL A 158 -6.96 -5.72 16.98
N GLY A 159 -6.58 -6.22 15.83
CA GLY A 159 -7.58 -6.63 14.81
C GLY A 159 -8.41 -7.80 15.35
N SER A 160 -9.64 -7.89 14.92
CA SER A 160 -10.52 -9.00 15.40
C SER A 160 -11.29 -9.59 14.20
N SER A 161 -11.81 -10.77 14.34
CA SER A 161 -12.56 -11.38 13.21
C SER A 161 -13.61 -10.38 12.73
N SER A 162 -14.16 -9.60 13.62
CA SER A 162 -15.19 -8.60 13.22
C SER A 162 -14.60 -7.67 12.16
N GLY A 163 -13.31 -7.46 12.19
CA GLY A 163 -12.67 -6.55 11.19
C GLY A 163 -12.47 -5.17 11.81
N ARG A 164 -12.67 -5.04 13.09
CA ARG A 164 -12.49 -3.72 13.76
C ARG A 164 -11.36 -3.82 14.79
N THR A 165 -10.73 -2.73 15.12
CA THR A 165 -9.60 -2.76 16.10
C THR A 165 -10.04 -2.07 17.39
N ALA A 166 -9.41 -2.40 18.48
CA ALA A 166 -9.77 -1.76 19.78
C ALA A 166 -9.36 -0.28 19.74
N LYS A 167 -8.25 0.01 19.13
CA LYS A 167 -7.77 1.44 19.06
C LYS A 167 -8.01 1.98 17.65
N LYS A 168 -8.06 3.28 17.52
CA LYS A 168 -8.28 3.87 16.16
C LYS A 168 -6.95 3.92 15.41
N VAL A 169 -6.99 3.87 14.09
CA VAL A 169 -5.73 3.91 13.31
C VAL A 169 -5.86 4.96 12.19
N VAL A 170 -4.95 5.89 12.13
CA VAL A 170 -5.00 6.94 11.08
C VAL A 170 -3.57 7.38 10.74
N VAL A 171 -3.30 7.73 9.50
CA VAL A 171 -1.91 8.16 9.15
C VAL A 171 -1.75 9.66 9.39
N GLU A 172 -0.80 10.03 10.20
CA GLU A 172 -0.57 11.47 10.49
C GLU A 172 0.09 12.16 9.28
N ASP A 173 0.97 11.49 8.60
CA ASP A 173 1.64 12.14 7.43
C ASP A 173 2.13 11.09 6.44
N CYS A 174 2.24 11.46 5.18
CA CYS A 174 2.72 10.51 4.15
C CYS A 174 3.61 11.26 3.16
N GLY A 175 4.67 10.65 2.69
CA GLY A 175 5.56 11.34 1.72
C GLY A 175 6.57 10.33 1.14
N GLN A 176 7.44 10.80 0.29
CA GLN A 176 8.47 9.88 -0.33
C GLN A 176 9.83 10.13 0.31
N LEU A 177 10.40 9.12 0.91
CA LEU A 177 11.74 9.31 1.54
C LEU A 177 12.77 9.64 0.45
N SER A 178 12.65 9.04 -0.70
CA SER A 178 13.63 9.32 -1.80
C SER A 178 13.34 10.70 -2.39
N GLY A 1 29.18 15.01 -19.37
CA GLY A 1 27.97 15.77 -19.93
C GLY A 1 26.60 15.24 -19.68
N SER A 2 26.49 14.05 -19.14
CA SER A 2 25.15 13.47 -18.87
C SER A 2 24.48 14.24 -17.73
N PHE A 3 23.19 14.12 -17.61
CA PHE A 3 22.46 14.83 -16.51
C PHE A 3 21.94 13.81 -15.51
N THR A 4 22.33 13.95 -14.27
CA THR A 4 21.86 13.00 -13.23
C THR A 4 20.46 13.38 -12.78
N GLY A 5 19.61 12.42 -12.56
CA GLY A 5 18.22 12.74 -12.12
C GLY A 5 17.34 11.50 -12.28
N SER A 6 17.85 10.34 -11.97
CA SER A 6 17.04 9.09 -12.10
C SER A 6 16.80 8.49 -10.71
N MET A 7 15.63 7.94 -10.49
CA MET A 7 15.31 7.34 -9.16
C MET A 7 14.87 5.90 -9.34
N PRO A 8 15.77 5.04 -9.76
CA PRO A 8 15.47 3.59 -9.99
C PRO A 8 15.16 2.87 -8.67
N ASN A 9 15.48 3.46 -7.56
CA ASN A 9 15.21 2.81 -6.24
C ASN A 9 14.38 3.74 -5.36
N PRO A 10 13.12 3.90 -5.69
CA PRO A 10 12.19 4.78 -4.91
C PRO A 10 11.89 4.22 -3.52
N ARG A 11 11.80 5.08 -2.53
CA ARG A 11 11.51 4.61 -1.15
C ARG A 11 10.32 5.40 -0.60
N VAL A 12 9.37 4.74 0.00
CA VAL A 12 8.19 5.45 0.55
C VAL A 12 7.87 4.90 1.95
N PHE A 13 7.44 5.75 2.84
CA PHE A 13 7.11 5.28 4.21
C PHE A 13 5.81 5.95 4.69
N PHE A 14 5.09 5.30 5.56
CA PHE A 14 3.82 5.89 6.06
C PHE A 14 3.86 5.98 7.59
N ASP A 15 3.50 7.10 8.14
CA ASP A 15 3.51 7.24 9.63
C ASP A 15 2.14 6.85 10.18
N MET A 16 2.07 5.79 10.93
CA MET A 16 0.75 5.35 11.47
C MET A 16 0.67 5.66 12.97
N SER A 17 -0.45 6.16 13.42
CA SER A 17 -0.61 6.47 14.87
C SER A 17 -1.92 5.87 15.37
N VAL A 18 -2.01 5.56 16.64
CA VAL A 18 -3.26 4.96 17.17
C VAL A 18 -3.84 5.88 18.25
N GLY A 19 -5.12 6.12 18.21
CA GLY A 19 -5.75 7.01 19.24
C GLY A 19 -4.94 8.30 19.36
N GLY A 20 -4.22 8.67 18.32
CA GLY A 20 -3.41 9.92 18.37
C GLY A 20 -2.06 9.62 19.02
N GLN A 21 -1.66 8.37 19.03
CA GLN A 21 -0.35 8.01 19.65
C GLN A 21 0.55 7.36 18.58
N PRO A 22 1.47 8.11 18.02
CA PRO A 22 2.39 7.58 16.97
C PRO A 22 3.00 6.24 17.36
N ALA A 23 2.46 5.16 16.85
CA ALA A 23 3.01 3.82 17.20
C ALA A 23 4.42 3.68 16.65
N GLY A 24 4.67 4.17 15.47
CA GLY A 24 6.03 4.06 14.88
C GLY A 24 5.99 4.41 13.40
N ARG A 25 7.06 4.15 12.69
CA ARG A 25 7.08 4.47 11.23
C ARG A 25 7.21 3.18 10.43
N ILE A 26 6.62 3.13 9.27
CA ILE A 26 6.71 1.91 8.42
C ILE A 26 7.38 2.28 7.10
N VAL A 27 8.45 1.63 6.76
CA VAL A 27 9.16 1.96 5.49
C VAL A 27 9.06 0.76 4.54
N MET A 28 8.72 1.01 3.29
CA MET A 28 8.61 -0.10 2.31
C MET A 28 9.47 0.21 1.10
N GLU A 29 9.93 -0.79 0.40
CA GLU A 29 10.79 -0.55 -0.80
C GLU A 29 9.94 -0.66 -2.06
N LEU A 30 10.09 0.29 -2.95
CA LEU A 30 9.31 0.26 -4.22
C LEU A 30 10.27 -0.05 -5.38
N PHE A 31 9.90 -0.99 -6.22
CA PHE A 31 10.79 -1.34 -7.37
C PHE A 31 10.33 -0.58 -8.61
N ALA A 32 11.18 0.24 -9.17
CA ALA A 32 10.79 1.00 -10.37
C ALA A 32 10.99 0.15 -11.63
N ASP A 33 12.07 -0.59 -11.69
CA ASP A 33 12.33 -1.43 -12.89
C ASP A 33 11.27 -2.54 -13.01
N THR A 34 10.95 -3.20 -11.94
CA THR A 34 9.94 -4.30 -12.00
C THR A 34 8.56 -3.73 -12.33
N THR A 35 8.19 -2.66 -11.68
CA THR A 35 6.85 -2.06 -11.95
C THR A 35 6.91 -0.55 -11.70
N PRO A 36 7.37 0.21 -12.66
CA PRO A 36 7.49 1.68 -12.52
C PRO A 36 6.13 2.38 -12.53
N ARG A 37 5.21 1.93 -13.34
CA ARG A 37 3.86 2.56 -13.38
C ARG A 37 3.17 2.39 -12.03
N THR A 38 3.26 1.23 -11.44
CA THR A 38 2.59 1.00 -10.13
C THR A 38 3.27 1.85 -9.04
N ALA A 39 4.56 1.90 -9.04
CA ALA A 39 5.27 2.71 -8.01
C ALA A 39 4.85 4.17 -8.15
N GLU A 40 4.57 4.59 -9.36
CA GLU A 40 4.15 6.01 -9.58
C GLU A 40 2.76 6.24 -8.99
N ASN A 41 1.88 5.28 -9.12
CA ASN A 41 0.51 5.47 -8.59
C ASN A 41 0.57 5.76 -7.09
N PHE A 42 1.38 5.04 -6.36
CA PHE A 42 1.48 5.30 -4.89
C PHE A 42 2.48 6.42 -4.63
N ARG A 43 3.63 6.36 -5.25
CA ARG A 43 4.64 7.43 -5.03
C ARG A 43 4.05 8.79 -5.38
N ALA A 44 3.32 8.88 -6.46
CA ALA A 44 2.71 10.17 -6.86
C ALA A 44 1.57 10.53 -5.91
N LEU A 45 0.70 9.59 -5.64
CA LEU A 45 -0.44 9.89 -4.71
C LEU A 45 0.11 10.27 -3.33
N CYS A 46 1.16 9.63 -2.90
CA CYS A 46 1.73 9.95 -1.56
C CYS A 46 2.31 11.36 -1.60
N THR A 47 3.35 11.57 -2.36
CA THR A 47 3.97 12.93 -2.44
C THR A 47 2.97 13.90 -3.06
N GLY A 48 2.20 13.46 -4.02
CA GLY A 48 1.20 14.35 -4.66
C GLY A 48 1.88 15.24 -5.70
N GLU A 49 2.83 14.70 -6.42
CA GLU A 49 3.53 15.52 -7.46
C GLU A 49 2.52 15.98 -8.51
N LYS A 50 1.57 15.13 -8.86
CA LYS A 50 0.56 15.52 -9.88
C LYS A 50 -0.23 16.72 -9.37
N GLY A 51 -0.49 16.79 -8.09
CA GLY A 51 -1.26 17.93 -7.55
C GLY A 51 -2.74 17.60 -7.60
N THR A 52 -3.58 18.53 -7.26
CA THR A 52 -5.04 18.28 -7.30
C THR A 52 -5.51 18.20 -8.75
N GLY A 53 -6.40 17.28 -9.05
CA GLY A 53 -6.89 17.17 -10.45
C GLY A 53 -7.50 18.51 -10.88
N ARG A 54 -7.21 18.95 -12.07
CA ARG A 54 -7.76 20.25 -12.54
C ARG A 54 -9.29 20.21 -12.50
N SER A 55 -9.86 19.09 -12.83
CA SER A 55 -11.35 18.98 -12.82
C SER A 55 -11.89 19.29 -11.42
N GLY A 56 -11.15 18.91 -10.40
CA GLY A 56 -11.61 19.18 -9.00
C GLY A 56 -11.62 17.85 -8.24
N LYS A 57 -10.54 17.53 -7.58
CA LYS A 57 -10.47 16.26 -6.81
C LYS A 57 -9.13 16.22 -6.06
N PRO A 58 -9.05 16.91 -4.96
CA PRO A 58 -7.81 16.98 -4.14
C PRO A 58 -7.20 15.60 -3.86
N LEU A 59 -5.91 15.47 -4.07
CA LEU A 59 -5.22 14.16 -3.82
C LEU A 59 -4.44 14.24 -2.51
N HIS A 60 -4.85 13.50 -1.52
CA HIS A 60 -4.12 13.52 -0.22
C HIS A 60 -4.06 12.11 0.36
N TYR A 61 -2.89 11.64 0.68
CA TYR A 61 -2.75 10.27 1.25
C TYR A 61 -2.73 10.37 2.78
N LYS A 62 -2.60 11.56 3.29
CA LYS A 62 -2.57 11.75 4.76
C LYS A 62 -3.99 11.68 5.33
N ASP A 63 -4.12 11.44 6.61
CA ASP A 63 -5.48 11.37 7.22
C ASP A 63 -6.30 10.26 6.58
N SER A 64 -5.70 9.10 6.40
CA SER A 64 -6.45 7.96 5.78
C SER A 64 -6.56 6.84 6.81
N SER A 65 -7.60 6.05 6.72
CA SER A 65 -7.78 4.93 7.71
C SER A 65 -7.84 3.60 6.96
N PHE A 66 -7.36 2.54 7.57
CA PHE A 66 -7.39 1.21 6.90
C PHE A 66 -8.85 0.75 6.79
N HIS A 67 -9.22 0.18 5.67
CA HIS A 67 -10.63 -0.28 5.51
C HIS A 67 -10.97 -1.33 6.56
N ARG A 68 -10.16 -2.34 6.69
CA ARG A 68 -10.45 -3.40 7.72
C ARG A 68 -9.19 -4.23 7.99
N VAL A 69 -9.17 -4.95 9.07
CA VAL A 69 -7.98 -5.78 9.41
C VAL A 69 -8.44 -7.19 9.79
N ILE A 70 -7.64 -8.19 9.53
CA ILE A 70 -8.05 -9.59 9.88
C ILE A 70 -6.82 -10.40 10.27
N PRO A 71 -6.76 -10.90 11.48
CA PRO A 71 -5.59 -11.71 11.95
C PRO A 71 -5.59 -13.12 11.33
N GLY A 72 -4.45 -13.56 10.86
CA GLY A 72 -4.38 -14.91 10.24
C GLY A 72 -4.68 -14.81 8.75
N PHE A 73 -4.88 -13.62 8.25
CA PHE A 73 -5.18 -13.46 6.79
C PHE A 73 -4.40 -12.26 6.25
N MET A 74 -5.01 -11.10 6.21
CA MET A 74 -4.28 -9.91 5.68
C MET A 74 -4.99 -8.63 6.10
N CYS A 75 -4.40 -7.49 5.83
CA CYS A 75 -5.02 -6.19 6.21
C CYS A 75 -5.26 -5.38 4.94
N GLN A 76 -6.42 -4.79 4.81
CA GLN A 76 -6.71 -3.98 3.59
C GLN A 76 -6.61 -2.49 3.91
N GLY A 77 -6.31 -1.68 2.92
CA GLY A 77 -6.21 -0.21 3.17
C GLY A 77 -6.38 0.53 1.85
N GLY A 78 -6.12 1.81 1.83
CA GLY A 78 -6.27 2.59 0.56
C GLY A 78 -7.75 2.91 0.34
N ASP A 79 -8.47 3.21 1.38
CA ASP A 79 -9.92 3.53 1.23
C ASP A 79 -10.08 5.02 0.88
N PHE A 80 -9.00 5.67 0.55
CA PHE A 80 -9.08 7.12 0.21
C PHE A 80 -10.14 7.34 -0.87
N THR A 81 -10.16 6.53 -1.89
CA THR A 81 -11.18 6.71 -2.96
C THR A 81 -12.56 6.36 -2.41
N ALA A 82 -12.63 5.48 -1.46
CA ALA A 82 -13.95 5.08 -0.88
C ALA A 82 -13.79 3.80 -0.06
N GLY A 83 -13.27 2.76 -0.66
CA GLY A 83 -13.09 1.48 0.09
C GLY A 83 -14.32 0.60 -0.10
N ASN A 84 -15.29 1.07 -0.84
CA ASN A 84 -16.52 0.25 -1.07
C ASN A 84 -16.31 -0.67 -2.28
N GLY A 85 -15.12 -0.69 -2.81
CA GLY A 85 -14.86 -1.55 -3.99
C GLY A 85 -15.00 -0.73 -5.27
N THR A 86 -15.94 0.17 -5.31
CA THR A 86 -16.13 1.01 -6.52
C THR A 86 -15.00 2.03 -6.61
N GLY A 87 -14.34 2.27 -5.51
CA GLY A 87 -13.22 3.27 -5.51
C GLY A 87 -11.94 2.60 -6.00
N GLY A 88 -10.81 3.21 -5.77
CA GLY A 88 -9.53 2.62 -6.22
C GLY A 88 -9.18 3.14 -7.61
N GLU A 89 -9.69 4.30 -7.95
CA GLU A 89 -9.41 4.88 -9.30
C GLU A 89 -7.89 5.04 -9.47
N SER A 90 -7.40 4.85 -10.67
CA SER A 90 -5.94 4.98 -10.93
C SER A 90 -5.67 6.28 -11.69
N ILE A 91 -4.56 6.91 -11.44
CA ILE A 91 -4.26 8.19 -12.15
C ILE A 91 -4.17 7.93 -13.66
N TYR A 92 -3.71 6.77 -14.04
CA TYR A 92 -3.60 6.47 -15.50
C TYR A 92 -5.00 6.42 -16.12
N GLY A 93 -5.96 5.93 -15.39
CA GLY A 93 -7.34 5.83 -15.94
C GLY A 93 -7.48 4.55 -16.77
N ALA A 94 -6.56 3.64 -16.63
CA ALA A 94 -6.62 2.38 -17.41
C ALA A 94 -6.12 1.21 -16.55
N LYS A 95 -6.55 0.02 -16.85
CA LYS A 95 -6.10 -1.16 -16.05
C LYS A 95 -4.87 -1.79 -16.71
N PHE A 96 -3.89 -2.18 -15.93
CA PHE A 96 -2.67 -2.81 -16.51
C PHE A 96 -2.43 -4.18 -15.86
N ALA A 97 -1.77 -5.06 -16.56
CA ALA A 97 -1.49 -6.41 -16.00
C ALA A 97 -0.01 -6.51 -15.63
N ASP A 98 0.33 -7.36 -14.70
CA ASP A 98 1.77 -7.48 -14.31
C ASP A 98 2.52 -8.29 -15.37
N GLU A 99 3.31 -7.63 -16.17
CA GLU A 99 4.07 -8.34 -17.24
C GLU A 99 5.12 -9.26 -16.61
N ASN A 100 5.69 -8.85 -15.50
CA ASN A 100 6.73 -9.70 -14.84
C ASN A 100 6.15 -10.39 -13.61
N PHE A 101 6.25 -11.69 -13.55
CA PHE A 101 5.71 -12.44 -12.36
C PHE A 101 6.88 -12.97 -11.53
N ILE A 102 8.07 -12.49 -11.80
CA ILE A 102 9.26 -12.96 -11.04
C ILE A 102 9.01 -12.82 -9.53
N LYS A 103 8.38 -11.75 -9.12
CA LYS A 103 8.13 -11.57 -7.67
C LYS A 103 6.88 -12.36 -7.26
N LYS A 104 6.96 -13.09 -6.18
CA LYS A 104 5.78 -13.90 -5.72
C LYS A 104 5.67 -13.80 -4.20
N HIS A 105 4.51 -14.06 -3.67
CA HIS A 105 4.33 -14.00 -2.19
C HIS A 105 4.74 -15.33 -1.56
N THR A 106 5.94 -15.42 -1.03
CA THR A 106 6.39 -16.70 -0.41
C THR A 106 6.62 -16.48 1.09
N GLY A 107 6.43 -15.28 1.57
CA GLY A 107 6.65 -15.00 3.02
C GLY A 107 5.79 -13.81 3.44
N PRO A 108 5.70 -13.56 4.73
CA PRO A 108 4.90 -12.43 5.28
C PRO A 108 5.59 -11.08 5.05
N GLY A 109 4.84 -10.01 5.10
CA GLY A 109 5.44 -8.65 4.89
C GLY A 109 5.60 -8.38 3.39
N ILE A 110 4.60 -8.71 2.61
CA ILE A 110 4.68 -8.46 1.15
C ILE A 110 3.59 -7.45 0.73
N LEU A 111 3.96 -6.47 -0.05
CA LEU A 111 2.94 -5.47 -0.49
C LEU A 111 2.31 -5.95 -1.79
N SER A 112 1.01 -5.90 -1.89
CA SER A 112 0.34 -6.36 -3.15
C SER A 112 -0.86 -5.47 -3.45
N MET A 113 -1.25 -5.38 -4.68
CA MET A 113 -2.42 -4.52 -5.05
C MET A 113 -3.68 -5.40 -5.07
N ALA A 114 -4.76 -4.91 -4.52
CA ALA A 114 -6.01 -5.70 -4.52
C ALA A 114 -6.50 -5.89 -5.97
N ASN A 115 -6.94 -7.07 -6.31
CA ASN A 115 -7.43 -7.31 -7.69
C ASN A 115 -8.74 -8.09 -7.65
N ALA A 116 -9.79 -7.48 -8.10
CA ALA A 116 -11.12 -8.17 -8.10
C ALA A 116 -11.24 -9.02 -9.37
N GLY A 117 -10.33 -8.85 -10.29
CA GLY A 117 -10.38 -9.63 -11.56
C GLY A 117 -8.97 -10.13 -11.90
N PRO A 118 -8.84 -10.93 -12.91
CA PRO A 118 -7.53 -11.50 -13.35
C PRO A 118 -6.51 -10.40 -13.67
N ASN A 119 -6.97 -9.23 -14.03
CA ASN A 119 -6.02 -8.13 -14.35
C ASN A 119 -6.68 -6.78 -14.08
N THR A 120 -6.45 -6.21 -12.94
CA THR A 120 -7.05 -4.90 -12.61
C THR A 120 -6.12 -4.13 -11.68
N ASN A 121 -5.73 -2.94 -12.07
CA ASN A 121 -4.81 -2.13 -11.22
C ASN A 121 -5.62 -1.08 -10.45
N GLY A 122 -5.54 -1.10 -9.14
CA GLY A 122 -6.31 -0.11 -8.34
C GLY A 122 -5.42 0.42 -7.21
N SER A 123 -5.75 1.57 -6.67
CA SER A 123 -4.93 2.13 -5.57
C SER A 123 -5.10 1.28 -4.30
N GLN A 124 -6.14 0.50 -4.24
CA GLN A 124 -6.36 -0.34 -3.03
C GLN A 124 -5.26 -1.40 -2.93
N PHE A 125 -4.75 -1.63 -1.76
CA PHE A 125 -3.68 -2.64 -1.58
C PHE A 125 -3.83 -3.31 -0.21
N PHE A 126 -3.22 -4.45 -0.02
CA PHE A 126 -3.33 -5.14 1.29
C PHE A 126 -1.97 -5.78 1.64
N ILE A 127 -1.75 -6.06 2.90
CA ILE A 127 -0.45 -6.68 3.32
C ILE A 127 -0.72 -8.06 3.91
N CYS A 128 0.06 -9.04 3.53
CA CYS A 128 -0.16 -10.41 4.07
C CYS A 128 0.84 -10.67 5.21
N THR A 129 0.39 -10.55 6.42
CA THR A 129 1.30 -10.80 7.59
C THR A 129 1.50 -12.30 7.76
N ALA A 130 0.78 -13.10 7.02
CA ALA A 130 0.91 -14.57 7.14
C ALA A 130 0.85 -15.20 5.75
N LYS A 131 1.28 -16.42 5.62
CA LYS A 131 1.26 -17.09 4.28
C LYS A 131 -0.19 -17.41 3.90
N THR A 132 -0.59 -17.06 2.70
CA THR A 132 -1.98 -17.35 2.26
C THR A 132 -1.95 -18.19 0.98
N GLU A 133 -1.02 -19.11 0.90
CA GLU A 133 -0.92 -19.97 -0.32
C GLU A 133 -2.24 -20.70 -0.55
N TRP A 134 -2.96 -21.01 0.50
CA TRP A 134 -4.26 -21.73 0.32
C TRP A 134 -5.15 -20.93 -0.63
N LEU A 135 -5.00 -19.64 -0.67
CA LEU A 135 -5.85 -18.82 -1.60
C LEU A 135 -5.65 -19.31 -3.04
N ASP A 136 -4.45 -19.71 -3.37
CA ASP A 136 -4.20 -20.20 -4.75
C ASP A 136 -4.65 -19.15 -5.78
N GLY A 137 -3.96 -18.04 -5.86
CA GLY A 137 -4.35 -16.99 -6.82
C GLY A 137 -3.09 -16.42 -7.48
N LYS A 138 -3.24 -15.53 -8.41
CA LYS A 138 -2.06 -14.94 -9.09
C LYS A 138 -1.16 -14.26 -8.07
N HIS A 139 -1.73 -13.57 -7.12
CA HIS A 139 -0.90 -12.88 -6.09
C HIS A 139 0.14 -12.01 -6.79
N VAL A 140 -0.11 -10.73 -6.91
CA VAL A 140 0.87 -9.82 -7.58
C VAL A 140 1.57 -8.97 -6.52
N VAL A 141 2.87 -8.84 -6.63
CA VAL A 141 3.63 -8.03 -5.62
C VAL A 141 4.28 -6.83 -6.32
N PHE A 142 4.08 -5.65 -5.79
CA PHE A 142 4.70 -4.44 -6.42
C PHE A 142 5.75 -3.85 -5.47
N GLY A 143 5.92 -4.44 -4.31
CA GLY A 143 6.92 -3.91 -3.34
C GLY A 143 7.04 -4.86 -2.14
N GLN A 144 7.84 -4.51 -1.17
CA GLN A 144 8.02 -5.38 0.02
C GLN A 144 8.20 -4.50 1.27
N VAL A 145 8.19 -5.10 2.44
CA VAL A 145 8.36 -4.30 3.69
C VAL A 145 9.71 -4.64 4.32
N VAL A 146 10.42 -3.65 4.81
CA VAL A 146 11.74 -3.90 5.43
C VAL A 146 11.72 -3.44 6.90
N GLU A 147 10.90 -2.47 7.21
CA GLU A 147 10.82 -1.99 8.62
C GLU A 147 9.37 -1.74 9.00
N GLY A 148 9.09 -1.56 10.26
CA GLY A 148 7.69 -1.31 10.70
C GLY A 148 7.06 -2.63 11.20
N MET A 149 7.82 -3.68 11.22
CA MET A 149 7.27 -4.98 11.69
C MET A 149 6.79 -4.85 13.14
N ASP A 150 7.44 -4.03 13.92
CA ASP A 150 7.02 -3.88 15.34
C ASP A 150 5.63 -3.24 15.41
N VAL A 151 5.34 -2.33 14.54
CA VAL A 151 4.00 -1.67 14.57
C VAL A 151 3.00 -2.48 13.73
N VAL A 152 3.43 -3.08 12.66
CA VAL A 152 2.49 -3.87 11.82
C VAL A 152 1.80 -4.92 12.70
N LYS A 153 2.54 -5.58 13.55
CA LYS A 153 1.92 -6.60 14.44
C LYS A 153 0.92 -5.93 15.38
N ALA A 154 1.20 -4.72 15.78
CA ALA A 154 0.27 -4.01 16.71
C ALA A 154 -1.10 -3.84 16.06
N ILE A 155 -1.13 -3.55 14.78
CA ILE A 155 -2.45 -3.38 14.10
C ILE A 155 -3.15 -4.72 13.94
N GLU A 156 -2.41 -5.76 13.69
CA GLU A 156 -3.04 -7.10 13.49
C GLU A 156 -3.46 -7.72 14.82
N LYS A 157 -2.66 -7.62 15.85
CA LYS A 157 -3.05 -8.24 17.15
C LYS A 157 -4.35 -7.62 17.65
N VAL A 158 -4.56 -6.35 17.41
CA VAL A 158 -5.81 -5.70 17.86
C VAL A 158 -6.91 -5.98 16.84
N GLY A 159 -6.56 -6.51 15.70
CA GLY A 159 -7.59 -6.80 14.67
C GLY A 159 -8.45 -7.98 15.10
N SER A 160 -9.57 -8.17 14.45
CA SER A 160 -10.48 -9.30 14.82
C SER A 160 -11.31 -9.70 13.60
N SER A 161 -11.99 -10.81 13.69
CA SER A 161 -12.82 -11.26 12.54
C SER A 161 -13.78 -10.14 12.16
N SER A 162 -14.18 -9.33 13.10
CA SER A 162 -15.13 -8.22 12.79
C SER A 162 -14.57 -7.39 11.64
N GLY A 163 -13.28 -7.29 11.52
CA GLY A 163 -12.69 -6.49 10.41
C GLY A 163 -12.35 -5.08 10.91
N ARG A 164 -12.45 -4.85 12.19
CA ARG A 164 -12.14 -3.50 12.74
C ARG A 164 -11.04 -3.61 13.79
N THR A 165 -10.17 -2.64 13.88
CA THR A 165 -9.09 -2.69 14.90
C THR A 165 -9.64 -2.27 16.26
N ALA A 166 -9.03 -2.74 17.32
CA ALA A 166 -9.52 -2.36 18.68
C ALA A 166 -9.30 -0.87 18.89
N LYS A 167 -8.23 -0.33 18.35
CA LYS A 167 -7.94 1.11 18.51
C LYS A 167 -8.08 1.81 17.15
N LYS A 168 -8.30 3.10 17.15
CA LYS A 168 -8.44 3.82 15.87
C LYS A 168 -7.07 3.88 15.17
N VAL A 169 -7.04 3.75 13.86
CA VAL A 169 -5.74 3.79 13.13
C VAL A 169 -5.83 4.81 11.99
N VAL A 170 -4.92 5.75 11.96
CA VAL A 170 -4.92 6.77 10.89
C VAL A 170 -3.49 7.20 10.59
N VAL A 171 -3.21 7.61 9.39
CA VAL A 171 -1.82 8.04 9.05
C VAL A 171 -1.66 9.53 9.31
N GLU A 172 -0.84 9.88 10.25
CA GLU A 172 -0.63 11.32 10.57
C GLU A 172 0.23 11.98 9.50
N ASP A 173 0.85 11.20 8.64
CA ASP A 173 1.72 11.83 7.60
C ASP A 173 2.04 10.83 6.48
N CYS A 174 2.39 11.34 5.32
CA CYS A 174 2.73 10.45 4.18
C CYS A 174 3.67 11.19 3.22
N GLY A 175 4.63 10.52 2.66
CA GLY A 175 5.57 11.21 1.72
C GLY A 175 6.58 10.21 1.16
N GLN A 176 7.45 10.65 0.28
CA GLN A 176 8.47 9.73 -0.31
C GLN A 176 9.84 10.05 0.28
N LEU A 177 10.48 9.07 0.87
CA LEU A 177 11.84 9.32 1.44
C LEU A 177 12.80 9.72 0.33
N SER A 178 12.68 9.11 -0.83
CA SER A 178 13.59 9.46 -1.95
C SER A 178 13.16 10.80 -2.57
N GLY A 1 38.73 8.28 -15.80
CA GLY A 1 37.64 7.23 -15.96
C GLY A 1 36.24 7.65 -16.25
N SER A 2 35.37 6.73 -16.56
CA SER A 2 33.95 7.09 -16.85
C SER A 2 33.04 6.46 -15.80
N PHE A 3 32.02 7.17 -15.39
CA PHE A 3 31.09 6.63 -14.37
C PHE A 3 29.69 7.19 -14.64
N THR A 4 28.70 6.59 -14.05
CA THR A 4 27.30 7.06 -14.25
C THR A 4 26.72 7.50 -12.91
N GLY A 5 25.65 8.25 -12.93
CA GLY A 5 25.04 8.72 -11.66
C GLY A 5 23.51 8.64 -11.77
N SER A 6 22.98 7.49 -12.07
CA SER A 6 21.50 7.35 -12.18
C SER A 6 20.87 7.55 -10.80
N MET A 7 19.60 7.87 -10.76
CA MET A 7 18.94 8.08 -9.45
C MET A 7 18.67 6.72 -8.79
N PRO A 8 18.68 6.67 -7.47
CA PRO A 8 18.45 5.41 -6.71
C PRO A 8 16.99 4.96 -6.79
N ASN A 9 16.70 3.77 -6.35
CA ASN A 9 15.30 3.27 -6.40
C ASN A 9 14.42 4.15 -5.50
N PRO A 10 13.18 4.34 -5.87
CA PRO A 10 12.22 5.18 -5.09
C PRO A 10 11.87 4.52 -3.73
N ARG A 11 11.76 5.32 -2.70
CA ARG A 11 11.41 4.76 -1.36
C ARG A 11 10.20 5.51 -0.80
N VAL A 12 9.28 4.80 -0.19
CA VAL A 12 8.07 5.47 0.38
C VAL A 12 7.82 4.95 1.80
N PHE A 13 7.38 5.82 2.68
CA PHE A 13 7.13 5.37 4.08
C PHE A 13 5.88 6.07 4.62
N PHE A 14 5.23 5.48 5.60
CA PHE A 14 4.01 6.11 6.18
C PHE A 14 4.12 6.14 7.70
N ASP A 15 3.70 7.22 8.31
CA ASP A 15 3.75 7.31 9.80
C ASP A 15 2.39 6.90 10.35
N MET A 16 2.33 5.84 11.11
CA MET A 16 1.01 5.38 11.65
C MET A 16 0.92 5.68 13.15
N SER A 17 -0.26 5.96 13.63
CA SER A 17 -0.44 6.24 15.08
C SER A 17 -1.79 5.67 15.52
N VAL A 18 -1.99 5.52 16.80
CA VAL A 18 -3.29 4.97 17.29
C VAL A 18 -3.94 5.96 18.27
N GLY A 19 -5.23 6.10 18.20
CA GLY A 19 -5.92 7.05 19.11
C GLY A 19 -5.14 8.36 19.18
N GLY A 20 -4.40 8.57 20.24
CA GLY A 20 -3.61 9.82 20.39
C GLY A 20 -2.17 9.48 20.77
N GLN A 21 -1.63 8.43 20.22
CA GLN A 21 -0.23 8.04 20.55
C GLN A 21 0.42 7.39 19.32
N PRO A 22 1.63 7.79 18.97
CA PRO A 22 2.34 7.22 17.78
C PRO A 22 2.76 5.76 18.01
N ALA A 23 2.40 4.89 17.11
CA ALA A 23 2.78 3.46 17.26
C ALA A 23 4.22 3.26 16.80
N GLY A 24 4.55 3.78 15.64
CA GLY A 24 5.95 3.62 15.13
C GLY A 24 6.02 4.11 13.69
N ARG A 25 7.11 3.85 13.01
CA ARG A 25 7.24 4.29 11.59
C ARG A 25 7.37 3.07 10.69
N ILE A 26 6.78 3.12 9.52
CA ILE A 26 6.87 1.96 8.58
C ILE A 26 7.52 2.43 7.28
N VAL A 27 8.54 1.74 6.84
CA VAL A 27 9.22 2.14 5.57
C VAL A 27 9.06 1.03 4.53
N MET A 28 8.70 1.37 3.33
CA MET A 28 8.54 0.34 2.26
C MET A 28 9.41 0.70 1.06
N GLU A 29 9.90 -0.28 0.36
CA GLU A 29 10.76 0.01 -0.83
C GLU A 29 10.05 -0.43 -2.11
N LEU A 30 10.04 0.42 -3.10
CA LEU A 30 9.37 0.05 -4.39
C LEU A 30 10.44 -0.30 -5.42
N PHE A 31 10.21 -1.32 -6.22
CA PHE A 31 11.21 -1.68 -7.26
C PHE A 31 10.80 -1.02 -8.58
N ALA A 32 11.57 -0.09 -9.05
CA ALA A 32 11.21 0.60 -10.32
C ALA A 32 11.47 -0.33 -11.50
N ASP A 33 12.57 -1.03 -11.50
CA ASP A 33 12.87 -1.94 -12.64
C ASP A 33 11.79 -3.01 -12.76
N THR A 34 11.42 -3.63 -11.67
CA THR A 34 10.38 -4.69 -11.73
C THR A 34 9.00 -4.07 -11.98
N THR A 35 8.68 -3.02 -11.28
CA THR A 35 7.34 -2.38 -11.46
C THR A 35 7.48 -0.85 -11.46
N PRO A 36 7.87 -0.28 -12.57
CA PRO A 36 8.04 1.20 -12.69
C PRO A 36 6.70 1.91 -12.85
N ARG A 37 5.65 1.15 -12.98
CA ARG A 37 4.30 1.77 -13.16
C ARG A 37 3.59 1.91 -11.81
N THR A 38 3.24 0.82 -11.19
CA THR A 38 2.53 0.89 -9.88
C THR A 38 3.36 1.69 -8.87
N ALA A 39 4.64 1.46 -8.82
CA ALA A 39 5.48 2.22 -7.86
C ALA A 39 5.40 3.71 -8.20
N GLU A 40 5.24 4.03 -9.45
CA GLU A 40 5.16 5.47 -9.85
C GLU A 40 3.79 6.04 -9.49
N ASN A 41 2.73 5.37 -9.87
CA ASN A 41 1.37 5.88 -9.54
C ASN A 41 1.21 5.96 -8.02
N PHE A 42 1.59 4.93 -7.32
CA PHE A 42 1.46 4.96 -5.84
C PHE A 42 2.32 6.09 -5.27
N ARG A 43 3.51 6.25 -5.78
CA ARG A 43 4.40 7.34 -5.29
C ARG A 43 3.70 8.69 -5.45
N ALA A 44 2.97 8.88 -6.52
CA ALA A 44 2.27 10.18 -6.72
C ALA A 44 1.25 10.41 -5.60
N LEU A 45 0.49 9.41 -5.26
CA LEU A 45 -0.52 9.58 -4.17
C LEU A 45 0.21 9.89 -2.86
N CYS A 46 1.32 9.26 -2.63
CA CYS A 46 2.08 9.52 -1.36
C CYS A 46 2.67 10.93 -1.41
N THR A 47 3.55 11.18 -2.34
CA THR A 47 4.16 12.53 -2.44
C THR A 47 3.08 13.56 -2.75
N GLY A 48 2.12 13.21 -3.58
CA GLY A 48 1.04 14.16 -3.92
C GLY A 48 1.50 15.16 -4.98
N GLU A 49 2.32 14.72 -5.90
CA GLU A 49 2.80 15.66 -6.96
C GLU A 49 1.62 16.15 -7.79
N LYS A 50 0.66 15.29 -8.05
CA LYS A 50 -0.51 15.71 -8.85
C LYS A 50 -1.28 16.80 -8.11
N GLY A 51 -1.37 16.72 -6.82
CA GLY A 51 -2.11 17.75 -6.05
C GLY A 51 -3.57 17.33 -5.92
N THR A 52 -4.32 18.01 -5.11
CA THR A 52 -5.77 17.66 -4.93
C THR A 52 -6.57 18.19 -6.14
N GLY A 53 -7.50 17.41 -6.62
CA GLY A 53 -8.32 17.87 -7.78
C GLY A 53 -9.11 19.11 -7.38
N ARG A 54 -9.21 20.07 -8.27
CA ARG A 54 -9.97 21.31 -7.93
C ARG A 54 -11.42 20.96 -7.62
N SER A 55 -11.96 19.97 -8.28
CA SER A 55 -13.38 19.58 -8.01
C SER A 55 -13.55 19.14 -6.56
N GLY A 56 -12.49 18.68 -5.94
CA GLY A 56 -12.58 18.22 -4.53
C GLY A 56 -12.33 16.71 -4.47
N LYS A 57 -11.12 16.31 -4.25
CA LYS A 57 -10.80 14.86 -4.19
C LYS A 57 -9.31 14.71 -3.86
N PRO A 58 -8.96 14.84 -2.62
CA PRO A 58 -7.54 14.75 -2.17
C PRO A 58 -6.83 13.50 -2.71
N LEU A 59 -5.69 13.70 -3.33
CA LEU A 59 -4.91 12.55 -3.89
C LEU A 59 -3.83 12.14 -2.89
N HIS A 60 -3.99 12.52 -1.65
CA HIS A 60 -2.96 12.17 -0.63
C HIS A 60 -3.54 11.18 0.38
N TYR A 61 -2.84 10.12 0.66
CA TYR A 61 -3.36 9.13 1.66
C TYR A 61 -3.27 9.74 3.05
N LYS A 62 -2.75 10.94 3.15
CA LYS A 62 -2.63 11.60 4.48
C LYS A 62 -4.00 11.64 5.17
N ASP A 63 -4.03 11.49 6.45
CA ASP A 63 -5.32 11.52 7.20
C ASP A 63 -6.23 10.41 6.67
N SER A 64 -5.72 9.24 6.50
CA SER A 64 -6.54 8.10 6.00
C SER A 64 -6.62 7.02 7.08
N SER A 65 -7.69 6.25 7.09
CA SER A 65 -7.83 5.17 8.12
C SER A 65 -7.96 3.82 7.43
N PHE A 66 -7.46 2.78 8.03
CA PHE A 66 -7.58 1.43 7.40
C PHE A 66 -9.04 1.03 7.37
N HIS A 67 -9.51 0.53 6.25
CA HIS A 67 -10.94 0.12 6.14
C HIS A 67 -11.25 -1.00 7.14
N ARG A 68 -10.45 -2.04 7.16
CA ARG A 68 -10.71 -3.14 8.11
C ARG A 68 -9.47 -4.03 8.21
N VAL A 69 -9.35 -4.81 9.25
CA VAL A 69 -8.17 -5.71 9.39
C VAL A 69 -8.60 -7.05 9.98
N ILE A 70 -8.21 -8.12 9.36
CA ILE A 70 -8.58 -9.47 9.87
C ILE A 70 -7.29 -10.26 10.15
N PRO A 71 -6.97 -10.52 11.40
CA PRO A 71 -5.75 -11.27 11.79
C PRO A 71 -5.60 -12.59 11.02
N GLY A 72 -4.40 -12.93 10.63
CA GLY A 72 -4.17 -14.20 9.91
C GLY A 72 -4.41 -14.02 8.40
N PHE A 73 -5.57 -13.55 8.02
CA PHE A 73 -5.84 -13.36 6.56
C PHE A 73 -4.94 -12.27 6.00
N MET A 74 -5.23 -11.03 6.28
CA MET A 74 -4.38 -9.92 5.74
C MET A 74 -4.94 -8.58 6.20
N CYS A 75 -4.45 -7.50 5.62
CA CYS A 75 -4.94 -6.14 6.00
C CYS A 75 -5.34 -5.37 4.74
N GLN A 76 -6.51 -4.81 4.72
CA GLN A 76 -6.96 -4.04 3.52
C GLN A 76 -6.77 -2.54 3.77
N GLY A 77 -5.87 -1.92 3.06
CA GLY A 77 -5.64 -0.46 3.26
C GLY A 77 -6.90 0.31 2.90
N GLY A 78 -7.61 -0.12 1.88
CA GLY A 78 -8.85 0.61 1.48
C GLY A 78 -8.47 1.81 0.61
N ASP A 79 -9.38 2.72 0.42
CA ASP A 79 -9.07 3.92 -0.42
C ASP A 79 -9.77 5.15 0.16
N PHE A 80 -9.18 6.31 0.03
CA PHE A 80 -9.81 7.53 0.59
C PHE A 80 -11.04 7.91 -0.25
N THR A 81 -11.12 7.43 -1.46
CA THR A 81 -12.31 7.77 -2.31
C THR A 81 -13.55 7.09 -1.75
N ALA A 82 -13.38 5.97 -1.10
CA ALA A 82 -14.57 5.26 -0.53
C ALA A 82 -14.13 3.95 0.11
N GLY A 83 -13.50 3.09 -0.66
CA GLY A 83 -13.04 1.78 -0.10
C GLY A 83 -14.14 0.73 -0.28
N ASN A 84 -15.22 1.10 -0.90
CA ASN A 84 -16.34 0.13 -1.10
C ASN A 84 -16.11 -0.63 -2.41
N GLY A 85 -14.98 -0.44 -3.04
CA GLY A 85 -14.70 -1.14 -4.32
C GLY A 85 -15.00 -0.20 -5.49
N THR A 86 -16.03 0.58 -5.40
CA THR A 86 -16.37 1.52 -6.50
C THR A 86 -15.33 2.63 -6.54
N GLY A 87 -14.71 2.91 -5.42
CA GLY A 87 -13.68 3.99 -5.39
C GLY A 87 -12.32 3.41 -5.79
N GLY A 88 -11.26 4.14 -5.53
CA GLY A 88 -9.91 3.63 -5.91
C GLY A 88 -9.62 3.99 -7.37
N GLU A 89 -10.04 5.14 -7.81
CA GLU A 89 -9.79 5.55 -9.22
C GLU A 89 -8.28 5.60 -9.47
N SER A 90 -7.86 5.31 -10.68
CA SER A 90 -6.40 5.33 -10.99
C SER A 90 -6.09 6.55 -11.87
N ILE A 91 -4.91 7.09 -11.75
CA ILE A 91 -4.55 8.29 -12.57
C ILE A 91 -4.49 7.90 -14.05
N TYR A 92 -4.10 6.69 -14.36
CA TYR A 92 -4.02 6.27 -15.79
C TYR A 92 -5.42 6.29 -16.40
N GLY A 93 -6.42 5.90 -15.64
CA GLY A 93 -7.81 5.89 -16.19
C GLY A 93 -8.02 4.62 -17.00
N ALA A 94 -7.08 3.71 -16.96
CA ALA A 94 -7.23 2.44 -17.74
C ALA A 94 -6.47 1.32 -17.02
N LYS A 95 -6.87 0.09 -17.25
CA LYS A 95 -6.19 -1.05 -16.59
C LYS A 95 -5.07 -1.58 -17.49
N PHE A 96 -4.08 -2.21 -16.92
CA PHE A 96 -2.96 -2.76 -17.74
C PHE A 96 -2.74 -4.22 -17.36
N ALA A 97 -2.17 -5.00 -18.25
CA ALA A 97 -1.94 -6.45 -17.96
C ALA A 97 -0.95 -6.60 -16.81
N ASP A 98 -1.10 -7.62 -16.02
CA ASP A 98 -0.17 -7.84 -14.88
C ASP A 98 1.24 -8.07 -15.41
N GLU A 99 2.24 -7.78 -14.61
CA GLU A 99 3.65 -7.98 -15.07
C GLU A 99 4.08 -9.42 -14.81
N ASN A 100 5.31 -9.73 -15.08
CA ASN A 100 5.80 -11.13 -14.86
C ASN A 100 5.64 -11.51 -13.38
N PHE A 101 5.68 -12.79 -13.10
CA PHE A 101 5.53 -13.25 -11.68
C PHE A 101 6.91 -13.52 -11.08
N ILE A 102 7.93 -12.91 -11.61
CA ILE A 102 9.31 -13.15 -11.08
C ILE A 102 9.31 -13.03 -9.55
N LYS A 103 8.63 -12.05 -9.02
CA LYS A 103 8.60 -11.88 -7.53
C LYS A 103 7.43 -12.68 -6.96
N LYS A 104 7.63 -13.34 -5.85
CA LYS A 104 6.54 -14.14 -5.22
C LYS A 104 6.38 -13.73 -3.76
N HIS A 105 5.57 -14.43 -3.03
CA HIS A 105 5.36 -14.10 -1.58
C HIS A 105 5.92 -15.24 -0.72
N THR A 106 6.99 -14.98 0.00
CA THR A 106 7.58 -16.05 0.86
C THR A 106 7.83 -15.51 2.27
N GLY A 107 7.42 -14.29 2.55
CA GLY A 107 7.65 -13.72 3.90
C GLY A 107 6.53 -12.73 4.24
N PRO A 108 6.47 -12.32 5.48
CA PRO A 108 5.44 -11.36 5.96
C PRO A 108 5.78 -9.91 5.59
N GLY A 109 4.80 -9.05 5.50
CA GLY A 109 5.08 -7.62 5.14
C GLY A 109 5.36 -7.51 3.64
N ILE A 110 4.48 -8.02 2.82
CA ILE A 110 4.68 -7.95 1.34
C ILE A 110 3.59 -7.07 0.72
N LEU A 111 3.96 -6.20 -0.19
CA LEU A 111 2.94 -5.33 -0.84
C LEU A 111 2.35 -6.03 -2.06
N SER A 112 1.06 -6.01 -2.21
CA SER A 112 0.43 -6.67 -3.39
C SER A 112 -0.80 -5.89 -3.82
N MET A 113 -1.04 -5.79 -5.10
CA MET A 113 -2.25 -5.03 -5.57
C MET A 113 -3.45 -5.98 -5.61
N ALA A 114 -4.56 -5.56 -5.06
CA ALA A 114 -5.77 -6.43 -5.07
C ALA A 114 -6.28 -6.57 -6.50
N ASN A 115 -6.71 -7.74 -6.88
CA ASN A 115 -7.23 -7.95 -8.26
C ASN A 115 -8.36 -8.98 -8.22
N ALA A 116 -9.55 -8.57 -8.51
CA ALA A 116 -10.69 -9.52 -8.49
C ALA A 116 -10.55 -10.50 -9.65
N GLY A 117 -9.94 -10.08 -10.73
CA GLY A 117 -9.75 -10.98 -11.90
C GLY A 117 -8.33 -10.82 -12.44
N PRO A 118 -7.94 -11.67 -13.35
CA PRO A 118 -6.57 -11.63 -13.95
C PRO A 118 -6.37 -10.38 -14.81
N ASN A 119 -5.16 -9.93 -14.93
CA ASN A 119 -4.89 -8.72 -15.75
C ASN A 119 -5.79 -7.58 -15.28
N THR A 120 -5.92 -7.41 -14.00
CA THR A 120 -6.77 -6.32 -13.45
C THR A 120 -6.00 -5.57 -12.39
N ASN A 121 -5.86 -4.28 -12.55
CA ASN A 121 -5.10 -3.46 -11.55
C ASN A 121 -6.06 -2.51 -10.83
N GLY A 122 -5.92 -2.36 -9.55
CA GLY A 122 -6.83 -1.44 -8.80
C GLY A 122 -6.01 -0.64 -7.77
N SER A 123 -6.42 0.57 -7.50
CA SER A 123 -5.67 1.40 -6.51
C SER A 123 -5.68 0.72 -5.14
N GLN A 124 -6.73 0.01 -4.82
CA GLN A 124 -6.80 -0.67 -3.49
C GLN A 124 -5.69 -1.73 -3.40
N PHE A 125 -5.13 -1.89 -2.24
CA PHE A 125 -4.04 -2.90 -2.06
C PHE A 125 -4.20 -3.56 -0.69
N PHE A 126 -3.57 -4.68 -0.47
CA PHE A 126 -3.69 -5.37 0.85
C PHE A 126 -2.31 -5.87 1.30
N ILE A 127 -2.15 -6.10 2.57
CA ILE A 127 -0.83 -6.59 3.10
C ILE A 127 -1.03 -7.93 3.79
N CYS A 128 -0.16 -8.88 3.55
CA CYS A 128 -0.30 -10.22 4.19
C CYS A 128 0.79 -10.38 5.25
N THR A 129 0.41 -10.59 6.48
CA THR A 129 1.41 -10.78 7.57
C THR A 129 1.79 -12.25 7.66
N ALA A 130 1.23 -13.07 6.83
CA ALA A 130 1.55 -14.52 6.86
C ALA A 130 1.45 -15.09 5.45
N LYS A 131 2.13 -16.17 5.18
CA LYS A 131 2.08 -16.77 3.82
C LYS A 131 0.75 -17.51 3.64
N THR A 132 0.03 -17.22 2.59
CA THR A 132 -1.27 -17.89 2.35
C THR A 132 -1.29 -18.49 0.94
N GLU A 133 -1.57 -19.76 0.82
CA GLU A 133 -1.59 -20.40 -0.53
C GLU A 133 -2.81 -19.92 -1.33
N TRP A 134 -3.93 -19.74 -0.68
CA TRP A 134 -5.14 -19.29 -1.42
C TRP A 134 -4.92 -17.89 -2.01
N LEU A 135 -4.32 -17.01 -1.27
CA LEU A 135 -4.08 -15.62 -1.80
C LEU A 135 -3.08 -15.69 -2.96
N ASP A 136 -2.13 -16.58 -2.89
CA ASP A 136 -1.14 -16.69 -3.98
C ASP A 136 -1.81 -17.19 -5.26
N GLY A 137 -1.44 -16.66 -6.39
CA GLY A 137 -2.06 -17.11 -7.68
C GLY A 137 -2.42 -15.90 -8.53
N LYS A 138 -3.57 -15.33 -8.32
CA LYS A 138 -3.99 -14.15 -9.11
C LYS A 138 -3.45 -12.87 -8.47
N HIS A 139 -2.65 -13.02 -7.43
CA HIS A 139 -2.09 -11.82 -6.74
C HIS A 139 -0.63 -11.65 -7.15
N VAL A 140 -0.22 -10.42 -7.40
CA VAL A 140 1.19 -10.17 -7.81
C VAL A 140 1.87 -9.22 -6.81
N VAL A 141 3.12 -9.45 -6.51
CA VAL A 141 3.83 -8.58 -5.55
C VAL A 141 4.59 -7.50 -6.32
N PHE A 142 4.41 -6.26 -5.94
CA PHE A 142 5.12 -5.15 -6.66
C PHE A 142 6.08 -4.45 -5.69
N GLY A 143 6.14 -4.89 -4.46
CA GLY A 143 7.08 -4.24 -3.49
C GLY A 143 7.16 -5.08 -2.22
N GLN A 144 7.96 -4.68 -1.27
CA GLN A 144 8.09 -5.46 -0.01
C GLN A 144 8.31 -4.50 1.16
N VAL A 145 8.17 -4.97 2.37
CA VAL A 145 8.36 -4.10 3.55
C VAL A 145 9.78 -4.27 4.08
N VAL A 146 10.50 -3.19 4.24
CA VAL A 146 11.89 -3.29 4.76
C VAL A 146 11.91 -3.09 6.27
N GLU A 147 11.04 -2.26 6.78
CA GLU A 147 10.99 -2.01 8.25
C GLU A 147 9.53 -1.79 8.69
N GLY A 148 9.31 -1.72 9.98
CA GLY A 148 7.92 -1.51 10.48
C GLY A 148 7.28 -2.85 10.85
N MET A 149 8.03 -3.92 10.78
CA MET A 149 7.46 -5.24 11.14
C MET A 149 6.99 -5.24 12.59
N ASP A 150 7.65 -4.51 13.45
CA ASP A 150 7.23 -4.49 14.87
C ASP A 150 5.84 -3.84 15.00
N VAL A 151 5.61 -2.77 14.30
CA VAL A 151 4.28 -2.09 14.39
C VAL A 151 3.26 -2.80 13.50
N VAL A 152 3.68 -3.32 12.37
CA VAL A 152 2.70 -4.00 11.48
C VAL A 152 1.91 -5.04 12.29
N LYS A 153 2.59 -5.79 13.12
CA LYS A 153 1.89 -6.81 13.94
C LYS A 153 0.90 -6.11 14.88
N ALA A 154 1.26 -4.95 15.35
CA ALA A 154 0.36 -4.21 16.28
C ALA A 154 -0.95 -3.85 15.57
N ILE A 155 -0.90 -3.62 14.30
CA ILE A 155 -2.14 -3.24 13.56
C ILE A 155 -3.11 -4.44 13.47
N GLU A 156 -2.62 -5.61 13.19
CA GLU A 156 -3.54 -6.79 13.08
C GLU A 156 -3.98 -7.30 14.46
N LYS A 157 -3.12 -7.32 15.44
CA LYS A 157 -3.56 -7.86 16.76
C LYS A 157 -4.77 -7.09 17.26
N VAL A 158 -4.83 -5.81 17.00
CA VAL A 158 -6.02 -5.03 17.45
C VAL A 158 -7.21 -5.35 16.54
N GLY A 159 -6.94 -5.87 15.37
CA GLY A 159 -8.06 -6.21 14.44
C GLY A 159 -8.88 -7.35 15.02
N SER A 160 -10.03 -7.60 14.46
CA SER A 160 -10.89 -8.71 14.97
C SER A 160 -11.70 -9.30 13.82
N SER A 161 -12.32 -10.43 14.03
CA SER A 161 -13.13 -11.04 12.95
C SER A 161 -14.14 -10.02 12.43
N SER A 162 -14.63 -9.19 13.32
CA SER A 162 -15.60 -8.14 12.90
C SER A 162 -14.96 -7.26 11.82
N GLY A 163 -13.67 -7.09 11.88
CA GLY A 163 -12.98 -6.25 10.85
C GLY A 163 -12.74 -4.84 11.43
N ARG A 164 -13.01 -4.65 12.69
CA ARG A 164 -12.78 -3.32 13.31
C ARG A 164 -11.67 -3.43 14.37
N THR A 165 -10.80 -2.45 14.44
CA THR A 165 -9.69 -2.51 15.44
C THR A 165 -10.17 -1.92 16.77
N ALA A 166 -9.54 -2.30 17.84
CA ALA A 166 -9.95 -1.75 19.17
C ALA A 166 -9.61 -0.26 19.23
N LYS A 167 -8.52 0.13 18.64
CA LYS A 167 -8.12 1.57 18.65
C LYS A 167 -8.23 2.15 17.25
N LYS A 168 -8.39 3.44 17.14
CA LYS A 168 -8.50 4.07 15.79
C LYS A 168 -7.12 4.13 15.14
N VAL A 169 -7.03 3.86 13.87
CA VAL A 169 -5.70 3.91 13.17
C VAL A 169 -5.73 4.98 12.08
N VAL A 170 -4.79 5.89 12.12
CA VAL A 170 -4.74 6.96 11.08
C VAL A 170 -3.28 7.30 10.79
N VAL A 171 -3.00 7.73 9.58
CA VAL A 171 -1.59 8.07 9.24
C VAL A 171 -1.32 9.54 9.58
N GLU A 172 -0.34 9.77 10.41
CA GLU A 172 -0.01 11.18 10.79
C GLU A 172 0.53 11.91 9.56
N ASP A 173 1.10 11.20 8.62
CA ASP A 173 1.67 11.88 7.42
C ASP A 173 2.14 10.87 6.39
N CYS A 174 2.46 11.33 5.20
CA CYS A 174 2.94 10.41 4.13
C CYS A 174 3.85 11.18 3.18
N GLY A 175 4.80 10.52 2.57
CA GLY A 175 5.72 11.24 1.63
C GLY A 175 6.75 10.26 1.06
N GLN A 176 7.66 10.75 0.26
CA GLN A 176 8.69 9.87 -0.35
C GLN A 176 10.04 10.09 0.35
N LEU A 177 10.61 9.05 0.91
CA LEU A 177 11.92 9.22 1.60
C LEU A 177 12.97 9.61 0.55
N SER A 178 12.92 8.99 -0.61
CA SER A 178 13.91 9.31 -1.68
C SER A 178 15.29 9.53 -1.07
N GLY A 1 20.26 19.40 -10.18
CA GLY A 1 20.68 18.67 -11.44
C GLY A 1 21.91 17.83 -11.43
N SER A 2 22.78 18.06 -10.49
CA SER A 2 24.04 17.26 -10.43
C SER A 2 23.70 15.79 -10.18
N PHE A 3 24.56 14.89 -10.60
CA PHE A 3 24.29 13.45 -10.39
C PHE A 3 25.29 12.90 -9.37
N THR A 4 24.80 12.36 -8.30
CA THR A 4 25.71 11.79 -7.26
C THR A 4 25.19 10.42 -6.82
N GLY A 5 24.04 10.03 -7.28
CA GLY A 5 23.47 8.71 -6.89
C GLY A 5 22.68 8.86 -5.59
N SER A 6 22.47 10.07 -5.15
CA SER A 6 21.70 10.28 -3.89
C SER A 6 20.27 9.75 -4.05
N MET A 7 19.79 9.67 -5.26
CA MET A 7 18.41 9.16 -5.50
C MET A 7 18.44 7.98 -6.47
N PRO A 8 18.83 6.82 -5.99
CA PRO A 8 18.91 5.60 -6.84
C PRO A 8 17.54 4.94 -7.04
N ASN A 9 16.92 4.53 -5.97
CA ASN A 9 15.57 3.88 -6.09
C ASN A 9 14.56 4.65 -5.22
N PRO A 10 13.30 4.60 -5.57
CA PRO A 10 12.23 5.30 -4.82
C PRO A 10 11.98 4.68 -3.44
N ARG A 11 11.78 5.50 -2.44
CA ARG A 11 11.53 4.98 -1.07
C ARG A 11 10.35 5.74 -0.47
N VAL A 12 9.34 5.04 -0.01
CA VAL A 12 8.14 5.72 0.56
C VAL A 12 7.79 5.08 1.91
N PHE A 13 7.38 5.89 2.86
CA PHE A 13 7.03 5.34 4.20
C PHE A 13 5.78 6.06 4.73
N PHE A 14 5.08 5.44 5.64
CA PHE A 14 3.86 6.08 6.21
C PHE A 14 3.94 6.11 7.74
N ASP A 15 3.47 7.15 8.36
CA ASP A 15 3.51 7.22 9.84
C ASP A 15 2.17 6.71 10.39
N MET A 16 2.19 5.59 11.06
CA MET A 16 0.91 5.03 11.60
C MET A 16 0.73 5.43 13.07
N SER A 17 -0.49 5.64 13.48
CA SER A 17 -0.75 6.02 14.90
C SER A 17 -2.11 5.48 15.32
N VAL A 18 -2.37 5.40 16.60
CA VAL A 18 -3.68 4.89 17.08
C VAL A 18 -4.34 5.92 17.99
N GLY A 19 -5.63 5.84 18.18
CA GLY A 19 -6.33 6.81 19.05
C GLY A 19 -5.59 6.96 20.37
N GLY A 20 -4.95 5.91 20.83
CA GLY A 20 -4.21 5.99 22.12
C GLY A 20 -2.93 6.80 21.93
N GLN A 21 -1.90 6.21 21.39
CA GLN A 21 -0.62 6.96 21.19
C GLN A 21 0.06 6.44 19.91
N PRO A 22 0.91 7.22 19.31
CA PRO A 22 1.63 6.82 18.07
C PRO A 22 2.20 5.40 18.17
N ALA A 23 1.94 4.58 17.18
CA ALA A 23 2.46 3.19 17.22
C ALA A 23 3.93 3.18 16.79
N GLY A 24 4.23 3.68 15.63
CA GLY A 24 5.64 3.69 15.15
C GLY A 24 5.68 4.07 13.67
N ARG A 25 6.83 3.95 13.05
CA ARG A 25 6.95 4.30 11.61
C ARG A 25 7.26 3.04 10.80
N ILE A 26 6.70 2.91 9.63
CA ILE A 26 6.96 1.71 8.80
C ILE A 26 7.58 2.15 7.47
N VAL A 27 8.67 1.53 7.08
CA VAL A 27 9.32 1.91 5.80
C VAL A 27 9.16 0.80 4.78
N MET A 28 8.80 1.13 3.56
CA MET A 28 8.61 0.10 2.51
C MET A 28 9.54 0.40 1.34
N GLU A 29 9.96 -0.60 0.61
CA GLU A 29 10.88 -0.36 -0.54
C GLU A 29 10.12 -0.49 -1.87
N LEU A 30 10.31 0.45 -2.75
CA LEU A 30 9.62 0.39 -4.08
C LEU A 30 10.64 -0.01 -5.15
N PHE A 31 10.32 -0.99 -5.95
CA PHE A 31 11.27 -1.42 -7.01
C PHE A 31 10.88 -0.77 -8.34
N ALA A 32 11.75 0.03 -8.89
CA ALA A 32 11.43 0.69 -10.18
C ALA A 32 11.67 -0.28 -11.34
N ASP A 33 12.76 -1.01 -11.28
CA ASP A 33 13.06 -1.96 -12.39
C ASP A 33 12.00 -3.07 -12.45
N THR A 34 11.64 -3.63 -11.33
CA THR A 34 10.61 -4.71 -11.34
C THR A 34 9.26 -4.13 -11.77
N THR A 35 8.90 -3.00 -11.22
CA THR A 35 7.60 -2.37 -11.58
C THR A 35 7.79 -0.85 -11.66
N PRO A 36 8.32 -0.36 -12.76
CA PRO A 36 8.58 1.10 -12.94
C PRO A 36 7.32 1.95 -12.83
N ARG A 37 6.42 1.78 -13.75
CA ARG A 37 5.16 2.59 -13.74
C ARG A 37 4.36 2.35 -12.45
N THR A 38 4.36 1.14 -11.94
CA THR A 38 3.59 0.89 -10.69
C THR A 38 4.12 1.75 -9.55
N ALA A 39 5.42 1.85 -9.42
CA ALA A 39 5.99 2.68 -8.33
C ALA A 39 5.55 4.13 -8.53
N GLU A 40 5.38 4.54 -9.76
CA GLU A 40 4.96 5.94 -10.04
C GLU A 40 3.51 6.14 -9.60
N ASN A 41 2.65 5.19 -9.87
CA ASN A 41 1.22 5.34 -9.47
C ASN A 41 1.11 5.49 -7.95
N PHE A 42 1.82 4.67 -7.22
CA PHE A 42 1.76 4.76 -5.74
C PHE A 42 2.50 6.02 -5.28
N ARG A 43 3.68 6.23 -5.78
CA ARG A 43 4.47 7.44 -5.39
C ARG A 43 3.67 8.70 -5.71
N ALA A 44 2.99 8.72 -6.83
CA ALA A 44 2.21 9.93 -7.21
C ALA A 44 1.15 10.24 -6.16
N LEU A 45 0.50 9.24 -5.64
CA LEU A 45 -0.54 9.49 -4.61
C LEU A 45 0.10 10.15 -3.39
N CYS A 46 1.28 9.72 -3.01
CA CYS A 46 1.95 10.32 -1.82
C CYS A 46 2.62 11.65 -2.22
N THR A 47 3.44 11.61 -3.24
CA THR A 47 4.12 12.87 -3.67
C THR A 47 3.11 13.84 -4.27
N GLY A 48 2.14 13.33 -4.98
CA GLY A 48 1.10 14.22 -5.60
C GLY A 48 1.71 14.97 -6.78
N GLU A 49 2.63 14.37 -7.49
CA GLU A 49 3.24 15.06 -8.66
C GLU A 49 2.15 15.39 -9.69
N LYS A 50 1.20 14.51 -9.86
CA LYS A 50 0.11 14.78 -10.83
C LYS A 50 -0.64 16.03 -10.41
N GLY A 51 -0.72 16.29 -9.13
CA GLY A 51 -1.45 17.49 -8.65
C GLY A 51 -2.87 17.09 -8.23
N THR A 52 -3.57 17.98 -7.58
CA THR A 52 -4.95 17.66 -7.14
C THR A 52 -5.90 17.70 -8.33
N GLY A 53 -6.85 16.80 -8.38
CA GLY A 53 -7.81 16.79 -9.52
C GLY A 53 -8.50 18.15 -9.61
N ARG A 54 -8.71 18.64 -10.81
CA ARG A 54 -9.38 19.96 -10.96
C ARG A 54 -10.77 19.93 -10.32
N SER A 55 -11.42 18.80 -10.37
CA SER A 55 -12.79 18.71 -9.78
C SER A 55 -12.73 19.02 -8.27
N GLY A 56 -11.59 18.81 -7.65
CA GLY A 56 -11.47 19.09 -6.19
C GLY A 56 -11.38 17.77 -5.45
N LYS A 57 -10.19 17.27 -5.23
CA LYS A 57 -10.02 15.99 -4.51
C LYS A 57 -8.52 15.72 -4.34
N PRO A 58 -7.90 16.36 -3.40
CA PRO A 58 -6.45 16.22 -3.13
C PRO A 58 -6.01 14.75 -3.10
N LEU A 59 -5.00 14.42 -3.84
CA LEU A 59 -4.51 13.01 -3.89
C LEU A 59 -3.42 12.81 -2.83
N HIS A 60 -3.79 12.34 -1.67
CA HIS A 60 -2.79 12.11 -0.60
C HIS A 60 -3.34 11.12 0.43
N TYR A 61 -2.64 10.06 0.70
CA TYR A 61 -3.13 9.08 1.70
C TYR A 61 -3.08 9.72 3.09
N LYS A 62 -2.54 10.91 3.18
CA LYS A 62 -2.45 11.59 4.50
C LYS A 62 -3.84 11.67 5.15
N ASP A 63 -3.90 11.56 6.43
CA ASP A 63 -5.22 11.62 7.14
C ASP A 63 -6.16 10.56 6.57
N SER A 64 -5.67 9.36 6.40
CA SER A 64 -6.54 8.26 5.86
C SER A 64 -6.60 7.13 6.89
N SER A 65 -7.70 6.44 6.95
CA SER A 65 -7.84 5.33 7.94
C SER A 65 -7.92 3.99 7.19
N PHE A 66 -7.40 2.94 7.77
CA PHE A 66 -7.46 1.61 7.08
C PHE A 66 -8.92 1.18 6.97
N HIS A 67 -9.31 0.67 5.82
CA HIS A 67 -10.73 0.24 5.64
C HIS A 67 -11.08 -0.87 6.64
N ARG A 68 -10.28 -1.90 6.71
CA ARG A 68 -10.60 -3.00 7.66
C ARG A 68 -9.35 -3.84 7.93
N VAL A 69 -9.35 -4.58 9.01
CA VAL A 69 -8.18 -5.44 9.34
C VAL A 69 -8.67 -6.84 9.71
N ILE A 70 -7.88 -7.85 9.49
CA ILE A 70 -8.32 -9.23 9.85
C ILE A 70 -7.10 -10.06 10.28
N PRO A 71 -7.09 -10.57 11.49
CA PRO A 71 -5.96 -11.39 12.00
C PRO A 71 -5.96 -12.79 11.40
N GLY A 72 -4.81 -13.27 11.00
CA GLY A 72 -4.74 -14.64 10.40
C GLY A 72 -4.96 -14.56 8.90
N PHE A 73 -5.13 -13.37 8.37
CA PHE A 73 -5.35 -13.22 6.90
C PHE A 73 -4.49 -12.06 6.38
N MET A 74 -5.05 -10.88 6.35
CA MET A 74 -4.27 -9.71 5.85
C MET A 74 -5.03 -8.42 6.14
N CYS A 75 -4.41 -7.29 5.90
CA CYS A 75 -5.09 -5.98 6.15
C CYS A 75 -5.27 -5.25 4.82
N GLN A 76 -6.40 -4.63 4.62
CA GLN A 76 -6.64 -3.90 3.34
C GLN A 76 -6.61 -2.39 3.59
N GLY A 77 -6.30 -1.61 2.59
CA GLY A 77 -6.24 -0.14 2.76
C GLY A 77 -6.68 0.54 1.45
N GLY A 78 -6.42 1.82 1.33
CA GLY A 78 -6.82 2.54 0.08
C GLY A 78 -8.19 3.19 0.28
N ASP A 79 -8.66 3.23 1.50
CA ASP A 79 -9.99 3.84 1.77
C ASP A 79 -10.07 5.20 1.08
N PHE A 80 -8.95 5.75 0.67
CA PHE A 80 -8.97 7.07 0.00
C PHE A 80 -10.05 7.11 -1.08
N THR A 81 -10.12 6.12 -1.93
CA THR A 81 -11.15 6.12 -3.00
C THR A 81 -12.53 5.86 -2.37
N ALA A 82 -12.58 5.10 -1.32
CA ALA A 82 -13.88 4.82 -0.65
C ALA A 82 -13.72 3.61 0.27
N GLY A 83 -13.25 2.51 -0.26
CA GLY A 83 -13.06 1.29 0.58
C GLY A 83 -14.33 0.43 0.52
N ASN A 84 -15.30 0.84 -0.24
CA ASN A 84 -16.57 0.05 -0.35
C ASN A 84 -16.42 -0.98 -1.47
N GLY A 85 -15.25 -1.09 -2.04
CA GLY A 85 -15.04 -2.07 -3.14
C GLY A 85 -15.22 -1.36 -4.49
N THR A 86 -16.18 -0.49 -4.59
CA THR A 86 -16.39 0.24 -5.86
C THR A 86 -15.29 1.28 -6.04
N GLY A 87 -14.56 1.57 -5.00
CA GLY A 87 -13.47 2.57 -5.08
C GLY A 87 -12.23 1.93 -5.69
N GLY A 88 -11.09 2.52 -5.50
CA GLY A 88 -9.83 1.96 -6.07
C GLY A 88 -9.61 2.53 -7.48
N GLU A 89 -10.18 3.66 -7.75
CA GLU A 89 -10.01 4.27 -9.10
C GLU A 89 -8.52 4.44 -9.40
N SER A 90 -8.14 4.35 -10.66
CA SER A 90 -6.71 4.49 -11.02
C SER A 90 -6.49 5.87 -11.66
N ILE A 91 -5.30 6.41 -11.51
CA ILE A 91 -5.02 7.75 -12.10
C ILE A 91 -5.15 7.69 -13.63
N TYR A 92 -4.83 6.57 -14.23
CA TYR A 92 -4.95 6.47 -15.71
C TYR A 92 -6.42 6.59 -16.12
N GLY A 93 -7.31 6.06 -15.32
CA GLY A 93 -8.75 6.15 -15.66
C GLY A 93 -9.14 4.96 -16.54
N ALA A 94 -8.23 4.02 -16.72
CA ALA A 94 -8.53 2.84 -17.57
C ALA A 94 -7.78 1.62 -17.02
N LYS A 95 -8.26 0.44 -17.30
CA LYS A 95 -7.58 -0.78 -16.79
C LYS A 95 -6.54 -1.25 -17.82
N PHE A 96 -5.43 -1.76 -17.34
CA PHE A 96 -4.37 -2.24 -18.27
C PHE A 96 -3.81 -3.56 -17.73
N ALA A 97 -3.16 -4.33 -18.57
CA ALA A 97 -2.60 -5.63 -18.10
C ALA A 97 -1.46 -5.37 -17.12
N ASP A 98 -1.45 -6.05 -16.01
CA ASP A 98 -0.37 -5.84 -15.00
C ASP A 98 0.92 -6.51 -15.48
N GLU A 99 2.04 -5.88 -15.28
CA GLU A 99 3.33 -6.47 -15.72
C GLU A 99 3.52 -7.81 -15.00
N ASN A 100 4.18 -8.74 -15.64
CA ASN A 100 4.41 -10.06 -14.99
C ASN A 100 5.05 -9.85 -13.62
N PHE A 101 4.99 -10.86 -12.78
CA PHE A 101 5.59 -10.73 -11.41
C PHE A 101 6.48 -11.94 -11.14
N ILE A 102 7.70 -11.90 -11.61
CA ILE A 102 8.63 -13.04 -11.38
C ILE A 102 8.84 -13.23 -9.87
N LYS A 103 8.84 -12.16 -9.12
CA LYS A 103 9.03 -12.29 -7.66
C LYS A 103 7.68 -12.60 -6.98
N LYS A 104 7.68 -13.53 -6.06
CA LYS A 104 6.40 -13.89 -5.37
C LYS A 104 6.50 -13.55 -3.88
N HIS A 105 5.47 -13.84 -3.14
CA HIS A 105 5.49 -13.55 -1.68
C HIS A 105 5.80 -14.83 -0.92
N THR A 106 7.03 -14.99 -0.48
CA THR A 106 7.41 -16.23 0.27
C THR A 106 7.44 -15.94 1.76
N GLY A 107 7.20 -14.72 2.15
CA GLY A 107 7.21 -14.37 3.60
C GLY A 107 6.23 -13.23 3.88
N PRO A 108 6.02 -12.92 5.12
CA PRO A 108 5.09 -11.82 5.54
C PRO A 108 5.70 -10.44 5.29
N GLY A 109 4.87 -9.43 5.18
CA GLY A 109 5.40 -8.05 4.94
C GLY A 109 5.63 -7.83 3.45
N ILE A 110 4.74 -8.30 2.62
CA ILE A 110 4.89 -8.11 1.14
C ILE A 110 3.79 -7.19 0.64
N LEU A 111 4.12 -6.22 -0.17
CA LEU A 111 3.08 -5.28 -0.70
C LEU A 111 2.54 -5.82 -2.02
N SER A 112 1.24 -5.82 -2.17
CA SER A 112 0.62 -6.33 -3.43
C SER A 112 -0.63 -5.51 -3.75
N MET A 113 -0.87 -5.23 -4.99
CA MET A 113 -2.09 -4.43 -5.35
C MET A 113 -3.30 -5.36 -5.45
N ALA A 114 -4.37 -5.03 -4.78
CA ALA A 114 -5.57 -5.90 -4.85
C ALA A 114 -6.19 -5.83 -6.24
N ASN A 115 -6.71 -6.93 -6.72
CA ASN A 115 -7.34 -6.92 -8.08
C ASN A 115 -8.57 -7.83 -8.05
N ALA A 116 -9.73 -7.26 -8.19
CA ALA A 116 -10.97 -8.08 -8.18
C ALA A 116 -11.04 -8.93 -9.44
N GLY A 117 -10.46 -8.46 -10.52
CA GLY A 117 -10.48 -9.24 -11.80
C GLY A 117 -9.08 -9.23 -12.41
N PRO A 118 -8.85 -10.07 -13.38
CA PRO A 118 -7.54 -10.17 -14.07
C PRO A 118 -7.24 -8.94 -14.92
N ASN A 119 -5.99 -8.66 -15.14
CA ASN A 119 -5.63 -7.46 -15.96
C ASN A 119 -6.31 -6.22 -15.38
N THR A 120 -6.29 -6.08 -14.08
CA THR A 120 -6.92 -4.91 -13.43
C THR A 120 -5.97 -4.35 -12.36
N ASN A 121 -5.65 -3.10 -12.45
CA ASN A 121 -4.74 -2.49 -11.45
C ASN A 121 -5.55 -1.65 -10.45
N GLY A 122 -5.79 -2.17 -9.27
CA GLY A 122 -6.58 -1.41 -8.27
C GLY A 122 -5.63 -0.61 -7.37
N SER A 123 -5.93 0.64 -7.14
CA SER A 123 -5.04 1.46 -6.27
C SER A 123 -5.02 0.88 -4.86
N GLN A 124 -6.05 0.15 -4.50
CA GLN A 124 -6.11 -0.45 -3.13
C GLN A 124 -5.04 -1.53 -3.00
N PHE A 125 -4.46 -1.66 -1.85
CA PHE A 125 -3.41 -2.70 -1.64
C PHE A 125 -3.62 -3.37 -0.28
N PHE A 126 -3.03 -4.52 -0.08
CA PHE A 126 -3.20 -5.22 1.24
C PHE A 126 -1.85 -5.74 1.72
N ILE A 127 -1.74 -6.04 2.99
CA ILE A 127 -0.46 -6.56 3.55
C ILE A 127 -0.67 -7.97 4.10
N CYS A 128 0.20 -8.88 3.76
CA CYS A 128 0.06 -10.28 4.28
C CYS A 128 1.02 -10.49 5.45
N THR A 129 0.51 -10.54 6.65
CA THR A 129 1.39 -10.74 7.83
C THR A 129 1.54 -12.23 8.13
N ALA A 130 0.96 -13.07 7.32
CA ALA A 130 1.06 -14.54 7.58
C ALA A 130 1.10 -15.28 6.24
N LYS A 131 1.68 -16.46 6.22
CA LYS A 131 1.75 -17.24 4.96
C LYS A 131 0.42 -17.96 4.73
N THR A 132 -0.14 -17.85 3.55
CA THR A 132 -1.43 -18.53 3.25
C THR A 132 -1.27 -19.42 2.02
N GLU A 133 -2.16 -20.36 1.83
CA GLU A 133 -2.07 -21.27 0.65
C GLU A 133 -3.40 -21.27 -0.11
N TRP A 134 -4.49 -21.04 0.57
CA TRP A 134 -5.81 -21.04 -0.11
C TRP A 134 -5.98 -19.72 -0.89
N LEU A 135 -5.06 -18.81 -0.75
CA LEU A 135 -5.16 -17.52 -1.50
C LEU A 135 -4.43 -17.65 -2.83
N ASP A 136 -4.00 -18.83 -3.18
CA ASP A 136 -3.28 -19.02 -4.46
C ASP A 136 -4.12 -18.46 -5.61
N GLY A 137 -3.49 -18.03 -6.68
CA GLY A 137 -4.24 -17.48 -7.83
C GLY A 137 -3.42 -16.35 -8.46
N LYS A 138 -4.02 -15.21 -8.67
CA LYS A 138 -3.27 -14.08 -9.27
C LYS A 138 -2.64 -13.25 -8.15
N HIS A 139 -1.36 -13.00 -8.22
CA HIS A 139 -0.69 -12.20 -7.17
C HIS A 139 0.34 -11.26 -7.79
N VAL A 140 0.27 -10.00 -7.48
CA VAL A 140 1.25 -9.02 -8.05
C VAL A 140 1.96 -8.30 -6.91
N VAL A 141 3.26 -8.19 -6.97
CA VAL A 141 4.02 -7.51 -5.88
C VAL A 141 4.70 -6.27 -6.46
N PHE A 142 4.53 -5.13 -5.84
CA PHE A 142 5.17 -3.88 -6.35
C PHE A 142 6.11 -3.31 -5.28
N GLY A 143 6.30 -4.01 -4.20
CA GLY A 143 7.21 -3.51 -3.13
C GLY A 143 7.27 -4.52 -1.98
N GLN A 144 8.06 -4.24 -0.98
CA GLN A 144 8.16 -5.18 0.17
C GLN A 144 8.39 -4.38 1.46
N VAL A 145 8.26 -5.01 2.60
CA VAL A 145 8.46 -4.31 3.89
C VAL A 145 9.89 -4.53 4.36
N VAL A 146 10.59 -3.48 4.71
CA VAL A 146 11.99 -3.62 5.19
C VAL A 146 12.04 -3.35 6.70
N GLU A 147 11.26 -2.42 7.18
CA GLU A 147 11.28 -2.11 8.64
C GLU A 147 9.84 -1.86 9.11
N GLY A 148 9.61 -1.93 10.40
CA GLY A 148 8.24 -1.69 10.93
C GLY A 148 7.51 -3.02 11.11
N MET A 149 8.18 -4.12 10.90
CA MET A 149 7.50 -5.44 11.06
C MET A 149 7.00 -5.57 12.49
N ASP A 150 7.69 -5.00 13.44
CA ASP A 150 7.25 -5.11 14.86
C ASP A 150 5.90 -4.41 15.05
N VAL A 151 5.73 -3.25 14.46
CA VAL A 151 4.45 -2.51 14.63
C VAL A 151 3.35 -3.12 13.74
N VAL A 152 3.70 -3.63 12.60
CA VAL A 152 2.66 -4.20 11.70
C VAL A 152 1.80 -5.19 12.49
N LYS A 153 2.42 -5.98 13.34
CA LYS A 153 1.65 -6.96 14.16
C LYS A 153 0.74 -6.19 15.13
N ALA A 154 1.18 -5.05 15.59
CA ALA A 154 0.36 -4.27 16.55
C ALA A 154 -0.99 -3.91 15.92
N ILE A 155 -0.99 -3.56 14.67
CA ILE A 155 -2.28 -3.19 14.00
C ILE A 155 -3.13 -4.45 13.80
N GLU A 156 -2.51 -5.58 13.54
CA GLU A 156 -3.27 -6.83 13.30
C GLU A 156 -3.78 -7.43 14.62
N LYS A 157 -2.97 -7.45 15.65
CA LYS A 157 -3.44 -8.05 16.94
C LYS A 157 -4.68 -7.32 17.43
N VAL A 158 -4.75 -6.03 17.22
CA VAL A 158 -5.95 -5.27 17.67
C VAL A 158 -7.09 -5.53 16.68
N GLY A 159 -6.78 -6.15 15.57
CA GLY A 159 -7.84 -6.43 14.55
C GLY A 159 -8.74 -7.56 15.03
N SER A 160 -9.89 -7.70 14.42
CA SER A 160 -10.83 -8.78 14.82
C SER A 160 -11.62 -9.25 13.59
N SER A 161 -12.28 -10.36 13.70
CA SER A 161 -13.07 -10.88 12.54
C SER A 161 -14.06 -9.79 12.09
N SER A 162 -14.45 -8.93 12.98
CA SER A 162 -15.42 -7.85 12.62
C SER A 162 -14.84 -7.01 11.47
N GLY A 163 -13.54 -6.97 11.34
CA GLY A 163 -12.93 -6.17 10.24
C GLY A 163 -12.62 -4.76 10.74
N ARG A 164 -12.67 -4.53 12.03
CA ARG A 164 -12.37 -3.17 12.57
C ARG A 164 -11.29 -3.28 13.65
N THR A 165 -10.41 -2.32 13.72
CA THR A 165 -9.33 -2.37 14.75
C THR A 165 -9.92 -1.97 16.11
N ALA A 166 -9.32 -2.41 17.17
CA ALA A 166 -9.84 -2.05 18.52
C ALA A 166 -9.72 -0.54 18.72
N LYS A 167 -8.68 0.05 18.20
CA LYS A 167 -8.49 1.53 18.34
C LYS A 167 -8.53 2.17 16.96
N LYS A 168 -8.89 3.42 16.89
CA LYS A 168 -8.94 4.11 15.56
C LYS A 168 -7.51 4.21 15.00
N VAL A 169 -7.36 4.04 13.71
CA VAL A 169 -6.00 4.13 13.10
C VAL A 169 -6.00 5.18 12.00
N VAL A 170 -5.06 6.10 12.04
CA VAL A 170 -4.99 7.16 11.00
C VAL A 170 -3.52 7.48 10.72
N VAL A 171 -3.19 7.83 9.51
CA VAL A 171 -1.77 8.14 9.20
C VAL A 171 -1.47 9.59 9.58
N GLU A 172 -0.61 9.79 10.54
CA GLU A 172 -0.27 11.17 10.95
C GLU A 172 0.45 11.88 9.80
N ASP A 173 1.04 11.14 8.90
CA ASP A 173 1.76 11.79 7.77
C ASP A 173 2.10 10.78 6.68
N CYS A 174 2.42 11.25 5.51
CA CYS A 174 2.78 10.32 4.39
C CYS A 174 3.53 11.10 3.31
N GLY A 175 4.46 10.47 2.64
CA GLY A 175 5.23 11.17 1.58
C GLY A 175 6.40 10.29 1.12
N GLN A 176 7.11 10.72 0.11
CA GLN A 176 8.27 9.90 -0.36
C GLN A 176 9.58 10.50 0.14
N LEU A 177 10.35 9.75 0.87
CA LEU A 177 11.64 10.28 1.38
C LEU A 177 12.58 10.57 0.21
N SER A 178 12.54 9.74 -0.81
CA SER A 178 13.42 9.96 -1.99
C SER A 178 12.91 9.14 -3.17
N GLY A 1 30.41 13.41 -7.68
CA GLY A 1 29.51 12.51 -6.83
C GLY A 1 28.19 12.06 -7.37
N SER A 2 27.94 12.33 -8.62
CA SER A 2 26.64 11.92 -9.23
C SER A 2 26.54 10.39 -9.26
N PHE A 3 27.65 9.71 -9.24
CA PHE A 3 27.62 8.22 -9.28
C PHE A 3 27.68 7.64 -7.87
N THR A 4 27.39 8.44 -6.89
CA THR A 4 27.43 7.94 -5.48
C THR A 4 26.30 6.93 -5.28
N GLY A 5 25.21 7.09 -5.97
CA GLY A 5 24.07 6.14 -5.81
C GLY A 5 23.34 6.41 -4.50
N SER A 6 23.31 7.65 -4.07
CA SER A 6 22.61 7.99 -2.80
C SER A 6 21.13 7.61 -2.91
N MET A 7 20.54 7.82 -4.06
CA MET A 7 19.09 7.47 -4.25
C MET A 7 18.92 6.69 -5.55
N PRO A 8 19.21 5.40 -5.53
CA PRO A 8 19.10 4.53 -6.73
C PRO A 8 17.66 4.07 -6.98
N ASN A 9 16.84 4.05 -5.96
CA ASN A 9 15.42 3.61 -6.15
C ASN A 9 14.50 4.48 -5.29
N PRO A 10 13.24 4.56 -5.65
CA PRO A 10 12.24 5.36 -4.90
C PRO A 10 11.92 4.76 -3.52
N ARG A 11 11.78 5.59 -2.53
CA ARG A 11 11.46 5.07 -1.16
C ARG A 11 10.25 5.85 -0.61
N VAL A 12 9.29 5.15 -0.08
CA VAL A 12 8.08 5.82 0.47
C VAL A 12 7.74 5.21 1.83
N PHE A 13 7.30 6.02 2.75
CA PHE A 13 6.96 5.48 4.11
C PHE A 13 5.68 6.16 4.61
N PHE A 14 4.96 5.49 5.47
CA PHE A 14 3.70 6.08 6.02
C PHE A 14 3.78 6.15 7.54
N ASP A 15 3.39 7.25 8.12
CA ASP A 15 3.44 7.36 9.61
C ASP A 15 2.11 6.88 10.17
N MET A 16 2.09 5.79 10.88
CA MET A 16 0.80 5.28 11.43
C MET A 16 0.72 5.55 12.94
N SER A 17 -0.46 5.79 13.43
CA SER A 17 -0.63 6.06 14.88
C SER A 17 -1.96 5.45 15.35
N VAL A 18 -2.15 5.33 16.63
CA VAL A 18 -3.43 4.75 17.15
C VAL A 18 -4.07 5.71 18.15
N GLY A 19 -5.36 5.70 18.26
CA GLY A 19 -6.04 6.63 19.21
C GLY A 19 -5.39 6.50 20.59
N GLY A 20 -4.55 7.45 20.95
CA GLY A 20 -3.89 7.40 22.28
C GLY A 20 -2.44 7.85 22.15
N GLN A 21 -1.59 7.02 21.60
CA GLN A 21 -0.15 7.40 21.45
C GLN A 21 0.35 6.94 20.07
N PRO A 22 1.41 7.53 19.59
CA PRO A 22 2.00 7.18 18.26
C PRO A 22 2.41 5.70 18.20
N ALA A 23 2.15 5.05 17.10
CA ALA A 23 2.52 3.61 16.97
C ALA A 23 3.98 3.49 16.54
N GLY A 24 4.31 3.99 15.38
CA GLY A 24 5.72 3.91 14.90
C GLY A 24 5.78 4.31 13.43
N ARG A 25 6.90 4.09 12.79
CA ARG A 25 7.03 4.46 11.34
C ARG A 25 7.25 3.18 10.53
N ILE A 26 6.68 3.11 9.36
CA ILE A 26 6.85 1.91 8.50
C ILE A 26 7.47 2.32 7.17
N VAL A 27 8.52 1.66 6.76
CA VAL A 27 9.17 2.02 5.47
C VAL A 27 9.01 0.85 4.49
N MET A 28 8.63 1.13 3.27
CA MET A 28 8.46 0.04 2.27
C MET A 28 9.40 0.29 1.08
N GLU A 29 9.82 -0.75 0.41
CA GLU A 29 10.74 -0.58 -0.74
C GLU A 29 9.95 -0.62 -2.05
N LEU A 30 10.19 0.33 -2.91
CA LEU A 30 9.48 0.37 -4.22
C LEU A 30 10.44 -0.03 -5.34
N PHE A 31 10.02 -0.91 -6.21
CA PHE A 31 10.93 -1.34 -7.33
C PHE A 31 10.56 -0.56 -8.59
N ALA A 32 11.51 0.10 -9.19
CA ALA A 32 11.23 0.88 -10.43
C ALA A 32 11.53 0.04 -11.66
N ASP A 33 11.94 -1.19 -11.48
CA ASP A 33 12.27 -2.05 -12.66
C ASP A 33 11.07 -2.92 -13.02
N THR A 34 10.82 -3.95 -12.25
CA THR A 34 9.70 -4.87 -12.56
C THR A 34 8.36 -4.15 -12.45
N THR A 35 8.18 -3.31 -11.46
CA THR A 35 6.87 -2.60 -11.30
C THR A 35 7.11 -1.09 -11.22
N PRO A 36 7.37 -0.47 -12.33
CA PRO A 36 7.61 1.00 -12.41
C PRO A 36 6.31 1.82 -12.35
N ARG A 37 5.41 1.58 -13.26
CA ARG A 37 4.14 2.35 -13.26
C ARG A 37 3.41 2.19 -11.92
N THR A 38 3.44 1.02 -11.35
CA THR A 38 2.75 0.82 -10.04
C THR A 38 3.36 1.75 -8.98
N ALA A 39 4.65 1.88 -8.97
CA ALA A 39 5.30 2.76 -7.96
C ALA A 39 4.81 4.20 -8.17
N GLU A 40 4.50 4.56 -9.38
CA GLU A 40 4.02 5.95 -9.64
C GLU A 40 2.64 6.15 -9.00
N ASN A 41 1.81 5.14 -9.03
CA ASN A 41 0.46 5.28 -8.42
C ASN A 41 0.58 5.65 -6.94
N PHE A 42 1.47 5.01 -6.24
CA PHE A 42 1.63 5.34 -4.79
C PHE A 42 2.54 6.56 -4.63
N ARG A 43 3.64 6.59 -5.32
CA ARG A 43 4.57 7.75 -5.20
C ARG A 43 3.83 9.04 -5.56
N ALA A 44 3.02 9.02 -6.58
CA ALA A 44 2.28 10.26 -6.97
C ALA A 44 1.11 10.49 -6.02
N LEU A 45 0.31 9.49 -5.77
CA LEU A 45 -0.85 9.68 -4.86
C LEU A 45 -0.36 10.16 -3.49
N CYS A 46 0.75 9.67 -3.03
CA CYS A 46 1.26 10.11 -1.70
C CYS A 46 1.90 11.49 -1.82
N THR A 47 2.97 11.59 -2.56
CA THR A 47 3.64 12.92 -2.71
C THR A 47 2.69 13.90 -3.39
N GLY A 48 1.93 13.45 -4.35
CA GLY A 48 0.97 14.37 -5.04
C GLY A 48 1.71 15.19 -6.11
N GLU A 49 2.67 14.60 -6.77
CA GLU A 49 3.40 15.36 -7.82
C GLU A 49 2.44 15.82 -8.92
N LYS A 50 1.49 14.99 -9.24
CA LYS A 50 0.50 15.37 -10.30
C LYS A 50 -0.27 16.61 -9.86
N GLY A 51 -0.49 16.76 -8.58
CA GLY A 51 -1.24 17.95 -8.08
C GLY A 51 -2.70 17.58 -7.91
N THR A 52 -3.48 18.45 -7.33
CA THR A 52 -4.93 18.16 -7.13
C THR A 52 -5.66 18.21 -8.47
N GLY A 53 -6.60 17.32 -8.68
CA GLY A 53 -7.35 17.33 -9.95
C GLY A 53 -8.04 18.68 -10.13
N ARG A 54 -8.01 19.22 -11.32
CA ARG A 54 -8.66 20.55 -11.56
C ARG A 54 -10.16 20.46 -11.23
N SER A 55 -10.77 19.33 -11.48
CA SER A 55 -12.23 19.19 -11.20
C SER A 55 -12.48 19.39 -9.69
N GLY A 56 -11.50 19.15 -8.87
CA GLY A 56 -11.69 19.31 -7.40
C GLY A 56 -11.62 17.94 -6.73
N LYS A 57 -10.45 17.53 -6.34
CA LYS A 57 -10.29 16.20 -5.68
C LYS A 57 -8.84 16.03 -5.25
N PRO A 58 -8.49 16.61 -4.13
CA PRO A 58 -7.09 16.54 -3.59
C PRO A 58 -6.54 15.12 -3.54
N LEU A 59 -5.35 14.92 -4.04
CA LEU A 59 -4.74 13.56 -4.03
C LEU A 59 -3.72 13.48 -2.88
N HIS A 60 -4.17 13.09 -1.71
CA HIS A 60 -3.23 12.99 -0.55
C HIS A 60 -3.54 11.71 0.25
N TYR A 61 -2.52 10.99 0.64
CA TYR A 61 -2.76 9.75 1.43
C TYR A 61 -2.83 10.12 2.92
N LYS A 62 -2.52 11.34 3.23
CA LYS A 62 -2.55 11.79 4.66
C LYS A 62 -3.98 11.72 5.20
N ASP A 63 -4.12 11.51 6.47
CA ASP A 63 -5.49 11.43 7.08
C ASP A 63 -6.28 10.29 6.44
N SER A 64 -5.67 9.14 6.30
CA SER A 64 -6.38 7.97 5.70
C SER A 64 -6.52 6.88 6.76
N SER A 65 -7.64 6.20 6.79
CA SER A 65 -7.83 5.12 7.80
C SER A 65 -7.94 3.77 7.11
N PHE A 66 -7.45 2.72 7.72
CA PHE A 66 -7.53 1.38 7.09
C PHE A 66 -8.99 0.92 7.07
N HIS A 67 -9.42 0.34 5.99
CA HIS A 67 -10.85 -0.11 5.91
C HIS A 67 -11.13 -1.15 6.99
N ARG A 68 -10.32 -2.17 7.09
CA ARG A 68 -10.56 -3.21 8.13
C ARG A 68 -9.30 -4.05 8.34
N VAL A 69 -9.23 -4.76 9.43
CA VAL A 69 -8.03 -5.61 9.70
C VAL A 69 -8.50 -7.01 10.13
N ILE A 70 -7.80 -8.04 9.72
CA ILE A 70 -8.23 -9.42 10.11
C ILE A 70 -7.00 -10.32 10.25
N PRO A 71 -6.66 -10.71 11.46
CA PRO A 71 -5.49 -11.60 11.71
C PRO A 71 -5.54 -12.88 10.87
N GLY A 72 -4.40 -13.38 10.46
CA GLY A 72 -4.37 -14.63 9.65
C GLY A 72 -4.66 -14.32 8.18
N PHE A 73 -5.79 -13.71 7.91
CA PHE A 73 -6.12 -13.40 6.49
C PHE A 73 -5.20 -12.28 5.98
N MET A 74 -5.60 -11.05 6.16
CA MET A 74 -4.75 -9.92 5.67
C MET A 74 -5.41 -8.59 6.04
N CYS A 75 -4.77 -7.49 5.75
CA CYS A 75 -5.35 -6.16 6.08
C CYS A 75 -5.71 -5.46 4.76
N GLN A 76 -6.89 -4.91 4.67
CA GLN A 76 -7.31 -4.23 3.42
C GLN A 76 -7.13 -2.71 3.56
N GLY A 77 -6.86 -2.03 2.47
CA GLY A 77 -6.67 -0.55 2.54
C GLY A 77 -7.32 0.10 1.32
N GLY A 78 -7.08 1.36 1.11
CA GLY A 78 -7.69 2.05 -0.07
C GLY A 78 -8.97 2.78 0.37
N ASP A 79 -9.24 2.79 1.64
CA ASP A 79 -10.47 3.48 2.14
C ASP A 79 -10.44 4.95 1.73
N PHE A 80 -9.27 5.49 1.50
CA PHE A 80 -9.17 6.92 1.12
C PHE A 80 -10.16 7.23 -0.02
N THR A 81 -10.20 6.40 -1.03
CA THR A 81 -11.15 6.67 -2.14
C THR A 81 -12.59 6.43 -1.66
N ALA A 82 -12.77 5.53 -0.73
CA ALA A 82 -14.14 5.25 -0.21
C ALA A 82 -14.12 3.92 0.56
N GLY A 83 -13.69 2.87 -0.08
CA GLY A 83 -13.65 1.55 0.61
C GLY A 83 -14.96 0.79 0.34
N ASN A 84 -15.85 1.37 -0.40
CA ASN A 84 -17.14 0.69 -0.70
C ASN A 84 -16.97 -0.20 -1.94
N GLY A 85 -15.78 -0.30 -2.45
CA GLY A 85 -15.55 -1.14 -3.66
C GLY A 85 -15.57 -0.25 -4.90
N THR A 86 -16.45 0.72 -4.94
CA THR A 86 -16.51 1.63 -6.11
C THR A 86 -15.32 2.58 -6.08
N GLY A 87 -14.65 2.67 -4.95
CA GLY A 87 -13.48 3.58 -4.84
C GLY A 87 -12.25 2.88 -5.42
N GLY A 88 -11.08 3.39 -5.12
CA GLY A 88 -9.85 2.76 -5.65
C GLY A 88 -9.61 3.24 -7.09
N GLU A 89 -9.62 4.53 -7.29
CA GLU A 89 -9.40 5.08 -8.66
C GLU A 89 -7.91 5.34 -8.87
N SER A 90 -7.44 5.17 -10.09
CA SER A 90 -5.98 5.42 -10.37
C SER A 90 -5.84 6.65 -11.27
N ILE A 91 -4.76 7.36 -11.14
CA ILE A 91 -4.56 8.58 -11.97
C ILE A 91 -4.56 8.20 -13.47
N TYR A 92 -3.92 7.12 -13.82
CA TYR A 92 -3.89 6.72 -15.26
C TYR A 92 -5.30 6.32 -15.71
N GLY A 93 -6.03 5.66 -14.86
CA GLY A 93 -7.41 5.23 -15.25
C GLY A 93 -7.31 4.06 -16.23
N ALA A 94 -6.24 3.31 -16.17
CA ALA A 94 -6.09 2.16 -17.11
C ALA A 94 -5.39 1.01 -16.39
N LYS A 95 -5.51 -0.19 -16.92
CA LYS A 95 -4.85 -1.36 -16.27
C LYS A 95 -3.39 -1.43 -16.68
N PHE A 96 -2.54 -1.92 -15.81
CA PHE A 96 -1.09 -2.04 -16.15
C PHE A 96 -0.76 -3.50 -16.45
N ALA A 97 -0.08 -3.77 -17.54
CA ALA A 97 0.25 -5.18 -17.87
C ALA A 97 1.42 -5.64 -17.00
N ASP A 98 1.34 -6.83 -16.48
CA ASP A 98 2.45 -7.35 -15.62
C ASP A 98 3.49 -8.05 -16.51
N GLU A 99 4.74 -7.67 -16.38
CA GLU A 99 5.78 -8.30 -17.22
C GLU A 99 5.85 -9.81 -16.95
N ASN A 100 5.79 -10.21 -15.71
CA ASN A 100 5.85 -11.66 -15.38
C ASN A 100 5.17 -11.93 -14.03
N PHE A 101 4.88 -13.17 -13.76
CA PHE A 101 4.23 -13.53 -12.46
C PHE A 101 5.28 -14.12 -11.50
N ILE A 102 6.53 -14.06 -11.88
CA ILE A 102 7.61 -14.61 -11.03
C ILE A 102 7.53 -14.02 -9.62
N LYS A 103 7.18 -12.77 -9.51
CA LYS A 103 7.10 -12.15 -8.15
C LYS A 103 5.86 -12.67 -7.42
N LYS A 104 6.05 -13.22 -6.24
CA LYS A 104 4.88 -13.74 -5.46
C LYS A 104 5.10 -13.46 -3.97
N HIS A 105 4.20 -13.90 -3.14
CA HIS A 105 4.37 -13.66 -1.68
C HIS A 105 5.44 -14.60 -1.13
N THR A 106 6.67 -14.18 -1.17
CA THR A 106 7.77 -15.07 -0.65
C THR A 106 7.67 -15.14 0.87
N GLY A 107 7.13 -14.13 1.50
CA GLY A 107 7.02 -14.15 2.99
C GLY A 107 5.98 -13.11 3.43
N PRO A 108 5.92 -12.83 4.71
CA PRO A 108 4.97 -11.84 5.28
C PRO A 108 5.46 -10.40 5.10
N GLY A 109 4.57 -9.45 5.08
CA GLY A 109 4.99 -8.02 4.92
C GLY A 109 5.26 -7.72 3.44
N ILE A 110 4.42 -8.18 2.56
CA ILE A 110 4.63 -7.92 1.11
C ILE A 110 3.49 -7.06 0.57
N LEU A 111 3.81 -6.06 -0.22
CA LEU A 111 2.75 -5.18 -0.78
C LEU A 111 2.30 -5.74 -2.13
N SER A 112 1.02 -5.99 -2.29
CA SER A 112 0.53 -6.53 -3.58
C SER A 112 -0.82 -5.87 -3.94
N MET A 113 -1.03 -5.56 -5.18
CA MET A 113 -2.32 -4.94 -5.58
C MET A 113 -3.33 -6.03 -5.94
N ALA A 114 -4.55 -5.89 -5.51
CA ALA A 114 -5.58 -6.91 -5.83
C ALA A 114 -5.74 -7.03 -7.35
N ASN A 115 -5.98 -8.21 -7.85
CA ASN A 115 -6.16 -8.38 -9.31
C ASN A 115 -7.33 -9.32 -9.58
N ALA A 116 -8.39 -8.80 -10.11
CA ALA A 116 -9.58 -9.66 -10.40
C ALA A 116 -9.28 -10.53 -11.62
N GLY A 117 -8.45 -10.05 -12.50
CA GLY A 117 -8.10 -10.84 -13.72
C GLY A 117 -6.62 -10.66 -14.03
N PRO A 118 -6.12 -11.35 -15.02
CA PRO A 118 -4.69 -11.27 -15.42
C PRO A 118 -4.34 -9.91 -16.03
N ASN A 119 -3.11 -9.51 -15.90
CA ASN A 119 -2.71 -8.18 -16.46
C ASN A 119 -3.65 -7.09 -15.94
N THR A 120 -4.01 -7.17 -14.69
CA THR A 120 -4.93 -6.15 -14.12
C THR A 120 -4.48 -5.82 -12.70
N ASN A 121 -4.23 -4.56 -12.43
CA ASN A 121 -3.80 -4.17 -11.05
C ASN A 121 -4.93 -3.38 -10.38
N GLY A 122 -5.49 -3.92 -9.34
CA GLY A 122 -6.60 -3.19 -8.64
C GLY A 122 -6.01 -2.09 -7.77
N SER A 123 -6.60 -0.92 -7.80
CA SER A 123 -6.07 0.19 -6.96
C SER A 123 -6.02 -0.25 -5.50
N GLN A 124 -6.95 -1.08 -5.10
CA GLN A 124 -6.95 -1.56 -3.69
C GLN A 124 -5.80 -2.54 -3.48
N PHE A 125 -5.23 -2.55 -2.31
CA PHE A 125 -4.09 -3.48 -2.03
C PHE A 125 -4.33 -4.18 -0.69
N PHE A 126 -3.64 -5.26 -0.43
CA PHE A 126 -3.82 -5.98 0.86
C PHE A 126 -2.47 -6.36 1.44
N ILE A 127 -2.41 -6.56 2.73
CA ILE A 127 -1.12 -6.93 3.39
C ILE A 127 -1.30 -8.27 4.12
N CYS A 128 -0.37 -9.17 3.97
CA CYS A 128 -0.48 -10.49 4.66
C CYS A 128 0.65 -10.65 5.67
N THR A 129 0.33 -10.90 6.91
CA THR A 129 1.39 -11.06 7.94
C THR A 129 1.83 -12.52 8.02
N ALA A 130 1.22 -13.38 7.24
CA ALA A 130 1.61 -14.82 7.26
C ALA A 130 1.40 -15.44 5.88
N LYS A 131 2.09 -16.50 5.59
CA LYS A 131 1.93 -17.16 4.26
C LYS A 131 0.58 -17.88 4.21
N THR A 132 -0.12 -17.75 3.12
CA THR A 132 -1.46 -18.42 2.99
C THR A 132 -1.44 -19.37 1.79
N GLU A 133 -2.33 -20.34 1.78
CA GLU A 133 -2.38 -21.30 0.64
C GLU A 133 -3.54 -20.95 -0.29
N TRP A 134 -4.75 -21.25 0.11
CA TRP A 134 -5.92 -20.94 -0.75
C TRP A 134 -5.97 -19.45 -1.06
N LEU A 135 -5.85 -18.62 -0.07
CA LEU A 135 -5.89 -17.15 -0.30
C LEU A 135 -4.76 -16.76 -1.26
N ASP A 136 -3.63 -17.41 -1.15
CA ASP A 136 -2.48 -17.07 -2.04
C ASP A 136 -2.69 -17.73 -3.40
N GLY A 137 -2.79 -16.94 -4.43
CA GLY A 137 -2.99 -17.50 -5.80
C GLY A 137 -2.24 -16.64 -6.82
N LYS A 138 -2.91 -16.18 -7.84
CA LYS A 138 -2.23 -15.33 -8.85
C LYS A 138 -2.24 -13.88 -8.36
N HIS A 139 -1.11 -13.39 -7.91
CA HIS A 139 -1.04 -11.99 -7.42
C HIS A 139 0.25 -11.33 -7.90
N VAL A 140 0.29 -10.02 -7.90
CA VAL A 140 1.52 -9.31 -8.37
C VAL A 140 2.09 -8.47 -7.22
N VAL A 141 3.38 -8.50 -7.03
CA VAL A 141 4.00 -7.69 -5.93
C VAL A 141 4.70 -6.48 -6.53
N PHE A 142 4.45 -5.31 -6.02
CA PHE A 142 5.11 -4.09 -6.57
C PHE A 142 6.05 -3.48 -5.51
N GLY A 143 6.12 -4.09 -4.36
CA GLY A 143 7.02 -3.56 -3.29
C GLY A 143 7.01 -4.51 -2.09
N GLN A 144 7.84 -4.24 -1.11
CA GLN A 144 7.89 -5.13 0.08
C GLN A 144 8.20 -4.30 1.33
N VAL A 145 8.03 -4.87 2.49
CA VAL A 145 8.31 -4.12 3.74
C VAL A 145 9.72 -4.46 4.24
N VAL A 146 10.49 -3.46 4.58
CA VAL A 146 11.88 -3.72 5.08
C VAL A 146 11.94 -3.36 6.57
N GLU A 147 11.15 -2.41 7.00
CA GLU A 147 11.16 -2.00 8.43
C GLU A 147 9.72 -1.74 8.88
N GLY A 148 9.51 -1.65 10.17
CA GLY A 148 8.13 -1.39 10.68
C GLY A 148 7.45 -2.71 11.08
N MET A 149 8.17 -3.79 11.01
CA MET A 149 7.57 -5.09 11.39
C MET A 149 7.11 -5.04 12.84
N ASP A 150 7.79 -4.31 13.68
CA ASP A 150 7.37 -4.23 15.11
C ASP A 150 5.99 -3.59 15.21
N VAL A 151 5.74 -2.56 14.43
CA VAL A 151 4.42 -1.88 14.50
C VAL A 151 3.39 -2.63 13.64
N VAL A 152 3.80 -3.18 12.53
CA VAL A 152 2.81 -3.90 11.67
C VAL A 152 2.08 -4.94 12.52
N LYS A 153 2.79 -5.64 13.36
CA LYS A 153 2.13 -6.66 14.23
C LYS A 153 1.18 -5.95 15.20
N ALA A 154 1.54 -4.77 15.62
CA ALA A 154 0.68 -4.02 16.58
C ALA A 154 -0.70 -3.78 15.97
N ILE A 155 -0.76 -3.54 14.69
CA ILE A 155 -2.08 -3.31 14.04
C ILE A 155 -2.86 -4.62 13.97
N GLU A 156 -2.19 -5.72 13.77
CA GLU A 156 -2.89 -7.03 13.67
C GLU A 156 -3.33 -7.54 15.04
N LYS A 157 -2.50 -7.43 16.04
CA LYS A 157 -2.90 -7.93 17.39
C LYS A 157 -4.13 -7.18 17.89
N VAL A 158 -4.25 -5.93 17.56
CA VAL A 158 -5.43 -5.14 18.01
C VAL A 158 -6.59 -5.39 17.05
N GLY A 159 -6.37 -6.19 16.04
CA GLY A 159 -7.45 -6.49 15.06
C GLY A 159 -8.47 -7.44 15.66
N SER A 160 -9.55 -7.67 14.97
CA SER A 160 -10.59 -8.60 15.51
C SER A 160 -11.37 -9.22 14.35
N SER A 161 -12.09 -10.28 14.61
CA SER A 161 -12.88 -10.92 13.52
C SER A 161 -13.86 -9.89 12.95
N SER A 162 -14.34 -9.00 13.77
CA SER A 162 -15.29 -7.97 13.28
C SER A 162 -14.66 -7.21 12.12
N GLY A 163 -13.36 -7.06 12.13
CA GLY A 163 -12.67 -6.33 11.02
C GLY A 163 -12.33 -4.91 11.46
N ARG A 164 -12.49 -4.61 12.72
CA ARG A 164 -12.17 -3.24 13.22
C ARG A 164 -11.04 -3.32 14.23
N THR A 165 -10.13 -2.38 14.20
CA THR A 165 -8.99 -2.40 15.16
C THR A 165 -9.48 -1.95 16.54
N ALA A 166 -8.81 -2.35 17.58
CA ALA A 166 -9.24 -1.94 18.95
C ALA A 166 -9.15 -0.42 19.07
N LYS A 167 -8.17 0.17 18.44
CA LYS A 167 -8.03 1.65 18.51
C LYS A 167 -8.14 2.24 17.09
N LYS A 168 -8.56 3.45 16.96
CA LYS A 168 -8.68 4.06 15.61
C LYS A 168 -7.29 4.17 14.99
N VAL A 169 -7.17 3.93 13.71
CA VAL A 169 -5.83 4.02 13.05
C VAL A 169 -5.89 5.04 11.90
N VAL A 170 -4.99 5.99 11.93
CA VAL A 170 -4.96 7.01 10.84
C VAL A 170 -3.52 7.40 10.57
N VAL A 171 -3.21 7.76 9.35
CA VAL A 171 -1.80 8.13 9.04
C VAL A 171 -1.54 9.57 9.48
N GLU A 172 -0.67 9.75 10.41
CA GLU A 172 -0.36 11.12 10.89
C GLU A 172 0.36 11.90 9.78
N ASP A 173 0.94 11.21 8.83
CA ASP A 173 1.67 11.93 7.74
C ASP A 173 2.00 10.96 6.60
N CYS A 174 2.29 11.49 5.45
CA CYS A 174 2.64 10.61 4.29
C CYS A 174 3.50 11.40 3.29
N GLY A 175 4.45 10.77 2.66
CA GLY A 175 5.31 11.49 1.68
C GLY A 175 6.37 10.54 1.13
N GLN A 176 7.21 11.01 0.26
CA GLN A 176 8.28 10.14 -0.33
C GLN A 176 9.63 10.49 0.28
N LEU A 177 10.31 9.53 0.86
CA LEU A 177 11.64 9.81 1.47
C LEU A 177 12.60 10.30 0.38
N SER A 178 12.51 9.75 -0.80
CA SER A 178 13.41 10.19 -1.90
C SER A 178 13.01 11.58 -2.37
N GLY A 1 29.75 14.53 -14.32
CA GLY A 1 30.42 14.85 -12.98
C GLY A 1 29.58 15.03 -11.78
N SER A 2 28.28 15.00 -11.92
CA SER A 2 27.38 15.18 -10.75
C SER A 2 26.51 13.94 -10.58
N PHE A 3 26.24 13.57 -9.35
CA PHE A 3 25.39 12.36 -9.11
C PHE A 3 24.55 12.62 -7.86
N THR A 4 23.48 11.90 -7.72
CA THR A 4 22.60 12.09 -6.53
C THR A 4 23.11 11.22 -5.38
N GLY A 5 23.23 11.78 -4.21
CA GLY A 5 23.71 10.98 -3.04
C GLY A 5 22.75 9.82 -2.78
N SER A 6 21.49 10.00 -3.05
CA SER A 6 20.51 8.90 -2.79
C SER A 6 20.39 8.02 -4.04
N MET A 7 20.17 6.75 -3.85
CA MET A 7 20.05 5.83 -5.02
C MET A 7 18.78 6.17 -5.81
N PRO A 8 18.78 5.91 -7.09
CA PRO A 8 17.60 6.20 -7.97
C PRO A 8 16.37 5.39 -7.58
N ASN A 9 16.55 4.31 -6.87
CA ASN A 9 15.38 3.48 -6.46
C ASN A 9 14.45 4.32 -5.57
N PRO A 10 13.15 4.23 -5.80
CA PRO A 10 12.15 5.00 -5.00
C PRO A 10 11.93 4.42 -3.61
N ARG A 11 11.79 5.25 -2.61
CA ARG A 11 11.56 4.75 -1.23
C ARG A 11 10.41 5.54 -0.61
N VAL A 12 9.46 4.87 0.00
CA VAL A 12 8.31 5.58 0.62
C VAL A 12 8.02 4.99 2.00
N PHE A 13 7.65 5.82 2.94
CA PHE A 13 7.35 5.32 4.31
C PHE A 13 6.10 6.02 4.84
N PHE A 14 5.40 5.39 5.74
CA PHE A 14 4.15 6.01 6.30
C PHE A 14 4.27 6.10 7.83
N ASP A 15 3.85 7.21 8.40
CA ASP A 15 3.92 7.35 9.88
C ASP A 15 2.57 6.93 10.47
N MET A 16 2.55 5.91 11.29
CA MET A 16 1.25 5.46 11.87
C MET A 16 1.22 5.72 13.38
N SER A 17 0.05 5.93 13.92
CA SER A 17 -0.07 6.20 15.38
C SER A 17 -1.35 5.52 15.89
N VAL A 18 -1.47 5.34 17.18
CA VAL A 18 -2.70 4.69 17.73
C VAL A 18 -3.33 5.58 18.80
N GLY A 19 -4.64 5.62 18.85
CA GLY A 19 -5.31 6.47 19.88
C GLY A 19 -4.70 7.88 19.88
N GLY A 20 -3.89 8.18 18.89
CA GLY A 20 -3.26 9.53 18.83
C GLY A 20 -1.85 9.46 19.41
N GLN A 21 -1.54 8.39 20.09
CA GLN A 21 -0.16 8.26 20.68
C GLN A 21 0.79 7.70 19.62
N PRO A 22 2.04 8.04 19.69
CA PRO A 22 3.07 7.56 18.71
C PRO A 22 3.22 6.03 18.72
N ALA A 23 3.31 5.43 17.57
CA ALA A 23 3.45 3.93 17.52
C ALA A 23 4.85 3.59 16.99
N GLY A 24 5.12 3.92 15.76
CA GLY A 24 6.46 3.60 15.19
C GLY A 24 6.51 4.07 13.74
N ARG A 25 7.55 3.70 13.02
CA ARG A 25 7.66 4.12 11.59
C ARG A 25 7.62 2.89 10.69
N ILE A 26 7.01 2.99 9.54
CA ILE A 26 6.94 1.84 8.61
C ILE A 26 7.58 2.25 7.29
N VAL A 27 8.58 1.53 6.85
CA VAL A 27 9.25 1.88 5.57
C VAL A 27 9.10 0.71 4.60
N MET A 28 8.71 0.99 3.38
CA MET A 28 8.54 -0.09 2.37
C MET A 28 9.44 0.20 1.17
N GLU A 29 9.87 -0.83 0.47
CA GLU A 29 10.75 -0.61 -0.71
C GLU A 29 9.93 -0.67 -2.00
N LEU A 30 10.09 0.30 -2.85
CA LEU A 30 9.34 0.32 -4.14
C LEU A 30 10.30 -0.01 -5.28
N PHE A 31 9.95 -0.96 -6.12
CA PHE A 31 10.86 -1.31 -7.25
C PHE A 31 10.37 -0.62 -8.52
N ALA A 32 11.17 0.21 -9.11
CA ALA A 32 10.75 0.92 -10.35
C ALA A 32 10.88 -0.02 -11.55
N ASP A 33 11.92 -0.80 -11.62
CA ASP A 33 12.10 -1.72 -12.77
C ASP A 33 11.04 -2.83 -12.76
N THR A 34 10.74 -3.38 -11.60
CA THR A 34 9.73 -4.46 -11.55
C THR A 34 8.34 -3.91 -11.89
N THR A 35 7.99 -2.79 -11.35
CA THR A 35 6.65 -2.19 -11.64
C THR A 35 6.72 -0.67 -11.42
N PRO A 36 7.17 0.06 -12.40
CA PRO A 36 7.29 1.54 -12.29
C PRO A 36 5.91 2.22 -12.28
N ARG A 37 4.97 1.71 -13.03
CA ARG A 37 3.62 2.33 -13.05
C ARG A 37 2.95 2.18 -11.68
N THR A 38 3.08 1.03 -11.07
CA THR A 38 2.45 0.81 -9.73
C THR A 38 3.09 1.73 -8.70
N ALA A 39 4.39 1.86 -8.73
CA ALA A 39 5.07 2.74 -7.74
C ALA A 39 4.58 4.17 -7.93
N GLU A 40 4.24 4.54 -9.13
CA GLU A 40 3.76 5.93 -9.39
C GLU A 40 2.38 6.12 -8.77
N ASN A 41 1.54 5.13 -8.83
CA ASN A 41 0.17 5.28 -8.25
C ASN A 41 0.27 5.64 -6.77
N PHE A 42 1.16 5.01 -6.04
CA PHE A 42 1.30 5.32 -4.59
C PHE A 42 2.26 6.48 -4.41
N ARG A 43 3.40 6.43 -5.05
CA ARG A 43 4.38 7.54 -4.90
C ARG A 43 3.74 8.86 -5.33
N ALA A 44 2.99 8.84 -6.41
CA ALA A 44 2.34 10.10 -6.87
C ALA A 44 1.24 10.50 -5.90
N LEU A 45 0.40 9.57 -5.50
CA LEU A 45 -0.69 9.92 -4.56
C LEU A 45 -0.11 10.39 -3.22
N CYS A 46 0.96 9.78 -2.78
CA CYS A 46 1.58 10.20 -1.50
C CYS A 46 2.29 11.55 -1.67
N THR A 47 3.09 11.69 -2.68
CA THR A 47 3.80 12.98 -2.90
C THR A 47 2.81 14.05 -3.35
N GLY A 48 1.82 13.67 -4.12
CA GLY A 48 0.82 14.67 -4.59
C GLY A 48 1.44 15.57 -5.66
N GLU A 49 2.44 15.09 -6.34
CA GLU A 49 3.10 15.92 -7.39
C GLU A 49 2.10 16.20 -8.52
N LYS A 50 1.22 15.28 -8.79
CA LYS A 50 0.22 15.50 -9.87
C LYS A 50 -0.62 16.72 -9.54
N GLY A 51 -0.88 16.95 -8.29
CA GLY A 51 -1.70 18.13 -7.89
C GLY A 51 -3.17 17.71 -7.80
N THR A 52 -4.01 18.60 -7.37
CA THR A 52 -5.46 18.25 -7.26
C THR A 52 -6.07 18.14 -8.65
N GLY A 53 -6.92 17.15 -8.85
CA GLY A 53 -7.54 16.98 -10.18
C GLY A 53 -8.29 18.27 -10.56
N ARG A 54 -8.14 18.72 -11.78
CA ARG A 54 -8.83 19.96 -12.21
C ARG A 54 -10.35 19.81 -12.04
N SER A 55 -10.87 18.62 -12.25
CA SER A 55 -12.33 18.41 -12.12
C SER A 55 -12.77 18.73 -10.68
N GLY A 56 -11.87 18.65 -9.75
CA GLY A 56 -12.23 18.95 -8.33
C GLY A 56 -12.15 17.66 -7.51
N LYS A 57 -11.00 17.39 -6.94
CA LYS A 57 -10.84 16.15 -6.13
C LYS A 57 -9.45 16.18 -5.49
N PRO A 58 -9.30 16.93 -4.44
CA PRO A 58 -8.00 17.07 -3.72
C PRO A 58 -7.35 15.72 -3.41
N LEU A 59 -6.09 15.59 -3.73
CA LEU A 59 -5.37 14.32 -3.47
C LEU A 59 -4.58 14.45 -2.15
N HIS A 60 -4.87 13.61 -1.20
CA HIS A 60 -4.13 13.68 0.10
C HIS A 60 -4.05 12.28 0.71
N TYR A 61 -3.00 11.58 0.46
CA TYR A 61 -2.85 10.21 1.03
C TYR A 61 -2.86 10.30 2.55
N LYS A 62 -2.32 11.36 3.08
CA LYS A 62 -2.29 11.53 4.56
C LYS A 62 -3.71 11.41 5.13
N ASP A 63 -3.83 11.29 6.43
CA ASP A 63 -5.17 11.17 7.06
C ASP A 63 -5.92 9.98 6.47
N SER A 64 -5.28 8.84 6.38
CA SER A 64 -5.95 7.64 5.84
C SER A 64 -6.08 6.59 6.95
N SER A 65 -7.06 5.72 6.86
CA SER A 65 -7.24 4.69 7.91
C SER A 65 -7.42 3.31 7.27
N PHE A 66 -6.98 2.27 7.93
CA PHE A 66 -7.12 0.91 7.36
C PHE A 66 -8.56 0.44 7.52
N HIS A 67 -9.19 0.06 6.43
CA HIS A 67 -10.60 -0.40 6.50
C HIS A 67 -10.71 -1.73 7.26
N ARG A 68 -9.86 -2.68 6.94
CA ARG A 68 -9.95 -4.00 7.65
C ARG A 68 -8.57 -4.45 8.12
N VAL A 69 -8.52 -5.20 9.20
CA VAL A 69 -7.23 -5.70 9.74
C VAL A 69 -7.44 -7.10 10.31
N ILE A 70 -8.00 -7.99 9.53
CA ILE A 70 -8.27 -9.36 10.03
C ILE A 70 -6.96 -10.17 10.05
N PRO A 71 -6.68 -10.87 11.13
CA PRO A 71 -5.44 -11.69 11.25
C PRO A 71 -5.47 -12.93 10.34
N GLY A 72 -4.34 -13.37 9.89
CA GLY A 72 -4.30 -14.57 9.01
C GLY A 72 -4.67 -14.17 7.58
N PHE A 73 -5.81 -13.55 7.41
CA PHE A 73 -6.22 -13.13 6.04
C PHE A 73 -5.35 -11.97 5.57
N MET A 74 -5.74 -10.76 5.89
CA MET A 74 -4.93 -9.58 5.44
C MET A 74 -5.60 -8.28 5.90
N CYS A 75 -5.01 -7.17 5.58
CA CYS A 75 -5.60 -5.85 5.97
C CYS A 75 -5.97 -5.09 4.70
N GLN A 76 -7.15 -4.54 4.63
CA GLN A 76 -7.57 -3.80 3.40
C GLN A 76 -7.31 -2.30 3.59
N GLY A 77 -6.96 -1.63 2.53
CA GLY A 77 -6.69 -0.16 2.62
C GLY A 77 -7.19 0.53 1.34
N GLY A 78 -6.95 1.80 1.20
CA GLY A 78 -7.41 2.52 -0.03
C GLY A 78 -8.78 3.13 0.23
N ASP A 79 -9.22 3.14 1.46
CA ASP A 79 -10.55 3.72 1.79
C ASP A 79 -10.60 5.18 1.30
N PHE A 80 -9.47 5.76 1.00
CA PHE A 80 -9.46 7.17 0.54
C PHE A 80 -10.48 7.37 -0.58
N THR A 81 -10.49 6.51 -1.57
CA THR A 81 -11.47 6.66 -2.68
C THR A 81 -12.87 6.32 -2.18
N ALA A 82 -12.97 5.41 -1.26
CA ALA A 82 -14.31 5.03 -0.72
C ALA A 82 -14.19 3.71 0.04
N GLY A 83 -13.67 2.69 -0.58
CA GLY A 83 -13.52 1.38 0.10
C GLY A 83 -14.75 0.50 -0.18
N ASN A 84 -15.67 1.01 -0.94
CA ASN A 84 -16.90 0.21 -1.25
C ASN A 84 -16.64 -0.68 -2.47
N GLY A 85 -15.43 -0.69 -2.96
CA GLY A 85 -15.10 -1.53 -4.15
C GLY A 85 -15.20 -0.67 -5.41
N THR A 86 -16.18 0.20 -5.48
CA THR A 86 -16.32 1.07 -6.68
C THR A 86 -15.22 2.13 -6.66
N GLY A 87 -14.62 2.34 -5.53
CA GLY A 87 -13.54 3.37 -5.43
C GLY A 87 -12.22 2.78 -5.94
N GLY A 88 -11.13 3.39 -5.61
CA GLY A 88 -9.81 2.87 -6.08
C GLY A 88 -9.53 3.39 -7.48
N GLU A 89 -9.88 4.62 -7.75
CA GLU A 89 -9.64 5.19 -9.11
C GLU A 89 -8.15 5.13 -9.43
N SER A 90 -7.81 5.00 -10.68
CA SER A 90 -6.38 4.93 -11.09
C SER A 90 -6.04 6.15 -11.95
N ILE A 91 -4.83 6.63 -11.86
CA ILE A 91 -4.45 7.82 -12.68
C ILE A 91 -4.42 7.46 -14.16
N TYR A 92 -4.01 6.26 -14.49
CA TYR A 92 -3.96 5.85 -15.92
C TYR A 92 -5.37 5.77 -16.48
N GLY A 93 -6.30 5.28 -15.71
CA GLY A 93 -7.70 5.16 -16.19
C GLY A 93 -7.82 3.94 -17.12
N ALA A 94 -6.83 3.09 -17.10
CA ALA A 94 -6.88 1.89 -17.99
C ALA A 94 -6.17 0.72 -17.28
N LYS A 95 -6.51 -0.49 -17.64
CA LYS A 95 -5.87 -1.67 -16.99
C LYS A 95 -4.70 -2.15 -17.85
N PHE A 96 -3.68 -2.69 -17.23
CA PHE A 96 -2.51 -3.20 -18.01
C PHE A 96 -2.12 -4.58 -17.49
N ALA A 97 -1.40 -5.34 -18.27
CA ALA A 97 -0.98 -6.71 -17.84
C ALA A 97 0.50 -6.70 -17.43
N ASP A 98 0.87 -7.56 -16.52
CA ASP A 98 2.30 -7.62 -16.09
C ASP A 98 2.73 -9.08 -15.95
N GLU A 99 3.08 -9.70 -17.05
CA GLU A 99 3.52 -11.12 -16.99
C GLU A 99 4.80 -11.25 -16.17
N ASN A 100 5.61 -10.23 -16.15
CA ASN A 100 6.88 -10.29 -15.38
C ASN A 100 6.59 -10.63 -13.92
N PHE A 101 7.42 -11.45 -13.32
CA PHE A 101 7.22 -11.83 -11.90
C PHE A 101 8.58 -12.12 -11.26
N ILE A 102 9.53 -11.25 -11.49
CA ILE A 102 10.90 -11.46 -10.92
C ILE A 102 10.82 -11.54 -9.39
N LYS A 103 9.93 -10.80 -8.78
CA LYS A 103 9.84 -10.83 -7.29
C LYS A 103 9.03 -12.05 -6.86
N LYS A 104 9.45 -12.70 -5.80
CA LYS A 104 8.71 -13.90 -5.31
C LYS A 104 7.70 -13.49 -4.24
N HIS A 105 6.68 -14.27 -4.05
CA HIS A 105 5.66 -13.93 -3.01
C HIS A 105 5.99 -14.70 -1.74
N THR A 106 6.95 -14.23 -0.99
CA THR A 106 7.33 -14.93 0.27
C THR A 106 6.10 -15.07 1.17
N GLY A 107 5.29 -14.05 1.24
CA GLY A 107 4.06 -14.10 2.08
C GLY A 107 3.99 -12.86 2.98
N PRO A 108 4.46 -12.96 4.20
CA PRO A 108 4.41 -11.82 5.17
C PRO A 108 5.36 -10.67 4.80
N GLY A 109 4.93 -9.45 5.00
CA GLY A 109 5.79 -8.28 4.68
C GLY A 109 5.83 -8.05 3.16
N ILE A 110 4.84 -8.52 2.45
CA ILE A 110 4.82 -8.33 0.97
C ILE A 110 3.64 -7.45 0.57
N LEU A 111 3.87 -6.49 -0.29
CA LEU A 111 2.75 -5.60 -0.74
C LEU A 111 2.16 -6.16 -2.03
N SER A 112 0.87 -6.17 -2.15
CA SER A 112 0.24 -6.71 -3.40
C SER A 112 -1.03 -5.93 -3.71
N MET A 113 -1.29 -5.66 -4.96
CA MET A 113 -2.52 -4.90 -5.33
C MET A 113 -3.68 -5.89 -5.47
N ALA A 114 -4.83 -5.54 -4.95
CA ALA A 114 -6.00 -6.46 -5.07
C ALA A 114 -6.34 -6.68 -6.54
N ASN A 115 -6.64 -7.89 -6.91
CA ASN A 115 -6.99 -8.16 -8.33
C ASN A 115 -8.00 -9.31 -8.39
N ALA A 116 -9.18 -9.03 -8.83
CA ALA A 116 -10.21 -10.10 -8.93
C ALA A 116 -9.83 -11.08 -10.03
N GLY A 117 -9.14 -10.60 -11.03
CA GLY A 117 -8.71 -11.47 -12.16
C GLY A 117 -7.27 -11.14 -12.55
N PRO A 118 -6.67 -11.96 -13.36
CA PRO A 118 -5.26 -11.76 -13.81
C PRO A 118 -5.13 -10.54 -14.73
N ASN A 119 -3.95 -9.97 -14.79
CA ASN A 119 -3.75 -8.77 -15.65
C ASN A 119 -4.77 -7.68 -15.28
N THR A 120 -4.94 -7.45 -14.00
CA THR A 120 -5.90 -6.41 -13.56
C THR A 120 -5.21 -5.51 -12.55
N ASN A 121 -5.24 -4.23 -12.79
CA ASN A 121 -4.57 -3.27 -11.86
C ASN A 121 -5.62 -2.65 -10.92
N GLY A 122 -5.59 -2.99 -9.67
CA GLY A 122 -6.57 -2.42 -8.70
C GLY A 122 -5.87 -1.40 -7.81
N SER A 123 -6.33 -0.17 -7.81
CA SER A 123 -5.67 0.86 -6.96
C SER A 123 -5.70 0.39 -5.51
N GLN A 124 -6.73 -0.30 -5.11
CA GLN A 124 -6.80 -0.79 -3.71
C GLN A 124 -5.78 -1.91 -3.50
N PHE A 125 -5.18 -1.99 -2.34
CA PHE A 125 -4.19 -3.06 -2.09
C PHE A 125 -4.44 -3.67 -0.71
N PHE A 126 -3.89 -4.83 -0.46
CA PHE A 126 -4.10 -5.49 0.87
C PHE A 126 -2.75 -5.95 1.42
N ILE A 127 -2.67 -6.12 2.72
CA ILE A 127 -1.39 -6.57 3.34
C ILE A 127 -1.62 -7.91 4.05
N CYS A 128 -0.74 -8.86 3.85
CA CYS A 128 -0.90 -10.19 4.51
C CYS A 128 0.27 -10.42 5.46
N THR A 129 -0.01 -10.72 6.70
CA THR A 129 1.07 -10.95 7.69
C THR A 129 1.34 -12.45 7.82
N ALA A 130 0.62 -13.26 7.10
CA ALA A 130 0.84 -14.73 7.19
C ALA A 130 0.52 -15.37 5.84
N LYS A 131 0.95 -16.60 5.63
CA LYS A 131 0.68 -17.26 4.33
C LYS A 131 -0.82 -17.57 4.22
N THR A 132 -1.41 -17.35 3.08
CA THR A 132 -2.86 -17.62 2.91
C THR A 132 -3.06 -18.77 1.92
N GLU A 133 -3.31 -19.96 2.41
CA GLU A 133 -3.50 -21.11 1.49
C GLU A 133 -4.75 -20.88 0.63
N TRP A 134 -5.77 -20.29 1.20
CA TRP A 134 -7.01 -20.04 0.40
C TRP A 134 -6.73 -19.01 -0.70
N LEU A 135 -5.86 -18.06 -0.43
CA LEU A 135 -5.53 -17.04 -1.47
C LEU A 135 -4.32 -17.50 -2.27
N ASP A 136 -3.93 -18.74 -2.12
CA ASP A 136 -2.74 -19.24 -2.87
C ASP A 136 -2.96 -19.04 -4.37
N GLY A 137 -2.05 -18.36 -5.02
CA GLY A 137 -2.20 -18.13 -6.48
C GLY A 137 -0.97 -17.39 -6.99
N LYS A 138 -1.07 -16.74 -8.12
CA LYS A 138 0.09 -16.00 -8.66
C LYS A 138 0.59 -14.97 -7.65
N HIS A 139 -0.32 -14.34 -6.95
CA HIS A 139 0.08 -13.33 -5.92
C HIS A 139 1.00 -12.30 -6.56
N VAL A 140 0.48 -11.44 -7.39
CA VAL A 140 1.34 -10.39 -8.02
C VAL A 140 1.76 -9.40 -6.95
N VAL A 141 3.01 -9.01 -6.93
CA VAL A 141 3.49 -8.05 -5.90
C VAL A 141 4.19 -6.87 -6.59
N PHE A 142 4.11 -5.69 -6.00
CA PHE A 142 4.77 -4.51 -6.62
C PHE A 142 5.80 -3.93 -5.64
N GLY A 143 5.87 -4.44 -4.43
CA GLY A 143 6.85 -3.90 -3.45
C GLY A 143 6.99 -4.89 -2.27
N GLN A 144 7.82 -4.58 -1.32
CA GLN A 144 8.00 -5.50 -0.15
C GLN A 144 8.20 -4.68 1.12
N VAL A 145 8.10 -5.30 2.27
CA VAL A 145 8.29 -4.57 3.55
C VAL A 145 9.73 -4.75 4.04
N VAL A 146 10.37 -3.68 4.42
CA VAL A 146 11.77 -3.78 4.93
C VAL A 146 11.79 -3.47 6.43
N GLU A 147 10.91 -2.61 6.88
CA GLU A 147 10.87 -2.27 8.34
C GLU A 147 9.43 -2.00 8.75
N GLY A 148 9.18 -1.88 10.03
CA GLY A 148 7.78 -1.62 10.51
C GLY A 148 7.13 -2.93 10.94
N MET A 149 7.84 -4.01 10.88
CA MET A 149 7.25 -5.32 11.29
C MET A 149 6.82 -5.25 12.76
N ASP A 150 7.55 -4.52 13.57
CA ASP A 150 7.19 -4.45 15.01
C ASP A 150 5.82 -3.76 15.17
N VAL A 151 5.58 -2.71 14.44
CA VAL A 151 4.28 -2.00 14.56
C VAL A 151 3.20 -2.71 13.73
N VAL A 152 3.55 -3.27 12.60
CA VAL A 152 2.52 -3.95 11.77
C VAL A 152 1.78 -4.96 12.63
N LYS A 153 2.48 -5.68 13.46
CA LYS A 153 1.81 -6.68 14.34
C LYS A 153 0.85 -5.96 15.29
N ALA A 154 1.21 -4.78 15.71
CA ALA A 154 0.33 -4.02 16.65
C ALA A 154 -1.02 -3.75 15.98
N ILE A 155 -1.02 -3.48 14.71
CA ILE A 155 -2.31 -3.20 14.01
C ILE A 155 -3.12 -4.49 13.86
N GLU A 156 -2.46 -5.60 13.66
CA GLU A 156 -3.18 -6.89 13.49
C GLU A 156 -3.69 -7.43 14.83
N LYS A 157 -2.91 -7.35 15.88
CA LYS A 157 -3.39 -7.88 17.19
C LYS A 157 -4.64 -7.11 17.64
N VAL A 158 -4.72 -5.85 17.33
CA VAL A 158 -5.91 -5.06 17.74
C VAL A 158 -7.05 -5.34 16.75
N GLY A 159 -6.73 -5.93 15.63
CA GLY A 159 -7.79 -6.23 14.63
C GLY A 159 -8.60 -7.44 15.07
N SER A 160 -9.69 -7.71 14.38
CA SER A 160 -10.53 -8.87 14.76
C SER A 160 -11.39 -9.29 13.56
N SER A 161 -12.11 -10.36 13.68
CA SER A 161 -12.97 -10.80 12.54
C SER A 161 -13.89 -9.65 12.14
N SER A 162 -14.28 -8.84 13.07
CA SER A 162 -15.17 -7.69 12.75
C SER A 162 -14.51 -6.83 11.67
N GLY A 163 -13.20 -6.74 11.68
CA GLY A 163 -12.50 -5.92 10.65
C GLY A 163 -12.22 -4.53 11.21
N ARG A 164 -12.36 -4.35 12.50
CA ARG A 164 -12.09 -3.02 13.12
C ARG A 164 -10.96 -3.15 14.14
N THR A 165 -10.14 -2.14 14.26
CA THR A 165 -9.02 -2.22 15.25
C THR A 165 -9.53 -1.83 16.64
N ALA A 166 -8.94 -2.38 17.66
CA ALA A 166 -9.39 -2.04 19.05
C ALA A 166 -9.10 -0.57 19.31
N LYS A 167 -8.01 -0.07 18.80
CA LYS A 167 -7.65 1.37 19.00
C LYS A 167 -7.76 2.11 17.66
N LYS A 168 -7.92 3.40 17.69
CA LYS A 168 -8.03 4.16 16.42
C LYS A 168 -6.67 4.17 15.72
N VAL A 169 -6.65 3.85 14.45
CA VAL A 169 -5.35 3.84 13.71
C VAL A 169 -5.44 4.77 12.50
N VAL A 170 -4.53 5.70 12.40
CA VAL A 170 -4.54 6.64 11.24
C VAL A 170 -3.11 7.08 10.94
N VAL A 171 -2.85 7.52 9.75
CA VAL A 171 -1.47 7.95 9.41
C VAL A 171 -1.29 9.43 9.75
N GLU A 172 -0.39 9.73 10.64
CA GLU A 172 -0.16 11.15 11.01
C GLU A 172 0.40 11.91 9.80
N ASP A 173 1.02 11.22 8.89
CA ASP A 173 1.59 11.93 7.70
C ASP A 173 2.14 10.92 6.68
N CYS A 174 2.50 11.38 5.52
CA CYS A 174 3.05 10.46 4.48
C CYS A 174 4.00 11.25 3.58
N GLY A 175 4.96 10.59 2.98
CA GLY A 175 5.90 11.32 2.07
C GLY A 175 6.87 10.33 1.43
N GLN A 176 7.70 10.78 0.53
CA GLN A 176 8.66 9.86 -0.14
C GLN A 176 10.08 10.15 0.36
N LEU A 177 10.72 9.17 0.94
CA LEU A 177 12.11 9.38 1.44
C LEU A 177 13.01 9.74 0.26
N SER A 178 12.78 9.14 -0.88
CA SER A 178 13.63 9.45 -2.07
C SER A 178 13.03 8.79 -3.31
N GLY A 1 25.61 20.27 -3.84
CA GLY A 1 25.04 19.01 -4.52
C GLY A 1 23.90 18.29 -3.88
N SER A 2 23.01 17.75 -4.68
CA SER A 2 21.85 17.02 -4.11
C SER A 2 22.32 15.72 -3.46
N PHE A 3 21.53 15.14 -2.61
CA PHE A 3 21.93 13.86 -1.95
C PHE A 3 21.31 12.69 -2.69
N THR A 4 20.92 12.91 -3.92
CA THR A 4 20.30 11.83 -4.73
C THR A 4 21.13 11.60 -5.99
N GLY A 5 20.95 10.48 -6.64
CA GLY A 5 21.73 10.20 -7.88
C GLY A 5 20.93 9.27 -8.80
N SER A 6 21.46 8.12 -9.08
CA SER A 6 20.73 7.17 -9.97
C SER A 6 19.38 6.79 -9.34
N MET A 7 19.30 6.79 -8.04
CA MET A 7 18.01 6.44 -7.38
C MET A 7 17.50 5.11 -7.97
N PRO A 8 18.16 4.03 -7.67
CA PRO A 8 17.78 2.68 -8.18
C PRO A 8 16.30 2.37 -7.95
N ASN A 9 15.73 2.85 -6.88
CA ASN A 9 14.30 2.58 -6.61
C ASN A 9 13.75 3.64 -5.64
N PRO A 10 12.49 4.00 -5.79
CA PRO A 10 11.84 5.01 -4.91
C PRO A 10 11.54 4.46 -3.51
N ARG A 11 11.63 5.28 -2.50
CA ARG A 11 11.32 4.79 -1.12
C ARG A 11 10.14 5.59 -0.57
N VAL A 12 9.17 4.92 0.00
CA VAL A 12 7.99 5.64 0.55
C VAL A 12 7.63 5.09 1.93
N PHE A 13 7.22 5.94 2.84
CA PHE A 13 6.87 5.49 4.20
C PHE A 13 5.64 6.25 4.69
N PHE A 14 4.90 5.68 5.61
CA PHE A 14 3.68 6.38 6.14
C PHE A 14 3.73 6.41 7.67
N ASP A 15 3.29 7.48 8.26
CA ASP A 15 3.28 7.58 9.75
C ASP A 15 1.91 7.16 10.26
N MET A 16 1.85 6.18 11.15
CA MET A 16 0.53 5.73 11.66
C MET A 16 0.46 5.92 13.18
N SER A 17 -0.71 6.20 13.69
CA SER A 17 -0.88 6.41 15.16
C SER A 17 -2.02 5.53 15.66
N VAL A 18 -2.00 5.16 16.91
CA VAL A 18 -3.09 4.30 17.47
C VAL A 18 -3.87 5.08 18.53
N GLY A 19 -5.16 5.07 18.46
CA GLY A 19 -5.97 5.81 19.47
C GLY A 19 -5.69 7.30 19.36
N GLY A 20 -4.97 7.71 18.34
CA GLY A 20 -4.65 9.16 18.18
C GLY A 20 -3.28 9.45 18.79
N GLN A 21 -2.65 8.45 19.36
CA GLN A 21 -1.30 8.67 19.97
C GLN A 21 -0.23 8.08 19.04
N PRO A 22 0.96 8.63 19.07
CA PRO A 22 2.07 8.17 18.19
C PRO A 22 2.40 6.69 18.43
N ALA A 23 2.57 5.94 17.36
CA ALA A 23 2.90 4.49 17.51
C ALA A 23 4.31 4.23 16.96
N GLY A 24 4.49 4.43 15.68
CA GLY A 24 5.83 4.20 15.08
C GLY A 24 5.81 4.57 13.60
N ARG A 25 6.85 4.25 12.87
CA ARG A 25 6.89 4.58 11.42
C ARG A 25 7.04 3.29 10.62
N ILE A 26 6.49 3.24 9.44
CA ILE A 26 6.60 2.01 8.60
C ILE A 26 7.25 2.35 7.27
N VAL A 27 8.27 1.62 6.90
CA VAL A 27 8.96 1.89 5.60
C VAL A 27 8.71 0.72 4.65
N MET A 28 8.35 1.01 3.42
CA MET A 28 8.09 -0.10 2.44
C MET A 28 9.02 0.07 1.24
N GLU A 29 9.39 -1.02 0.61
CA GLU A 29 10.30 -0.94 -0.56
C GLU A 29 9.46 -0.98 -1.85
N LEU A 30 9.75 -0.09 -2.77
CA LEU A 30 8.99 -0.07 -4.05
C LEU A 30 9.90 -0.54 -5.19
N PHE A 31 9.45 -1.45 -6.00
CA PHE A 31 10.30 -1.91 -7.14
C PHE A 31 9.92 -1.11 -8.38
N ALA A 32 10.85 -0.37 -8.92
CA ALA A 32 10.54 0.44 -10.14
C ALA A 32 10.91 -0.36 -11.38
N ASP A 33 12.01 -1.04 -11.38
CA ASP A 33 12.42 -1.81 -12.58
C ASP A 33 11.38 -2.91 -12.85
N THR A 34 11.02 -3.67 -11.86
CA THR A 34 10.00 -4.74 -12.08
C THR A 34 8.61 -4.11 -12.24
N THR A 35 8.31 -3.13 -11.43
CA THR A 35 6.97 -2.48 -11.53
C THR A 35 7.14 -0.95 -11.53
N PRO A 36 7.50 -0.39 -12.66
CA PRO A 36 7.71 1.08 -12.78
C PRO A 36 6.42 1.88 -12.61
N ARG A 37 5.47 1.66 -13.47
CA ARG A 37 4.18 2.41 -13.39
C ARG A 37 3.48 2.13 -12.05
N THR A 38 3.60 0.93 -11.55
CA THR A 38 2.93 0.61 -10.26
C THR A 38 3.46 1.53 -9.15
N ALA A 39 4.74 1.77 -9.13
CA ALA A 39 5.31 2.66 -8.07
C ALA A 39 4.72 4.07 -8.23
N GLU A 40 4.38 4.46 -9.43
CA GLU A 40 3.79 5.81 -9.63
C GLU A 40 2.42 5.89 -8.98
N ASN A 41 1.67 4.81 -9.00
CA ASN A 41 0.32 4.83 -8.39
C ASN A 41 0.42 5.24 -6.91
N PHE A 42 1.43 4.78 -6.22
CA PHE A 42 1.58 5.16 -4.79
C PHE A 42 2.50 6.37 -4.67
N ARG A 43 3.65 6.31 -5.29
CA ARG A 43 4.61 7.45 -5.22
C ARG A 43 3.96 8.74 -5.72
N ALA A 44 3.20 8.68 -6.79
CA ALA A 44 2.56 9.91 -7.31
C ALA A 44 1.57 10.48 -6.28
N LEU A 45 0.76 9.63 -5.71
CA LEU A 45 -0.22 10.13 -4.70
C LEU A 45 0.52 10.62 -3.46
N CYS A 46 1.59 9.97 -3.08
CA CYS A 46 2.34 10.40 -1.87
C CYS A 46 2.99 11.76 -2.11
N THR A 47 3.68 11.91 -3.21
CA THR A 47 4.33 13.22 -3.50
C THR A 47 3.28 14.26 -3.87
N GLY A 48 2.20 13.83 -4.47
CA GLY A 48 1.13 14.80 -4.85
C GLY A 48 1.59 15.62 -6.06
N GLU A 49 2.44 15.07 -6.87
CA GLU A 49 2.92 15.82 -8.07
C GLU A 49 1.73 16.12 -8.98
N LYS A 50 0.80 15.21 -9.07
CA LYS A 50 -0.38 15.45 -9.94
C LYS A 50 -1.13 16.68 -9.45
N GLY A 51 -1.14 16.91 -8.16
CA GLY A 51 -1.85 18.09 -7.61
C GLY A 51 -3.26 17.68 -7.19
N THR A 52 -3.94 18.53 -6.47
CA THR A 52 -5.33 18.18 -6.03
C THR A 52 -6.29 18.34 -7.20
N GLY A 53 -7.23 17.44 -7.33
CA GLY A 53 -8.20 17.54 -8.45
C GLY A 53 -8.85 18.92 -8.42
N ARG A 54 -8.97 19.56 -9.55
CA ARG A 54 -9.58 20.92 -9.60
C ARG A 54 -11.02 20.86 -9.05
N SER A 55 -11.72 19.79 -9.31
CA SER A 55 -13.12 19.68 -8.81
C SER A 55 -13.14 19.78 -7.27
N GLY A 56 -12.10 19.33 -6.63
CA GLY A 56 -12.06 19.38 -5.14
C GLY A 56 -11.96 17.96 -4.59
N LYS A 57 -10.78 17.40 -4.59
CA LYS A 57 -10.60 16.01 -4.10
C LYS A 57 -9.12 15.82 -3.79
N PRO A 58 -8.67 16.29 -2.66
CA PRO A 58 -7.25 16.20 -2.24
C PRO A 58 -6.68 14.78 -2.35
N LEU A 59 -5.52 14.65 -2.93
CA LEU A 59 -4.89 13.31 -3.09
C LEU A 59 -3.84 13.10 -2.01
N HIS A 60 -4.18 12.41 -0.94
CA HIS A 60 -3.19 12.17 0.14
C HIS A 60 -3.63 10.99 1.00
N TYR A 61 -2.78 10.01 1.17
CA TYR A 61 -3.14 8.85 2.02
C TYR A 61 -3.15 9.27 3.48
N LYS A 62 -2.75 10.49 3.74
CA LYS A 62 -2.72 11.00 5.14
C LYS A 62 -4.10 10.81 5.77
N ASP A 63 -5.12 10.77 4.96
CA ASP A 63 -6.50 10.61 5.50
C ASP A 63 -6.98 9.17 5.28
N SER A 64 -6.14 8.32 4.78
CA SER A 64 -6.56 6.91 4.55
C SER A 64 -6.48 6.11 5.85
N SER A 65 -7.12 4.98 5.90
CA SER A 65 -7.09 4.14 7.14
C SER A 65 -7.18 2.67 6.75
N PHE A 66 -6.76 1.78 7.60
CA PHE A 66 -6.83 0.34 7.26
C PHE A 66 -8.30 -0.07 7.10
N HIS A 67 -8.67 -0.61 5.97
CA HIS A 67 -10.08 -0.99 5.74
C HIS A 67 -10.46 -2.16 6.67
N ARG A 68 -9.68 -3.21 6.71
CA ARG A 68 -10.03 -4.36 7.60
C ARG A 68 -8.77 -4.94 8.24
N VAL A 69 -8.90 -5.50 9.42
CA VAL A 69 -7.72 -6.09 10.10
C VAL A 69 -8.13 -7.43 10.72
N ILE A 70 -7.38 -8.48 10.50
CA ILE A 70 -7.74 -9.80 11.07
C ILE A 70 -6.47 -10.60 11.34
N PRO A 71 -6.30 -11.13 12.53
CA PRO A 71 -5.11 -11.93 12.89
C PRO A 71 -5.16 -13.34 12.30
N GLY A 72 -4.08 -13.79 11.71
CA GLY A 72 -4.07 -15.16 11.12
C GLY A 72 -4.53 -15.09 9.66
N PHE A 73 -4.77 -13.92 9.14
CA PHE A 73 -5.21 -13.80 7.72
C PHE A 73 -4.50 -12.61 7.05
N MET A 74 -5.12 -11.47 7.04
CA MET A 74 -4.47 -10.29 6.40
C MET A 74 -5.27 -9.02 6.70
N CYS A 75 -4.79 -7.89 6.27
CA CYS A 75 -5.50 -6.60 6.50
C CYS A 75 -5.77 -5.95 5.14
N GLN A 76 -6.94 -5.43 4.91
CA GLN A 76 -7.24 -4.81 3.60
C GLN A 76 -6.99 -3.30 3.66
N GLY A 77 -6.36 -2.77 2.65
CA GLY A 77 -6.08 -1.30 2.63
C GLY A 77 -7.25 -0.58 1.95
N GLY A 78 -7.14 0.70 1.72
CA GLY A 78 -8.25 1.43 1.05
C GLY A 78 -7.70 2.68 0.35
N ASP A 79 -8.54 3.37 -0.37
CA ASP A 79 -8.07 4.60 -1.08
C ASP A 79 -8.63 5.83 -0.37
N PHE A 80 -8.10 6.99 -0.67
CA PHE A 80 -8.60 8.23 -0.01
C PHE A 80 -9.96 8.62 -0.60
N THR A 81 -10.26 8.14 -1.77
CA THR A 81 -11.57 8.50 -2.40
C THR A 81 -12.73 7.93 -1.57
N ALA A 82 -12.56 6.75 -1.02
CA ALA A 82 -13.65 6.14 -0.21
C ALA A 82 -13.16 4.85 0.43
N GLY A 83 -12.60 3.96 -0.37
CA GLY A 83 -12.09 2.67 0.19
C GLY A 83 -13.16 1.59 0.04
N ASN A 84 -14.28 1.93 -0.56
CA ASN A 84 -15.35 0.92 -0.74
C ASN A 84 -15.11 0.13 -2.02
N GLY A 85 -14.00 0.37 -2.68
CA GLY A 85 -13.70 -0.37 -3.93
C GLY A 85 -14.20 0.44 -5.14
N THR A 86 -15.32 1.08 -5.00
CA THR A 86 -15.86 1.89 -6.14
C THR A 86 -14.97 3.12 -6.35
N GLY A 87 -14.36 3.60 -5.31
CA GLY A 87 -13.48 4.79 -5.43
C GLY A 87 -12.07 4.35 -5.79
N GLY A 88 -11.12 5.24 -5.71
CA GLY A 88 -9.71 4.87 -6.05
C GLY A 88 -9.51 4.97 -7.56
N GLU A 89 -9.97 6.03 -8.16
CA GLU A 89 -9.80 6.19 -9.63
C GLU A 89 -8.33 6.10 -9.99
N SER A 90 -8.00 5.53 -11.12
CA SER A 90 -6.57 5.41 -11.52
C SER A 90 -6.09 6.76 -12.07
N ILE A 91 -4.85 7.10 -11.82
CA ILE A 91 -4.32 8.40 -12.32
C ILE A 91 -4.25 8.37 -13.85
N TYR A 92 -3.93 7.24 -14.42
CA TYR A 92 -3.85 7.16 -15.90
C TYR A 92 -5.24 7.35 -16.50
N GLY A 93 -6.24 6.84 -15.85
CA GLY A 93 -7.62 6.99 -16.40
C GLY A 93 -7.89 5.88 -17.41
N ALA A 94 -6.97 4.96 -17.55
CA ALA A 94 -7.16 3.86 -18.53
C ALA A 94 -6.40 2.62 -18.04
N LYS A 95 -6.78 1.46 -18.51
CA LYS A 95 -6.09 0.21 -18.07
C LYS A 95 -4.86 -0.01 -18.94
N PHE A 96 -3.82 -0.61 -18.39
CA PHE A 96 -2.59 -0.86 -19.19
C PHE A 96 -2.09 -2.28 -18.92
N ALA A 97 -1.30 -2.82 -19.81
CA ALA A 97 -0.79 -4.21 -19.60
C ALA A 97 0.27 -4.21 -18.50
N ASP A 98 0.22 -5.17 -17.61
CA ASP A 98 1.22 -5.23 -16.52
C ASP A 98 2.30 -6.28 -16.86
N GLU A 99 3.06 -6.70 -15.89
CA GLU A 99 4.12 -7.72 -16.16
C GLU A 99 3.70 -9.05 -15.54
N ASN A 100 4.31 -10.13 -15.94
CA ASN A 100 3.95 -11.46 -15.39
C ASN A 100 4.29 -11.50 -13.90
N PHE A 101 3.78 -12.47 -13.19
CA PHE A 101 4.07 -12.57 -11.73
C PHE A 101 5.44 -13.20 -11.51
N ILE A 102 6.46 -12.69 -12.16
CA ILE A 102 7.82 -13.27 -11.99
C ILE A 102 8.20 -13.25 -10.50
N LYS A 103 7.88 -12.19 -9.81
CA LYS A 103 8.22 -12.12 -8.36
C LYS A 103 7.08 -12.71 -7.53
N LYS A 104 7.40 -13.34 -6.43
CA LYS A 104 6.35 -13.94 -5.57
C LYS A 104 6.64 -13.59 -4.10
N HIS A 105 5.81 -14.04 -3.20
CA HIS A 105 6.04 -13.73 -1.75
C HIS A 105 6.84 -14.87 -1.12
N THR A 106 8.12 -14.67 -0.95
CA THR A 106 8.96 -15.74 -0.33
C THR A 106 8.73 -15.78 1.18
N GLY A 107 8.26 -14.69 1.74
CA GLY A 107 8.02 -14.67 3.22
C GLY A 107 6.89 -13.69 3.54
N PRO A 108 6.55 -13.54 4.79
CA PRO A 108 5.47 -12.62 5.24
C PRO A 108 5.88 -11.15 5.13
N GLY A 109 4.93 -10.26 5.09
CA GLY A 109 5.26 -8.81 5.00
C GLY A 109 5.49 -8.40 3.53
N ILE A 110 4.71 -8.95 2.63
CA ILE A 110 4.87 -8.61 1.19
C ILE A 110 3.63 -7.84 0.72
N LEU A 111 3.82 -6.81 -0.06
CA LEU A 111 2.65 -6.03 -0.55
C LEU A 111 2.12 -6.65 -1.85
N SER A 112 0.81 -6.70 -1.99
CA SER A 112 0.22 -7.29 -3.23
C SER A 112 -0.79 -6.31 -3.82
N MET A 113 -0.86 -6.23 -5.13
CA MET A 113 -1.82 -5.29 -5.76
C MET A 113 -3.11 -6.04 -6.14
N ALA A 114 -4.24 -5.55 -5.72
CA ALA A 114 -5.52 -6.23 -6.04
C ALA A 114 -5.77 -6.16 -7.55
N ASN A 115 -6.38 -7.17 -8.11
CA ASN A 115 -6.66 -7.16 -9.57
C ASN A 115 -7.62 -8.29 -9.92
N ALA A 116 -8.80 -7.94 -10.38
CA ALA A 116 -9.78 -9.00 -10.75
C ALA A 116 -9.26 -9.79 -11.95
N GLY A 117 -8.56 -9.14 -12.83
CA GLY A 117 -8.00 -9.84 -14.03
C GLY A 117 -6.65 -9.23 -14.39
N PRO A 118 -5.92 -9.90 -15.24
CA PRO A 118 -4.57 -9.44 -15.69
C PRO A 118 -4.65 -8.14 -16.52
N ASN A 119 -3.58 -7.42 -16.60
CA ASN A 119 -3.59 -6.15 -17.38
C ASN A 119 -4.72 -5.24 -16.87
N THR A 120 -4.86 -5.14 -15.58
CA THR A 120 -5.94 -4.28 -15.01
C THR A 120 -5.37 -3.49 -13.83
N ASN A 121 -5.56 -2.21 -13.83
CA ASN A 121 -5.05 -1.37 -12.71
C ASN A 121 -5.99 -1.50 -11.50
N GLY A 122 -5.51 -2.03 -10.42
CA GLY A 122 -6.38 -2.18 -9.22
C GLY A 122 -6.35 -0.88 -8.40
N SER A 123 -7.06 -0.86 -7.30
CA SER A 123 -7.08 0.38 -6.45
C SER A 123 -6.81 0.01 -4.99
N GLN A 124 -6.89 -1.26 -4.66
CA GLN A 124 -6.64 -1.69 -3.25
C GLN A 124 -5.50 -2.71 -3.22
N PHE A 125 -4.88 -2.87 -2.08
CA PHE A 125 -3.75 -3.85 -1.97
C PHE A 125 -3.97 -4.74 -0.75
N PHE A 126 -3.36 -5.90 -0.73
CA PHE A 126 -3.53 -6.83 0.42
C PHE A 126 -2.18 -7.05 1.13
N ILE A 127 -2.20 -7.17 2.44
CA ILE A 127 -0.94 -7.40 3.19
C ILE A 127 -1.05 -8.71 3.97
N CYS A 128 -0.03 -9.54 3.92
CA CYS A 128 -0.08 -10.84 4.66
C CYS A 128 1.13 -10.95 5.58
N THR A 129 0.91 -11.21 6.84
CA THR A 129 2.04 -11.32 7.80
C THR A 129 2.38 -12.81 8.00
N ALA A 130 1.71 -13.68 7.30
CA ALA A 130 1.99 -15.13 7.46
C ALA A 130 1.62 -15.86 6.16
N LYS A 131 2.14 -17.03 5.96
CA LYS A 131 1.81 -17.78 4.71
C LYS A 131 0.34 -18.18 4.75
N THR A 132 -0.38 -17.90 3.68
CA THR A 132 -1.83 -18.25 3.65
C THR A 132 -2.06 -19.41 2.69
N GLU A 133 -2.10 -20.61 3.18
CA GLU A 133 -2.33 -21.77 2.28
C GLU A 133 -3.73 -21.70 1.67
N TRP A 134 -4.69 -21.22 2.42
CA TRP A 134 -6.08 -21.12 1.87
C TRP A 134 -6.11 -20.09 0.75
N LEU A 135 -5.31 -19.05 0.85
CA LEU A 135 -5.28 -18.02 -0.24
C LEU A 135 -4.24 -18.41 -1.28
N ASP A 136 -3.67 -19.58 -1.15
CA ASP A 136 -2.63 -20.01 -2.13
C ASP A 136 -3.11 -19.73 -3.56
N GLY A 137 -2.24 -19.24 -4.40
CA GLY A 137 -2.63 -18.95 -5.79
C GLY A 137 -1.47 -18.26 -6.50
N LYS A 138 -1.73 -17.60 -7.59
CA LYS A 138 -0.63 -16.91 -8.33
C LYS A 138 0.06 -15.91 -7.40
N HIS A 139 -0.71 -15.23 -6.58
CA HIS A 139 -0.11 -14.25 -5.64
C HIS A 139 0.78 -13.25 -6.40
N VAL A 140 0.34 -12.03 -6.51
CA VAL A 140 1.15 -11.01 -7.24
C VAL A 140 1.74 -10.04 -6.21
N VAL A 141 2.99 -9.68 -6.36
CA VAL A 141 3.63 -8.75 -5.39
C VAL A 141 4.22 -7.55 -6.14
N PHE A 142 4.13 -6.38 -5.56
CA PHE A 142 4.70 -5.17 -6.24
C PHE A 142 5.66 -4.44 -5.28
N GLY A 143 5.68 -4.82 -4.03
CA GLY A 143 6.60 -4.16 -3.07
C GLY A 143 6.89 -5.11 -1.89
N GLN A 144 7.76 -4.71 -1.00
CA GLN A 144 8.09 -5.57 0.17
C GLN A 144 8.25 -4.71 1.43
N VAL A 145 8.14 -5.31 2.59
CA VAL A 145 8.29 -4.53 3.85
C VAL A 145 9.72 -4.70 4.38
N VAL A 146 10.33 -3.63 4.78
CA VAL A 146 11.73 -3.71 5.32
C VAL A 146 11.72 -3.35 6.80
N GLU A 147 10.89 -2.42 7.20
CA GLU A 147 10.85 -2.02 8.63
C GLU A 147 9.39 -1.72 9.04
N GLY A 148 9.14 -1.59 10.31
CA GLY A 148 7.75 -1.29 10.78
C GLY A 148 7.06 -2.59 11.21
N MET A 149 7.75 -3.68 11.21
CA MET A 149 7.12 -4.96 11.61
C MET A 149 6.64 -4.86 13.07
N ASP A 150 7.34 -4.12 13.90
CA ASP A 150 6.91 -4.01 15.31
C ASP A 150 5.57 -3.28 15.40
N VAL A 151 5.35 -2.29 14.59
CA VAL A 151 4.06 -1.54 14.64
C VAL A 151 3.01 -2.25 13.76
N VAL A 152 3.42 -2.83 12.67
CA VAL A 152 2.42 -3.51 11.79
C VAL A 152 1.65 -4.55 12.61
N LYS A 153 2.33 -5.30 13.43
CA LYS A 153 1.64 -6.31 14.27
C LYS A 153 0.69 -5.62 15.25
N ALA A 154 1.06 -4.45 15.71
CA ALA A 154 0.19 -3.72 16.68
C ALA A 154 -1.16 -3.39 16.04
N ILE A 155 -1.14 -2.99 14.78
CA ILE A 155 -2.42 -2.64 14.10
C ILE A 155 -3.25 -3.91 13.83
N GLU A 156 -2.61 -4.99 13.51
CA GLU A 156 -3.36 -6.25 13.20
C GLU A 156 -3.79 -6.96 14.49
N LYS A 157 -2.95 -7.03 15.47
CA LYS A 157 -3.34 -7.74 16.73
C LYS A 157 -4.57 -7.08 17.36
N VAL A 158 -4.68 -5.79 17.25
CA VAL A 158 -5.86 -5.11 17.85
C VAL A 158 -7.10 -5.41 17.00
N GLY A 159 -6.92 -5.99 15.85
CA GLY A 159 -8.08 -6.31 14.97
C GLY A 159 -8.81 -7.54 15.52
N SER A 160 -9.90 -7.90 14.90
CA SER A 160 -10.67 -9.09 15.38
C SER A 160 -11.47 -9.66 14.21
N SER A 161 -12.16 -10.75 14.42
CA SER A 161 -12.96 -11.33 13.30
C SER A 161 -13.87 -10.23 12.74
N SER A 162 -14.36 -9.37 13.60
CA SER A 162 -15.23 -8.27 13.13
C SER A 162 -14.44 -7.40 12.14
N GLY A 163 -13.16 -7.27 12.36
CA GLY A 163 -12.33 -6.44 11.43
C GLY A 163 -12.16 -5.03 12.01
N ARG A 164 -12.58 -4.83 13.23
CA ARG A 164 -12.43 -3.48 13.85
C ARG A 164 -11.24 -3.48 14.81
N THR A 165 -10.47 -2.42 14.80
CA THR A 165 -9.29 -2.36 15.71
C THR A 165 -9.73 -1.87 17.09
N ALA A 166 -9.04 -2.27 18.12
CA ALA A 166 -9.42 -1.81 19.49
C ALA A 166 -9.17 -0.31 19.61
N LYS A 167 -8.14 0.18 18.96
CA LYS A 167 -7.83 1.63 19.01
C LYS A 167 -8.03 2.25 17.63
N LYS A 168 -8.22 3.54 17.56
CA LYS A 168 -8.41 4.19 16.24
C LYS A 168 -7.06 4.26 15.51
N VAL A 169 -7.05 3.99 14.23
CA VAL A 169 -5.77 4.02 13.47
C VAL A 169 -5.96 4.81 12.17
N VAL A 170 -5.24 5.88 11.99
CA VAL A 170 -5.37 6.68 10.74
C VAL A 170 -4.02 7.26 10.37
N VAL A 171 -3.72 7.29 9.11
CA VAL A 171 -2.42 7.83 8.65
C VAL A 171 -2.30 9.30 9.06
N GLU A 172 -1.19 9.67 9.63
CA GLU A 172 -1.00 11.10 10.04
C GLU A 172 -0.04 11.79 9.07
N ASP A 173 0.57 11.05 8.17
CA ASP A 173 1.52 11.70 7.22
C ASP A 173 1.69 10.83 5.96
N CYS A 174 2.30 11.35 4.94
CA CYS A 174 2.51 10.57 3.70
C CYS A 174 3.44 11.33 2.76
N GLY A 175 4.49 10.69 2.32
CA GLY A 175 5.45 11.37 1.40
C GLY A 175 6.49 10.37 0.91
N GLN A 176 7.33 10.78 0.00
CA GLN A 176 8.38 9.85 -0.53
C GLN A 176 9.75 10.23 0.05
N LEU A 177 10.38 9.32 0.75
CA LEU A 177 11.72 9.63 1.31
C LEU A 177 12.69 9.91 0.17
N SER A 178 12.56 9.22 -0.93
CA SER A 178 13.47 9.46 -2.08
C SER A 178 12.92 8.74 -3.32
#